data_1G1L
#
_entry.id   1G1L
#
_cell.length_a   71.575
_cell.length_b   73.410
_cell.length_c   134.290
_cell.angle_alpha   89.94
_cell.angle_beta   80.61
_cell.angle_gamma   80.93
#
_symmetry.space_group_name_H-M   'P 1'
#
loop_
_entity.id
_entity.type
_entity.pdbx_description
1 polymer 'GLUCOSE-1-PHOSPHATE THYMIDYLYLTRANSFERASE'
2 non-polymer 'SULFATE ION'
3 non-polymer "2'DEOXY-THYMIDINE-5'-DIPHOSPHO-ALPHA-D-GLUCOSE"
4 non-polymer 'CITRIC ACID'
5 water water
#
_entity_poly.entity_id   1
_entity_poly.type   'polypeptide(L)'
_entity_poly.pdbx_seq_one_letter_code
;MKRKGIILAGGSGTRLHPATLAISKQLLPVYDKPMIYYPLSTLMLAGIREILIISTPQDTPRFQQLLGDGSNWGLDLQYA
VQPSPDGLAQAFLIGESFIGNDLSALVLGDNLYYGHDFHELLGSASQRQTGASVFAYHVLDPERYGVVEFDQGGKAISLE
EKPLEPKSNYAVTGLYFYDQQVVDIARDLKPSPRGELEITDVNRAYLERGQLSVEIMGRGYAWLDTGTHDSLLEAGQFIA
TLENRQGLKVACPEEIAYRQKWIDAAQLEKLAAPLAKNGYGQYLKRLLTETVY
;
_entity_poly.pdbx_strand_id   A,B,C,D,E,F,G,H
#
loop_
_chem_comp.id
_chem_comp.type
_chem_comp.name
_chem_comp.formula
CIT non-polymer 'CITRIC ACID' 'C6 H8 O7'
DAU non-polymer 2'DEOXY-THYMIDINE-5'-DIPHOSPHO-ALPHA-D-GLUCOSE 'C16 H26 N2 O16 P2'
SO4 non-polymer 'SULFATE ION' 'O4 S -2'
#
# COMPACT_ATOMS: atom_id res chain seq x y z
N LYS A 2 58.03 1.84 47.86
CA LYS A 2 56.62 1.40 47.63
C LYS A 2 55.65 2.59 47.56
N ARG A 3 55.00 2.79 46.46
CA ARG A 3 53.84 3.68 46.46
C ARG A 3 52.52 2.91 46.25
N LYS A 4 51.43 3.26 46.93
CA LYS A 4 50.18 2.57 46.74
C LYS A 4 49.28 3.29 45.74
N GLY A 5 48.39 2.55 45.06
CA GLY A 5 47.62 3.16 44.01
C GLY A 5 46.15 3.09 44.29
N ILE A 6 45.41 4.06 43.77
CA ILE A 6 43.92 4.06 43.90
C ILE A 6 43.30 4.39 42.56
N ILE A 7 42.24 3.64 42.18
CA ILE A 7 41.50 3.89 40.97
C ILE A 7 40.14 4.29 41.39
N LEU A 8 39.78 5.52 41.07
CA LEU A 8 38.44 6.00 41.37
C LEU A 8 37.58 5.67 40.18
N ALA A 9 36.75 4.65 40.40
CA ALA A 9 35.91 4.07 39.37
C ALA A 9 34.43 4.04 39.67
N GLY A 10 33.94 5.09 40.28
CA GLY A 10 32.55 5.20 40.61
C GLY A 10 31.92 6.30 39.78
N GLY A 11 31.09 7.09 40.41
CA GLY A 11 30.43 8.20 39.72
C GLY A 11 29.12 7.73 39.10
N SER A 12 28.27 8.68 38.75
N SER A 12 28.27 8.68 38.73
CA SER A 12 26.97 8.36 38.13
CA SER A 12 26.96 8.35 38.13
C SER A 12 27.05 8.02 36.64
C SER A 12 27.05 8.02 36.64
N GLY A 13 27.96 8.66 35.92
CA GLY A 13 28.05 8.47 34.47
C GLY A 13 26.77 9.02 33.78
N THR A 14 26.18 10.08 34.32
CA THR A 14 24.95 10.66 33.73
C THR A 14 25.08 11.05 32.26
N ARG A 15 26.22 11.65 31.93
CA ARG A 15 26.45 12.11 30.56
C ARG A 15 26.27 10.93 29.60
N LEU A 16 26.47 9.71 30.10
CA LEU A 16 26.40 8.52 29.23
C LEU A 16 25.06 7.81 29.19
N HIS A 17 24.08 8.31 29.92
CA HIS A 17 22.80 7.68 29.87
C HIS A 17 22.27 7.67 28.41
N PRO A 18 21.54 6.62 28.05
CA PRO A 18 21.17 5.49 28.92
C PRO A 18 22.15 4.28 28.87
N ALA A 19 23.27 4.42 28.20
CA ALA A 19 24.23 3.32 28.10
C ALA A 19 24.67 2.88 29.53
N THR A 20 24.84 3.87 30.42
CA THR A 20 25.35 3.57 31.77
C THR A 20 24.20 3.31 32.72
N LEU A 21 22.98 3.23 32.23
CA LEU A 21 21.96 2.68 33.05
C LEU A 21 22.37 1.17 33.07
N ALA A 22 22.77 0.61 31.92
CA ALA A 22 23.09 -0.81 31.87
C ALA A 22 24.32 -1.14 32.74
N ILE A 23 25.31 -0.24 32.72
CA ILE A 23 26.61 -0.55 33.32
C ILE A 23 27.41 0.67 33.89
N SER A 24 28.29 0.50 34.88
CA SER A 24 29.24 1.55 35.29
C SER A 24 29.99 1.94 34.04
N LYS A 25 30.22 3.24 33.86
CA LYS A 25 31.07 3.76 32.78
C LYS A 25 32.40 3.00 32.71
N GLN A 26 32.95 2.56 33.86
CA GLN A 26 34.30 1.96 33.83
C GLN A 26 34.34 0.49 33.47
N LEU A 27 33.17 -0.08 33.30
CA LEU A 27 33.04 -1.45 32.87
C LEU A 27 32.76 -1.48 31.35
N LEU A 28 32.43 -0.38 30.73
CA LEU A 28 32.17 -0.29 29.29
C LEU A 28 33.47 -0.45 28.52
N PRO A 29 33.44 -1.05 27.35
CA PRO A 29 34.65 -1.29 26.62
C PRO A 29 35.21 -0.09 25.96
N VAL A 30 36.52 -0.04 25.93
CA VAL A 30 37.16 0.90 25.01
C VAL A 30 37.82 0.06 23.90
N TYR A 31 37.10 -0.06 22.79
CA TYR A 31 37.45 -0.85 21.62
C TYR A 31 37.36 -2.34 21.97
N ASP A 32 38.35 -2.90 22.67
CA ASP A 32 38.48 -4.30 22.88
C ASP A 32 38.58 -4.83 24.32
N LYS A 33 38.64 -3.96 25.30
CA LYS A 33 38.80 -4.42 26.69
C LYS A 33 38.15 -3.38 27.59
N PRO A 34 37.80 -3.77 28.81
CA PRO A 34 37.10 -2.92 29.74
C PRO A 34 37.87 -1.67 30.07
N MET A 35 37.13 -0.56 30.23
N MET A 35 37.13 -0.56 30.20
CA MET A 35 37.74 0.79 30.37
CA MET A 35 37.73 0.78 30.36
C MET A 35 38.74 0.78 31.48
C MET A 35 38.74 0.79 31.48
N ILE A 36 38.41 0.13 32.57
CA ILE A 36 39.27 0.12 33.74
C ILE A 36 40.65 -0.51 33.52
N TYR A 37 40.80 -1.41 32.56
CA TYR A 37 42.15 -1.86 32.17
C TYR A 37 43.17 -0.73 31.92
N TYR A 38 42.70 0.38 31.35
CA TYR A 38 43.56 1.44 30.95
C TYR A 38 44.20 2.15 32.21
N PRO A 39 43.37 2.72 33.11
CA PRO A 39 43.97 3.35 34.27
C PRO A 39 44.75 2.33 35.13
N LEU A 40 44.29 1.07 35.16
CA LEU A 40 45.00 0.02 35.90
C LEU A 40 46.40 -0.10 35.32
N SER A 41 46.48 -0.16 34.00
CA SER A 41 47.73 -0.31 33.33
C SER A 41 48.67 0.87 33.65
N THR A 42 48.12 2.08 33.67
CA THR A 42 48.86 3.27 34.10
C THR A 42 49.53 3.07 35.45
N LEU A 43 48.75 2.67 36.46
CA LEU A 43 49.39 2.43 37.75
C LEU A 43 50.52 1.40 37.64
N MET A 44 50.26 0.32 36.92
CA MET A 44 51.22 -0.79 36.83
C MET A 44 52.47 -0.27 36.16
N LEU A 45 52.27 0.58 35.15
CA LEU A 45 53.40 1.15 34.45
C LEU A 45 54.21 2.08 35.34
N ALA A 46 53.58 2.67 36.37
CA ALA A 46 54.30 3.44 37.34
C ALA A 46 54.99 2.57 38.42
N GLY A 47 54.97 1.27 38.25
CA GLY A 47 55.61 0.40 39.23
C GLY A 47 54.76 0.06 40.42
N ILE A 48 53.45 0.35 40.35
CA ILE A 48 52.56 0.14 41.48
C ILE A 48 51.81 -1.18 41.39
N ARG A 49 51.92 -2.00 42.47
CA ARG A 49 51.30 -3.33 42.52
C ARG A 49 50.14 -3.51 43.47
N GLU A 50 50.06 -2.63 44.44
CA GLU A 50 49.05 -2.68 45.51
C GLU A 50 48.09 -1.53 45.23
N ILE A 51 46.85 -1.87 44.88
CA ILE A 51 45.90 -0.91 44.33
C ILE A 51 44.53 -1.10 44.88
N LEU A 52 43.94 0.01 45.30
CA LEU A 52 42.55 0.00 45.82
C LEU A 52 41.63 0.55 44.72
N ILE A 53 40.59 -0.24 44.39
CA ILE A 53 39.60 0.15 43.39
C ILE A 53 38.32 0.55 44.13
N ILE A 54 37.93 1.83 43.93
CA ILE A 54 36.77 2.40 44.61
C ILE A 54 35.67 2.58 43.58
N SER A 55 34.47 2.16 43.91
CA SER A 55 33.32 2.31 43.02
C SER A 55 32.06 2.42 43.83
N THR A 56 30.96 2.41 43.11
CA THR A 56 29.67 2.55 43.73
C THR A 56 29.27 1.28 44.51
N PRO A 57 28.24 1.40 45.32
CA PRO A 57 27.77 0.21 46.04
C PRO A 57 27.39 -0.92 45.07
N GLN A 58 26.71 -0.59 43.98
CA GLN A 58 26.26 -1.64 43.10
C GLN A 58 27.40 -2.24 42.26
N ASP A 59 28.32 -1.40 41.78
CA ASP A 59 29.44 -1.81 40.91
C ASP A 59 30.68 -2.39 41.54
N THR A 60 30.93 -2.12 42.80
CA THR A 60 32.18 -2.55 43.43
C THR A 60 32.33 -4.10 43.30
N PRO A 61 31.28 -4.80 43.59
CA PRO A 61 31.28 -6.26 43.43
C PRO A 61 31.51 -6.71 42.03
N ARG A 62 31.02 -5.95 41.06
CA ARG A 62 31.25 -6.27 39.66
C ARG A 62 32.71 -6.12 39.29
N PHE A 63 33.38 -5.16 39.88
CA PHE A 63 34.80 -4.99 39.61
C PHE A 63 35.55 -6.18 40.28
N GLN A 64 35.10 -6.60 41.43
CA GLN A 64 35.73 -7.72 42.14
C GLN A 64 35.59 -8.97 41.30
N GLN A 65 34.41 -9.15 40.71
CA GLN A 65 34.15 -10.29 39.85
C GLN A 65 35.06 -10.27 38.61
N LEU A 66 35.30 -9.12 37.98
CA LEU A 66 36.12 -9.02 36.81
C LEU A 66 37.61 -9.21 37.10
N LEU A 67 38.08 -8.63 38.17
CA LEU A 67 39.51 -8.56 38.36
C LEU A 67 40.01 -9.37 39.50
N GLY A 68 39.17 -9.74 40.43
CA GLY A 68 39.64 -10.63 41.48
C GLY A 68 40.62 -9.94 42.40
N ASP A 69 41.48 -10.71 43.07
CA ASP A 69 42.39 -10.16 44.03
C ASP A 69 43.70 -9.78 43.40
N GLY A 70 43.77 -9.93 42.06
CA GLY A 70 44.91 -9.56 41.26
C GLY A 70 46.15 -10.43 41.29
N SER A 71 46.12 -11.46 42.12
CA SER A 71 47.24 -12.39 42.25
C SER A 71 47.60 -13.02 40.93
N ASN A 72 46.66 -13.21 40.03
CA ASN A 72 47.01 -13.88 38.78
C ASN A 72 47.79 -12.95 37.86
N TRP A 73 47.85 -11.65 38.15
CA TRP A 73 48.59 -10.65 37.36
C TRP A 73 49.77 -10.09 38.18
N GLY A 74 50.09 -10.75 39.30
CA GLY A 74 51.15 -10.29 40.18
C GLY A 74 50.79 -9.04 41.00
N LEU A 75 49.49 -8.75 41.17
CA LEU A 75 49.06 -7.58 41.90
C LEU A 75 48.35 -7.99 43.21
N ASP A 76 48.13 -6.99 44.05
CA ASP A 76 47.32 -7.08 45.27
C ASP A 76 46.23 -6.01 45.13
N LEU A 77 45.07 -6.47 44.66
CA LEU A 77 43.90 -5.61 44.41
C LEU A 77 42.95 -5.75 45.58
N GLN A 78 42.56 -4.60 46.10
CA GLN A 78 41.57 -4.44 47.12
C GLN A 78 40.43 -3.49 46.69
N TYR A 79 39.29 -3.61 47.38
CA TYR A 79 38.07 -2.85 46.94
C TYR A 79 37.42 -2.07 48.07
N ALA A 80 36.80 -0.93 47.74
CA ALA A 80 35.97 -0.16 48.67
C ALA A 80 34.89 0.60 47.93
N VAL A 81 33.80 0.79 48.65
CA VAL A 81 32.62 1.48 48.17
C VAL A 81 32.65 2.93 48.55
N GLN A 82 32.25 3.76 47.61
CA GLN A 82 31.98 5.19 47.82
C GLN A 82 30.46 5.31 47.75
N PRO A 83 29.82 5.53 48.90
CA PRO A 83 28.36 5.50 48.95
C PRO A 83 27.75 6.48 47.97
N SER A 84 28.36 7.65 47.83
CA SER A 84 27.85 8.74 47.05
C SER A 84 29.00 9.49 46.33
N PRO A 85 28.81 9.97 45.11
CA PRO A 85 29.94 10.54 44.33
C PRO A 85 30.23 11.96 44.75
N ASP A 86 30.72 12.10 45.95
CA ASP A 86 30.88 13.40 46.58
C ASP A 86 32.25 14.07 46.47
N GLY A 87 33.06 13.61 45.50
CA GLY A 87 34.26 14.29 45.13
C GLY A 87 35.51 13.43 45.09
N LEU A 88 36.38 13.73 44.15
CA LEU A 88 37.60 12.96 44.00
C LEU A 88 38.39 12.87 45.30
N ALA A 89 38.41 13.94 46.10
CA ALA A 89 39.24 13.93 47.29
C ALA A 89 38.75 12.91 48.31
N GLN A 90 37.52 12.43 48.17
CA GLN A 90 37.01 11.41 49.11
C GLN A 90 37.79 10.10 49.00
N ALA A 91 38.47 9.91 47.88
CA ALA A 91 39.28 8.71 47.69
C ALA A 91 40.33 8.60 48.81
N PHE A 92 40.79 9.72 49.33
CA PHE A 92 41.82 9.71 50.39
C PHE A 92 41.23 9.44 51.75
N LEU A 93 39.93 9.61 51.86
CA LEU A 93 39.27 9.34 53.12
C LEU A 93 38.82 7.89 53.14
N ILE A 94 38.14 7.48 52.07
CA ILE A 94 37.76 6.10 51.87
C ILE A 94 39.00 5.21 51.97
N GLY A 95 40.06 5.66 51.37
CA GLY A 95 41.29 4.89 51.33
C GLY A 95 42.29 5.21 52.42
N GLU A 96 41.90 5.99 53.43
CA GLU A 96 42.81 6.31 54.49
C GLU A 96 43.56 5.12 55.09
N SER A 97 42.81 4.13 55.53
CA SER A 97 43.45 2.95 56.09
C SER A 97 44.27 2.19 55.06
N PHE A 98 43.82 2.10 53.81
CA PHE A 98 44.60 1.40 52.73
C PHE A 98 45.98 2.07 52.60
N ILE A 99 46.00 3.39 52.50
CA ILE A 99 47.24 4.07 52.29
C ILE A 99 48.21 3.93 53.46
N GLY A 100 47.69 4.03 54.67
CA GLY A 100 48.57 3.99 55.84
C GLY A 100 49.57 5.14 55.78
N ASN A 101 50.85 4.84 55.95
N ASN A 101 50.85 4.84 55.97
CA ASN A 101 51.85 5.88 55.96
CA ASN A 101 51.86 5.89 55.99
C ASN A 101 52.67 5.86 54.70
C ASN A 101 52.68 5.87 54.71
N ASP A 102 52.07 5.43 53.63
CA ASP A 102 52.77 5.30 52.39
C ASP A 102 52.53 6.45 51.44
N LEU A 103 53.44 6.58 50.48
CA LEU A 103 53.21 7.36 49.28
C LEU A 103 52.02 6.79 48.55
N SER A 104 51.32 7.64 47.83
CA SER A 104 50.19 7.16 47.08
C SER A 104 50.01 7.82 45.70
N ALA A 105 49.12 7.21 44.93
CA ALA A 105 48.77 7.75 43.59
C ALA A 105 47.31 7.49 43.32
N LEU A 106 46.68 8.46 42.69
CA LEU A 106 45.29 8.34 42.28
C LEU A 106 45.20 8.52 40.77
N VAL A 107 44.47 7.60 40.14
CA VAL A 107 44.14 7.75 38.75
C VAL A 107 42.62 7.65 38.58
N LEU A 108 42.09 8.49 37.73
CA LEU A 108 40.67 8.49 37.44
C LEU A 108 40.30 7.36 36.48
N GLY A 109 39.15 6.75 36.78
CA GLY A 109 38.69 5.58 36.04
C GLY A 109 38.41 5.81 34.55
N ASP A 110 38.17 7.04 34.13
CA ASP A 110 37.76 7.25 32.80
C ASP A 110 38.82 7.98 32.02
N ASN A 111 40.06 7.97 32.53
CA ASN A 111 41.16 8.69 31.84
C ASN A 111 42.06 7.67 31.13
N LEU A 112 42.45 8.00 29.89
N LEU A 112 42.39 7.97 29.88
CA LEU A 112 43.21 7.11 29.07
CA LEU A 112 43.24 7.12 29.07
C LEU A 112 44.45 7.91 28.63
C LEU A 112 44.44 7.91 28.63
N TYR A 113 45.62 7.41 28.93
CA TYR A 113 46.89 8.07 28.53
C TYR A 113 47.61 7.14 27.52
N TYR A 114 48.34 7.69 26.56
CA TYR A 114 49.16 6.86 25.70
C TYR A 114 50.33 7.62 25.10
N GLY A 115 51.51 7.04 25.07
CA GLY A 115 52.56 7.67 24.26
C GLY A 115 53.96 7.18 24.60
N HIS A 116 54.88 7.65 23.72
CA HIS A 116 56.28 7.29 23.85
C HIS A 116 56.90 7.76 25.12
N ASP A 117 57.53 6.79 25.80
CA ASP A 117 58.21 7.02 27.06
C ASP A 117 57.25 7.44 28.21
N PHE A 118 55.98 7.08 28.08
CA PHE A 118 55.04 7.23 29.21
C PHE A 118 55.54 6.45 30.40
N HIS A 119 56.18 5.33 30.21
N HIS A 119 56.07 5.22 30.24
CA HIS A 119 56.63 4.58 31.36
CA HIS A 119 56.62 4.44 31.43
C HIS A 119 57.68 5.37 32.18
C HIS A 119 57.74 5.28 32.15
N GLU A 120 58.56 6.06 31.45
CA GLU A 120 59.62 6.85 32.10
C GLU A 120 59.00 8.06 32.78
N LEU A 121 57.98 8.63 32.12
CA LEU A 121 57.26 9.80 32.66
C LEU A 121 56.61 9.45 34.02
N LEU A 122 55.99 8.29 34.08
CA LEU A 122 55.42 7.70 35.29
C LEU A 122 56.43 7.36 36.37
N GLY A 123 57.50 6.66 36.02
CA GLY A 123 58.59 6.37 36.92
C GLY A 123 59.20 7.58 37.59
N SER A 124 59.46 8.64 36.84
CA SER A 124 59.97 9.87 37.45
C SER A 124 59.09 10.41 38.52
N ALA A 125 57.78 10.43 38.27
CA ALA A 125 56.88 10.96 39.28
C ALA A 125 56.72 9.98 40.42
N SER A 126 56.64 8.70 40.10
CA SER A 126 56.38 7.70 41.10
C SER A 126 57.48 7.54 42.12
N GLN A 127 58.70 7.65 41.63
CA GLN A 127 59.91 7.55 42.41
C GLN A 127 60.30 8.79 43.21
N ARG A 128 59.62 9.92 42.99
CA ARG A 128 59.88 11.04 43.86
C ARG A 128 59.37 10.58 45.25
N GLN A 129 59.83 11.21 46.30
CA GLN A 129 59.43 10.83 47.67
C GLN A 129 58.94 12.00 48.47
N THR A 130 58.48 13.01 47.78
CA THR A 130 58.04 14.21 48.44
C THR A 130 57.09 15.03 47.53
N GLY A 131 56.26 15.82 48.18
CA GLY A 131 55.33 16.67 47.49
C GLY A 131 54.24 15.95 46.72
N ALA A 132 53.67 16.69 45.79
CA ALA A 132 52.62 16.21 44.92
C ALA A 132 53.15 16.42 43.46
N SER A 133 52.77 15.52 42.56
CA SER A 133 53.07 15.62 41.13
C SER A 133 51.78 15.47 40.36
N VAL A 134 51.56 16.41 39.44
CA VAL A 134 50.44 16.40 38.57
C VAL A 134 50.98 16.76 37.15
N PHE A 135 50.12 16.57 36.17
CA PHE A 135 50.50 16.75 34.78
C PHE A 135 49.58 17.74 34.08
N ALA A 136 50.18 18.64 33.31
CA ALA A 136 49.40 19.67 32.60
C ALA A 136 49.46 19.32 31.12
N TYR A 137 48.33 19.45 30.43
CA TYR A 137 48.18 19.04 29.07
C TYR A 137 47.36 20.09 28.35
N HIS A 138 47.87 20.57 27.23
CA HIS A 138 47.21 21.56 26.43
C HIS A 138 45.96 20.95 25.84
N VAL A 139 44.83 21.61 26.04
CA VAL A 139 43.55 21.20 25.52
C VAL A 139 42.75 22.30 24.86
N LEU A 140 41.79 21.91 24.01
CA LEU A 140 40.96 22.91 23.32
C LEU A 140 39.92 23.52 24.27
N ASP A 141 39.44 22.75 25.21
CA ASP A 141 38.33 23.24 26.04
C ASP A 141 38.62 23.16 27.52
N PRO A 142 39.49 24.05 27.99
CA PRO A 142 39.98 23.99 29.36
C PRO A 142 38.91 24.17 30.41
N GLU A 143 37.79 24.79 30.05
CA GLU A 143 36.73 25.02 31.00
C GLU A 143 36.10 23.75 31.60
N ARG A 144 36.37 22.60 30.97
CA ARG A 144 35.79 21.33 31.41
C ARG A 144 36.64 20.65 32.50
N TYR A 145 37.79 21.23 32.80
N TYR A 145 37.82 21.20 32.76
CA TYR A 145 38.79 20.58 33.64
CA TYR A 145 38.76 20.55 33.67
C TYR A 145 39.36 21.50 34.72
C TYR A 145 39.48 21.51 34.63
N GLY A 146 40.29 20.94 35.51
CA GLY A 146 41.08 21.71 36.41
C GLY A 146 42.08 22.39 35.49
N VAL A 147 42.36 23.69 35.72
CA VAL A 147 43.20 24.47 34.87
C VAL A 147 44.34 25.04 35.68
N VAL A 148 45.54 24.89 35.16
CA VAL A 148 46.74 25.45 35.77
C VAL A 148 47.24 26.64 34.97
N GLU A 149 47.57 27.73 35.66
CA GLU A 149 48.21 28.91 35.01
C GLU A 149 49.69 29.03 35.43
N PHE A 150 50.53 29.47 34.47
CA PHE A 150 51.96 29.62 34.65
C PHE A 150 52.40 31.10 34.54
N ASP A 151 53.48 31.47 35.22
CA ASP A 151 54.04 32.80 35.02
C ASP A 151 54.91 32.79 33.79
N GLN A 152 55.52 33.94 33.52
CA GLN A 152 56.35 34.11 32.33
C GLN A 152 57.54 33.17 32.38
N GLY A 153 57.90 32.78 33.59
CA GLY A 153 58.99 31.84 33.85
C GLY A 153 58.69 30.34 33.80
N GLY A 154 57.41 29.94 33.63
CA GLY A 154 57.04 28.55 33.49
C GLY A 154 56.61 27.95 34.81
N LYS A 155 56.54 28.80 35.83
CA LYS A 155 56.20 28.39 37.18
C LYS A 155 54.69 28.44 37.39
N ALA A 156 54.14 27.37 37.92
CA ALA A 156 52.71 27.29 38.18
C ALA A 156 52.34 28.28 39.24
N ILE A 157 51.31 29.09 39.00
CA ILE A 157 50.91 30.13 39.91
C ILE A 157 49.46 30.14 40.34
N SER A 158 48.59 29.45 39.63
CA SER A 158 47.18 29.30 40.04
C SER A 158 46.49 28.02 39.49
N LEU A 159 45.50 27.57 40.26
CA LEU A 159 44.67 26.46 39.89
C LEU A 159 43.20 26.81 40.09
N GLU A 160 42.40 26.48 39.11
CA GLU A 160 40.98 26.68 39.16
C GLU A 160 40.25 25.46 38.63
N GLU A 161 39.11 25.15 39.26
CA GLU A 161 38.39 23.99 38.79
C GLU A 161 37.29 24.47 37.84
N LYS A 162 37.31 23.96 36.63
CA LYS A 162 36.23 24.26 35.66
C LYS A 162 35.87 25.74 35.60
N PRO A 163 36.86 26.60 35.39
CA PRO A 163 36.60 28.04 35.31
C PRO A 163 35.82 28.46 34.08
N LEU A 164 34.83 29.31 34.26
CA LEU A 164 34.14 29.85 33.07
C LEU A 164 35.09 30.61 32.13
N GLU A 165 36.12 31.21 32.67
CA GLU A 165 37.08 32.00 31.90
C GLU A 165 38.48 31.50 32.27
N PRO A 166 38.88 30.41 31.65
CA PRO A 166 40.20 29.86 31.97
C PRO A 166 41.34 30.81 31.72
N LYS A 167 42.28 30.72 32.60
CA LYS A 167 43.45 31.57 32.55
C LYS A 167 44.51 31.03 31.62
N SER A 168 44.40 29.77 31.23
CA SER A 168 45.30 29.13 30.28
C SER A 168 44.59 27.99 29.57
N ASN A 169 45.26 27.35 28.61
CA ASN A 169 44.73 26.20 27.96
C ASN A 169 45.31 24.90 28.50
N TYR A 170 45.85 24.95 29.70
CA TYR A 170 46.47 23.75 30.32
C TYR A 170 45.57 23.13 31.35
N ALA A 171 45.10 21.92 31.08
CA ALA A 171 44.31 21.16 32.00
C ALA A 171 45.23 20.29 32.85
N VAL A 172 44.82 20.09 34.08
CA VAL A 172 45.43 19.15 35.03
C VAL A 172 44.71 17.80 34.87
N THR A 173 45.45 16.83 34.37
CA THR A 173 44.88 15.53 34.05
C THR A 173 44.53 14.71 35.31
N GLY A 174 43.84 13.57 35.08
CA GLY A 174 43.37 12.71 36.13
C GLY A 174 44.34 11.67 36.63
N LEU A 175 45.53 12.13 36.95
CA LEU A 175 46.63 11.35 37.51
C LEU A 175 47.41 12.20 38.50
N TYR A 176 47.54 11.73 39.75
CA TYR A 176 48.05 12.53 40.82
C TYR A 176 48.93 11.65 41.68
N PHE A 177 50.14 12.12 41.99
CA PHE A 177 51.04 11.41 42.88
C PHE A 177 51.22 12.28 44.13
N TYR A 178 51.13 11.66 45.32
CA TYR A 178 51.17 12.35 46.59
C TYR A 178 52.07 11.71 47.65
N ASP A 179 52.62 12.55 48.51
CA ASP A 179 53.41 12.10 49.62
C ASP A 179 52.47 11.86 50.81
N GLN A 180 53.00 11.75 52.01
CA GLN A 180 52.20 11.55 53.21
C GLN A 180 51.33 12.70 53.67
N GLN A 181 51.33 13.83 52.99
CA GLN A 181 50.56 14.95 53.45
C GLN A 181 49.11 14.93 52.98
N VAL A 182 48.76 14.05 52.02
CA VAL A 182 47.44 14.13 51.33
C VAL A 182 46.28 13.78 52.20
N VAL A 183 46.43 12.77 53.04
CA VAL A 183 45.28 12.39 53.83
C VAL A 183 44.80 13.51 54.73
N ASP A 184 45.73 14.13 55.45
CA ASP A 184 45.36 15.24 56.36
C ASP A 184 44.87 16.46 55.61
N ILE A 185 45.41 16.70 54.42
CA ILE A 185 44.83 17.75 53.58
C ILE A 185 43.39 17.44 53.19
N ALA A 186 43.11 16.21 52.75
CA ALA A 186 41.77 15.85 52.32
C ALA A 186 40.75 15.93 53.49
N ARG A 187 41.20 15.51 54.65
CA ARG A 187 40.42 15.57 55.87
C ARG A 187 39.93 16.98 56.25
N ASP A 188 40.66 18.00 55.84
CA ASP A 188 40.30 19.36 56.22
C ASP A 188 39.52 20.06 55.16
N LEU A 189 39.27 19.39 54.04
CA LEU A 189 38.53 20.03 52.94
C LEU A 189 37.08 20.12 53.26
N LYS A 190 36.44 21.12 52.72
CA LYS A 190 34.99 21.25 52.81
C LYS A 190 34.49 21.29 51.39
N PRO A 191 33.25 20.87 51.17
CA PRO A 191 32.68 20.82 49.82
C PRO A 191 32.68 22.17 49.12
N SER A 192 32.98 22.11 47.84
CA SER A 192 33.03 23.28 46.97
C SER A 192 31.64 23.85 46.66
N PRO A 193 31.62 24.98 45.98
CA PRO A 193 30.36 25.53 45.48
C PRO A 193 29.66 24.43 44.69
N ARG A 194 30.41 23.72 43.84
CA ARG A 194 29.90 22.58 43.07
C ARG A 194 29.31 21.42 43.89
N GLY A 195 29.42 21.47 45.21
CA GLY A 195 29.02 20.35 46.08
C GLY A 195 30.03 19.17 46.19
N GLU A 196 31.28 19.39 45.83
N GLU A 196 31.28 19.39 45.83
CA GLU A 196 32.25 18.28 45.82
CA GLU A 196 32.25 18.28 45.82
C GLU A 196 33.50 18.53 46.66
C GLU A 196 33.51 18.54 46.65
N LEU A 197 34.11 17.47 47.16
CA LEU A 197 35.43 17.56 47.85
C LEU A 197 36.44 17.42 46.66
N GLU A 198 37.03 18.56 46.32
CA GLU A 198 37.84 18.73 45.10
C GLU A 198 39.30 18.33 45.15
N ILE A 199 39.72 17.57 44.13
CA ILE A 199 41.15 17.26 44.00
C ILE A 199 41.89 18.60 43.75
N THR A 200 41.22 19.54 43.08
CA THR A 200 41.90 20.79 42.77
C THR A 200 42.22 21.53 44.09
N ASP A 201 41.33 21.42 45.08
CA ASP A 201 41.64 22.01 46.38
C ASP A 201 42.89 21.33 47.06
N VAL A 202 43.02 20.01 46.89
CA VAL A 202 44.17 19.26 47.41
C VAL A 202 45.44 19.81 46.74
N ASN A 203 45.39 19.92 45.43
CA ASN A 203 46.52 20.39 44.68
C ASN A 203 46.92 21.82 45.03
N ARG A 204 45.95 22.70 45.23
CA ARG A 204 46.28 24.06 45.67
C ARG A 204 46.92 24.12 47.08
N ALA A 205 46.51 23.24 47.97
CA ALA A 205 47.15 23.13 49.26
C ALA A 205 48.66 22.87 49.09
N TYR A 206 49.04 21.94 48.20
CA TYR A 206 50.43 21.70 47.89
C TYR A 206 51.12 22.93 47.21
N LEU A 207 50.42 23.61 46.32
CA LEU A 207 50.95 24.72 45.55
C LEU A 207 51.26 25.86 46.56
N GLU A 208 50.36 26.08 47.49
CA GLU A 208 50.52 27.09 48.57
C GLU A 208 51.77 26.90 49.39
N ARG A 209 52.15 25.64 49.59
CA ARG A 209 53.38 25.33 50.30
C ARG A 209 54.58 25.11 49.47
N GLY A 210 54.54 25.52 48.21
CA GLY A 210 55.62 25.33 47.27
C GLY A 210 56.03 23.90 47.03
N GLN A 211 55.07 22.97 47.11
CA GLN A 211 55.34 21.52 47.03
C GLN A 211 54.55 20.76 45.99
N LEU A 212 54.11 21.49 44.98
CA LEU A 212 53.41 20.93 43.84
C LEU A 212 54.28 20.97 42.62
N SER A 213 54.61 19.82 42.10
CA SER A 213 55.36 19.72 40.86
C SER A 213 54.33 19.59 39.75
N VAL A 214 54.25 20.57 38.85
CA VAL A 214 53.43 20.44 37.69
C VAL A 214 54.34 20.16 36.49
N GLU A 215 54.27 18.97 35.97
CA GLU A 215 55.04 18.53 34.82
C GLU A 215 54.20 18.66 33.58
N ILE A 216 54.78 19.25 32.55
CA ILE A 216 54.09 19.36 31.27
C ILE A 216 54.09 17.97 30.57
N MET A 217 52.90 17.50 30.19
CA MET A 217 52.73 16.33 29.37
C MET A 217 52.55 16.89 27.97
N GLY A 218 53.59 16.67 27.20
CA GLY A 218 53.66 17.16 25.86
C GLY A 218 52.61 16.69 24.87
N ARG A 219 52.54 17.47 23.77
CA ARG A 219 51.54 17.29 22.75
C ARG A 219 51.76 15.95 22.05
N GLY A 220 52.96 15.40 22.22
CA GLY A 220 53.20 14.06 21.72
C GLY A 220 52.44 12.90 22.33
N TYR A 221 51.95 13.10 23.55
CA TYR A 221 51.13 12.14 24.26
C TYR A 221 49.68 12.33 23.90
N ALA A 222 48.90 11.22 23.97
CA ALA A 222 47.47 11.29 23.96
C ALA A 222 46.95 11.20 25.40
N TRP A 223 46.09 12.14 25.77
CA TRP A 223 45.35 12.11 27.05
C TRP A 223 43.89 12.27 26.63
N LEU A 224 43.09 11.23 26.84
CA LEU A 224 41.71 11.28 26.45
C LEU A 224 40.86 10.90 27.64
N ASP A 225 39.62 11.26 27.59
CA ASP A 225 38.75 10.72 28.61
C ASP A 225 37.43 10.30 28.03
N THR A 226 36.93 9.23 28.57
CA THR A 226 35.71 8.66 28.07
C THR A 226 34.41 9.18 28.64
N GLY A 227 34.35 10.43 29.04
CA GLY A 227 33.14 10.94 29.65
C GLY A 227 31.91 11.29 28.80
N THR A 228 32.02 11.55 27.48
CA THR A 228 30.84 11.74 26.67
C THR A 228 30.70 10.59 25.67
N HIS A 229 29.51 10.42 25.09
CA HIS A 229 29.39 9.37 24.10
C HIS A 229 30.40 9.58 22.99
N ASP A 230 30.56 10.83 22.57
CA ASP A 230 31.48 11.12 21.48
C ASP A 230 32.90 10.78 21.81
N SER A 231 33.33 11.08 23.02
CA SER A 231 34.72 10.92 23.37
C SER A 231 35.04 9.46 23.62
N LEU A 232 34.09 8.70 24.06
CA LEU A 232 34.30 7.27 24.25
C LEU A 232 34.47 6.62 22.90
N LEU A 233 33.62 7.04 21.94
CA LEU A 233 33.76 6.55 20.56
C LEU A 233 35.15 6.88 19.98
N GLU A 234 35.56 8.11 20.14
CA GLU A 234 36.83 8.55 19.60
C GLU A 234 37.98 7.79 20.24
N ALA A 235 37.88 7.51 21.54
CA ALA A 235 38.97 6.79 22.20
C ALA A 235 39.05 5.39 21.60
N GLY A 236 37.89 4.77 21.40
CA GLY A 236 37.89 3.44 20.81
C GLY A 236 38.56 3.37 19.45
N GLN A 237 38.24 4.34 18.59
N GLN A 237 38.25 4.34 18.61
CA GLN A 237 38.87 4.38 17.28
CA GLN A 237 38.86 4.41 17.28
C GLN A 237 40.39 4.58 17.39
C GLN A 237 40.38 4.59 17.38
N PHE A 238 40.82 5.45 18.29
CA PHE A 238 42.26 5.68 18.51
C PHE A 238 42.98 4.37 18.87
N ILE A 239 42.49 3.69 19.88
CA ILE A 239 43.06 2.41 20.28
C ILE A 239 43.09 1.43 19.12
N ALA A 240 41.98 1.35 18.41
CA ALA A 240 41.84 0.46 17.29
C ALA A 240 42.91 0.70 16.22
N THR A 241 43.09 1.96 15.86
CA THR A 241 44.09 2.32 14.85
C THR A 241 45.49 1.89 15.28
N LEU A 242 45.85 2.18 16.52
CA LEU A 242 47.14 1.76 16.99
C LEU A 242 47.26 0.21 17.01
N GLU A 243 46.28 -0.49 17.59
CA GLU A 243 46.35 -1.94 17.73
C GLU A 243 46.43 -2.61 16.36
N ASN A 244 45.55 -2.23 15.42
CA ASN A 244 45.56 -2.84 14.10
C ASN A 244 46.85 -2.54 13.30
N ARG A 245 47.49 -1.42 13.56
CA ARG A 245 48.72 -1.07 12.79
C ARG A 245 49.90 -1.85 13.30
N GLN A 246 49.96 -1.96 14.62
CA GLN A 246 51.10 -2.52 15.33
C GLN A 246 51.10 -4.02 15.59
N GLY A 247 49.91 -4.62 15.68
CA GLY A 247 49.86 -6.02 16.10
C GLY A 247 50.24 -6.13 17.59
N LEU A 248 50.13 -5.03 18.32
CA LEU A 248 50.39 -4.98 19.74
C LEU A 248 49.12 -4.39 20.36
N LYS A 249 48.87 -4.73 21.61
CA LYS A 249 47.72 -4.22 22.29
C LYS A 249 48.09 -3.20 23.37
N VAL A 250 47.21 -2.20 23.55
CA VAL A 250 47.36 -1.19 24.61
C VAL A 250 46.69 -1.66 25.90
N ALA A 251 47.41 -1.55 27.00
CA ALA A 251 46.82 -1.73 28.33
C ALA A 251 46.31 -3.14 28.58
N CYS A 252 47.11 -4.11 28.21
N CYS A 252 47.10 -4.12 28.17
CA CYS A 252 46.85 -5.52 28.49
CA CYS A 252 46.86 -5.54 28.51
C CYS A 252 47.60 -5.82 29.79
C CYS A 252 47.60 -5.81 29.80
N PRO A 253 46.85 -5.98 30.88
CA PRO A 253 47.50 -6.21 32.17
C PRO A 253 48.38 -7.42 32.23
N GLU A 254 48.00 -8.48 31.55
CA GLU A 254 48.81 -9.70 31.54
C GLU A 254 50.20 -9.40 30.90
N GLU A 255 50.20 -8.62 29.82
CA GLU A 255 51.45 -8.25 29.18
C GLU A 255 52.30 -7.42 30.10
N ILE A 256 51.72 -6.35 30.66
CA ILE A 256 52.49 -5.48 31.51
C ILE A 256 53.14 -6.27 32.66
N ALA A 257 52.34 -7.07 33.37
CA ALA A 257 52.83 -7.93 34.45
C ALA A 257 53.97 -8.81 33.98
N TYR A 258 53.88 -9.38 32.78
CA TYR A 258 54.96 -10.20 32.23
C TYR A 258 56.21 -9.37 31.97
N ARG A 259 56.05 -8.20 31.38
CA ARG A 259 57.22 -7.39 31.05
C ARG A 259 57.93 -6.86 32.33
N GLN A 260 57.19 -6.63 33.42
CA GLN A 260 57.76 -6.12 34.64
C GLN A 260 58.33 -7.23 35.50
N LYS A 261 58.16 -8.47 35.03
CA LYS A 261 58.61 -9.69 35.70
C LYS A 261 57.80 -9.99 36.97
N TRP A 262 56.56 -9.49 37.01
CA TRP A 262 55.64 -9.77 38.12
C TRP A 262 54.96 -11.18 38.01
N ILE A 263 54.94 -11.70 36.77
CA ILE A 263 54.49 -13.06 36.52
C ILE A 263 55.52 -13.59 35.56
N ASP A 264 55.65 -14.91 35.54
CA ASP A 264 56.57 -15.60 34.67
C ASP A 264 55.84 -16.15 33.41
N ALA A 265 56.63 -16.62 32.45
CA ALA A 265 56.10 -17.28 31.28
C ALA A 265 55.04 -18.37 31.55
N ALA A 266 55.26 -19.22 32.53
CA ALA A 266 54.34 -20.32 32.75
C ALA A 266 53.01 -19.75 33.23
N GLN A 267 53.12 -18.69 34.02
CA GLN A 267 51.96 -18.01 34.61
C GLN A 267 51.19 -17.42 33.44
N LEU A 268 51.92 -16.81 32.50
CA LEU A 268 51.32 -16.16 31.35
C LEU A 268 50.63 -17.15 30.43
N GLU A 269 51.27 -18.30 30.16
CA GLU A 269 50.63 -19.37 29.35
C GLU A 269 49.30 -19.77 29.98
N LYS A 270 49.30 -19.84 31.29
CA LYS A 270 48.13 -20.29 31.99
C LYS A 270 46.98 -19.28 31.86
N LEU A 271 47.30 -18.02 31.84
CA LEU A 271 46.30 -16.95 31.61
C LEU A 271 45.79 -16.91 30.17
N ALA A 272 46.65 -17.20 29.20
CA ALA A 272 46.18 -17.21 27.81
C ALA A 272 45.23 -18.42 27.53
N ALA A 273 45.46 -19.56 28.18
CA ALA A 273 44.66 -20.76 27.88
C ALA A 273 43.15 -20.50 27.82
N PRO A 274 42.59 -19.90 28.85
CA PRO A 274 41.16 -19.64 28.86
C PRO A 274 40.69 -18.69 27.79
N LEU A 275 41.59 -17.90 27.23
CA LEU A 275 41.27 -16.89 26.27
C LEU A 275 41.70 -17.26 24.87
N ALA A 276 42.19 -18.47 24.67
CA ALA A 276 42.75 -18.88 23.40
C ALA A 276 41.85 -18.91 22.19
N LYS A 277 40.55 -18.98 22.38
CA LYS A 277 39.69 -19.13 21.22
C LYS A 277 39.49 -17.78 20.57
N ASN A 278 40.10 -16.74 21.12
CA ASN A 278 39.93 -15.41 20.57
C ASN A 278 41.25 -14.64 20.37
N GLY A 279 41.18 -13.46 19.74
CA GLY A 279 42.39 -12.74 19.33
C GLY A 279 43.23 -12.28 20.52
N TYR A 280 42.59 -12.14 21.69
CA TYR A 280 43.26 -11.65 22.91
C TYR A 280 44.12 -12.72 23.57
N GLY A 281 43.60 -13.94 23.69
CA GLY A 281 44.34 -15.08 24.17
C GLY A 281 45.47 -15.42 23.23
N GLN A 282 45.18 -15.42 21.93
CA GLN A 282 46.20 -15.67 20.90
C GLN A 282 47.35 -14.66 21.05
N TYR A 283 47.03 -13.41 21.35
CA TYR A 283 48.06 -12.40 21.51
C TYR A 283 48.94 -12.71 22.72
N LEU A 284 48.34 -12.99 23.83
CA LEU A 284 49.14 -13.39 24.99
C LEU A 284 50.07 -14.54 24.65
N LYS A 285 49.59 -15.50 23.90
CA LYS A 285 50.43 -16.63 23.55
C LYS A 285 51.60 -16.21 22.70
N ARG A 286 51.34 -15.28 21.82
CA ARG A 286 52.35 -14.85 20.90
C ARG A 286 53.46 -14.16 21.68
N LEU A 287 53.10 -13.43 22.72
CA LEU A 287 54.10 -12.77 23.57
C LEU A 287 55.14 -13.70 24.19
N LEU A 288 54.85 -14.99 24.27
CA LEU A 288 55.78 -15.94 24.89
C LEU A 288 56.98 -16.25 24.04
N THR A 289 56.83 -16.12 22.74
CA THR A 289 57.87 -16.50 21.83
C THR A 289 58.30 -15.40 20.87
N GLU A 290 57.88 -14.19 21.16
CA GLU A 290 58.27 -13.03 20.37
C GLU A 290 58.93 -11.98 21.26
N THR A 291 60.09 -11.50 20.87
CA THR A 291 60.70 -10.41 21.61
C THR A 291 60.14 -9.09 21.12
N VAL A 292 59.57 -8.28 21.97
CA VAL A 292 58.99 -6.97 21.59
C VAL A 292 59.84 -5.95 22.32
N TYR A 293 60.48 -5.09 21.55
CA TYR A 293 61.36 -4.08 22.10
C TYR A 293 60.54 -2.90 22.64
N MET B 1 -4.08 -8.65 14.34
CA MET B 1 -3.59 -9.88 15.05
C MET B 1 -2.28 -9.62 15.83
N LYS B 2 -2.31 -10.02 17.10
CA LYS B 2 -1.16 -10.13 17.93
C LYS B 2 -0.06 -11.08 17.47
N ARG B 3 1.13 -10.56 17.37
CA ARG B 3 2.27 -11.45 17.19
C ARG B 3 3.10 -11.30 18.42
N LYS B 4 3.67 -12.38 18.95
CA LYS B 4 4.56 -12.28 20.10
C LYS B 4 6.04 -12.25 19.68
N GLY B 5 6.88 -11.50 20.40
CA GLY B 5 8.25 -11.32 19.98
C GLY B 5 9.23 -11.98 20.96
N ILE B 6 10.40 -12.37 20.44
CA ILE B 6 11.49 -12.90 21.20
C ILE B 6 12.79 -12.30 20.79
N ILE B 7 13.52 -11.85 21.80
CA ILE B 7 14.91 -11.39 21.57
C ILE B 7 15.83 -12.44 22.15
N LEU B 8 16.72 -12.98 21.30
CA LEU B 8 17.72 -13.92 21.79
C LEU B 8 18.98 -13.12 22.08
N ALA B 9 19.27 -12.91 23.36
CA ALA B 9 20.31 -12.02 23.83
C ALA B 9 21.31 -12.65 24.77
N GLY B 10 21.56 -13.93 24.50
CA GLY B 10 22.50 -14.72 25.25
C GLY B 10 23.83 -14.89 24.54
N GLY B 11 24.40 -16.07 24.66
CA GLY B 11 25.69 -16.37 24.05
C GLY B 11 26.85 -15.92 24.94
N SER B 12 28.05 -16.40 24.59
CA SER B 12 29.30 -16.18 25.34
C SER B 12 30.07 -14.89 24.96
N GLY B 13 29.84 -14.36 23.76
CA GLY B 13 30.53 -13.18 23.30
C GLY B 13 32.04 -13.38 23.22
N THR B 14 32.46 -14.62 23.03
CA THR B 14 33.93 -14.94 22.92
C THR B 14 34.74 -13.98 22.00
N ARG B 15 34.26 -13.74 20.79
CA ARG B 15 35.04 -12.85 19.89
C ARG B 15 35.33 -11.45 20.50
N LEU B 16 34.49 -11.01 21.43
CA LEU B 16 34.69 -9.69 22.07
C LEU B 16 35.54 -9.68 23.35
N HIS B 17 36.02 -10.84 23.78
CA HIS B 17 36.89 -10.89 24.94
C HIS B 17 38.04 -9.90 24.78
N PRO B 18 38.50 -9.28 25.85
CA PRO B 18 37.96 -9.42 27.22
C PRO B 18 36.84 -8.41 27.61
N ALA B 19 36.45 -7.56 26.70
CA ALA B 19 35.43 -6.62 27.00
C ALA B 19 34.13 -7.33 27.53
N THR B 20 33.77 -8.46 26.95
CA THR B 20 32.58 -9.22 27.41
C THR B 20 32.81 -10.10 28.62
N LEU B 21 33.96 -9.97 29.26
CA LEU B 21 34.14 -10.68 30.52
C LEU B 21 33.36 -9.79 31.52
N ALA B 22 33.39 -8.47 31.27
CA ALA B 22 32.66 -7.53 32.15
C ALA B 22 31.12 -7.66 31.98
N ILE B 23 30.67 -7.53 30.73
CA ILE B 23 29.24 -7.44 30.39
C ILE B 23 28.79 -8.35 29.21
N SER B 24 27.49 -8.75 29.12
CA SER B 24 26.92 -9.44 27.94
C SER B 24 27.19 -8.53 26.77
N LYS B 25 27.43 -9.11 25.61
CA LYS B 25 27.60 -8.33 24.40
C LYS B 25 26.38 -7.40 24.21
N GLN B 26 25.20 -7.90 24.57
CA GLN B 26 23.96 -7.12 24.34
C GLN B 26 23.65 -5.98 25.31
N LEU B 27 24.47 -5.85 26.36
CA LEU B 27 24.37 -4.74 27.26
C LEU B 27 25.44 -3.71 26.90
N LEU B 28 26.38 -4.01 25.99
CA LEU B 28 27.42 -2.99 25.62
C LEU B 28 26.77 -1.89 24.81
N PRO B 29 27.27 -0.67 24.88
CA PRO B 29 26.68 0.41 24.10
C PRO B 29 27.00 0.39 22.65
N VAL B 30 26.02 0.81 21.86
CA VAL B 30 26.29 1.17 20.46
C VAL B 30 26.07 2.66 20.44
N TYR B 31 27.19 3.35 20.56
CA TYR B 31 27.32 4.81 20.61
C TYR B 31 26.80 5.39 21.88
N ASP B 32 25.47 5.49 21.98
CA ASP B 32 24.85 6.17 23.09
C ASP B 32 23.85 5.37 23.89
N LYS B 33 23.57 4.12 23.55
CA LYS B 33 22.50 3.38 24.29
C LYS B 33 22.79 1.91 24.20
N PRO B 34 22.31 1.09 25.14
CA PRO B 34 22.66 -0.31 25.14
C PRO B 34 22.25 -1.03 23.88
N MET B 35 23.09 -1.97 23.45
N MET B 35 23.09 -1.97 23.45
CA MET B 35 22.83 -2.73 22.22
CA MET B 35 22.85 -2.74 22.23
C MET B 35 21.41 -3.29 22.13
C MET B 35 21.41 -3.29 22.13
N ILE B 36 20.91 -3.85 23.22
CA ILE B 36 19.55 -4.41 23.23
C ILE B 36 18.43 -3.46 22.78
N TYR B 37 18.59 -2.14 23.02
CA TYR B 37 17.64 -1.17 22.53
C TYR B 37 17.33 -1.33 21.03
N TYR B 38 18.34 -1.70 20.28
CA TYR B 38 18.22 -1.73 18.81
C TYR B 38 17.25 -2.86 18.33
N PRO B 39 17.49 -4.13 18.70
CA PRO B 39 16.53 -5.18 18.34
C PRO B 39 15.13 -5.03 19.01
N LEU B 40 15.10 -4.47 20.22
CA LEU B 40 13.89 -4.23 20.92
C LEU B 40 13.06 -3.26 20.09
N SER B 41 13.71 -2.18 19.68
N SER B 41 13.70 -2.19 19.67
CA SER B 41 13.11 -1.18 18.79
CA SER B 41 13.07 -1.19 18.81
C SER B 41 12.54 -1.81 17.50
C SER B 41 12.54 -1.81 17.50
N THR B 42 13.24 -2.81 16.96
CA THR B 42 12.83 -3.47 15.74
C THR B 42 11.49 -4.21 15.98
N LEU B 43 11.41 -4.99 17.04
CA LEU B 43 10.13 -5.58 17.37
C LEU B 43 8.99 -4.58 17.60
N MET B 44 9.31 -3.51 18.34
CA MET B 44 8.33 -2.46 18.58
C MET B 44 7.85 -1.88 17.28
N LEU B 45 8.78 -1.67 16.32
CA LEU B 45 8.38 -1.08 15.06
C LEU B 45 7.53 -2.06 14.22
N ALA B 46 7.61 -3.37 14.51
CA ALA B 46 6.76 -4.37 13.89
C ALA B 46 5.37 -4.47 14.58
N GLY B 47 5.11 -3.59 15.54
CA GLY B 47 3.81 -3.53 16.23
C GLY B 47 3.71 -4.52 17.38
N ILE B 48 4.84 -5.05 17.81
CA ILE B 48 4.91 -6.09 18.81
C ILE B 48 5.21 -5.47 20.13
N ARG B 49 4.28 -5.73 21.06
CA ARG B 49 4.31 -5.17 22.45
C ARG B 49 4.64 -6.20 23.53
N GLU B 50 4.50 -7.48 23.22
CA GLU B 50 4.68 -8.57 24.19
C GLU B 50 5.93 -9.35 23.74
N ILE B 51 7.00 -9.23 24.52
CA ILE B 51 8.33 -9.67 24.16
C ILE B 51 9.05 -10.44 25.29
N LEU B 52 9.54 -11.62 24.93
CA LEU B 52 10.38 -12.42 25.77
C LEU B 52 11.84 -12.21 25.43
N ILE B 53 12.63 -11.88 26.47
CA ILE B 53 14.07 -11.67 26.33
C ILE B 53 14.73 -12.89 26.95
N ILE B 54 15.45 -13.59 26.06
CA ILE B 54 16.20 -14.74 26.44
C ILE B 54 17.67 -14.41 26.58
N SER B 55 18.25 -14.79 27.72
CA SER B 55 19.64 -14.59 27.93
C SER B 55 20.25 -15.72 28.81
N THR B 56 21.52 -15.59 29.03
CA THR B 56 22.25 -16.52 29.81
C THR B 56 21.74 -16.43 31.24
N PRO B 57 22.06 -17.42 32.07
CA PRO B 57 21.64 -17.28 33.46
C PRO B 57 22.19 -16.07 34.16
N GLN B 58 23.47 -15.73 33.93
CA GLN B 58 24.13 -14.62 34.64
C GLN B 58 23.67 -13.27 34.13
N ASP B 59 23.26 -13.20 32.88
CA ASP B 59 22.93 -11.88 32.28
C ASP B 59 21.49 -11.58 32.39
N THR B 60 20.68 -12.60 32.53
CA THR B 60 19.24 -12.37 32.64
C THR B 60 18.86 -11.28 33.69
N PRO B 61 19.39 -11.35 34.90
CA PRO B 61 19.04 -10.32 35.90
C PRO B 61 19.55 -8.93 35.51
N ARG B 62 20.57 -8.88 34.68
CA ARG B 62 21.08 -7.58 34.27
C ARG B 62 20.09 -6.94 33.27
N PHE B 63 19.54 -7.75 32.38
CA PHE B 63 18.55 -7.20 31.49
C PHE B 63 17.28 -6.81 32.29
N GLN B 64 16.87 -7.66 33.24
CA GLN B 64 15.74 -7.30 34.11
C GLN B 64 15.95 -5.92 34.80
N GLN B 65 17.17 -5.63 35.22
CA GLN B 65 17.47 -4.34 35.83
C GLN B 65 17.38 -3.15 34.86
N LEU B 66 17.89 -3.31 33.66
CA LEU B 66 17.82 -2.27 32.68
C LEU B 66 16.37 -2.05 32.23
N LEU B 67 15.64 -3.08 31.88
CA LEU B 67 14.36 -2.90 31.18
C LEU B 67 13.13 -3.05 32.01
N GLY B 68 13.22 -3.75 33.12
CA GLY B 68 12.03 -3.98 33.91
C GLY B 68 10.94 -4.78 33.17
N ASP B 69 9.67 -4.60 33.58
CA ASP B 69 8.58 -5.37 32.99
C ASP B 69 8.05 -4.64 31.74
N GLY B 70 8.59 -3.48 31.46
CA GLY B 70 8.24 -2.81 30.20
C GLY B 70 7.03 -1.90 30.24
N SER B 71 6.31 -1.89 31.37
CA SER B 71 5.06 -1.18 31.46
C SER B 71 5.22 0.31 31.30
N ASN B 72 6.37 0.87 31.72
CA ASN B 72 6.60 2.28 31.54
C ASN B 72 6.74 2.74 30.09
N TRP B 73 6.96 1.82 29.19
CA TRP B 73 7.11 2.01 27.75
C TRP B 73 5.91 1.39 27.05
N GLY B 74 4.88 1.01 27.81
CA GLY B 74 3.68 0.38 27.24
C GLY B 74 3.84 -1.06 26.73
N LEU B 75 4.87 -1.73 27.17
CA LEU B 75 5.18 -3.04 26.70
C LEU B 75 4.92 -4.05 27.81
N ASP B 76 4.89 -5.31 27.42
CA ASP B 76 4.86 -6.44 28.37
C ASP B 76 6.13 -7.25 28.12
N LEU B 77 7.17 -7.01 28.93
CA LEU B 77 8.44 -7.76 28.76
C LEU B 77 8.51 -8.86 29.79
N GLN B 78 8.98 -10.02 29.37
CA GLN B 78 9.22 -11.23 30.19
C GLN B 78 10.64 -11.71 29.88
N TYR B 79 11.14 -12.59 30.72
CA TYR B 79 12.48 -13.07 30.67
C TYR B 79 12.51 -14.61 30.89
N ALA B 80 13.42 -15.27 30.18
CA ALA B 80 13.71 -16.67 30.36
C ALA B 80 15.21 -16.91 30.10
N VAL B 81 15.71 -17.95 30.74
CA VAL B 81 17.11 -18.31 30.67
C VAL B 81 17.38 -19.39 29.62
N GLN B 82 18.46 -19.25 28.86
CA GLN B 82 18.99 -20.33 28.04
C GLN B 82 20.23 -20.86 28.78
N PRO B 83 20.20 -22.12 29.24
CA PRO B 83 21.33 -22.65 30.02
C PRO B 83 22.66 -22.62 29.30
N SER B 84 22.63 -22.95 28.01
CA SER B 84 23.84 -22.93 27.19
C SER B 84 23.48 -22.46 25.78
N PRO B 85 24.40 -21.81 25.06
CA PRO B 85 24.08 -21.24 23.75
C PRO B 85 24.14 -22.34 22.69
N ASP B 86 23.15 -23.21 22.75
CA ASP B 86 23.11 -24.36 21.98
C ASP B 86 22.21 -24.26 20.79
N GLY B 87 21.90 -23.03 20.41
CA GLY B 87 21.27 -22.83 19.15
C GLY B 87 20.14 -21.88 19.12
N LEU B 88 20.02 -21.11 18.03
CA LEU B 88 18.90 -20.18 17.93
C LEU B 88 17.51 -20.85 18.04
N ALA B 89 17.37 -22.05 17.55
CA ALA B 89 16.06 -22.67 17.49
C ALA B 89 15.62 -23.03 18.89
N GLN B 90 16.57 -23.07 19.81
CA GLN B 90 16.16 -23.30 21.20
C GLN B 90 15.22 -22.19 21.69
N ALA B 91 15.18 -21.06 21.04
CA ALA B 91 14.29 -19.97 21.48
C ALA B 91 12.84 -20.44 21.46
N PHE B 92 12.50 -21.31 20.54
CA PHE B 92 11.11 -21.74 20.45
C PHE B 92 10.74 -22.82 21.49
N LEU B 93 11.73 -23.46 22.09
CA LEU B 93 11.50 -24.52 23.04
C LEU B 93 11.44 -23.83 24.39
N ILE B 94 12.43 -22.97 24.64
CA ILE B 94 12.41 -22.13 25.86
C ILE B 94 11.15 -21.26 25.92
N GLY B 95 10.78 -20.70 24.80
CA GLY B 95 9.63 -19.83 24.68
C GLY B 95 8.30 -20.46 24.30
N GLU B 96 8.16 -21.78 24.42
CA GLU B 96 6.97 -22.46 23.97
C GLU B 96 5.73 -21.99 24.75
N SER B 97 5.80 -21.95 26.07
CA SER B 97 4.65 -21.50 26.82
C SER B 97 4.38 -20.04 26.54
N PHE B 98 5.41 -19.21 26.46
CA PHE B 98 5.24 -17.80 26.09
C PHE B 98 4.48 -17.61 24.78
N ILE B 99 4.90 -18.35 23.78
CA ILE B 99 4.26 -18.27 22.47
C ILE B 99 2.83 -18.69 22.49
N GLY B 100 2.54 -19.78 23.18
CA GLY B 100 1.24 -20.38 23.14
C GLY B 100 0.79 -20.65 21.71
N ASN B 101 -0.41 -20.19 21.42
CA ASN B 101 -1.02 -20.49 20.12
C ASN B 101 -1.08 -19.23 19.28
N ASP B 102 0.03 -18.52 19.27
CA ASP B 102 0.16 -17.27 18.58
C ASP B 102 1.27 -17.26 17.53
N LEU B 103 1.13 -16.33 16.60
CA LEU B 103 2.23 -15.98 15.68
C LEU B 103 3.39 -15.40 16.52
N SER B 104 4.61 -15.56 15.99
CA SER B 104 5.81 -15.09 16.68
C SER B 104 6.86 -14.46 15.75
N ALA B 105 7.82 -13.80 16.41
CA ALA B 105 8.95 -13.19 15.71
C ALA B 105 10.16 -13.31 16.62
N LEU B 106 11.27 -13.70 16.02
CA LEU B 106 12.53 -13.75 16.70
C LEU B 106 13.48 -12.73 16.08
N VAL B 107 14.16 -11.93 16.92
CA VAL B 107 15.24 -11.08 16.50
C VAL B 107 16.46 -11.39 17.39
N LEU B 108 17.60 -11.38 16.73
CA LEU B 108 18.89 -11.61 17.37
C LEU B 108 19.38 -10.35 18.07
N GLY B 109 19.90 -10.55 19.27
CA GLY B 109 20.33 -9.45 20.11
C GLY B 109 21.47 -8.53 19.60
N ASP B 110 22.35 -9.00 18.74
CA ASP B 110 23.45 -8.20 18.23
C ASP B 110 23.16 -7.77 16.81
N ASN B 111 21.91 -7.83 16.34
CA ASN B 111 21.60 -7.34 14.97
C ASN B 111 21.01 -5.94 15.01
N LEU B 112 21.54 -5.08 14.16
CA LEU B 112 21.17 -3.70 14.11
C LEU B 112 20.69 -3.39 12.69
N TYR B 113 19.45 -3.03 12.51
CA TYR B 113 18.87 -2.70 11.21
C TYR B 113 18.56 -1.19 11.16
N TYR B 114 18.71 -0.57 9.97
CA TYR B 114 18.31 0.78 9.87
C TYR B 114 18.01 1.13 8.42
N GLY B 115 16.95 1.91 8.26
CA GLY B 115 16.75 2.53 6.94
C GLY B 115 15.36 3.02 6.66
N HIS B 116 15.22 3.62 5.50
CA HIS B 116 13.94 4.20 5.07
C HIS B 116 12.86 3.18 4.85
N ASP B 117 11.66 3.43 5.46
CA ASP B 117 10.55 2.52 5.30
C ASP B 117 10.79 1.11 5.88
N PHE B 118 11.71 0.99 6.82
CA PHE B 118 11.92 -0.27 7.52
C PHE B 118 10.62 -0.61 8.27
N HIS B 119 9.98 0.43 8.78
CA HIS B 119 8.74 0.22 9.50
C HIS B 119 7.64 -0.51 8.68
N GLU B 120 7.48 -0.12 7.45
CA GLU B 120 6.55 -0.76 6.54
C GLU B 120 7.03 -2.20 6.18
N LEU B 121 8.35 -2.38 5.99
CA LEU B 121 8.98 -3.68 5.70
C LEU B 121 8.64 -4.64 6.85
N LEU B 122 8.78 -4.15 8.06
CA LEU B 122 8.37 -4.96 9.27
C LEU B 122 6.85 -5.26 9.39
N GLY B 123 6.07 -4.25 9.17
CA GLY B 123 4.63 -4.40 9.19
C GLY B 123 4.08 -5.37 8.15
N SER B 124 4.62 -5.38 6.93
CA SER B 124 4.18 -6.36 5.91
C SER B 124 4.46 -7.78 6.40
N ALA B 125 5.66 -7.99 6.95
CA ALA B 125 5.96 -9.35 7.46
C ALA B 125 5.15 -9.71 8.71
N SER B 126 4.97 -8.77 9.61
CA SER B 126 4.34 -9.06 10.88
C SER B 126 2.83 -9.29 10.69
N GLN B 127 2.27 -8.70 9.67
CA GLN B 127 0.84 -8.76 9.37
C GLN B 127 0.43 -10.00 8.59
N ARG B 128 1.38 -10.73 8.04
CA ARG B 128 1.04 -12.02 7.44
C ARG B 128 0.54 -12.94 8.57
N GLN B 129 -0.29 -13.93 8.24
CA GLN B 129 -0.83 -14.83 9.21
C GLN B 129 -0.51 -16.29 8.87
N THR B 130 0.51 -16.51 8.04
CA THR B 130 0.88 -17.84 7.60
C THR B 130 2.34 -17.92 7.17
N GLY B 131 2.88 -19.12 7.24
CA GLY B 131 4.26 -19.36 6.89
C GLY B 131 5.33 -18.67 7.74
N ALA B 132 6.51 -18.63 7.16
CA ALA B 132 7.68 -17.94 7.74
C ALA B 132 8.12 -16.85 6.79
N SER B 133 8.64 -15.77 7.35
CA SER B 133 9.25 -14.71 6.61
C SER B 133 10.63 -14.43 7.16
N VAL B 134 11.60 -14.30 6.26
CA VAL B 134 12.98 -14.01 6.55
C VAL B 134 13.48 -13.03 5.50
N PHE B 135 14.64 -12.42 5.71
CA PHE B 135 15.16 -11.33 4.89
C PHE B 135 16.57 -11.68 4.40
N ALA B 136 16.78 -11.47 3.11
CA ALA B 136 18.09 -11.71 2.47
C ALA B 136 18.81 -10.41 2.17
N TYR B 137 20.09 -10.35 2.50
CA TYR B 137 20.86 -9.14 2.40
C TYR B 137 22.24 -9.42 1.80
N HIS B 138 22.56 -8.66 0.76
CA HIS B 138 23.85 -8.84 0.09
C HIS B 138 24.98 -8.45 1.02
N VAL B 139 25.96 -9.31 1.15
CA VAL B 139 27.10 -9.08 2.04
C VAL B 139 28.40 -9.44 1.39
N LEU B 140 29.48 -8.90 1.98
CA LEU B 140 30.83 -9.23 1.53
C LEU B 140 31.27 -10.63 1.92
N ASP B 141 30.90 -11.08 3.10
CA ASP B 141 31.45 -12.37 3.58
C ASP B 141 30.35 -13.30 4.00
N PRO B 142 29.64 -13.83 2.99
CA PRO B 142 28.49 -14.68 3.25
C PRO B 142 28.83 -15.91 4.04
N GLU B 143 30.07 -16.36 4.02
CA GLU B 143 30.43 -17.57 4.73
C GLU B 143 30.22 -17.51 6.27
N ARG B 144 30.03 -16.30 6.79
CA ARG B 144 29.81 -16.12 8.19
C ARG B 144 28.37 -16.27 8.63
N TYR B 145 27.49 -16.49 7.67
CA TYR B 145 26.05 -16.37 7.91
C TYR B 145 25.27 -17.53 7.32
N GLY B 146 23.97 -17.54 7.61
CA GLY B 146 23.03 -18.39 6.92
C GLY B 146 22.99 -17.83 5.48
N VAL B 147 23.08 -18.66 4.45
CA VAL B 147 23.12 -18.19 3.08
C VAL B 147 21.94 -18.78 2.29
N VAL B 148 21.28 -17.92 1.54
CA VAL B 148 20.20 -18.31 0.69
C VAL B 148 20.58 -18.20 -0.78
N GLU B 149 20.30 -19.28 -1.51
CA GLU B 149 20.51 -19.36 -2.97
C GLU B 149 19.18 -19.27 -3.71
N PHE B 150 19.17 -18.51 -4.81
CA PHE B 150 17.99 -18.36 -5.66
C PHE B 150 18.18 -18.94 -7.03
N ASP B 151 17.07 -19.35 -7.65
CA ASP B 151 17.16 -19.79 -9.04
C ASP B 151 17.16 -18.54 -9.95
N GLN B 152 17.21 -18.75 -11.25
CA GLN B 152 17.24 -17.63 -12.22
C GLN B 152 15.99 -16.81 -12.18
N GLY B 153 14.92 -17.31 -11.59
CA GLY B 153 13.71 -16.52 -11.47
C GLY B 153 13.55 -15.70 -10.20
N GLY B 154 14.52 -15.80 -9.28
CA GLY B 154 14.47 -15.08 -8.02
C GLY B 154 13.87 -15.86 -6.91
N LYS B 155 13.59 -17.14 -7.17
CA LYS B 155 12.99 -17.98 -6.17
C LYS B 155 14.06 -18.68 -5.30
N ALA B 156 13.89 -18.59 -3.99
CA ALA B 156 14.77 -19.29 -3.01
C ALA B 156 14.73 -20.78 -3.25
N ILE B 157 15.90 -21.40 -3.38
CA ILE B 157 15.99 -22.83 -3.58
C ILE B 157 16.82 -23.62 -2.58
N SER B 158 17.72 -22.96 -1.87
CA SER B 158 18.46 -23.66 -0.82
C SER B 158 18.93 -22.73 0.27
N LEU B 159 19.18 -23.31 1.44
CA LEU B 159 19.69 -22.63 2.60
C LEU B 159 20.85 -23.45 3.15
N GLU B 160 21.95 -22.77 3.50
CA GLU B 160 23.08 -23.39 4.11
C GLU B 160 23.59 -22.51 5.27
N GLU B 161 23.90 -23.14 6.41
CA GLU B 161 24.47 -22.41 7.51
C GLU B 161 26.00 -22.39 7.44
N LYS B 162 26.51 -21.18 7.38
CA LYS B 162 27.92 -20.91 7.38
C LYS B 162 28.69 -21.78 6.42
N PRO B 163 28.28 -21.80 5.14
CA PRO B 163 28.99 -22.61 4.13
C PRO B 163 30.39 -22.13 3.80
N LEU B 164 31.32 -23.07 3.72
CA LEU B 164 32.67 -22.74 3.37
C LEU B 164 32.71 -22.17 1.96
N GLU B 165 31.82 -22.65 1.10
CA GLU B 165 31.73 -22.18 -0.33
C GLU B 165 30.27 -21.78 -0.53
N PRO B 166 29.98 -20.57 -0.14
CA PRO B 166 28.63 -20.03 -0.27
C PRO B 166 28.11 -20.05 -1.68
N LYS B 167 26.84 -20.40 -1.83
CA LYS B 167 26.26 -20.47 -3.15
C LYS B 167 25.83 -19.12 -3.69
N SER B 168 25.79 -18.08 -2.84
CA SER B 168 25.48 -16.73 -3.26
C SER B 168 26.06 -15.76 -2.23
N ASN B 169 25.86 -14.48 -2.43
CA ASN B 169 26.29 -13.46 -1.52
C ASN B 169 25.15 -12.96 -0.64
N TYR B 170 24.05 -13.70 -0.60
CA TYR B 170 22.89 -13.26 0.19
C TYR B 170 22.79 -13.98 1.52
N ALA B 171 22.97 -13.23 2.61
CA ALA B 171 22.85 -13.76 3.97
C ALA B 171 21.40 -13.66 4.41
N VAL B 172 20.99 -14.57 5.27
CA VAL B 172 19.68 -14.56 5.90
C VAL B 172 19.91 -13.89 7.25
N THR B 173 19.31 -12.70 7.40
CA THR B 173 19.58 -11.82 8.55
C THR B 173 18.92 -12.40 9.81
N GLY B 174 19.25 -11.85 10.99
CA GLY B 174 18.77 -12.33 12.33
C GLY B 174 17.40 -11.77 12.68
N LEU B 175 16.46 -11.88 11.77
CA LEU B 175 15.06 -11.43 11.96
C LEU B 175 14.12 -12.40 11.26
N TYR B 176 13.26 -13.05 12.01
CA TYR B 176 12.45 -14.17 11.55
C TYR B 176 11.02 -14.08 12.07
N PHE B 177 10.05 -14.21 11.17
CA PHE B 177 8.64 -14.17 11.51
C PHE B 177 8.02 -15.55 11.24
N TYR B 178 7.32 -16.10 12.24
CA TYR B 178 6.74 -17.45 12.14
C TYR B 178 5.24 -17.56 12.46
N ASP B 179 4.58 -18.51 11.79
CA ASP B 179 3.22 -18.89 12.09
C ASP B 179 3.28 -19.91 13.21
N GLN B 180 2.19 -20.62 13.45
CA GLN B 180 2.08 -21.55 14.57
C GLN B 180 2.80 -22.87 14.37
N GLN B 181 3.43 -23.06 13.23
CA GLN B 181 4.10 -24.30 12.97
C GLN B 181 5.45 -24.40 13.61
N VAL B 182 5.98 -23.27 14.05
CA VAL B 182 7.43 -23.24 14.40
C VAL B 182 7.81 -24.08 15.60
N VAL B 183 6.99 -24.07 16.64
CA VAL B 183 7.36 -24.80 17.83
C VAL B 183 7.51 -26.32 17.54
N ASP B 184 6.57 -26.89 16.80
CA ASP B 184 6.64 -28.32 16.46
C ASP B 184 7.84 -28.64 15.58
N ILE B 185 8.16 -27.72 14.71
CA ILE B 185 9.35 -27.85 13.88
C ILE B 185 10.63 -27.89 14.75
N ALA B 186 10.72 -26.91 15.66
CA ALA B 186 11.87 -26.80 16.55
C ALA B 186 12.00 -28.03 17.41
N ARG B 187 10.85 -28.56 17.84
CA ARG B 187 10.77 -29.75 18.72
C ARG B 187 11.35 -30.99 18.08
N ASP B 188 11.28 -31.06 16.75
CA ASP B 188 11.80 -32.22 16.03
C ASP B 188 13.23 -32.10 15.58
N LEU B 189 13.78 -30.93 15.79
CA LEU B 189 15.17 -30.71 15.41
C LEU B 189 16.18 -31.46 16.30
N LYS B 190 17.28 -31.81 15.65
CA LYS B 190 18.43 -32.43 16.28
C LYS B 190 19.63 -31.48 16.04
N PRO B 191 20.61 -31.53 16.91
CA PRO B 191 21.78 -30.70 16.72
C PRO B 191 22.49 -30.95 15.42
N SER B 192 23.02 -29.87 14.85
CA SER B 192 23.74 -29.95 13.59
C SER B 192 25.18 -30.41 13.82
N PRO B 193 25.94 -30.52 12.75
CA PRO B 193 27.35 -30.81 12.90
C PRO B 193 28.03 -29.67 13.74
N ARG B 194 27.62 -28.42 13.58
CA ARG B 194 28.16 -27.35 14.41
C ARG B 194 27.85 -27.58 15.93
N GLY B 195 26.95 -28.48 16.25
CA GLY B 195 26.53 -28.68 17.63
C GLY B 195 25.40 -27.76 18.10
N GLU B 196 24.62 -27.22 17.16
CA GLU B 196 23.53 -26.32 17.50
C GLU B 196 22.23 -26.75 16.87
N LEU B 197 21.16 -26.31 17.51
CA LEU B 197 19.83 -26.37 16.98
C LEU B 197 19.61 -25.10 16.16
N GLU B 198 19.73 -25.30 14.85
CA GLU B 198 19.82 -24.22 13.88
C GLU B 198 18.51 -23.56 13.43
N ILE B 199 18.57 -22.23 13.28
CA ILE B 199 17.39 -21.52 12.76
C ILE B 199 17.32 -21.86 11.29
N THR B 200 18.45 -22.14 10.67
CA THR B 200 18.47 -22.36 9.26
C THR B 200 17.73 -23.67 9.00
N ASP B 201 17.77 -24.61 9.94
CA ASP B 201 17.08 -25.86 9.73
C ASP B 201 15.59 -25.60 9.87
N VAL B 202 15.23 -24.71 10.79
CA VAL B 202 13.82 -24.31 10.90
C VAL B 202 13.32 -23.77 9.56
N ASN B 203 14.06 -22.80 9.05
CA ASN B 203 13.72 -22.14 7.79
C ASN B 203 13.67 -23.15 6.61
N ARG B 204 14.53 -24.16 6.62
CA ARG B 204 14.51 -25.17 5.55
C ARG B 204 13.26 -26.04 5.60
N ALA B 205 12.75 -26.27 6.82
CA ALA B 205 11.53 -27.01 6.97
C ALA B 205 10.36 -26.26 6.34
N TYR B 206 10.29 -24.94 6.58
CA TYR B 206 9.32 -24.09 5.88
C TYR B 206 9.51 -24.06 4.34
N LEU B 207 10.73 -24.00 3.90
CA LEU B 207 11.03 -23.92 2.47
C LEU B 207 10.55 -25.22 1.82
N GLU B 208 10.84 -26.34 2.46
CA GLU B 208 10.45 -27.64 1.94
C GLU B 208 8.96 -27.76 1.72
N ARG B 209 8.15 -27.14 2.58
CA ARG B 209 6.70 -27.09 2.44
C ARG B 209 6.15 -25.97 1.59
N GLY B 210 7.03 -25.21 0.93
CA GLY B 210 6.65 -24.10 0.06
C GLY B 210 6.09 -22.94 0.86
N GLN B 211 6.45 -22.85 2.13
CA GLN B 211 5.85 -21.86 3.04
C GLN B 211 6.88 -20.85 3.62
N LEU B 212 8.05 -20.74 2.99
CA LEU B 212 9.06 -19.73 3.35
C LEU B 212 9.06 -18.55 2.40
N SER B 213 8.76 -17.41 2.94
CA SER B 213 8.87 -16.16 2.16
C SER B 213 10.26 -15.53 2.43
N VAL B 214 11.09 -15.38 1.39
CA VAL B 214 12.37 -14.75 1.52
C VAL B 214 12.26 -13.41 0.84
N GLU B 215 12.25 -12.36 1.64
CA GLU B 215 12.19 -11.01 1.12
C GLU B 215 13.58 -10.42 0.99
N ILE B 216 13.87 -9.75 -0.14
CA ILE B 216 15.16 -9.09 -0.27
C ILE B 216 15.08 -7.73 0.55
N MET B 217 16.07 -7.55 1.42
CA MET B 217 16.31 -6.30 2.08
C MET B 217 17.39 -5.58 1.25
N GLY B 218 16.98 -4.53 0.62
CA GLY B 218 17.87 -3.91 -0.34
C GLY B 218 19.05 -3.18 0.30
N ARG B 219 19.96 -2.80 -0.59
CA ARG B 219 21.25 -2.21 -0.23
C ARG B 219 21.11 -0.82 0.41
N GLY B 220 19.96 -0.22 0.17
CA GLY B 220 19.62 1.01 0.85
C GLY B 220 19.46 0.92 2.36
N TYR B 221 19.21 -0.28 2.90
CA TYR B 221 19.14 -0.51 4.33
C TYR B 221 20.52 -0.86 4.86
N ALA B 222 20.82 -0.50 6.10
CA ALA B 222 22.01 -0.96 6.77
C ALA B 222 21.57 -2.13 7.67
N TRP B 223 22.29 -3.22 7.56
CA TRP B 223 22.15 -4.39 8.46
C TRP B 223 23.56 -4.62 8.94
N LEU B 224 23.76 -4.39 10.21
CA LEU B 224 25.08 -4.59 10.78
C LEU B 224 24.95 -5.55 11.95
N ASP B 225 26.04 -6.20 12.30
CA ASP B 225 26.03 -6.94 13.52
C ASP B 225 27.26 -6.57 14.37
N THR B 226 27.03 -6.49 15.64
CA THR B 226 28.06 -6.10 16.55
C THR B 226 28.86 -7.25 17.12
N GLY B 227 29.09 -8.28 16.34
CA GLY B 227 29.85 -9.42 16.88
C GLY B 227 31.32 -9.35 17.11
N THR B 228 32.07 -8.46 16.40
CA THR B 228 33.50 -8.28 16.53
C THR B 228 33.81 -6.92 17.09
N HIS B 229 35.03 -6.78 17.58
CA HIS B 229 35.38 -5.49 18.12
C HIS B 229 35.28 -4.44 17.08
N ASP B 230 35.79 -4.76 15.91
CA ASP B 230 35.75 -3.82 14.80
C ASP B 230 34.37 -3.48 14.38
N SER B 231 33.51 -4.50 14.28
CA SER B 231 32.14 -4.31 13.79
C SER B 231 31.37 -3.40 14.77
N LEU B 232 31.56 -3.61 16.07
CA LEU B 232 30.86 -2.85 17.08
C LEU B 232 31.27 -1.37 17.01
N LEU B 233 32.56 -1.11 16.75
CA LEU B 233 33.05 0.25 16.61
C LEU B 233 32.39 0.92 15.46
N GLU B 234 32.41 0.24 14.33
CA GLU B 234 31.80 0.79 13.13
C GLU B 234 30.31 1.05 13.29
N ALA B 235 29.59 0.16 13.97
CA ALA B 235 28.19 0.39 14.20
C ALA B 235 28.01 1.68 15.04
N GLY B 236 28.86 1.86 16.06
CA GLY B 236 28.73 3.09 16.87
C GLY B 236 28.93 4.38 16.06
N GLN B 237 29.93 4.35 15.20
N GLN B 237 29.94 4.36 15.20
CA GLN B 237 30.27 5.46 14.31
CA GLN B 237 30.28 5.49 14.34
C GLN B 237 29.08 5.76 13.39
C GLN B 237 29.16 5.75 13.32
N PHE B 238 28.49 4.70 12.87
CA PHE B 238 27.31 4.84 11.99
C PHE B 238 26.13 5.52 12.72
N ILE B 239 25.73 4.99 13.87
CA ILE B 239 24.70 5.64 14.65
C ILE B 239 25.07 7.09 14.94
N ALA B 240 26.32 7.36 15.34
CA ALA B 240 26.72 8.68 15.70
C ALA B 240 26.55 9.67 14.55
N THR B 241 27.01 9.27 13.37
CA THR B 241 26.89 10.11 12.22
C THR B 241 25.43 10.48 11.93
N LEU B 242 24.54 9.51 11.96
CA LEU B 242 23.15 9.80 11.72
C LEU B 242 22.58 10.75 12.80
N GLU B 243 22.74 10.37 14.05
CA GLU B 243 22.20 11.12 15.15
C GLU B 243 22.70 12.55 15.18
N ASN B 244 24.01 12.77 15.05
CA ASN B 244 24.59 14.14 15.08
C ASN B 244 24.13 15.03 13.86
N ARG B 245 23.84 14.39 12.76
CA ARG B 245 23.43 15.11 11.55
C ARG B 245 21.95 15.48 11.68
N GLN B 246 21.16 14.56 12.26
CA GLN B 246 19.70 14.73 12.23
C GLN B 246 19.09 15.47 13.44
N GLY B 247 19.74 15.39 14.59
CA GLY B 247 19.12 15.84 15.83
C GLY B 247 18.02 14.87 16.25
N LEU B 248 18.05 13.63 15.73
CA LEU B 248 17.08 12.59 16.07
C LEU B 248 17.87 11.40 16.56
N LYS B 249 17.29 10.57 17.39
CA LYS B 249 17.98 9.39 17.90
C LYS B 249 17.43 8.09 17.30
N VAL B 250 18.30 7.11 17.06
CA VAL B 250 17.89 5.78 16.56
C VAL B 250 17.56 4.87 17.71
N ALA B 251 16.44 4.19 17.61
CA ALA B 251 16.06 3.15 18.58
C ALA B 251 15.92 3.62 19.98
N CYS B 252 15.24 4.75 20.17
N CYS B 252 15.25 4.74 20.16
CA CYS B 252 14.78 5.20 21.50
CA CYS B 252 14.83 5.24 21.47
C CYS B 252 13.45 4.63 21.76
C CYS B 252 13.45 4.65 21.77
N PRO B 253 13.37 3.67 22.67
CA PRO B 253 12.07 3.03 22.95
C PRO B 253 10.96 3.96 23.41
N GLU B 254 11.33 5.01 24.13
CA GLU B 254 10.37 5.93 24.63
C GLU B 254 9.76 6.70 23.44
N GLU B 255 10.60 7.03 22.44
CA GLU B 255 10.07 7.72 21.31
C GLU B 255 9.11 6.81 20.56
N ILE B 256 9.57 5.59 20.25
CA ILE B 256 8.77 4.68 19.42
C ILE B 256 7.45 4.40 20.12
N ALA B 257 7.51 4.17 21.43
CA ALA B 257 6.28 3.99 22.22
C ALA B 257 5.28 5.15 22.11
N TYR B 258 5.79 6.36 22.25
CA TYR B 258 4.99 7.55 22.15
C TYR B 258 4.42 7.64 20.72
N ARG B 259 5.25 7.40 19.72
N ARG B 259 5.24 7.39 19.72
CA ARG B 259 4.77 7.47 18.34
CA ARG B 259 4.78 7.44 18.34
C ARG B 259 3.70 6.41 18.00
C ARG B 259 3.69 6.41 18.01
N GLN B 260 3.74 5.25 18.64
CA GLN B 260 2.78 4.19 18.39
C GLN B 260 1.52 4.36 19.21
N LYS B 261 1.53 5.35 20.08
CA LYS B 261 0.47 5.69 21.00
C LYS B 261 0.33 4.68 22.17
N TRP B 262 1.41 3.96 22.51
CA TRP B 262 1.42 2.97 23.55
C TRP B 262 1.63 3.62 24.94
N ILE B 263 2.14 4.84 24.90
CA ILE B 263 2.23 5.72 26.04
C ILE B 263 1.76 7.10 25.56
N ASP B 264 1.23 7.91 26.49
CA ASP B 264 0.77 9.25 26.17
C ASP B 264 1.85 10.35 26.48
N ALA B 265 1.54 11.58 26.10
CA ALA B 265 2.39 12.70 26.44
C ALA B 265 2.79 12.81 27.92
N ALA B 266 1.86 12.69 28.83
CA ALA B 266 2.19 12.76 30.28
C ALA B 266 3.16 11.70 30.71
N GLN B 267 2.97 10.51 30.13
CA GLN B 267 3.83 9.34 30.35
C GLN B 267 5.25 9.64 29.92
N LEU B 268 5.42 10.21 28.71
CA LEU B 268 6.70 10.53 28.19
C LEU B 268 7.38 11.58 29.03
N GLU B 269 6.68 12.67 29.39
CA GLU B 269 7.29 13.71 30.21
C GLU B 269 7.84 13.06 31.47
N LYS B 270 7.09 12.07 32.01
CA LYS B 270 7.56 11.37 33.21
C LYS B 270 8.83 10.61 32.97
N LEU B 271 8.93 9.95 31.81
CA LEU B 271 10.17 9.22 31.49
C LEU B 271 11.33 10.15 31.35
N ALA B 272 11.08 11.32 30.74
CA ALA B 272 12.13 12.29 30.46
C ALA B 272 12.76 12.87 31.73
N ALA B 273 11.94 13.05 32.77
CA ALA B 273 12.36 13.72 34.02
C ALA B 273 13.66 13.21 34.64
N PRO B 274 13.71 11.95 34.97
CA PRO B 274 14.96 11.40 35.50
C PRO B 274 16.12 11.41 34.53
N LEU B 275 15.90 11.74 33.26
CA LEU B 275 16.95 11.69 32.28
C LEU B 275 17.36 13.08 31.79
N ALA B 276 16.76 14.12 32.36
CA ALA B 276 16.86 15.47 31.86
C ALA B 276 18.21 16.15 32.04
N LYS B 277 19.05 15.64 32.92
CA LYS B 277 20.34 16.25 33.12
C LYS B 277 21.27 15.83 32.00
N ASN B 278 20.79 14.95 31.14
CA ASN B 278 21.62 14.58 30.00
C ASN B 278 20.90 14.79 28.66
N GLY B 279 21.62 14.58 27.55
CA GLY B 279 21.09 14.89 26.23
C GLY B 279 19.91 13.99 25.84
N TYR B 280 19.93 12.78 26.36
CA TYR B 280 18.89 11.79 26.01
C TYR B 280 17.54 12.21 26.63
N GLY B 281 17.53 12.58 27.90
CA GLY B 281 16.35 13.15 28.52
C GLY B 281 15.88 14.40 27.80
N GLN B 282 16.83 15.29 27.45
CA GLN B 282 16.51 16.56 26.79
C GLN B 282 15.79 16.28 25.46
N TYR B 283 16.23 15.22 24.78
CA TYR B 283 15.64 14.83 23.51
C TYR B 283 14.22 14.35 23.77
N LEU B 284 14.01 13.47 24.73
CA LEU B 284 12.63 13.08 25.04
C LEU B 284 11.72 14.28 25.27
N LYS B 285 12.18 15.27 26.01
CA LYS B 285 11.40 16.49 26.26
C LYS B 285 11.08 17.19 24.96
N ARG B 286 12.07 17.30 24.10
CA ARG B 286 11.89 18.02 22.87
C ARG B 286 10.81 17.37 22.01
N LEU B 287 10.70 16.04 22.09
CA LEU B 287 9.69 15.33 21.27
C LEU B 287 8.25 15.70 21.60
N LEU B 288 8.00 16.18 22.82
CA LEU B 288 6.66 16.56 23.27
C LEU B 288 6.14 17.81 22.58
N THR B 289 7.03 18.68 22.11
CA THR B 289 6.60 19.88 21.43
C THR B 289 7.12 20.08 20.01
N GLU B 290 7.67 19.05 19.40
CA GLU B 290 8.16 19.19 18.04
C GLU B 290 7.45 18.17 17.19
N THR B 291 6.93 18.57 16.03
CA THR B 291 6.39 17.59 15.15
C THR B 291 7.51 16.98 14.32
N VAL B 292 7.71 15.67 14.37
CA VAL B 292 8.73 14.98 13.53
C VAL B 292 7.98 14.08 12.53
N TYR B 293 8.10 14.37 11.23
CA TYR B 293 7.42 13.64 10.17
C TYR B 293 8.05 12.27 9.85
N LYS C 2 75.92 19.90 7.73
CA LYS C 2 74.88 20.31 6.73
C LYS C 2 74.20 19.04 6.16
N ARG C 3 73.01 18.74 6.66
CA ARG C 3 72.20 17.71 6.05
C ARG C 3 71.05 18.25 5.20
N LYS C 4 70.97 17.77 3.96
CA LYS C 4 69.91 18.11 3.05
C LYS C 4 68.80 17.04 3.02
N GLY C 5 67.59 17.46 2.71
CA GLY C 5 66.47 16.55 2.77
C GLY C 5 65.86 16.31 1.43
N ILE C 6 65.26 15.13 1.26
CA ILE C 6 64.51 14.74 0.10
C ILE C 6 63.16 14.12 0.51
N ILE C 7 62.08 14.63 -0.09
CA ILE C 7 60.79 14.02 0.03
C ILE C 7 60.44 13.30 -1.28
N LEU C 8 60.22 11.99 -1.20
CA LEU C 8 59.84 11.22 -2.36
C LEU C 8 58.34 11.13 -2.39
N ALA C 9 57.78 11.94 -3.27
CA ALA C 9 56.37 12.21 -3.33
C ALA C 9 55.77 11.86 -4.68
N GLY C 10 56.26 10.79 -5.31
CA GLY C 10 55.67 10.35 -6.54
C GLY C 10 54.84 9.11 -6.34
N GLY C 11 55.01 8.17 -7.24
CA GLY C 11 54.34 6.88 -7.11
C GLY C 11 53.11 6.70 -7.96
N SER C 12 52.86 5.42 -8.24
CA SER C 12 51.72 4.96 -9.00
C SER C 12 50.40 5.23 -8.26
N GLY C 13 49.37 5.55 -9.03
CA GLY C 13 48.06 5.79 -8.47
C GLY C 13 47.03 4.76 -8.89
N THR C 14 47.47 3.71 -9.62
CA THR C 14 46.56 2.63 -10.06
C THR C 14 45.79 2.08 -8.86
N ARG C 15 46.50 1.88 -7.76
CA ARG C 15 45.90 1.35 -6.58
C ARG C 15 44.68 2.16 -6.15
N LEU C 16 44.87 3.47 -5.93
CA LEU C 16 43.81 4.32 -5.35
C LEU C 16 42.79 4.84 -6.34
N HIS C 17 42.88 4.42 -7.57
CA HIS C 17 41.87 4.87 -8.51
C HIS C 17 40.54 4.29 -8.12
N PRO C 18 39.45 5.02 -8.40
CA PRO C 18 39.46 6.28 -9.16
C PRO C 18 39.59 7.56 -8.35
N ALA C 19 39.74 7.43 -7.04
CA ALA C 19 39.85 8.59 -6.17
C ALA C 19 41.04 9.42 -6.61
N THR C 20 42.17 8.74 -6.81
CA THR C 20 43.41 9.40 -7.21
C THR C 20 43.51 9.52 -8.70
N LEU C 21 42.35 9.62 -9.33
CA LEU C 21 42.34 9.80 -10.76
C LEU C 21 42.40 11.25 -10.92
N ALA C 22 42.05 11.96 -9.88
CA ALA C 22 42.05 13.39 -10.11
C ALA C 22 43.12 14.06 -9.30
N ILE C 23 43.48 13.38 -8.21
CA ILE C 23 44.48 13.85 -7.27
C ILE C 23 45.36 12.71 -6.80
N SER C 24 46.67 12.91 -6.87
CA SER C 24 47.61 11.88 -6.45
C SER C 24 47.56 11.74 -4.97
N LYS C 25 47.99 10.59 -4.49
CA LYS C 25 47.99 10.33 -3.07
C LYS C 25 48.58 11.52 -2.27
N GLN C 26 49.68 12.15 -2.75
CA GLN C 26 50.42 13.15 -1.94
C GLN C 26 49.83 14.53 -1.78
N LEU C 27 48.74 14.79 -2.49
CA LEU C 27 48.05 16.05 -2.40
C LEU C 27 46.70 15.87 -1.69
N LEU C 28 46.29 14.65 -1.42
CA LEU C 28 45.03 14.43 -0.68
C LEU C 28 45.11 14.93 0.77
N PRO C 29 44.10 15.55 1.32
CA PRO C 29 44.18 15.92 2.73
C PRO C 29 44.21 14.75 3.70
N VAL C 30 44.99 14.92 4.75
CA VAL C 30 44.90 14.02 5.88
C VAL C 30 44.22 14.92 6.93
N TYR C 31 42.92 14.72 7.00
CA TYR C 31 42.03 15.52 7.81
C TYR C 31 41.89 16.94 7.35
N ASP C 32 42.84 17.81 7.70
CA ASP C 32 42.71 19.26 7.53
C ASP C 32 43.85 19.95 6.79
N LYS C 33 44.85 19.20 6.32
CA LYS C 33 45.94 19.85 5.55
C LYS C 33 46.51 18.83 4.56
N PRO C 34 47.19 19.29 3.51
CA PRO C 34 47.68 18.37 2.50
C PRO C 34 48.65 17.27 3.09
N MET C 35 48.56 16.04 2.54
N MET C 35 48.58 16.06 2.53
CA MET C 35 49.46 14.95 2.97
CA MET C 35 49.45 14.96 2.94
C MET C 35 50.94 15.37 3.04
C MET C 35 50.94 15.36 3.04
N ILE C 36 51.44 16.11 2.04
CA ILE C 36 52.87 16.45 2.01
C ILE C 36 53.36 17.29 3.18
N TYR C 37 52.43 17.95 3.87
CA TYR C 37 52.77 18.73 5.07
C TYR C 37 53.38 17.84 6.18
N TYR C 38 52.93 16.57 6.22
CA TYR C 38 53.35 15.67 7.26
C TYR C 38 54.82 15.25 7.11
N PRO C 39 55.22 14.65 6.01
CA PRO C 39 56.66 14.42 5.84
C PRO C 39 57.51 15.67 5.75
N LEU C 40 57.00 16.76 5.19
CA LEU C 40 57.77 18.01 5.21
C LEU C 40 58.12 18.38 6.67
N SER C 41 57.10 18.26 7.52
CA SER C 41 57.23 18.67 8.96
C SER C 41 58.26 17.76 9.62
N THR C 42 58.25 16.48 9.22
CA THR C 42 59.30 15.58 9.69
C THR C 42 60.72 16.09 9.41
N LEU C 43 61.01 16.44 8.16
CA LEU C 43 62.32 16.99 7.85
C LEU C 43 62.63 18.29 8.66
N MET C 44 61.64 19.14 8.76
CA MET C 44 61.78 20.38 9.47
C MET C 44 62.10 20.08 10.94
N LEU C 45 61.52 19.03 11.51
CA LEU C 45 61.72 18.73 12.91
C LEU C 45 63.08 18.13 13.10
N ALA C 46 63.68 17.64 12.01
CA ALA C 46 65.04 17.14 12.04
C ALA C 46 66.11 18.24 11.86
N GLY C 47 65.68 19.52 11.75
CA GLY C 47 66.55 20.68 11.63
C GLY C 47 66.94 20.92 10.17
N ILE C 48 66.26 20.23 9.24
CA ILE C 48 66.58 20.37 7.80
C ILE C 48 65.78 21.49 7.12
N ARG C 49 66.49 22.44 6.48
CA ARG C 49 65.84 23.57 5.79
C ARG C 49 65.98 23.56 4.27
N GLU C 50 66.90 22.77 3.75
CA GLU C 50 67.11 22.67 2.29
C GLU C 50 66.60 21.29 1.86
N ILE C 51 65.48 21.31 1.16
CA ILE C 51 64.70 20.17 0.83
C ILE C 51 64.32 20.07 -0.64
N LEU C 52 64.62 18.90 -1.18
CA LEU C 52 64.26 18.57 -2.57
C LEU C 52 62.97 17.75 -2.60
N ILE C 53 61.96 18.22 -3.32
CA ILE C 53 60.72 17.47 -3.46
C ILE C 53 60.69 16.78 -4.85
N ILE C 54 60.63 15.44 -4.86
CA ILE C 54 60.57 14.67 -6.07
C ILE C 54 59.15 14.17 -6.29
N SER C 55 58.57 14.49 -7.45
CA SER C 55 57.27 13.92 -7.80
C SER C 55 57.20 13.52 -9.26
N THR C 56 55.99 13.18 -9.67
CA THR C 56 55.72 12.74 -11.00
C THR C 56 55.86 13.98 -11.84
N PRO C 57 56.05 13.86 -13.14
CA PRO C 57 56.07 15.05 -14.01
C PRO C 57 54.88 15.93 -13.84
N GLN C 58 53.68 15.32 -13.72
CA GLN C 58 52.44 16.08 -13.64
C GLN C 58 52.27 16.76 -12.31
N ASP C 59 52.76 16.13 -11.23
CA ASP C 59 52.62 16.71 -9.89
C ASP C 59 53.64 17.81 -9.49
N THR C 60 54.76 17.95 -10.20
CA THR C 60 55.78 18.92 -9.73
C THR C 60 55.30 20.35 -9.68
N PRO C 61 54.64 20.81 -10.73
CA PRO C 61 54.03 22.13 -10.74
C PRO C 61 52.91 22.27 -9.74
N ARG C 62 52.30 21.16 -9.33
CA ARG C 62 51.24 21.28 -8.34
C ARG C 62 51.90 21.53 -7.00
N PHE C 63 52.96 20.78 -6.72
CA PHE C 63 53.67 20.96 -5.50
C PHE C 63 54.24 22.36 -5.47
N GLN C 64 54.71 22.85 -6.61
CA GLN C 64 55.35 24.17 -6.65
C GLN C 64 54.33 25.24 -6.35
N GLN C 65 53.13 25.08 -6.87
CA GLN C 65 52.09 26.02 -6.61
C GLN C 65 51.74 26.09 -5.16
N LEU C 66 51.61 24.93 -4.55
CA LEU C 66 51.29 24.80 -3.14
C LEU C 66 52.36 25.36 -2.22
N LEU C 67 53.62 25.03 -2.51
CA LEU C 67 54.71 25.27 -1.57
C LEU C 67 55.66 26.44 -1.92
N GLY C 68 55.77 26.79 -3.22
CA GLY C 68 56.68 27.82 -3.68
C GLY C 68 58.13 27.46 -3.40
N ASP C 69 58.97 28.47 -3.20
CA ASP C 69 60.40 28.24 -2.96
C ASP C 69 60.76 27.99 -1.51
N GLY C 70 59.74 28.00 -0.66
CA GLY C 70 59.96 27.71 0.75
C GLY C 70 60.37 28.93 1.58
N SER C 71 60.76 30.03 0.93
CA SER C 71 61.26 31.24 1.65
C SER C 71 60.22 31.79 2.65
N ASN C 72 58.92 31.66 2.37
CA ASN C 72 57.89 32.16 3.30
C ASN C 72 57.96 31.42 4.65
N TRP C 73 58.61 30.24 4.68
CA TRP C 73 58.67 29.40 5.86
C TRP C 73 60.09 29.20 6.34
N GLY C 74 61.00 30.06 5.88
CA GLY C 74 62.44 29.94 6.19
C GLY C 74 63.16 28.71 5.59
N LEU C 75 62.62 28.17 4.51
CA LEU C 75 63.13 26.95 3.88
C LEU C 75 63.70 27.28 2.50
N ASP C 76 64.46 26.35 1.96
CA ASP C 76 64.96 26.42 0.59
C ASP C 76 64.45 25.12 -0.08
N LEU C 77 63.33 25.22 -0.80
CA LEU C 77 62.71 24.08 -1.46
C LEU C 77 63.02 24.08 -2.92
N GLN C 78 63.46 22.92 -3.38
CA GLN C 78 63.71 22.62 -4.76
C GLN C 78 62.87 21.41 -5.23
N TYR C 79 62.79 21.28 -6.55
CA TYR C 79 61.92 20.33 -7.15
C TYR C 79 62.65 19.54 -8.24
N ALA C 80 62.34 18.27 -8.31
CA ALA C 80 62.80 17.36 -9.35
C ALA C 80 61.70 16.38 -9.68
N VAL C 81 61.84 15.75 -10.82
CA VAL C 81 60.85 14.89 -11.36
C VAL C 81 61.37 13.47 -11.44
N GLN C 82 60.50 12.54 -11.14
CA GLN C 82 60.76 11.11 -11.35
C GLN C 82 59.83 10.61 -12.45
N PRO C 83 60.34 10.34 -13.63
CA PRO C 83 59.46 9.97 -14.73
C PRO C 83 58.65 8.72 -14.59
N SER C 84 59.20 7.72 -13.88
CA SER C 84 58.52 6.47 -13.67
C SER C 84 58.85 5.97 -12.25
N PRO C 85 57.86 5.44 -11.54
CA PRO C 85 58.04 4.99 -10.16
C PRO C 85 58.89 3.73 -10.09
N ASP C 86 60.16 3.89 -10.45
CA ASP C 86 61.07 2.75 -10.60
C ASP C 86 61.99 2.46 -9.43
N GLY C 87 61.66 3.04 -8.29
CA GLY C 87 62.26 2.63 -7.01
C GLY C 87 62.66 3.78 -6.15
N LEU C 88 62.57 3.59 -4.82
CA LEU C 88 62.92 4.62 -3.87
C LEU C 88 64.38 5.02 -4.03
N ALA C 89 65.26 4.09 -4.39
CA ALA C 89 66.68 4.44 -4.50
C ALA C 89 66.99 5.42 -5.64
N GLN C 90 66.09 5.57 -6.59
CA GLN C 90 66.27 6.57 -7.67
C GLN C 90 66.35 7.98 -7.14
N ALA C 91 65.80 8.17 -5.96
CA ALA C 91 65.91 9.47 -5.26
C ALA C 91 67.33 10.00 -5.19
N PHE C 92 68.28 9.12 -4.97
CA PHE C 92 69.68 9.50 -4.91
C PHE C 92 70.32 9.75 -6.27
N LEU C 93 69.67 9.32 -7.34
CA LEU C 93 70.19 9.54 -8.70
C LEU C 93 69.60 10.88 -9.18
N ILE C 94 68.28 10.96 -9.09
CA ILE C 94 67.54 12.19 -9.34
C ILE C 94 68.15 13.30 -8.49
N GLY C 95 68.40 13.07 -7.22
CA GLY C 95 68.93 14.14 -6.40
C GLY C 95 70.43 14.20 -6.19
N GLU C 96 71.21 13.54 -7.02
CA GLU C 96 72.68 13.58 -6.92
C GLU C 96 73.30 14.99 -6.90
N SER C 97 72.91 15.82 -7.84
N SER C 97 72.89 15.83 -7.83
CA SER C 97 73.41 17.19 -7.87
CA SER C 97 73.41 17.20 -7.89
C SER C 97 72.97 18.02 -6.68
C SER C 97 72.97 18.03 -6.69
N PHE C 98 71.73 17.83 -6.23
CA PHE C 98 71.20 18.58 -5.11
C PHE C 98 71.95 18.21 -3.86
N ILE C 99 72.29 16.94 -3.74
CA ILE C 99 72.97 16.46 -2.55
C ILE C 99 74.42 16.94 -2.50
N GLY C 100 75.11 17.04 -3.65
CA GLY C 100 76.51 17.38 -3.59
C GLY C 100 77.35 16.53 -2.67
N ASN C 101 78.20 17.14 -1.87
CA ASN C 101 79.01 16.34 -0.97
C ASN C 101 78.44 16.38 0.40
N ASP C 102 77.13 16.56 0.51
CA ASP C 102 76.50 16.68 1.83
C ASP C 102 75.88 15.39 2.34
N LEU C 103 75.66 15.36 3.63
CA LEU C 103 74.83 14.34 4.26
C LEU C 103 73.39 14.55 3.82
N SER C 104 72.60 13.50 3.89
CA SER C 104 71.15 13.56 3.54
C SER C 104 70.17 12.77 4.41
N ALA C 105 68.90 13.06 4.19
CA ALA C 105 67.79 12.32 4.71
C ALA C 105 66.70 12.28 3.64
N LEU C 106 66.06 11.13 3.56
CA LEU C 106 64.95 10.82 2.70
C LEU C 106 63.76 10.43 3.52
N VAL C 107 62.63 11.06 3.22
CA VAL C 107 61.34 10.65 3.79
C VAL C 107 60.31 10.40 2.66
N LEU C 108 59.46 9.42 2.89
CA LEU C 108 58.46 9.01 1.93
C LEU C 108 57.20 9.87 2.08
N GLY C 109 56.65 10.25 0.93
CA GLY C 109 55.49 11.09 0.89
C GLY C 109 54.21 10.65 1.58
N ASP C 110 53.97 9.35 1.74
CA ASP C 110 52.74 8.88 2.30
C ASP C 110 52.95 8.41 3.77
N ASN C 111 54.10 8.74 4.37
CA ASN C 111 54.43 8.27 5.73
C ASN C 111 54.13 9.41 6.69
N LEU C 112 53.38 9.12 7.74
CA LEU C 112 52.99 10.07 8.77
C LEU C 112 53.55 9.57 10.11
N TYR C 113 54.46 10.32 10.70
CA TYR C 113 54.98 9.94 12.04
C TYR C 113 54.37 10.82 13.11
N TYR C 114 54.18 10.32 14.33
CA TYR C 114 53.73 11.18 15.42
C TYR C 114 54.10 10.60 16.74
N GLY C 115 54.60 11.47 17.58
CA GLY C 115 54.69 11.08 19.01
C GLY C 115 55.62 11.95 19.84
N HIS C 116 55.68 11.61 21.09
CA HIS C 116 56.42 12.35 22.11
C HIS C 116 57.89 12.19 21.96
N ASP C 117 58.59 13.34 21.88
CA ASP C 117 60.05 13.38 21.70
C ASP C 117 60.51 12.86 20.32
N PHE C 118 59.62 12.96 19.35
CA PHE C 118 60.03 12.73 17.95
C PHE C 118 61.12 13.66 17.55
N HIS C 119 61.04 14.91 18.00
CA HIS C 119 62.07 15.79 17.58
C HIS C 119 63.46 15.37 18.09
N GLU C 120 63.57 14.77 19.29
CA GLU C 120 64.84 14.30 19.83
C GLU C 120 65.34 13.04 19.10
N LEU C 121 64.42 12.17 18.72
CA LEU C 121 64.71 10.94 17.99
C LEU C 121 65.34 11.35 16.64
N LEU C 122 64.74 12.36 15.99
CA LEU C 122 65.27 12.89 14.72
C LEU C 122 66.65 13.52 14.90
N GLY C 123 66.79 14.40 15.91
CA GLY C 123 68.05 15.06 16.17
C GLY C 123 69.16 14.07 16.40
N SER C 124 68.90 13.02 17.14
CA SER C 124 69.93 12.06 17.40
C SER C 124 70.38 11.39 16.09
N ALA C 125 69.44 11.03 15.23
CA ALA C 125 69.85 10.39 13.99
C ALA C 125 70.59 11.38 13.13
N SER C 126 70.14 12.62 13.15
CA SER C 126 70.76 13.62 12.32
C SER C 126 72.22 13.88 12.74
N GLN C 127 72.54 13.68 14.01
CA GLN C 127 73.88 13.98 14.52
C GLN C 127 74.86 12.87 14.18
N ARG C 128 74.40 11.73 13.71
CA ARG C 128 75.35 10.70 13.35
C ARG C 128 75.88 10.95 11.97
N GLN C 129 77.13 11.42 11.84
CA GLN C 129 77.75 11.81 10.56
C GLN C 129 78.39 10.69 9.74
N THR C 130 78.48 9.49 10.30
CA THR C 130 78.96 8.38 9.51
C THR C 130 77.93 7.25 9.43
N GLY C 131 77.86 6.70 8.26
CA GLY C 131 77.01 5.60 7.94
C GLY C 131 75.58 6.02 7.70
N ALA C 132 74.65 5.13 8.00
CA ALA C 132 73.22 5.36 7.80
C ALA C 132 72.41 5.06 9.07
N SER C 133 71.25 5.68 9.20
CA SER C 133 70.35 5.37 10.33
C SER C 133 68.93 5.18 9.77
N VAL C 134 68.23 4.20 10.31
CA VAL C 134 66.88 3.91 9.93
C VAL C 134 66.12 3.45 11.16
N PHE C 135 64.80 3.32 11.03
CA PHE C 135 63.96 3.04 12.17
C PHE C 135 63.07 1.81 11.95
N ALA C 136 63.02 0.98 12.97
CA ALA C 136 62.26 -0.25 12.94
C ALA C 136 61.02 -0.09 13.80
N TYR C 137 59.87 -0.58 13.33
CA TYR C 137 58.57 -0.43 14.09
C TYR C 137 57.78 -1.69 14.00
N HIS C 138 57.31 -2.17 15.14
CA HIS C 138 56.53 -3.41 15.18
C HIS C 138 55.14 -3.22 14.51
N VAL C 139 54.85 -4.09 13.55
CA VAL C 139 53.63 -4.01 12.79
C VAL C 139 52.91 -5.33 12.72
N LEU C 140 51.62 -5.27 12.42
CA LEU C 140 50.82 -6.49 12.24
C LEU C 140 51.16 -7.28 10.96
N ASP C 141 51.39 -6.60 9.83
CA ASP C 141 51.63 -7.27 8.52
C ASP C 141 53.01 -6.91 7.90
N PRO C 142 54.08 -7.44 8.47
CA PRO C 142 55.43 -7.10 8.04
C PRO C 142 55.69 -7.46 6.59
N GLU C 143 55.00 -8.48 6.07
CA GLU C 143 55.13 -8.80 4.68
C GLU C 143 54.85 -7.62 3.71
N ARG C 144 54.16 -6.56 4.13
CA ARG C 144 53.97 -5.37 3.25
C ARG C 144 55.14 -4.38 3.16
N TYR C 145 56.18 -4.61 3.96
N TYR C 145 56.15 -4.59 3.99
CA TYR C 145 57.22 -3.65 4.15
CA TYR C 145 57.21 -3.64 4.11
C TYR C 145 58.61 -4.23 4.01
C TYR C 145 58.61 -4.24 4.18
N GLY C 146 59.61 -3.37 4.15
CA GLY C 146 60.98 -3.81 4.32
C GLY C 146 61.02 -4.33 5.78
N VAL C 147 61.63 -5.48 6.02
CA VAL C 147 61.58 -6.17 7.34
C VAL C 147 63.01 -6.38 7.81
N VAL C 148 63.22 -5.99 9.07
CA VAL C 148 64.54 -6.11 9.70
C VAL C 148 64.48 -7.17 10.78
N GLU C 149 65.47 -8.05 10.72
CA GLU C 149 65.58 -9.13 11.68
C GLU C 149 66.70 -8.76 12.72
N PHE C 150 66.48 -9.16 13.98
CA PHE C 150 67.43 -8.89 15.04
C PHE C 150 67.87 -10.23 15.67
N ASP C 151 69.09 -10.25 16.21
CA ASP C 151 69.60 -11.42 16.90
C ASP C 151 69.11 -11.34 18.33
N GLN C 152 69.46 -12.34 19.13
CA GLN C 152 69.00 -12.38 20.52
C GLN C 152 69.40 -11.21 21.38
N GLY C 153 70.45 -10.52 20.98
CA GLY C 153 70.91 -9.36 21.71
C GLY C 153 70.44 -8.03 21.15
N GLY C 154 69.46 -8.05 20.26
CA GLY C 154 68.96 -6.83 19.67
C GLY C 154 69.68 -6.19 18.51
N LYS C 155 70.73 -6.81 17.98
CA LYS C 155 71.48 -6.27 16.84
C LYS C 155 70.75 -6.68 15.55
N ALA C 156 70.58 -5.71 14.65
CA ALA C 156 70.04 -5.94 13.34
C ALA C 156 70.97 -6.89 12.57
N ILE C 157 70.40 -7.99 12.07
CA ILE C 157 71.14 -8.96 11.28
C ILE C 157 70.78 -9.21 9.81
N SER C 158 69.60 -8.76 9.37
CA SER C 158 69.20 -9.02 8.02
C SER C 158 68.05 -8.07 7.64
N LEU C 159 67.94 -7.75 6.37
CA LEU C 159 66.88 -6.97 5.78
C LEU C 159 66.35 -7.74 4.56
N GLU C 160 65.04 -7.66 4.34
N GLU C 160 65.04 -7.66 4.36
CA GLU C 160 64.35 -8.27 3.23
CA GLU C 160 64.37 -8.27 3.23
C GLU C 160 63.16 -7.43 2.88
C GLU C 160 63.15 -7.44 2.89
N GLU C 161 63.00 -7.14 1.62
CA GLU C 161 61.89 -6.34 1.16
C GLU C 161 60.67 -7.23 0.87
N LYS C 162 59.56 -7.00 1.59
CA LYS C 162 58.30 -7.73 1.39
C LYS C 162 58.53 -9.23 1.36
N PRO C 163 59.16 -9.76 2.41
CA PRO C 163 59.37 -11.20 2.45
C PRO C 163 58.07 -12.02 2.49
N LEU C 164 58.03 -13.12 1.75
CA LEU C 164 56.90 -14.03 1.83
C LEU C 164 56.86 -14.68 3.21
N GLU C 165 58.01 -14.94 3.80
CA GLU C 165 58.04 -15.50 5.14
C GLU C 165 58.89 -14.54 6.01
N PRO C 166 58.27 -13.46 6.49
CA PRO C 166 59.05 -12.47 7.26
C PRO C 166 59.70 -13.08 8.50
N LYS C 167 60.92 -12.63 8.75
CA LYS C 167 61.74 -13.12 9.86
C LYS C 167 61.44 -12.44 11.21
N SER C 168 60.67 -11.37 11.17
CA SER C 168 60.29 -10.64 12.40
C SER C 168 59.05 -9.85 12.08
N ASN C 169 58.52 -9.19 13.08
CA ASN C 169 57.41 -8.28 12.88
C ASN C 169 57.85 -6.81 12.82
N TYR C 170 59.15 -6.56 12.58
CA TYR C 170 59.66 -5.18 12.52
C TYR C 170 59.82 -4.69 11.12
N ALA C 171 59.00 -3.72 10.79
CA ALA C 171 59.16 -2.98 9.52
C ALA C 171 60.16 -1.79 9.59
N VAL C 172 60.95 -1.65 8.55
CA VAL C 172 61.79 -0.47 8.38
C VAL C 172 60.96 0.67 7.75
N THR C 173 60.77 1.74 8.50
CA THR C 173 59.85 2.82 8.12
C THR C 173 60.44 3.66 6.98
N GLY C 174 59.66 4.58 6.44
CA GLY C 174 60.01 5.39 5.28
C GLY C 174 60.75 6.69 5.66
N LEU C 175 61.84 6.57 6.41
CA LEU C 175 62.61 7.72 6.92
C LEU C 175 64.01 7.20 7.12
N TYR C 176 64.92 7.79 6.37
CA TYR C 176 66.27 7.31 6.28
C TYR C 176 67.31 8.46 6.28
N PHE C 177 68.41 8.27 7.05
CA PHE C 177 69.50 9.20 7.20
C PHE C 177 70.76 8.60 6.62
N TYR C 178 71.39 9.35 5.73
CA TYR C 178 72.64 8.91 5.06
C TYR C 178 73.83 9.86 5.04
N ASP C 179 75.01 9.22 5.02
CA ASP C 179 76.26 9.90 4.87
C ASP C 179 76.53 10.03 3.39
N GLN C 180 77.77 10.38 3.05
CA GLN C 180 78.11 10.67 1.66
C GLN C 180 78.21 9.45 0.78
N GLN C 181 78.11 8.27 1.37
CA GLN C 181 78.26 7.06 0.59
C GLN C 181 77.03 6.69 -0.24
N VAL C 182 75.90 7.30 0.07
CA VAL C 182 74.65 6.85 -0.50
C VAL C 182 74.51 6.93 -2.01
N VAL C 183 74.92 8.03 -2.59
CA VAL C 183 74.84 8.23 -4.02
C VAL C 183 75.59 7.13 -4.80
N ASP C 184 76.83 6.82 -4.42
CA ASP C 184 77.59 5.80 -5.13
C ASP C 184 77.04 4.39 -4.91
N ILE C 185 76.44 4.16 -3.75
CA ILE C 185 75.82 2.89 -3.51
C ILE C 185 74.59 2.81 -4.45
N ALA C 186 73.79 3.89 -4.52
CA ALA C 186 72.60 3.90 -5.36
C ALA C 186 72.98 3.72 -6.85
N ARG C 187 74.09 4.34 -7.24
CA ARG C 187 74.60 4.29 -8.61
C ARG C 187 75.01 2.89 -9.03
N ASP C 188 75.38 2.04 -8.08
CA ASP C 188 75.77 0.65 -8.38
C ASP C 188 74.64 -0.36 -8.31
N LEU C 189 73.44 0.07 -7.94
CA LEU C 189 72.33 -0.90 -7.78
C LEU C 189 71.73 -1.31 -9.09
N LYS C 190 71.24 -2.54 -9.16
CA LYS C 190 70.51 -3.01 -10.33
C LYS C 190 69.10 -3.25 -9.83
N PRO C 191 68.10 -3.18 -10.69
CA PRO C 191 66.74 -3.40 -10.24
C PRO C 191 66.48 -4.82 -9.72
N SER C 192 65.68 -4.92 -8.67
CA SER C 192 65.21 -6.17 -8.08
C SER C 192 64.31 -6.96 -9.03
N PRO C 193 64.08 -8.22 -8.69
CA PRO C 193 63.16 -9.05 -9.48
C PRO C 193 61.85 -8.34 -9.74
N ARG C 194 61.28 -7.66 -8.75
CA ARG C 194 60.01 -7.01 -8.98
C ARG C 194 60.12 -5.68 -9.75
N GLY C 195 61.34 -5.34 -10.15
CA GLY C 195 61.63 -4.22 -11.06
C GLY C 195 61.81 -2.83 -10.43
N GLU C 196 62.34 -2.76 -9.22
CA GLU C 196 62.56 -1.50 -8.55
C GLU C 196 64.01 -1.40 -8.04
N LEU C 197 64.52 -0.17 -8.01
CA LEU C 197 65.79 0.16 -7.43
C LEU C 197 65.41 0.39 -5.93
N GLU C 198 65.73 -0.62 -5.11
CA GLU C 198 65.20 -0.72 -3.75
C GLU C 198 65.93 0.00 -2.65
N ILE C 199 65.20 0.71 -1.76
CA ILE C 199 65.83 1.32 -0.62
C ILE C 199 66.40 0.24 0.28
N THR C 200 65.83 -0.94 0.21
CA THR C 200 66.27 -1.98 1.14
C THR C 200 67.64 -2.40 0.73
N ASP C 201 67.93 -2.29 -0.57
CA ASP C 201 69.25 -2.69 -1.06
C ASP C 201 70.32 -1.62 -0.64
N VAL C 202 69.95 -0.34 -0.66
CA VAL C 202 70.82 0.68 -0.16
C VAL C 202 71.14 0.36 1.31
N ASN C 203 70.10 0.08 2.08
CA ASN C 203 70.24 -0.18 3.54
C ASN C 203 71.12 -1.42 3.80
N ARG C 204 70.98 -2.41 2.94
CA ARG C 204 71.75 -3.66 3.08
C ARG C 204 73.21 -3.42 2.81
N ALA C 205 73.51 -2.51 1.89
CA ALA C 205 74.89 -2.15 1.61
C ALA C 205 75.60 -1.55 2.89
N TYR C 206 74.89 -0.71 3.61
CA TYR C 206 75.45 -0.18 4.81
C TYR C 206 75.54 -1.30 5.86
N LEU C 207 74.49 -2.10 5.99
CA LEU C 207 74.51 -3.22 6.94
C LEU C 207 75.73 -4.16 6.74
N GLU C 208 75.99 -4.49 5.49
CA GLU C 208 77.08 -5.39 5.17
C GLU C 208 78.49 -4.80 5.39
N ARG C 209 78.56 -3.48 5.60
CA ARG C 209 79.80 -2.80 5.99
C ARG C 209 79.83 -2.49 7.51
N GLY C 210 78.81 -2.96 8.27
CA GLY C 210 78.69 -2.66 9.70
C GLY C 210 78.43 -1.19 10.00
N GLN C 211 77.81 -0.49 9.07
CA GLN C 211 77.58 0.97 9.20
C GLN C 211 76.12 1.33 9.15
N LEU C 212 75.24 0.39 9.42
CA LEU C 212 73.81 0.70 9.45
C LEU C 212 73.33 0.71 10.90
N SER C 213 72.83 1.85 11.36
CA SER C 213 72.25 1.94 12.67
C SER C 213 70.73 1.74 12.50
N VAL C 214 70.19 0.83 13.27
CA VAL C 214 68.78 0.52 13.27
C VAL C 214 68.24 0.84 14.66
N GLU C 215 67.51 1.91 14.74
CA GLU C 215 66.90 2.30 16.02
C GLU C 215 65.46 1.82 16.09
N ILE C 216 65.04 1.25 17.21
CA ILE C 216 63.63 0.92 17.41
C ILE C 216 62.81 2.19 17.70
N MET C 217 61.80 2.41 16.86
CA MET C 217 60.78 3.38 17.12
C MET C 217 59.72 2.64 17.95
N GLY C 218 59.60 3.05 19.21
CA GLY C 218 58.75 2.42 20.22
C GLY C 218 57.30 2.45 19.86
N ARG C 219 56.56 1.51 20.44
CA ARG C 219 55.08 1.40 20.26
C ARG C 219 54.34 2.65 20.71
N GLY C 220 54.99 3.47 21.49
CA GLY C 220 54.41 4.75 21.91
C GLY C 220 54.20 5.75 20.75
N TYR C 221 55.00 5.60 19.68
CA TYR C 221 54.80 6.42 18.52
C TYR C 221 53.80 5.81 17.58
N ALA C 222 53.14 6.69 16.85
CA ALA C 222 52.32 6.31 15.71
C ALA C 222 53.12 6.47 14.41
N TRP C 223 53.16 5.39 13.65
CA TRP C 223 53.77 5.46 12.31
C TRP C 223 52.72 4.86 11.36
N LEU C 224 52.14 5.70 10.53
CA LEU C 224 51.02 5.35 9.67
C LEU C 224 51.40 5.66 8.23
N ASP C 225 50.79 4.95 7.30
CA ASP C 225 50.93 5.36 5.92
C ASP C 225 49.56 5.49 5.28
N THR C 226 49.45 6.42 4.31
CA THR C 226 48.21 6.68 3.60
C THR C 226 48.13 5.93 2.31
N GLY C 227 48.74 4.78 2.27
CA GLY C 227 48.78 3.99 1.05
C GLY C 227 47.46 3.54 0.50
N THR C 228 46.42 3.37 1.33
CA THR C 228 45.11 2.85 0.91
C THR C 228 43.92 3.65 1.36
N HIS C 229 42.76 3.34 0.80
CA HIS C 229 41.57 4.10 1.16
C HIS C 229 41.34 4.03 2.66
N ASP C 230 41.39 2.83 3.16
CA ASP C 230 41.14 2.61 4.57
C ASP C 230 42.19 3.28 5.42
N SER C 231 43.47 3.27 5.03
CA SER C 231 44.49 3.78 5.95
C SER C 231 44.47 5.33 5.92
N LEU C 232 44.05 5.92 4.80
CA LEU C 232 43.89 7.37 4.74
C LEU C 232 42.78 7.81 5.68
N LEU C 233 41.67 7.08 5.64
CA LEU C 233 40.55 7.33 6.54
C LEU C 233 41.01 7.27 8.00
N GLU C 234 41.72 6.21 8.35
CA GLU C 234 42.20 6.05 9.72
C GLU C 234 43.15 7.10 10.16
N ALA C 235 44.01 7.55 9.22
CA ALA C 235 45.02 8.58 9.55
C ALA C 235 44.29 9.93 9.75
N GLY C 236 43.23 10.18 8.96
CA GLY C 236 42.43 11.36 9.14
C GLY C 236 41.75 11.40 10.53
N GLN C 237 41.16 10.30 10.91
N GLN C 237 41.16 10.29 10.90
CA GLN C 237 40.49 10.19 12.22
CA GLN C 237 40.50 10.15 12.21
C GLN C 237 41.48 10.37 13.35
C GLN C 237 41.48 10.37 13.35
N PHE C 238 42.68 9.78 13.22
CA PHE C 238 43.72 9.89 14.22
C PHE C 238 44.12 11.37 14.46
N ILE C 239 44.42 12.08 13.37
CA ILE C 239 44.81 13.50 13.43
C ILE C 239 43.64 14.29 14.01
N ALA C 240 42.43 14.01 13.56
CA ALA C 240 41.30 14.78 14.03
C ALA C 240 41.11 14.65 15.53
N THR C 241 41.30 13.45 16.05
CA THR C 241 41.10 13.22 17.47
C THR C 241 42.15 14.00 18.29
N LEU C 242 43.40 13.92 17.87
CA LEU C 242 44.41 14.65 18.61
C LEU C 242 44.18 16.21 18.50
N GLU C 243 43.91 16.71 17.30
CA GLU C 243 43.76 18.16 17.15
C GLU C 243 42.58 18.74 17.92
N ASN C 244 41.47 18.01 17.86
CA ASN C 244 40.27 18.43 18.56
C ASN C 244 40.35 18.32 20.10
N ARG C 245 41.13 17.36 20.59
CA ARG C 245 41.38 17.24 22.00
C ARG C 245 42.32 18.36 22.48
N GLN C 246 43.39 18.61 21.72
CA GLN C 246 44.46 19.51 22.19
C GLN C 246 44.32 21.02 21.85
N GLY C 247 43.54 21.36 20.83
CA GLY C 247 43.52 22.75 20.34
C GLY C 247 44.87 23.12 19.70
N LEU C 248 45.63 22.10 19.35
CA LEU C 248 46.91 22.21 18.62
C LEU C 248 46.82 21.43 17.33
N LYS C 249 47.50 21.91 16.29
CA LYS C 249 47.52 21.21 15.02
C LYS C 249 48.79 20.38 14.83
N VAL C 250 48.66 19.25 14.16
CA VAL C 250 49.82 18.41 13.80
C VAL C 250 50.37 18.85 12.46
N ALA C 251 51.67 18.97 12.40
CA ALA C 251 52.39 19.24 11.11
C ALA C 251 51.99 20.55 10.36
N CYS C 252 51.77 21.62 11.11
N CYS C 252 51.79 21.63 11.11
CA CYS C 252 51.65 22.97 10.57
CA CYS C 252 51.69 22.99 10.54
C CYS C 252 53.11 23.55 10.34
C CYS C 252 53.12 23.55 10.34
N PRO C 253 53.55 23.62 9.09
CA PRO C 253 54.91 24.10 8.82
C PRO C 253 55.15 25.51 9.37
N GLU C 254 54.10 26.31 9.33
CA GLU C 254 54.24 27.68 9.77
C GLU C 254 54.62 27.70 11.25
N GLU C 255 53.94 26.87 12.04
CA GLU C 255 54.22 26.79 13.44
C GLU C 255 55.65 26.31 13.72
N ILE C 256 56.05 25.25 13.02
CA ILE C 256 57.38 24.64 13.24
C ILE C 256 58.46 25.64 12.90
N ALA C 257 58.26 26.33 11.80
CA ALA C 257 59.23 27.32 11.36
C ALA C 257 59.41 28.43 12.44
N TYR C 258 58.28 28.86 12.96
CA TYR C 258 58.21 29.89 13.99
C TYR C 258 58.88 29.41 15.24
N ARG C 259 58.52 28.21 15.70
CA ARG C 259 59.13 27.65 16.92
C ARG C 259 60.64 27.41 16.82
N GLN C 260 61.12 27.09 15.61
CA GLN C 260 62.53 26.89 15.30
C GLN C 260 63.29 28.20 15.01
N LYS C 261 62.59 29.33 15.01
CA LYS C 261 63.20 30.63 14.78
C LYS C 261 63.62 30.85 13.32
N TRP C 262 63.00 30.12 12.43
CA TRP C 262 63.27 30.26 11.02
C TRP C 262 62.51 31.47 10.40
N ILE C 263 61.38 31.84 11.00
CA ILE C 263 60.62 33.03 10.65
C ILE C 263 60.29 33.78 11.96
N ASP C 264 60.15 35.09 11.94
CA ASP C 264 59.86 35.77 13.21
C ASP C 264 58.36 36.00 13.34
N ALA C 265 57.93 36.65 14.42
CA ALA C 265 56.53 36.90 14.71
C ALA C 265 55.84 37.67 13.61
N ALA C 266 56.54 38.67 13.09
CA ALA C 266 56.03 39.53 12.03
C ALA C 266 55.75 38.78 10.72
N GLN C 267 56.62 37.82 10.41
CA GLN C 267 56.47 36.98 9.23
C GLN C 267 55.31 36.03 9.48
N LEU C 268 55.24 35.48 10.69
CA LEU C 268 54.14 34.61 10.99
C LEU C 268 52.83 35.39 10.81
N GLU C 269 52.75 36.62 11.32
CA GLU C 269 51.52 37.38 11.20
C GLU C 269 51.10 37.58 9.71
N LYS C 270 52.06 37.84 8.83
CA LYS C 270 51.80 37.98 7.38
C LYS C 270 51.30 36.63 6.81
N LEU C 271 51.78 35.50 7.33
CA LEU C 271 51.25 34.25 6.83
C LEU C 271 49.78 34.04 7.23
N ALA C 272 49.40 34.50 8.41
CA ALA C 272 48.06 34.19 8.93
C ALA C 272 46.92 35.01 8.28
N ALA C 273 47.23 36.22 7.84
CA ALA C 273 46.22 37.15 7.29
C ALA C 273 45.30 36.60 6.20
N PRO C 274 45.86 36.00 5.20
CA PRO C 274 45.07 35.43 4.12
C PRO C 274 44.36 34.17 4.50
N LEU C 275 44.63 33.63 5.68
CA LEU C 275 43.96 32.43 6.12
C LEU C 275 43.08 32.74 7.32
N ALA C 276 42.97 34.03 7.62
CA ALA C 276 42.36 34.47 8.86
C ALA C 276 40.87 34.21 8.94
N LYS C 277 40.25 33.88 7.81
CA LYS C 277 38.81 33.66 7.81
C LYS C 277 38.52 32.24 8.27
N ASN C 278 39.48 31.34 8.14
CA ASN C 278 39.25 29.97 8.54
C ASN C 278 40.08 29.59 9.77
N GLY C 279 39.76 28.43 10.34
CA GLY C 279 40.39 27.88 11.51
C GLY C 279 41.91 27.83 11.47
N TYR C 280 42.48 27.57 10.28
CA TYR C 280 43.95 27.42 10.15
C TYR C 280 44.62 28.80 10.38
N GLY C 281 44.11 29.85 9.73
CA GLY C 281 44.62 31.20 9.95
C GLY C 281 44.44 31.68 11.39
N GLN C 282 43.27 31.42 11.97
CA GLN C 282 42.97 31.76 13.37
C GLN C 282 44.00 31.07 14.28
N TYR C 283 44.36 29.83 13.93
CA TYR C 283 45.35 29.07 14.67
C TYR C 283 46.78 29.72 14.70
N LEU C 284 47.27 30.10 13.53
CA LEU C 284 48.54 30.79 13.38
C LEU C 284 48.57 32.10 14.17
N LYS C 285 47.47 32.84 14.12
CA LYS C 285 47.41 34.09 14.88
C LYS C 285 47.48 33.81 16.36
N ARG C 286 46.75 32.81 16.80
CA ARG C 286 46.76 32.49 18.20
C ARG C 286 48.17 32.14 18.71
N LEU C 287 48.95 31.51 17.84
CA LEU C 287 50.31 31.13 18.20
C LEU C 287 51.20 32.28 18.55
N LEU C 288 50.81 33.49 18.14
CA LEU C 288 51.59 34.66 18.44
C LEU C 288 51.35 35.13 19.86
N THR C 289 50.21 34.82 20.45
CA THR C 289 49.92 35.29 21.80
C THR C 289 49.82 34.20 22.87
N GLU C 290 50.12 32.97 22.56
CA GLU C 290 50.05 31.93 23.56
C GLU C 290 51.39 31.23 23.70
N THR C 291 51.82 30.95 24.91
CA THR C 291 52.98 30.12 25.13
C THR C 291 52.51 28.66 25.12
N VAL C 292 53.09 27.90 24.23
CA VAL C 292 52.80 26.46 24.11
C VAL C 292 54.09 25.72 24.42
N TYR C 293 54.06 24.90 25.45
CA TYR C 293 55.24 24.20 25.91
C TYR C 293 55.56 22.94 25.10
N LYS D 2 11.41 15.28 -20.90
CA LYS D 2 12.91 15.18 -20.79
C LYS D 2 13.46 16.18 -19.76
N ARG D 3 14.10 15.66 -18.73
CA ARG D 3 14.75 16.53 -17.76
C ARG D 3 16.28 16.64 -17.91
N LYS D 4 16.76 17.86 -17.99
CA LYS D 4 18.17 18.10 -18.01
C LYS D 4 18.69 18.30 -16.61
N GLY D 5 19.95 17.92 -16.42
CA GLY D 5 20.55 18.02 -15.10
C GLY D 5 21.73 18.93 -14.99
N ILE D 6 21.82 19.56 -13.85
CA ILE D 6 22.96 20.39 -13.49
C ILE D 6 23.59 20.01 -12.16
N ILE D 7 24.93 19.93 -12.19
CA ILE D 7 25.74 19.81 -11.00
C ILE D 7 26.52 21.09 -10.78
N LEU D 8 26.22 21.74 -9.65
CA LEU D 8 26.90 22.94 -9.22
C LEU D 8 28.04 22.55 -8.29
N ALA D 9 29.23 22.66 -8.87
CA ALA D 9 30.42 22.14 -8.24
C ALA D 9 31.56 23.12 -8.17
N GLY D 10 31.23 24.38 -7.97
CA GLY D 10 32.28 25.33 -7.78
C GLY D 10 32.28 25.67 -6.30
N GLY D 11 32.33 26.95 -6.04
CA GLY D 11 32.17 27.47 -4.68
C GLY D 11 33.49 27.87 -4.08
N SER D 12 33.38 28.78 -3.12
CA SER D 12 34.49 29.34 -2.35
C SER D 12 35.33 28.21 -1.70
N GLY D 13 36.67 28.32 -1.74
CA GLY D 13 37.54 27.34 -1.12
C GLY D 13 38.22 27.79 0.17
N THR D 14 38.07 29.07 0.53
CA THR D 14 38.68 29.63 1.76
C THR D 14 38.62 28.70 2.97
N ARG D 15 37.41 28.27 3.33
CA ARG D 15 37.15 27.46 4.51
C ARG D 15 38.13 26.30 4.65
N LEU D 16 38.28 25.52 3.58
CA LEU D 16 39.04 24.28 3.65
C LEU D 16 40.53 24.46 3.40
N HIS D 17 40.96 25.68 3.10
CA HIS D 17 42.39 25.92 3.00
C HIS D 17 43.01 25.69 4.34
N PRO D 18 44.24 25.18 4.34
CA PRO D 18 44.99 24.88 3.12
C PRO D 18 44.89 23.44 2.56
N ALA D 19 43.98 22.64 3.09
CA ALA D 19 43.76 21.28 2.58
C ALA D 19 43.40 21.32 1.09
N THR D 20 42.40 22.15 0.76
CA THR D 20 41.93 22.32 -0.61
C THR D 20 42.63 23.48 -1.30
N LEU D 21 43.90 23.67 -0.97
CA LEU D 21 44.66 24.70 -1.58
C LEU D 21 45.16 24.02 -2.82
N ALA D 22 45.24 22.72 -2.69
CA ALA D 22 45.74 21.92 -3.76
C ALA D 22 44.56 21.40 -4.60
N ILE D 23 43.46 21.06 -3.91
CA ILE D 23 42.26 20.52 -4.56
C ILE D 23 40.95 21.12 -4.14
N SER D 24 40.16 21.48 -5.13
CA SER D 24 38.81 21.93 -4.85
C SER D 24 38.13 20.82 -4.06
N LYS D 25 37.29 21.22 -3.13
CA LYS D 25 36.54 20.30 -2.36
C LYS D 25 35.92 19.13 -3.16
N GLN D 26 35.34 19.42 -4.34
CA GLN D 26 34.59 18.45 -5.14
C GLN D 26 35.39 17.37 -5.78
N LEU D 27 36.70 17.48 -5.68
CA LEU D 27 37.60 16.49 -6.19
C LEU D 27 38.14 15.61 -5.07
N LEU D 28 38.00 16.04 -3.83
CA LEU D 28 38.48 15.20 -2.72
C LEU D 28 37.74 13.87 -2.66
N PRO D 29 38.38 12.76 -2.42
CA PRO D 29 37.62 11.53 -2.25
C PRO D 29 36.69 11.46 -1.06
N VAL D 30 35.53 10.82 -1.24
CA VAL D 30 34.71 10.40 -0.12
C VAL D 30 35.00 8.91 -0.04
N TYR D 31 35.92 8.57 0.85
CA TYR D 31 36.38 7.17 1.02
C TYR D 31 37.17 6.68 -0.17
N ASP D 32 36.53 6.20 -1.25
CA ASP D 32 37.23 5.44 -2.30
C ASP D 32 37.00 5.98 -3.70
N LYS D 33 36.28 7.07 -3.80
CA LYS D 33 35.99 7.69 -5.13
C LYS D 33 35.78 9.20 -5.01
N PRO D 34 35.98 9.92 -6.10
CA PRO D 34 35.87 11.38 -6.07
C PRO D 34 34.49 11.82 -5.64
N MET D 35 34.43 12.92 -4.87
N MET D 35 34.44 12.90 -4.87
CA MET D 35 33.15 13.43 -4.30
CA MET D 35 33.18 13.44 -4.33
C MET D 35 32.10 13.66 -5.38
C MET D 35 32.11 13.64 -5.40
N ILE D 36 32.51 14.14 -6.57
CA ILE D 36 31.53 14.39 -7.62
C ILE D 36 30.75 13.17 -8.08
N TYR D 37 31.31 11.98 -7.94
CA TYR D 37 30.57 10.78 -8.33
C TYR D 37 29.21 10.64 -7.58
N TYR D 38 29.14 11.23 -6.38
CA TYR D 38 27.98 11.04 -5.50
C TYR D 38 26.79 11.83 -6.05
N PRO D 39 26.94 13.14 -6.16
CA PRO D 39 25.87 13.87 -6.84
C PRO D 39 25.62 13.43 -8.31
N LEU D 40 26.65 13.08 -9.03
CA LEU D 40 26.45 12.57 -10.39
C LEU D 40 25.51 11.32 -10.37
N SER D 41 25.77 10.38 -9.44
CA SER D 41 24.97 9.18 -9.32
C SER D 41 23.51 9.52 -8.98
N THR D 42 23.34 10.60 -8.23
CA THR D 42 22.00 10.99 -7.88
C THR D 42 21.20 11.39 -9.13
N LEU D 43 21.78 12.22 -9.98
CA LEU D 43 21.12 12.53 -11.25
C LEU D 43 20.87 11.31 -12.12
N MET D 44 21.85 10.42 -12.22
CA MET D 44 21.69 9.17 -12.95
C MET D 44 20.50 8.35 -12.42
N LEU D 45 20.39 8.20 -11.10
CA LEU D 45 19.31 7.44 -10.51
C LEU D 45 17.96 8.06 -10.71
N ALA D 46 17.95 9.36 -10.95
CA ALA D 46 16.76 10.09 -11.33
C ALA D 46 16.41 9.87 -12.81
N GLY D 47 17.22 9.10 -13.54
CA GLY D 47 16.98 8.89 -14.97
C GLY D 47 17.54 9.95 -15.90
N ILE D 48 18.39 10.84 -15.39
CA ILE D 48 18.93 11.95 -16.18
C ILE D 48 20.29 11.55 -16.72
N ARG D 49 20.41 11.63 -18.04
CA ARG D 49 21.60 11.30 -18.77
C ARG D 49 22.33 12.51 -19.38
N GLU D 50 21.65 13.63 -19.52
CA GLU D 50 22.25 14.86 -20.10
C GLU D 50 22.49 15.84 -18.95
N ILE D 51 23.75 16.06 -18.65
CA ILE D 51 24.16 16.79 -17.46
C ILE D 51 25.20 17.89 -17.73
N LEU D 52 24.96 19.04 -17.18
CA LEU D 52 25.86 20.19 -17.22
C LEU D 52 26.55 20.32 -15.82
N ILE D 53 27.87 20.26 -15.83
CA ILE D 53 28.74 20.41 -14.70
C ILE D 53 29.32 21.86 -14.71
N ILE D 54 28.96 22.63 -13.69
CA ILE D 54 29.36 24.02 -13.52
C ILE D 54 30.37 24.07 -12.41
N SER D 55 31.54 24.65 -12.72
CA SER D 55 32.56 24.79 -11.69
C SER D 55 33.37 26.07 -11.91
N THR D 56 34.45 26.25 -11.16
CA THR D 56 35.25 27.48 -11.24
C THR D 56 36.15 27.44 -12.45
N PRO D 57 36.71 28.56 -12.83
CA PRO D 57 37.67 28.54 -13.93
C PRO D 57 38.80 27.57 -13.69
N GLN D 58 39.17 27.32 -12.43
CA GLN D 58 40.29 26.43 -12.16
C GLN D 58 39.90 24.94 -12.06
N ASP D 59 38.70 24.64 -11.60
CA ASP D 59 38.28 23.26 -11.49
C ASP D 59 37.58 22.67 -12.68
N THR D 60 36.96 23.52 -13.48
CA THR D 60 36.28 22.99 -14.64
C THR D 60 37.18 22.08 -15.48
N PRO D 61 38.40 22.50 -15.79
CA PRO D 61 39.27 21.61 -16.56
C PRO D 61 39.63 20.32 -15.84
N ARG D 62 39.61 20.36 -14.53
CA ARG D 62 39.84 19.12 -13.76
C ARG D 62 38.70 18.13 -13.89
N PHE D 63 37.47 18.63 -13.77
CA PHE D 63 36.32 17.79 -14.02
C PHE D 63 36.30 17.16 -15.44
N GLN D 64 36.65 17.95 -16.46
CA GLN D 64 36.65 17.42 -17.81
C GLN D 64 37.65 16.30 -17.96
N GLN D 65 38.80 16.48 -17.35
CA GLN D 65 39.84 15.48 -17.41
C GLN D 65 39.40 14.17 -16.71
N LEU D 66 38.73 14.31 -15.58
CA LEU D 66 38.27 13.12 -14.86
C LEU D 66 37.16 12.38 -15.58
N LEU D 67 36.18 13.14 -16.06
CA LEU D 67 34.93 12.58 -16.52
C LEU D 67 34.69 12.62 -18.04
N GLY D 68 35.47 13.44 -18.74
CA GLY D 68 35.29 13.58 -20.19
C GLY D 68 33.91 13.95 -20.64
N ASP D 69 33.43 13.38 -21.74
CA ASP D 69 32.08 13.74 -22.26
C ASP D 69 30.98 12.81 -21.79
N GLY D 70 31.32 11.89 -20.92
CA GLY D 70 30.34 10.98 -20.36
C GLY D 70 29.92 9.76 -21.21
N SER D 71 30.32 9.77 -22.46
CA SER D 71 29.95 8.71 -23.47
C SER D 71 30.31 7.26 -23.00
N ASN D 72 31.42 7.09 -22.29
CA ASN D 72 31.82 5.77 -21.79
C ASN D 72 30.77 5.28 -20.81
N TRP D 73 30.08 6.22 -20.17
CA TRP D 73 29.05 5.88 -19.22
C TRP D 73 27.64 6.02 -19.75
N GLY D 74 27.49 6.20 -21.06
CA GLY D 74 26.15 6.37 -21.62
C GLY D 74 25.52 7.73 -21.30
N LEU D 75 26.36 8.74 -21.07
CA LEU D 75 25.86 10.04 -20.65
C LEU D 75 26.33 11.08 -21.63
N ASP D 76 25.69 12.25 -21.54
CA ASP D 76 26.07 13.45 -22.24
C ASP D 76 26.41 14.52 -21.24
N LEU D 77 27.72 14.68 -20.99
CA LEU D 77 28.20 15.66 -20.03
C LEU D 77 28.65 16.88 -20.77
N GLN D 78 28.25 18.03 -20.27
CA GLN D 78 28.75 19.29 -20.77
C GLN D 78 29.27 20.08 -19.59
N TYR D 79 29.97 21.15 -19.91
CA TYR D 79 30.60 21.93 -18.87
C TYR D 79 30.46 23.44 -19.07
N ALA D 80 30.46 24.20 -17.96
CA ALA D 80 30.42 25.66 -18.00
C ALA D 80 31.10 26.20 -16.74
N VAL D 81 31.58 27.40 -16.83
CA VAL D 81 32.35 28.06 -15.78
C VAL D 81 31.54 29.14 -15.08
N GLN D 82 31.59 29.12 -13.75
CA GLN D 82 31.03 30.17 -12.95
C GLN D 82 32.22 31.00 -12.49
N PRO D 83 32.44 32.20 -13.02
CA PRO D 83 33.62 33.00 -12.66
C PRO D 83 33.76 33.36 -11.19
N SER D 84 32.64 33.51 -10.51
CA SER D 84 32.63 33.95 -9.13
C SER D 84 31.43 33.28 -8.46
N PRO D 85 31.60 32.86 -7.21
CA PRO D 85 30.52 32.18 -6.52
C PRO D 85 29.48 33.12 -6.01
N ASP D 86 28.74 33.63 -6.99
CA ASP D 86 27.74 34.60 -6.72
C ASP D 86 26.33 34.04 -6.45
N GLY D 87 26.21 32.72 -6.29
CA GLY D 87 24.95 32.16 -5.85
C GLY D 87 24.49 30.98 -6.62
N LEU D 88 23.78 30.12 -5.91
CA LEU D 88 23.23 28.89 -6.55
C LEU D 88 22.35 29.21 -7.75
N ALA D 89 21.58 30.28 -7.66
CA ALA D 89 20.60 30.50 -8.67
C ALA D 89 21.26 30.91 -9.97
N GLN D 90 22.52 31.31 -9.91
CA GLN D 90 23.26 31.59 -11.14
C GLN D 90 23.31 30.35 -12.06
N ALA D 91 23.27 29.15 -11.51
CA ALA D 91 23.23 27.90 -12.32
C ALA D 91 22.27 28.00 -13.51
N PHE D 92 21.12 28.59 -13.25
CA PHE D 92 20.07 28.72 -14.24
C PHE D 92 20.33 29.84 -15.25
N LEU D 93 21.24 30.78 -14.96
CA LEU D 93 21.61 31.79 -15.96
C LEU D 93 22.75 31.23 -16.82
N ILE D 94 23.71 30.58 -16.16
CA ILE D 94 24.85 29.98 -16.82
C ILE D 94 24.33 28.82 -17.61
N GLY D 95 23.30 28.16 -17.09
CA GLY D 95 22.72 27.02 -17.77
C GLY D 95 21.55 27.27 -18.66
N GLU D 96 21.19 28.53 -18.90
CA GLU D 96 20.02 28.85 -19.73
C GLU D 96 20.01 28.16 -21.09
N SER D 97 21.08 28.32 -21.88
CA SER D 97 21.08 27.69 -23.22
C SER D 97 21.03 26.16 -23.16
N PHE D 98 21.72 25.57 -22.19
CA PHE D 98 21.74 24.11 -22.02
C PHE D 98 20.35 23.56 -21.68
N ILE D 99 19.65 24.21 -20.77
CA ILE D 99 18.28 23.84 -20.41
C ILE D 99 17.26 23.93 -21.56
N GLY D 100 17.39 24.97 -22.37
CA GLY D 100 16.43 25.16 -23.45
C GLY D 100 15.00 25.28 -22.91
N ASN D 101 14.13 24.49 -23.49
CA ASN D 101 12.73 24.50 -23.17
C ASN D 101 12.41 23.29 -22.31
N ASP D 102 13.45 22.70 -21.74
CA ASP D 102 13.25 21.51 -20.90
C ASP D 102 13.04 21.76 -19.41
N LEU D 103 12.51 20.71 -18.81
CA LEU D 103 12.48 20.56 -17.37
C LEU D 103 13.87 20.33 -16.89
N SER D 104 14.11 20.56 -15.61
CA SER D 104 15.50 20.44 -15.11
C SER D 104 15.64 19.99 -13.69
N ALA D 105 16.87 19.69 -13.29
CA ALA D 105 17.15 19.36 -11.92
C ALA D 105 18.55 19.83 -11.60
N LEU D 106 18.74 20.35 -10.40
CA LEU D 106 20.01 20.80 -9.91
C LEU D 106 20.38 19.98 -8.66
N VAL D 107 21.63 19.56 -8.59
CA VAL D 107 22.14 18.96 -7.38
C VAL D 107 23.46 19.68 -7.03
N LEU D 108 23.71 19.86 -5.73
CA LEU D 108 24.90 20.52 -5.24
C LEU D 108 26.05 19.52 -5.12
N GLY D 109 27.23 20.01 -5.51
CA GLY D 109 28.46 19.25 -5.58
C GLY D 109 28.87 18.54 -4.30
N ASP D 110 28.61 19.13 -3.14
CA ASP D 110 29.01 18.60 -1.86
C ASP D 110 27.92 17.92 -1.09
N ASN D 111 26.81 17.65 -1.77
CA ASN D 111 25.68 16.91 -1.17
C ASN D 111 25.68 15.39 -1.49
N LEU D 112 25.62 14.53 -0.47
CA LEU D 112 25.60 13.10 -0.61
C LEU D 112 24.32 12.50 0.00
N TYR D 113 23.53 11.83 -0.83
CA TYR D 113 22.28 11.21 -0.41
C TYR D 113 22.45 9.69 -0.43
N TYR D 114 21.74 9.01 0.47
CA TYR D 114 21.74 7.55 0.48
C TYR D 114 20.52 6.96 1.22
N GLY D 115 19.86 6.00 0.58
CA GLY D 115 18.97 5.15 1.32
C GLY D 115 18.05 4.34 0.49
N HIS D 116 17.23 3.55 1.20
CA HIS D 116 16.29 2.62 0.59
C HIS D 116 15.23 3.34 -0.22
N ASP D 117 15.09 2.92 -1.48
CA ASP D 117 14.12 3.44 -2.39
C ASP D 117 14.34 4.94 -2.74
N PHE D 118 15.58 5.40 -2.63
CA PHE D 118 15.93 6.75 -3.14
C PHE D 118 15.60 6.84 -4.65
N HIS D 119 15.77 5.73 -5.38
CA HIS D 119 15.47 5.78 -6.79
C HIS D 119 14.00 6.09 -7.10
N GLU D 120 13.11 5.58 -6.28
CA GLU D 120 11.73 5.82 -6.45
C GLU D 120 11.39 7.23 -6.01
N LEU D 121 11.99 7.69 -4.93
CA LEU D 121 11.75 9.06 -4.46
C LEU D 121 12.14 10.03 -5.59
N LEU D 122 13.26 9.75 -6.25
CA LEU D 122 13.70 10.65 -7.35
C LEU D 122 12.73 10.54 -8.54
N GLY D 123 12.33 9.31 -8.85
CA GLY D 123 11.38 9.05 -9.90
C GLY D 123 10.08 9.79 -9.69
N SER D 124 9.57 9.73 -8.48
CA SER D 124 8.38 10.48 -8.20
C SER D 124 8.53 12.00 -8.43
N ALA D 125 9.66 12.60 -8.03
CA ALA D 125 9.80 14.03 -8.28
C ALA D 125 10.04 14.31 -9.75
N SER D 126 10.78 13.46 -10.44
CA SER D 126 11.08 13.75 -11.82
C SER D 126 9.85 13.69 -12.74
N GLN D 127 8.86 12.96 -12.30
CA GLN D 127 7.61 12.81 -13.05
C GLN D 127 6.59 13.90 -12.82
N ARG D 128 6.76 14.79 -11.86
CA ARG D 128 5.77 15.85 -11.82
C ARG D 128 6.27 17.00 -12.69
N GLN D 129 5.57 17.19 -13.80
CA GLN D 129 5.94 18.12 -14.84
C GLN D 129 5.58 19.58 -14.61
N THR D 130 4.83 19.89 -13.57
CA THR D 130 4.53 21.29 -13.30
C THR D 130 5.04 21.73 -11.94
N GLY D 131 5.52 22.93 -11.86
CA GLY D 131 6.04 23.47 -10.62
C GLY D 131 7.43 22.94 -10.25
N ALA D 132 7.71 22.87 -8.95
CA ALA D 132 9.02 22.43 -8.46
C ALA D 132 8.86 21.49 -7.30
N SER D 133 9.88 20.64 -7.12
CA SER D 133 9.92 19.69 -6.01
C SER D 133 11.28 19.88 -5.31
N VAL D 134 11.20 19.90 -4.00
CA VAL D 134 12.37 20.01 -3.17
C VAL D 134 12.15 19.05 -2.02
N PHE D 135 13.20 18.82 -1.26
CA PHE D 135 13.14 17.87 -0.17
C PHE D 135 13.53 18.47 1.15
N ALA D 136 12.80 18.09 2.20
CA ALA D 136 12.97 18.62 3.57
C ALA D 136 13.47 17.47 4.45
N TYR D 137 14.52 17.76 5.21
CA TYR D 137 15.17 16.76 6.06
C TYR D 137 15.44 17.36 7.44
N HIS D 138 15.03 16.63 8.48
CA HIS D 138 15.24 17.01 9.86
C HIS D 138 16.78 17.03 10.14
N VAL D 139 17.27 18.16 10.64
CA VAL D 139 18.69 18.36 11.00
C VAL D 139 18.89 18.98 12.37
N LEU D 140 20.09 18.78 12.93
CA LEU D 140 20.42 19.40 14.21
C LEU D 140 20.64 20.90 14.05
N ASP D 141 21.22 21.36 12.99
CA ASP D 141 21.55 22.82 13.03
C ASP D 141 20.93 23.51 11.83
N PRO D 142 19.61 23.71 11.88
CA PRO D 142 18.92 24.19 10.69
C PRO D 142 19.41 25.57 10.25
N GLU D 143 19.91 26.38 11.18
CA GLU D 143 20.42 27.72 10.86
C GLU D 143 21.53 27.76 9.76
N ARG D 144 22.13 26.62 9.48
CA ARG D 144 23.13 26.52 8.42
C ARG D 144 22.60 26.36 7.01
N TYR D 145 21.29 26.23 6.87
CA TYR D 145 20.67 25.80 5.64
C TYR D 145 19.46 26.65 5.26
N GLY D 146 18.94 26.42 4.06
CA GLY D 146 17.59 26.85 3.75
C GLY D 146 16.63 26.09 4.70
N VAL D 147 15.70 26.79 5.29
CA VAL D 147 14.77 26.23 6.24
C VAL D 147 13.31 26.43 5.75
N VAL D 148 12.58 25.34 5.89
CA VAL D 148 11.16 25.25 5.52
C VAL D 148 10.29 25.05 6.71
N GLU D 149 9.25 25.86 6.79
CA GLU D 149 8.29 25.83 7.91
C GLU D 149 6.98 25.19 7.42
N PHE D 150 6.37 24.37 8.23
CA PHE D 150 5.11 23.74 7.94
C PHE D 150 4.00 24.19 8.91
N ASP D 151 2.78 24.16 8.41
CA ASP D 151 1.61 24.43 9.21
C ASP D 151 1.22 23.18 9.98
N GLN D 152 0.20 23.33 10.85
CA GLN D 152 -0.21 22.20 11.69
C GLN D 152 -0.64 20.98 10.89
N GLY D 153 -1.01 21.20 9.64
CA GLY D 153 -1.41 20.14 8.75
C GLY D 153 -0.28 19.49 7.96
N GLY D 154 0.96 19.89 8.17
CA GLY D 154 2.08 19.32 7.43
C GLY D 154 2.36 20.00 6.12
N LYS D 155 1.68 21.11 5.85
CA LYS D 155 1.90 21.82 4.62
C LYS D 155 2.96 22.92 4.73
N ALA D 156 3.85 23.00 3.74
CA ALA D 156 4.89 24.02 3.73
C ALA D 156 4.32 25.45 3.62
N ILE D 157 4.75 26.34 4.50
CA ILE D 157 4.27 27.71 4.50
C ILE D 157 5.30 28.82 4.42
N SER D 158 6.57 28.56 4.62
CA SER D 158 7.60 29.59 4.48
C SER D 158 8.95 28.94 4.27
N LEU D 159 9.82 29.75 3.64
CA LEU D 159 11.23 29.42 3.48
C LEU D 159 12.10 30.64 3.89
N GLU D 160 13.27 30.35 4.51
CA GLU D 160 14.21 31.34 4.92
C GLU D 160 15.56 30.73 4.77
N GLU D 161 16.46 31.52 4.17
CA GLU D 161 17.86 31.10 4.00
C GLU D 161 18.73 31.41 5.24
N LYS D 162 19.16 30.39 5.97
CA LYS D 162 20.10 30.59 7.11
C LYS D 162 19.54 31.56 8.12
N PRO D 163 18.32 31.29 8.56
CA PRO D 163 17.62 32.14 9.51
C PRO D 163 18.31 32.18 10.90
N LEU D 164 18.35 33.35 11.51
CA LEU D 164 18.93 33.45 12.84
C LEU D 164 18.08 32.74 13.86
N GLU D 165 16.78 32.74 13.66
CA GLU D 165 15.83 32.03 14.54
C GLU D 165 15.00 31.14 13.62
N PRO D 166 15.50 29.96 13.35
CA PRO D 166 14.78 29.04 12.47
C PRO D 166 13.42 28.67 12.98
N LYS D 167 12.48 28.59 12.05
CA LYS D 167 11.09 28.26 12.38
C LYS D 167 10.82 26.74 12.49
N SER D 168 11.78 25.92 12.10
CA SER D 168 11.67 24.45 12.23
C SER D 168 13.04 23.90 12.23
N ASN D 169 13.11 22.58 12.39
CA ASN D 169 14.35 21.92 12.19
C ASN D 169 14.49 21.25 10.81
N TYR D 170 13.71 21.65 9.79
CA TYR D 170 13.74 21.01 8.48
C TYR D 170 14.52 21.87 7.49
N ALA D 171 15.67 21.36 7.06
CA ALA D 171 16.50 21.91 6.03
C ALA D 171 16.00 21.52 4.67
N VAL D 172 16.11 22.45 3.73
CA VAL D 172 15.82 22.15 2.32
C VAL D 172 17.14 21.72 1.69
N THR D 173 17.22 20.45 1.25
CA THR D 173 18.48 19.84 0.84
C THR D 173 18.91 20.37 -0.51
N GLY D 174 20.13 20.02 -0.95
CA GLY D 174 20.70 20.52 -2.20
C GLY D 174 20.32 19.70 -3.45
N LEU D 175 19.02 19.48 -3.62
CA LEU D 175 18.48 18.73 -4.75
C LEU D 175 17.13 19.36 -5.09
N TYR D 176 17.00 19.76 -6.31
CA TYR D 176 15.89 20.58 -6.76
C TYR D 176 15.46 20.19 -8.19
N PHE D 177 14.14 19.96 -8.35
CA PHE D 177 13.45 19.65 -9.60
C PHE D 177 12.58 20.85 -10.04
N TYR D 178 12.79 21.31 -11.27
CA TYR D 178 12.09 22.48 -11.77
C TYR D 178 11.44 22.28 -13.12
N ASP D 179 10.37 23.03 -13.35
CA ASP D 179 9.71 23.04 -14.65
C ASP D 179 10.34 24.18 -15.44
N GLN D 180 9.71 24.60 -16.51
CA GLN D 180 10.30 25.60 -17.38
C GLN D 180 10.28 27.02 -16.87
N GLN D 181 9.66 27.26 -15.74
CA GLN D 181 9.56 28.58 -15.18
C GLN D 181 10.83 29.06 -14.52
N VAL D 182 11.72 28.14 -14.17
CA VAL D 182 12.90 28.46 -13.35
C VAL D 182 13.87 29.53 -13.96
N VAL D 183 14.15 29.45 -15.25
CA VAL D 183 15.05 30.41 -15.82
C VAL D 183 14.59 31.89 -15.65
N ASP D 184 13.33 32.15 -15.96
CA ASP D 184 12.81 33.52 -15.88
C ASP D 184 12.72 34.00 -14.43
N ILE D 185 12.43 33.06 -13.51
CA ILE D 185 12.43 33.37 -12.11
C ILE D 185 13.87 33.78 -11.75
N ALA D 186 14.84 33.00 -12.20
CA ALA D 186 16.21 33.28 -11.82
C ALA D 186 16.67 34.63 -12.40
N ARG D 187 16.27 34.90 -13.64
CA ARG D 187 16.65 36.13 -14.36
C ARG D 187 16.20 37.39 -13.65
N ASP D 188 15.09 37.28 -12.90
CA ASP D 188 14.50 38.42 -12.19
C ASP D 188 15.05 38.65 -10.79
N LEU D 189 15.83 37.70 -10.27
CA LEU D 189 16.34 37.85 -8.93
C LEU D 189 17.36 38.97 -8.78
N LYS D 190 17.32 39.56 -7.60
CA LYS D 190 18.37 40.43 -7.17
C LYS D 190 19.11 39.70 -6.04
N PRO D 191 20.38 40.03 -5.89
CA PRO D 191 21.23 39.44 -4.86
C PRO D 191 20.63 39.76 -3.52
N SER D 192 20.73 38.80 -2.62
CA SER D 192 20.27 38.99 -1.29
C SER D 192 21.30 39.85 -0.57
N PRO D 193 21.01 40.18 0.67
CA PRO D 193 21.96 40.87 1.54
C PRO D 193 23.25 40.08 1.77
N ARG D 194 23.19 38.76 1.63
N ARG D 194 23.20 38.76 1.65
CA ARG D 194 24.39 37.93 1.75
CA ARG D 194 24.41 37.95 1.75
C ARG D 194 25.26 38.20 0.52
C ARG D 194 25.26 38.21 0.52
N GLY D 195 24.65 38.78 -0.50
CA GLY D 195 25.33 39.09 -1.74
C GLY D 195 25.28 37.89 -2.71
N GLU D 196 24.31 36.99 -2.52
CA GLU D 196 24.16 35.84 -3.39
C GLU D 196 22.80 35.86 -4.10
N LEU D 197 22.77 35.29 -5.31
CA LEU D 197 21.56 34.96 -6.04
C LEU D 197 21.08 33.61 -5.50
N GLU D 198 20.03 33.66 -4.66
CA GLU D 198 19.65 32.51 -3.81
C GLU D 198 18.69 31.51 -4.38
N ILE D 199 18.99 30.22 -4.18
CA ILE D 199 18.08 29.20 -4.61
C ILE D 199 16.82 29.25 -3.74
N THR D 200 16.95 29.69 -2.48
CA THR D 200 15.78 29.80 -1.66
C THR D 200 14.77 30.83 -2.21
N ASP D 201 15.29 31.86 -2.81
CA ASP D 201 14.46 32.87 -3.47
C ASP D 201 13.77 32.24 -4.69
N VAL D 202 14.47 31.40 -5.46
CA VAL D 202 13.82 30.64 -6.54
C VAL D 202 12.70 29.76 -5.96
N ASN D 203 13.02 29.00 -4.93
CA ASN D 203 12.01 28.10 -4.34
C ASN D 203 10.82 28.92 -3.76
N ARG D 204 11.12 30.08 -3.20
CA ARG D 204 10.02 30.90 -2.68
C ARG D 204 9.11 31.40 -3.81
N ALA D 205 9.68 31.71 -4.96
CA ALA D 205 8.85 32.12 -6.09
C ALA D 205 7.81 31.06 -6.45
N TYR D 206 8.19 29.80 -6.39
CA TYR D 206 7.26 28.75 -6.68
C TYR D 206 6.25 28.60 -5.55
N LEU D 207 6.71 28.67 -4.32
CA LEU D 207 5.82 28.55 -3.14
C LEU D 207 4.71 29.64 -3.17
N GLU D 208 5.08 30.87 -3.57
CA GLU D 208 4.12 31.99 -3.61
C GLU D 208 3.06 31.85 -4.74
N ARG D 209 3.28 30.91 -5.64
CA ARG D 209 2.38 30.64 -6.74
C ARG D 209 1.63 29.32 -6.46
N GLY D 210 1.84 28.75 -5.28
CA GLY D 210 1.23 27.47 -4.94
C GLY D 210 1.74 26.31 -5.75
N GLN D 211 3.02 26.36 -6.17
CA GLN D 211 3.54 25.37 -7.12
C GLN D 211 4.81 24.77 -6.67
N LEU D 212 5.04 24.78 -5.36
CA LEU D 212 6.22 24.14 -4.78
C LEU D 212 5.79 22.92 -3.99
N SER D 213 6.27 21.77 -4.42
CA SER D 213 6.05 20.53 -3.72
C SER D 213 7.22 20.28 -2.74
N VAL D 214 6.96 20.27 -1.47
CA VAL D 214 8.00 19.97 -0.49
C VAL D 214 7.75 18.59 0.05
N GLU D 215 8.59 17.66 -0.33
CA GLU D 215 8.52 16.30 0.17
C GLU D 215 9.45 16.09 1.32
N ILE D 216 8.96 15.45 2.38
CA ILE D 216 9.85 15.08 3.49
C ILE D 216 10.72 13.90 3.10
N MET D 217 12.03 14.07 3.26
CA MET D 217 13.00 13.03 3.09
C MET D 217 13.15 12.45 4.52
N GLY D 218 12.65 11.26 4.71
CA GLY D 218 12.55 10.67 6.06
C GLY D 218 13.88 10.39 6.72
N ARG D 219 13.85 10.20 8.05
CA ARG D 219 15.08 9.99 8.85
C ARG D 219 15.81 8.68 8.50
N GLY D 220 15.16 7.80 7.76
CA GLY D 220 15.84 6.58 7.27
C GLY D 220 16.82 6.83 6.16
N TYR D 221 16.73 7.98 5.49
CA TYR D 221 17.73 8.34 4.53
C TYR D 221 18.87 9.04 5.22
N ALA D 222 20.03 8.94 4.60
CA ALA D 222 21.18 9.80 4.98
C ALA D 222 21.31 10.91 3.99
N TRP D 223 21.43 12.11 4.51
CA TRP D 223 21.70 13.30 3.73
C TRP D 223 22.85 14.00 4.43
N LEU D 224 24.01 13.96 3.80
CA LEU D 224 25.27 14.43 4.36
C LEU D 224 25.84 15.55 3.50
N ASP D 225 26.51 16.49 4.14
CA ASP D 225 27.08 17.69 3.49
C ASP D 225 28.63 17.45 3.67
N THR D 226 29.41 17.41 2.57
CA THR D 226 30.81 17.13 2.72
C THR D 226 31.63 18.35 2.76
N GLY D 227 31.04 19.48 3.14
CA GLY D 227 31.65 20.78 3.13
C GLY D 227 32.65 21.20 4.18
N THR D 228 32.88 20.40 5.23
CA THR D 228 33.89 20.75 6.24
C THR D 228 34.86 19.58 6.37
N HIS D 229 36.01 19.81 7.01
CA HIS D 229 36.92 18.70 7.24
C HIS D 229 36.29 17.59 8.04
N ASP D 230 35.61 17.95 9.09
CA ASP D 230 34.95 16.95 9.90
C ASP D 230 33.85 16.15 9.14
N SER D 231 33.04 16.84 8.34
CA SER D 231 31.93 16.15 7.72
C SER D 231 32.43 15.27 6.58
N LEU D 232 33.58 15.64 6.00
CA LEU D 232 34.16 14.87 4.95
C LEU D 232 34.62 13.56 5.59
N LEU D 233 35.30 13.68 6.72
CA LEU D 233 35.64 12.46 7.44
C LEU D 233 34.47 11.53 7.80
N GLU D 234 33.43 12.11 8.35
CA GLU D 234 32.28 11.33 8.72
C GLU D 234 31.62 10.63 7.52
N ALA D 235 31.59 11.32 6.40
CA ALA D 235 31.01 10.74 5.19
C ALA D 235 31.85 9.58 4.67
N GLY D 236 33.19 9.71 4.71
CA GLY D 236 34.04 8.61 4.32
C GLY D 236 33.82 7.37 5.15
N GLN D 237 33.71 7.56 6.46
N GLN D 237 33.72 7.57 6.46
CA GLN D 237 33.49 6.44 7.32
CA GLN D 237 33.48 6.45 7.35
C GLN D 237 32.14 5.83 7.01
C GLN D 237 32.14 5.83 7.03
N PHE D 238 31.16 6.67 6.71
CA PHE D 238 29.79 6.17 6.45
C PHE D 238 29.79 5.23 5.24
N ILE D 239 30.34 5.73 4.14
CA ILE D 239 30.52 4.93 2.90
C ILE D 239 31.34 3.69 3.11
N ALA D 240 32.45 3.82 3.83
CA ALA D 240 33.24 2.64 4.11
C ALA D 240 32.49 1.54 4.84
N THR D 241 31.74 1.90 5.85
CA THR D 241 31.05 0.92 6.63
C THR D 241 30.02 0.18 5.73
N LEU D 242 29.30 0.91 4.90
CA LEU D 242 28.31 0.25 4.03
C LEU D 242 28.99 -0.65 3.01
N GLU D 243 30.03 -0.13 2.35
CA GLU D 243 30.71 -0.90 1.29
C GLU D 243 31.40 -2.16 1.78
N ASN D 244 32.05 -2.05 2.92
CA ASN D 244 32.67 -3.19 3.55
C ASN D 244 31.73 -4.26 4.10
N ARG D 245 30.54 -3.86 4.54
CA ARG D 245 29.56 -4.80 5.01
C ARG D 245 28.90 -5.52 3.83
N GLN D 246 28.57 -4.77 2.82
CA GLN D 246 27.74 -5.25 1.69
C GLN D 246 28.48 -5.92 0.53
N GLY D 247 29.74 -5.54 0.32
CA GLY D 247 30.46 -5.98 -0.88
C GLY D 247 29.89 -5.32 -2.13
N LEU D 248 29.17 -4.22 -1.94
CA LEU D 248 28.62 -3.37 -3.02
C LEU D 248 29.16 -1.97 -2.84
N LYS D 249 29.32 -1.23 -3.93
CA LYS D 249 29.87 0.09 -3.82
C LYS D 249 28.78 1.11 -3.99
N VAL D 250 28.84 2.22 -3.26
CA VAL D 250 27.91 3.36 -3.45
C VAL D 250 28.41 4.33 -4.54
N ALA D 251 27.51 4.71 -5.45
CA ALA D 251 27.77 5.76 -6.44
C ALA D 251 28.85 5.44 -7.42
N CYS D 252 28.86 4.17 -7.85
N CYS D 252 28.87 4.17 -7.84
CA CYS D 252 29.67 3.74 -8.94
CA CYS D 252 29.66 3.77 -8.99
C CYS D 252 28.87 4.08 -10.23
C CYS D 252 28.87 4.07 -10.24
N PRO D 253 29.25 5.11 -10.95
CA PRO D 253 28.53 5.45 -12.17
C PRO D 253 28.48 4.31 -13.22
N GLU D 254 29.56 3.54 -13.30
CA GLU D 254 29.60 2.49 -14.26
C GLU D 254 28.51 1.50 -13.94
N GLU D 255 28.33 1.19 -12.65
CA GLU D 255 27.33 0.21 -12.25
C GLU D 255 25.95 0.70 -12.56
N ILE D 256 25.71 1.94 -12.18
CA ILE D 256 24.40 2.52 -12.43
C ILE D 256 24.06 2.56 -13.94
N ALA D 257 25.02 2.95 -14.77
CA ALA D 257 24.81 3.01 -16.21
C ALA D 257 24.42 1.60 -16.72
N TYR D 258 25.11 0.61 -16.19
CA TYR D 258 24.89 -0.79 -16.58
C TYR D 258 23.49 -1.23 -16.19
N ARG D 259 23.13 -1.00 -14.95
N ARG D 259 23.13 -1.01 -14.94
CA ARG D 259 21.82 -1.41 -14.41
CA ARG D 259 21.81 -1.41 -14.42
C ARG D 259 20.69 -0.73 -15.15
C ARG D 259 20.69 -0.72 -15.14
N GLN D 260 20.90 0.52 -15.55
CA GLN D 260 19.90 1.28 -16.33
C GLN D 260 19.91 0.94 -17.82
N LYS D 261 20.85 0.07 -18.22
CA LYS D 261 20.97 -0.34 -19.62
C LYS D 261 21.50 0.78 -20.53
N TRP D 262 22.19 1.78 -19.97
CA TRP D 262 22.78 2.87 -20.72
C TRP D 262 24.09 2.43 -21.34
N ILE D 263 24.70 1.42 -20.78
CA ILE D 263 25.82 0.73 -21.42
C ILE D 263 25.56 -0.78 -21.34
N ASP D 264 26.10 -1.56 -22.26
CA ASP D 264 25.96 -3.03 -22.15
C ASP D 264 27.13 -3.70 -21.44
N ALA D 265 27.10 -5.02 -21.41
CA ALA D 265 28.11 -5.81 -20.72
C ALA D 265 29.50 -5.70 -21.34
N ALA D 266 29.54 -5.66 -22.66
CA ALA D 266 30.80 -5.52 -23.39
C ALA D 266 31.46 -4.19 -23.02
N GLN D 267 30.66 -3.12 -22.95
CA GLN D 267 31.17 -1.80 -22.55
C GLN D 267 31.68 -1.78 -21.12
N LEU D 268 30.93 -2.40 -20.22
CA LEU D 268 31.34 -2.42 -18.84
C LEU D 268 32.65 -3.17 -18.72
N GLU D 269 32.77 -4.29 -19.45
CA GLU D 269 33.98 -5.11 -19.42
C GLU D 269 35.18 -4.26 -19.81
N LYS D 270 35.00 -3.41 -20.84
CA LYS D 270 36.05 -2.52 -21.30
C LYS D 270 36.36 -1.42 -20.26
N LEU D 271 35.36 -0.97 -19.51
CA LEU D 271 35.66 -0.05 -18.44
C LEU D 271 36.44 -0.69 -17.28
N ALA D 272 36.20 -1.96 -17.00
CA ALA D 272 36.85 -2.65 -15.87
C ALA D 272 38.37 -2.88 -16.07
N ALA D 273 38.78 -3.13 -17.31
CA ALA D 273 40.17 -3.46 -17.66
C ALA D 273 41.23 -2.57 -17.01
N PRO D 274 41.31 -1.31 -17.37
CA PRO D 274 42.36 -0.45 -16.81
C PRO D 274 42.31 -0.35 -15.29
N LEU D 275 41.17 -0.71 -14.69
CA LEU D 275 41.02 -0.64 -13.24
C LEU D 275 41.10 -2.04 -12.65
N ALA D 276 41.45 -2.98 -13.51
CA ALA D 276 41.44 -4.40 -13.16
C ALA D 276 42.39 -4.69 -12.02
N LYS D 277 43.39 -3.83 -11.84
CA LYS D 277 44.45 -4.06 -10.87
C LYS D 277 44.13 -3.51 -9.48
N ASN D 278 42.92 -3.01 -9.29
CA ASN D 278 42.52 -2.60 -7.95
C ASN D 278 41.10 -3.12 -7.69
N GLY D 279 40.60 -2.84 -6.49
CA GLY D 279 39.33 -3.36 -6.09
C GLY D 279 38.17 -2.85 -6.92
N TYR D 280 38.33 -1.62 -7.41
CA TYR D 280 37.29 -0.95 -8.20
C TYR D 280 37.03 -1.69 -9.50
N GLY D 281 38.07 -1.93 -10.29
CA GLY D 281 37.94 -2.71 -11.51
C GLY D 281 37.48 -4.13 -11.22
N GLN D 282 38.03 -4.73 -10.19
CA GLN D 282 37.57 -6.07 -9.85
C GLN D 282 36.07 -6.05 -9.53
N TYR D 283 35.59 -4.97 -8.91
CA TYR D 283 34.17 -4.84 -8.59
C TYR D 283 33.30 -4.83 -9.85
N LEU D 284 33.69 -3.99 -10.80
CA LEU D 284 32.98 -3.91 -12.07
C LEU D 284 32.92 -5.27 -12.76
N LYS D 285 34.05 -5.97 -12.79
CA LYS D 285 34.09 -7.29 -13.41
C LYS D 285 33.07 -8.22 -12.76
N ARG D 286 32.97 -8.16 -11.47
CA ARG D 286 32.04 -9.05 -10.74
C ARG D 286 30.56 -8.83 -11.07
N LEU D 287 30.21 -7.58 -11.33
CA LEU D 287 28.85 -7.23 -11.68
C LEU D 287 28.39 -7.85 -12.98
N LEU D 288 29.35 -8.36 -13.76
CA LEU D 288 28.98 -9.02 -14.99
C LEU D 288 28.47 -10.44 -14.73
N THR D 289 28.92 -11.06 -13.64
CA THR D 289 28.63 -12.48 -13.30
C THR D 289 27.83 -12.73 -12.01
N GLU D 290 27.21 -11.69 -11.52
CA GLU D 290 26.44 -11.79 -10.31
C GLU D 290 25.11 -11.07 -10.47
N THR D 291 24.01 -11.68 -10.04
CA THR D 291 22.72 -11.01 -9.98
C THR D 291 22.60 -10.27 -8.65
N VAL D 292 22.37 -8.98 -8.71
CA VAL D 292 22.21 -8.19 -7.48
C VAL D 292 20.81 -7.62 -7.53
N TYR D 293 20.02 -7.92 -6.52
CA TYR D 293 18.65 -7.49 -6.42
C TYR D 293 18.49 -6.10 -5.83
N LYS E 2 -16.56 -40.05 5.43
CA LYS E 2 -17.95 -39.52 5.70
C LYS E 2 -17.92 -37.99 6.05
N ARG E 3 -18.48 -37.15 5.21
CA ARG E 3 -18.66 -35.77 5.64
C ARG E 3 -20.07 -35.41 5.96
N LYS E 4 -20.27 -34.81 7.12
CA LYS E 4 -21.57 -34.32 7.48
C LYS E 4 -21.70 -32.84 7.20
N GLY E 5 -22.91 -32.38 6.98
CA GLY E 5 -23.14 -30.99 6.63
C GLY E 5 -23.97 -30.25 7.67
N ILE E 6 -23.81 -28.95 7.71
CA ILE E 6 -24.55 -28.07 8.61
C ILE E 6 -25.01 -26.85 7.78
N ILE E 7 -26.30 -26.53 7.85
CA ILE E 7 -26.84 -25.28 7.34
C ILE E 7 -27.13 -24.39 8.54
N LEU E 8 -26.52 -23.19 8.55
CA LEU E 8 -26.80 -22.22 9.58
C LEU E 8 -27.78 -21.21 9.00
N ALA E 9 -28.98 -21.26 9.55
CA ALA E 9 -30.15 -20.59 9.02
C ALA E 9 -30.92 -19.81 10.06
N GLY E 10 -30.21 -19.31 11.06
CA GLY E 10 -30.82 -18.47 12.05
C GLY E 10 -30.53 -17.02 11.71
N GLY E 11 -30.16 -16.25 12.72
CA GLY E 11 -29.71 -14.87 12.51
C GLY E 11 -30.55 -13.81 13.16
N SER E 12 -29.91 -12.67 13.44
CA SER E 12 -30.54 -11.53 14.11
C SER E 12 -32.01 -11.23 13.74
N GLY E 13 -32.28 -10.99 12.45
CA GLY E 13 -33.62 -10.66 12.01
C GLY E 13 -33.87 -9.20 11.65
N THR E 14 -33.68 -8.31 12.64
CA THR E 14 -33.90 -6.84 12.56
C THR E 14 -33.76 -6.11 11.23
N ARG E 15 -32.71 -6.40 10.46
CA ARG E 15 -32.48 -5.70 9.20
C ARG E 15 -33.71 -5.77 8.25
N LEU E 16 -34.23 -6.97 7.97
CA LEU E 16 -35.31 -7.14 6.98
C LEU E 16 -36.74 -6.84 7.47
N HIS E 17 -36.90 -6.37 8.69
CA HIS E 17 -38.22 -5.96 9.11
C HIS E 17 -38.72 -4.80 8.27
N PRO E 18 -40.04 -4.64 8.21
CA PRO E 18 -41.02 -5.54 8.82
C PRO E 18 -41.33 -6.78 7.99
N ALA E 19 -40.68 -6.87 6.83
CA ALA E 19 -40.84 -8.00 5.90
C ALA E 19 -40.69 -9.38 6.57
N THR E 20 -39.71 -9.51 7.45
CA THR E 20 -39.42 -10.80 8.09
C THR E 20 -40.21 -11.04 9.40
N LEU E 21 -40.95 -10.04 9.83
CA LEU E 21 -41.72 -10.17 11.06
C LEU E 21 -42.37 -11.56 11.12
N ALA E 22 -43.18 -11.86 10.11
CA ALA E 22 -43.89 -13.12 9.99
C ALA E 22 -43.00 -14.33 9.64
N ILE E 23 -41.77 -14.08 9.18
CA ILE E 23 -40.91 -15.15 8.63
C ILE E 23 -39.36 -14.99 8.73
N SER E 24 -38.68 -16.01 9.24
CA SER E 24 -37.23 -16.04 9.09
C SER E 24 -36.91 -15.72 7.62
N LYS E 25 -35.84 -14.98 7.39
CA LYS E 25 -35.38 -14.74 6.03
C LYS E 25 -35.31 -16.04 5.20
N GLN E 26 -34.78 -17.12 5.80
CA GLN E 26 -34.48 -18.34 5.03
C GLN E 26 -35.71 -19.19 4.66
N LEU E 27 -36.88 -18.75 5.11
CA LEU E 27 -38.11 -19.35 4.70
C LEU E 27 -38.69 -18.57 3.52
N LEU E 28 -38.16 -17.40 3.19
CA LEU E 28 -38.70 -16.60 2.10
C LEU E 28 -38.32 -17.23 0.75
N PRO E 29 -39.19 -17.16 -0.23
CA PRO E 29 -38.85 -17.69 -1.55
C PRO E 29 -37.77 -16.88 -2.26
N VAL E 30 -36.92 -17.54 -3.03
CA VAL E 30 -36.06 -16.88 -4.01
C VAL E 30 -36.67 -17.29 -5.35
N TYR E 31 -37.48 -16.37 -5.90
CA TYR E 31 -38.30 -16.61 -7.10
C TYR E 31 -39.39 -17.63 -6.82
N ASP E 32 -39.09 -18.95 -6.93
CA ASP E 32 -40.12 -20.02 -6.95
C ASP E 32 -39.97 -21.09 -5.91
N LYS E 33 -38.98 -21.00 -5.05
CA LYS E 33 -38.85 -22.02 -3.99
C LYS E 33 -38.22 -21.45 -2.71
N PRO E 34 -38.40 -22.09 -1.56
CA PRO E 34 -37.90 -21.53 -0.31
C PRO E 34 -36.41 -21.32 -0.34
N MET E 35 -35.94 -20.21 0.21
N MET E 35 -35.93 -20.22 0.22
CA MET E 35 -34.48 -19.90 0.20
CA MET E 35 -34.49 -19.90 0.21
C MET E 35 -33.62 -21.07 0.67
C MET E 35 -33.62 -21.07 0.67
N ILE E 36 -34.04 -21.74 1.73
CA ILE E 36 -33.27 -22.88 2.22
C ILE E 36 -32.90 -23.95 1.18
N TYR E 37 -33.70 -24.10 0.13
CA TYR E 37 -33.45 -25.15 -0.87
C TYR E 37 -32.09 -24.93 -1.53
N TYR E 38 -31.68 -23.65 -1.63
CA TYR E 38 -30.44 -23.31 -2.31
C TYR E 38 -29.18 -23.83 -1.59
N PRO E 39 -28.95 -23.43 -0.34
CA PRO E 39 -27.80 -24.02 0.40
C PRO E 39 -27.95 -25.51 0.64
N LEU E 40 -29.19 -26.01 0.76
CA LEU E 40 -29.40 -27.43 0.93
C LEU E 40 -28.89 -28.16 -0.30
N SER E 41 -29.25 -27.62 -1.47
CA SER E 41 -28.81 -28.15 -2.76
C SER E 41 -27.29 -28.16 -2.85
N THR E 42 -26.65 -27.11 -2.36
CA THR E 42 -25.21 -27.05 -2.32
C THR E 42 -24.58 -28.22 -1.56
N LEU E 43 -25.05 -28.55 -0.36
CA LEU E 43 -24.55 -29.72 0.34
C LEU E 43 -24.77 -31.03 -0.40
N MET E 44 -25.94 -31.16 -0.97
CA MET E 44 -26.33 -32.35 -1.71
C MET E 44 -25.37 -32.49 -2.91
N LEU E 45 -25.02 -31.40 -3.57
CA LEU E 45 -24.20 -31.51 -4.75
C LEU E 45 -22.79 -31.84 -4.38
N ALA E 46 -22.45 -31.60 -3.12
CA ALA E 46 -21.16 -31.98 -2.55
C ALA E 46 -21.13 -33.44 -2.15
N GLY E 47 -22.25 -34.15 -2.27
CA GLY E 47 -22.24 -35.55 -1.92
C GLY E 47 -22.69 -35.79 -0.48
N ILE E 48 -23.17 -34.75 0.19
CA ILE E 48 -23.53 -34.82 1.61
C ILE E 48 -25.03 -35.14 1.73
N ARG E 49 -25.31 -36.21 2.46
CA ARG E 49 -26.68 -36.67 2.72
C ARG E 49 -27.13 -36.45 4.14
N GLU E 50 -26.19 -36.42 5.08
CA GLU E 50 -26.54 -36.26 6.50
C GLU E 50 -26.34 -34.78 6.94
N ILE E 51 -27.44 -34.07 7.17
CA ILE E 51 -27.39 -32.63 7.38
C ILE E 51 -28.13 -32.12 8.62
N LEU E 52 -27.48 -31.24 9.34
CA LEU E 52 -28.03 -30.63 10.54
C LEU E 52 -28.41 -29.19 10.16
N ILE E 53 -29.65 -28.83 10.41
CA ILE E 53 -30.14 -27.51 10.13
C ILE E 53 -30.26 -26.77 11.44
N ILE E 54 -29.58 -25.63 11.57
CA ILE E 54 -29.60 -24.85 12.82
C ILE E 54 -30.36 -23.53 12.58
N SER E 55 -31.31 -23.20 13.44
CA SER E 55 -32.03 -21.93 13.34
C SER E 55 -32.43 -21.43 14.72
N THR E 56 -33.27 -20.42 14.74
CA THR E 56 -33.67 -19.83 16.00
C THR E 56 -34.69 -20.69 16.68
N PRO E 57 -34.98 -20.41 17.93
CA PRO E 57 -36.00 -21.23 18.59
C PRO E 57 -37.33 -21.18 17.89
N GLN E 58 -37.69 -20.05 17.32
CA GLN E 58 -38.99 -19.93 16.72
C GLN E 58 -38.99 -20.50 15.29
N ASP E 59 -37.87 -20.42 14.59
CA ASP E 59 -37.82 -20.94 13.20
C ASP E 59 -37.47 -22.41 13.02
N THR E 60 -36.73 -23.00 13.97
CA THR E 60 -36.30 -24.38 13.78
C THR E 60 -37.52 -25.28 13.55
N PRO E 61 -38.55 -25.22 14.38
CA PRO E 61 -39.75 -26.06 14.18
C PRO E 61 -40.39 -25.82 12.80
N ARG E 62 -40.26 -24.62 12.27
CA ARG E 62 -40.76 -24.34 10.93
C ARG E 62 -39.99 -25.13 9.85
N PHE E 63 -38.67 -25.14 9.91
CA PHE E 63 -37.87 -25.92 8.97
C PHE E 63 -38.21 -27.41 9.03
N GLN E 64 -38.45 -27.91 10.24
CA GLN E 64 -38.80 -29.34 10.48
C GLN E 64 -40.17 -29.64 9.85
N GLN E 65 -41.15 -28.78 10.06
CA GLN E 65 -42.43 -28.92 9.35
C GLN E 65 -42.25 -28.93 7.79
N LEU E 66 -41.41 -28.05 7.28
CA LEU E 66 -41.24 -27.93 5.85
C LEU E 66 -40.44 -29.09 5.22
N LEU E 67 -39.41 -29.54 5.92
CA LEU E 67 -38.45 -30.46 5.32
C LEU E 67 -38.50 -31.90 5.88
N GLY E 68 -39.06 -32.05 7.07
CA GLY E 68 -39.12 -33.36 7.69
C GLY E 68 -37.78 -33.97 8.01
N ASP E 69 -37.75 -35.31 8.05
CA ASP E 69 -36.50 -35.96 8.34
C ASP E 69 -35.66 -36.14 7.05
N GLY E 70 -36.20 -35.69 5.93
CA GLY E 70 -35.45 -35.73 4.65
C GLY E 70 -35.51 -37.10 3.92
N SER E 71 -36.06 -38.12 4.59
CA SER E 71 -36.23 -39.52 4.04
C SER E 71 -36.89 -39.52 2.64
N ASN E 72 -37.90 -38.68 2.44
CA ASN E 72 -38.50 -38.50 1.12
C ASN E 72 -37.49 -38.12 0.00
N TRP E 73 -36.38 -37.47 0.36
CA TRP E 73 -35.36 -37.01 -0.58
C TRP E 73 -34.09 -37.82 -0.45
N GLY E 74 -34.12 -38.94 0.26
CA GLY E 74 -32.94 -39.78 0.48
C GLY E 74 -31.88 -39.15 1.37
N LEU E 75 -32.30 -38.19 2.19
CA LEU E 75 -31.41 -37.53 3.14
C LEU E 75 -31.72 -37.94 4.58
N ASP E 76 -30.85 -37.55 5.47
CA ASP E 76 -31.02 -37.67 6.93
C ASP E 76 -30.87 -36.27 7.51
N LEU E 77 -32.00 -35.64 7.76
CA LEU E 77 -32.01 -34.27 8.25
C LEU E 77 -32.28 -34.26 9.72
N GLN E 78 -31.47 -33.49 10.42
CA GLN E 78 -31.57 -33.24 11.85
C GLN E 78 -31.66 -31.75 12.12
N TYR E 79 -32.14 -31.39 13.30
CA TYR E 79 -32.39 -30.04 13.65
C TYR E 79 -31.85 -29.70 15.01
N ALA E 80 -31.35 -28.47 15.16
CA ALA E 80 -30.91 -27.93 16.43
C ALA E 80 -31.17 -26.44 16.51
N VAL E 81 -31.33 -25.94 17.73
CA VAL E 81 -31.61 -24.54 17.93
C VAL E 81 -30.41 -23.74 18.40
N GLN E 82 -30.33 -22.51 17.91
CA GLN E 82 -29.32 -21.59 18.33
C GLN E 82 -30.06 -20.54 19.11
N PRO E 83 -29.97 -20.57 20.43
CA PRO E 83 -30.72 -19.64 21.28
C PRO E 83 -30.51 -18.18 20.98
N SER E 84 -29.30 -17.81 20.65
CA SER E 84 -28.96 -16.42 20.36
C SER E 84 -27.94 -16.36 19.23
N PRO E 85 -27.98 -15.39 18.33
CA PRO E 85 -27.06 -15.42 17.17
C PRO E 85 -25.74 -14.88 17.55
N ASP E 86 -24.96 -15.68 18.27
CA ASP E 86 -23.73 -15.23 18.84
C ASP E 86 -22.54 -15.56 17.98
N GLY E 87 -22.79 -15.96 16.73
CA GLY E 87 -21.71 -16.07 15.77
C GLY E 87 -21.71 -17.36 14.99
N LEU E 88 -21.19 -17.30 13.77
CA LEU E 88 -21.20 -18.45 12.89
C LEU E 88 -20.47 -19.62 13.48
N ALA E 89 -19.40 -19.38 14.20
CA ALA E 89 -18.62 -20.50 14.70
C ALA E 89 -19.37 -21.31 15.78
N GLN E 90 -20.41 -20.75 16.34
CA GLN E 90 -21.24 -21.45 17.32
C GLN E 90 -21.87 -22.72 16.71
N ALA E 91 -21.91 -22.76 15.39
CA ALA E 91 -22.51 -23.91 14.73
C ALA E 91 -21.78 -25.17 15.08
N PHE E 92 -20.49 -25.09 15.33
CA PHE E 92 -19.67 -26.24 15.62
C PHE E 92 -19.85 -26.65 17.09
N LEU E 93 -20.31 -25.72 17.91
CA LEU E 93 -20.59 -26.07 19.32
C LEU E 93 -21.96 -26.78 19.40
N ILE E 94 -22.96 -26.12 18.81
CA ILE E 94 -24.29 -26.65 18.71
C ILE E 94 -24.25 -28.03 18.05
N GLY E 95 -23.49 -28.20 16.99
CA GLY E 95 -23.47 -29.47 16.30
C GLY E 95 -22.31 -30.39 16.64
N GLU E 96 -21.67 -30.16 17.78
CA GLU E 96 -20.53 -31.01 18.14
C GLU E 96 -20.93 -32.50 18.21
N SER E 97 -22.02 -32.83 18.90
CA SER E 97 -22.43 -34.24 18.96
C SER E 97 -22.85 -34.78 17.59
N PHE E 98 -23.45 -33.93 16.75
CA PHE E 98 -23.87 -34.38 15.43
C PHE E 98 -22.67 -34.78 14.57
N ILE E 99 -21.67 -33.91 14.57
CA ILE E 99 -20.42 -34.09 13.81
C ILE E 99 -19.67 -35.32 14.30
N GLY E 100 -19.63 -35.51 15.62
CA GLY E 100 -18.90 -36.64 16.13
C GLY E 100 -17.45 -36.52 15.73
N ASN E 101 -16.92 -37.58 15.13
CA ASN E 101 -15.53 -37.67 14.72
C ASN E 101 -15.36 -37.60 13.21
N ASP E 102 -16.35 -37.04 12.54
CA ASP E 102 -16.32 -37.01 11.08
C ASP E 102 -15.86 -35.64 10.55
N LEU E 103 -15.58 -35.60 9.25
CA LEU E 103 -15.38 -34.36 8.54
C LEU E 103 -16.70 -33.62 8.42
N SER E 104 -16.63 -32.32 8.17
CA SER E 104 -17.81 -31.55 8.07
C SER E 104 -17.75 -30.46 7.01
N ALA E 105 -18.90 -29.85 6.79
CA ALA E 105 -19.03 -28.71 5.91
C ALA E 105 -20.18 -27.87 6.40
N LEU E 106 -20.00 -26.55 6.33
CA LEU E 106 -20.94 -25.57 6.79
C LEU E 106 -21.28 -24.67 5.64
N VAL E 107 -22.57 -24.44 5.42
CA VAL E 107 -23.01 -23.48 4.42
C VAL E 107 -23.99 -22.51 5.11
N LEU E 108 -23.93 -21.23 4.70
CA LEU E 108 -24.79 -20.22 5.27
C LEU E 108 -26.16 -20.20 4.58
N GLY E 109 -27.21 -19.99 5.35
CA GLY E 109 -28.57 -20.10 4.85
C GLY E 109 -28.92 -19.07 3.77
N ASP E 110 -28.26 -17.94 3.78
CA ASP E 110 -28.56 -16.87 2.86
C ASP E 110 -27.61 -16.78 1.68
N ASN E 111 -26.78 -17.82 1.50
CA ASN E 111 -25.82 -17.86 0.38
C ASN E 111 -26.34 -18.73 -0.82
N LEU E 112 -26.35 -18.14 -2.00
CA LEU E 112 -26.78 -18.80 -3.17
C LEU E 112 -25.61 -18.89 -4.18
N TYR E 113 -25.24 -20.10 -4.54
CA TYR E 113 -24.12 -20.33 -5.49
C TYR E 113 -24.72 -20.90 -6.79
N TYR E 114 -24.09 -20.59 -7.92
CA TYR E 114 -24.50 -21.12 -9.19
C TYR E 114 -23.42 -21.04 -10.25
N GLY E 115 -23.20 -22.13 -10.95
CA GLY E 115 -22.38 -22.00 -12.14
C GLY E 115 -21.88 -23.31 -12.67
N HIS E 116 -21.22 -23.24 -13.82
CA HIS E 116 -20.73 -24.43 -14.49
C HIS E 116 -19.65 -25.18 -13.73
N ASP E 117 -19.85 -26.50 -13.60
CA ASP E 117 -18.94 -27.37 -12.89
C ASP E 117 -18.76 -27.06 -11.38
N PHE E 118 -19.80 -26.49 -10.77
CA PHE E 118 -19.82 -26.29 -9.31
C PHE E 118 -19.80 -27.65 -8.63
N HIS E 119 -20.48 -28.64 -9.24
CA HIS E 119 -20.43 -29.96 -8.62
C HIS E 119 -18.97 -30.45 -8.47
N GLU E 120 -18.13 -30.21 -9.44
CA GLU E 120 -16.77 -30.69 -9.39
C GLU E 120 -15.94 -29.86 -8.41
N LEU E 121 -16.22 -28.59 -8.34
CA LEU E 121 -15.53 -27.67 -7.45
C LEU E 121 -15.84 -28.16 -5.99
N LEU E 122 -17.08 -28.53 -5.74
CA LEU E 122 -17.47 -29.05 -4.39
C LEU E 122 -16.79 -30.38 -4.07
N GLY E 123 -16.81 -31.28 -5.04
CA GLY E 123 -16.21 -32.60 -4.89
C GLY E 123 -14.74 -32.51 -4.58
N SER E 124 -14.02 -31.64 -5.29
CA SER E 124 -12.62 -31.41 -5.00
C SER E 124 -12.39 -30.98 -3.57
N ALA E 125 -13.19 -30.06 -3.05
CA ALA E 125 -13.01 -29.73 -1.65
C ALA E 125 -13.39 -30.89 -0.72
N SER E 126 -14.49 -31.57 -0.99
CA SER E 126 -14.98 -32.60 -0.10
C SER E 126 -13.95 -33.73 0.06
N GLN E 127 -13.14 -33.92 -0.96
CA GLN E 127 -12.20 -35.01 -0.94
C GLN E 127 -10.84 -34.71 -0.25
N ARG E 128 -10.62 -33.45 0.13
CA ARG E 128 -9.44 -33.09 0.92
C ARG E 128 -9.75 -33.46 2.33
N GLN E 129 -9.08 -34.46 2.83
CA GLN E 129 -9.38 -34.94 4.17
C GLN E 129 -8.61 -34.25 5.27
N THR E 130 -7.63 -33.46 4.94
CA THR E 130 -6.91 -32.80 6.02
C THR E 130 -6.95 -31.28 5.86
N GLY E 131 -7.09 -30.59 6.97
CA GLY E 131 -7.22 -29.14 6.94
C GLY E 131 -8.63 -28.67 6.63
N ALA E 132 -8.70 -27.45 6.06
CA ALA E 132 -9.95 -26.80 5.75
C ALA E 132 -9.85 -26.20 4.34
N SER E 133 -10.98 -26.04 3.68
CA SER E 133 -11.08 -25.43 2.34
C SER E 133 -12.21 -24.41 2.35
N VAL E 134 -11.90 -23.27 1.77
CA VAL E 134 -12.78 -22.14 1.67
C VAL E 134 -12.58 -21.58 0.25
N PHE E 135 -13.46 -20.64 -0.12
CA PHE E 135 -13.50 -20.09 -1.47
C PHE E 135 -13.50 -18.59 -1.41
N ALA E 136 -12.76 -18.00 -2.33
CA ALA E 136 -12.55 -16.58 -2.43
C ALA E 136 -13.21 -16.13 -3.70
N TYR E 137 -13.91 -15.02 -3.63
CA TYR E 137 -14.61 -14.49 -4.76
C TYR E 137 -14.44 -12.98 -4.84
N HIS E 138 -14.09 -12.51 -6.01
CA HIS E 138 -13.95 -11.03 -6.27
C HIS E 138 -15.29 -10.35 -6.14
N VAL E 139 -15.35 -9.34 -5.27
CA VAL E 139 -16.54 -8.54 -5.02
C VAL E 139 -16.29 -7.05 -5.06
N LEU E 140 -17.34 -6.27 -5.25
CA LEU E 140 -17.26 -4.82 -5.27
C LEU E 140 -17.07 -4.25 -3.87
N ASP E 141 -17.71 -4.82 -2.86
CA ASP E 141 -17.61 -4.15 -1.54
C ASP E 141 -17.06 -5.11 -0.49
N PRO E 142 -15.76 -5.37 -0.55
CA PRO E 142 -15.14 -6.38 0.32
C PRO E 142 -15.29 -6.13 1.81
N GLU E 143 -15.40 -4.86 2.19
CA GLU E 143 -15.55 -4.49 3.58
C GLU E 143 -16.80 -5.13 4.23
N ARG E 144 -17.74 -5.61 3.44
CA ARG E 144 -18.91 -6.26 4.04
C ARG E 144 -18.70 -7.72 4.42
N TYR E 145 -17.57 -8.27 4.02
CA TYR E 145 -17.32 -9.70 4.20
C TYR E 145 -16.01 -10.00 4.88
N GLY E 146 -15.79 -11.29 5.08
CA GLY E 146 -14.46 -11.78 5.42
C GLY E 146 -13.60 -11.62 4.18
N VAL E 147 -12.37 -11.12 4.35
CA VAL E 147 -11.53 -10.76 3.25
C VAL E 147 -10.22 -11.52 3.34
N VAL E 148 -9.79 -12.05 2.21
CA VAL E 148 -8.59 -12.82 2.11
C VAL E 148 -7.65 -12.10 1.23
N GLU E 149 -6.44 -11.95 1.74
CA GLU E 149 -5.32 -11.27 1.03
C GLU E 149 -4.39 -12.31 0.42
N PHE E 150 -3.82 -12.04 -0.75
CA PHE E 150 -2.89 -12.96 -1.40
C PHE E 150 -1.53 -12.27 -1.59
N ASP E 151 -0.47 -13.04 -1.62
CA ASP E 151 0.83 -12.49 -1.93
C ASP E 151 1.01 -12.46 -3.45
N GLN E 152 2.16 -12.00 -3.90
CA GLN E 152 2.36 -11.84 -5.34
C GLN E 152 2.31 -13.14 -6.09
N GLY E 153 2.61 -14.20 -5.38
CA GLY E 153 2.52 -15.51 -5.97
C GLY E 153 1.15 -16.12 -6.00
N GLY E 154 0.12 -15.47 -5.43
CA GLY E 154 -1.24 -16.00 -5.41
C GLY E 154 -1.56 -16.85 -4.18
N LYS E 155 -0.68 -16.85 -3.20
CA LYS E 155 -0.90 -17.62 -1.99
C LYS E 155 -1.66 -16.80 -0.97
N ALA E 156 -2.63 -17.42 -0.32
CA ALA E 156 -3.35 -16.70 0.76
C ALA E 156 -2.39 -16.35 1.93
N ILE E 157 -2.41 -15.08 2.36
CA ILE E 157 -1.54 -14.70 3.46
C ILE E 157 -2.22 -14.10 4.72
N SER E 158 -3.47 -13.67 4.60
N SER E 158 -3.48 -13.67 4.61
CA SER E 158 -4.16 -13.16 5.75
CA SER E 158 -4.15 -13.12 5.76
C SER E 158 -5.64 -13.11 5.57
C SER E 158 -5.64 -13.09 5.57
N LEU E 159 -6.37 -13.05 6.68
CA LEU E 159 -7.82 -12.96 6.68
C LEU E 159 -8.21 -11.89 7.69
N GLU E 160 -9.25 -11.13 7.39
CA GLU E 160 -9.79 -10.11 8.28
C GLU E 160 -11.28 -10.10 8.06
N GLU E 161 -12.06 -10.05 9.13
CA GLU E 161 -13.52 -9.93 9.06
C GLU E 161 -13.95 -8.45 8.95
N LYS E 162 -14.64 -8.11 7.87
CA LYS E 162 -15.16 -6.76 7.63
C LYS E 162 -14.15 -5.65 7.90
N PRO E 163 -13.00 -5.71 7.25
CA PRO E 163 -11.96 -4.71 7.45
C PRO E 163 -12.37 -3.31 6.97
N LEU E 164 -11.95 -2.27 7.67
CA LEU E 164 -12.25 -0.90 7.27
C LEU E 164 -11.44 -0.56 6.02
N GLU E 165 -10.24 -1.12 5.95
CA GLU E 165 -9.35 -0.89 4.83
C GLU E 165 -8.96 -2.22 4.28
N PRO E 166 -9.84 -2.78 3.49
CA PRO E 166 -9.62 -4.12 2.95
C PRO E 166 -8.35 -4.20 2.19
N LYS E 167 -7.66 -5.33 2.30
CA LYS E 167 -6.39 -5.52 1.65
C LYS E 167 -6.50 -6.19 0.29
N SER E 168 -7.71 -6.55 -0.12
CA SER E 168 -8.00 -7.08 -1.46
C SER E 168 -9.48 -6.94 -1.70
N ASN E 169 -9.91 -7.27 -2.91
CA ASN E 169 -11.30 -7.33 -3.26
C ASN E 169 -11.82 -8.79 -3.23
N TYR E 170 -11.13 -9.69 -2.52
CA TYR E 170 -11.57 -11.10 -2.43
C TYR E 170 -12.26 -11.42 -1.09
N ALA E 171 -13.58 -11.71 -1.16
CA ALA E 171 -14.37 -12.17 -0.04
C ALA E 171 -14.30 -13.65 0.13
N VAL E 172 -14.28 -14.06 1.38
CA VAL E 172 -14.39 -15.48 1.65
C VAL E 172 -15.87 -15.82 1.75
N THR E 173 -16.37 -16.61 0.81
CA THR E 173 -17.84 -16.92 0.77
C THR E 173 -18.31 -17.80 1.90
N GLY E 174 -19.63 -17.97 2.00
CA GLY E 174 -20.21 -18.73 3.08
C GLY E 174 -20.35 -20.23 2.93
N LEU E 175 -19.25 -20.87 2.59
CA LEU E 175 -19.19 -22.29 2.38
C LEU E 175 -17.80 -22.74 2.86
N TYR E 176 -17.76 -23.71 3.76
CA TYR E 176 -16.52 -24.07 4.47
C TYR E 176 -16.48 -25.58 4.63
N PHE E 177 -15.34 -26.18 4.27
CA PHE E 177 -15.09 -27.58 4.50
C PHE E 177 -14.03 -27.77 5.60
N TYR E 178 -14.31 -28.62 6.58
CA TYR E 178 -13.41 -28.83 7.70
C TYR E 178 -13.14 -30.29 8.00
N ASP E 179 -11.92 -30.51 8.51
CA ASP E 179 -11.53 -31.78 9.10
C ASP E 179 -11.93 -31.83 10.57
N GLN E 180 -11.45 -32.87 11.27
CA GLN E 180 -11.82 -33.07 12.64
C GLN E 180 -11.30 -32.07 13.63
N GLN E 181 -10.43 -31.15 13.22
CA GLN E 181 -9.92 -30.17 14.16
C GLN E 181 -10.93 -29.06 14.51
N VAL E 182 -12.02 -28.92 13.76
CA VAL E 182 -12.82 -27.69 13.82
C VAL E 182 -13.54 -27.50 15.15
N VAL E 183 -14.04 -28.60 15.73
CA VAL E 183 -14.81 -28.46 16.95
C VAL E 183 -13.95 -27.84 18.03
N ASP E 184 -12.73 -28.34 18.17
CA ASP E 184 -11.83 -27.87 19.23
C ASP E 184 -11.30 -26.45 18.96
N ILE E 185 -11.11 -26.08 17.68
CA ILE E 185 -10.79 -24.74 17.32
C ILE E 185 -11.90 -23.80 17.75
N ALA E 186 -13.15 -24.13 17.41
CA ALA E 186 -14.27 -23.32 17.79
C ALA E 186 -14.38 -23.20 19.32
N ARG E 187 -14.12 -24.31 20.04
CA ARG E 187 -14.25 -24.33 21.49
C ARG E 187 -13.24 -23.38 22.12
N ASP E 188 -12.09 -23.17 21.46
CA ASP E 188 -11.01 -22.35 22.00
C ASP E 188 -11.07 -20.89 21.57
N LEU E 189 -12.04 -20.53 20.75
CA LEU E 189 -12.15 -19.16 20.23
C LEU E 189 -12.59 -18.15 21.24
N LYS E 190 -12.31 -16.89 20.93
CA LYS E 190 -12.74 -15.81 21.79
C LYS E 190 -13.60 -14.85 21.02
N PRO E 191 -14.68 -14.36 21.65
CA PRO E 191 -15.56 -13.39 21.00
C PRO E 191 -14.77 -12.22 20.47
N SER E 192 -15.11 -11.85 19.26
CA SER E 192 -14.41 -10.79 18.60
C SER E 192 -14.87 -9.44 19.18
N PRO E 193 -14.18 -8.41 18.74
CA PRO E 193 -14.56 -7.01 18.98
C PRO E 193 -16.04 -6.78 18.66
N ARG E 194 -16.55 -7.36 17.57
CA ARG E 194 -17.99 -7.27 17.24
C ARG E 194 -18.82 -8.01 18.33
N GLY E 195 -18.19 -8.98 19.00
CA GLY E 195 -18.83 -9.81 20.02
C GLY E 195 -19.45 -11.08 19.43
N GLU E 196 -18.87 -11.59 18.37
CA GLU E 196 -19.37 -12.83 17.83
C GLU E 196 -18.25 -13.88 17.86
N LEU E 197 -18.63 -15.15 17.81
CA LEU E 197 -17.69 -16.22 17.61
C LEU E 197 -17.57 -16.30 16.07
N GLU E 198 -16.43 -15.89 15.55
CA GLU E 198 -16.26 -15.61 14.12
C GLU E 198 -15.72 -16.79 13.28
N ILE E 199 -16.35 -17.03 12.16
CA ILE E 199 -15.86 -18.07 11.26
C ILE E 199 -14.50 -17.67 10.73
N THR E 200 -14.25 -16.39 10.59
CA THR E 200 -12.95 -15.98 10.06
C THR E 200 -11.86 -16.37 11.03
N ASP E 201 -12.16 -16.36 12.34
CA ASP E 201 -11.14 -16.76 13.30
C ASP E 201 -10.89 -18.31 13.21
N VAL E 202 -11.93 -19.13 13.01
CA VAL E 202 -11.75 -20.53 12.74
C VAL E 202 -10.82 -20.71 11.53
N ASN E 203 -11.10 -19.98 10.46
CA ASN E 203 -10.33 -20.13 9.23
C ASN E 203 -8.91 -19.70 9.47
N ARG E 204 -8.73 -18.65 10.24
CA ARG E 204 -7.38 -18.18 10.54
C ARG E 204 -6.55 -19.22 11.33
N ALA E 205 -7.18 -19.93 12.25
CA ALA E 205 -6.46 -20.92 13.01
C ALA E 205 -5.88 -21.97 12.04
N TYR E 206 -6.68 -22.33 11.05
CA TYR E 206 -6.19 -23.23 10.01
C TYR E 206 -5.03 -22.57 9.20
N LEU E 207 -5.21 -21.31 8.81
CA LEU E 207 -4.19 -20.59 8.00
C LEU E 207 -2.82 -20.53 8.74
N GLU E 208 -2.86 -20.32 10.04
CA GLU E 208 -1.66 -20.15 10.83
C GLU E 208 -0.97 -21.47 11.08
N ARG E 209 -1.63 -22.58 10.74
CA ARG E 209 -1.00 -23.92 10.81
C ARG E 209 -0.63 -24.38 9.39
N GLY E 210 -0.79 -23.51 8.42
CA GLY E 210 -0.52 -23.91 7.05
C GLY E 210 -1.48 -24.94 6.48
N GLN E 211 -2.70 -25.01 7.01
CA GLN E 211 -3.65 -26.03 6.55
C GLN E 211 -4.95 -25.48 6.03
N LEU E 212 -4.92 -24.23 5.58
CA LEU E 212 -6.08 -23.60 4.96
C LEU E 212 -5.89 -23.56 3.45
N SER E 213 -6.73 -24.28 2.74
N SER E 213 -6.74 -24.28 2.72
CA SER E 213 -6.75 -24.21 1.26
CA SER E 213 -6.74 -24.19 1.26
C SER E 213 -7.75 -23.12 0.86
C SER E 213 -7.76 -23.12 0.86
N VAL E 214 -7.31 -22.11 0.11
CA VAL E 214 -8.22 -21.04 -0.35
C VAL E 214 -8.25 -21.18 -1.85
N GLU E 215 -9.35 -21.66 -2.38
CA GLU E 215 -9.55 -21.80 -3.80
C GLU E 215 -10.29 -20.59 -4.34
N ILE E 216 -9.83 -20.04 -5.46
CA ILE E 216 -10.54 -18.94 -6.07
C ILE E 216 -11.76 -19.49 -6.75
N MET E 217 -12.92 -18.92 -6.44
CA MET E 217 -14.13 -19.18 -7.17
C MET E 217 -14.21 -18.09 -8.24
N GLY E 218 -14.00 -18.50 -9.47
CA GLY E 218 -13.91 -17.61 -10.62
C GLY E 218 -15.11 -16.76 -10.89
N ARG E 219 -14.88 -15.67 -11.66
CA ARG E 219 -15.89 -14.71 -12.04
C ARG E 219 -17.05 -15.33 -12.85
N GLY E 220 -16.81 -16.48 -13.48
CA GLY E 220 -17.92 -17.17 -14.15
C GLY E 220 -19.04 -17.75 -13.26
N TYR E 221 -18.74 -17.97 -11.96
CA TYR E 221 -19.71 -18.36 -11.00
C TYR E 221 -20.46 -17.16 -10.50
N ALA E 222 -21.74 -17.38 -10.10
CA ALA E 222 -22.49 -16.40 -9.37
C ALA E 222 -22.48 -16.82 -7.91
N TRP E 223 -22.17 -15.89 -7.03
CA TRP E 223 -22.26 -16.06 -5.62
C TRP E 223 -23.02 -14.86 -5.17
N LEU E 224 -24.25 -15.09 -4.69
CA LEU E 224 -25.14 -14.01 -4.27
C LEU E 224 -25.53 -14.20 -2.82
N ASP E 225 -25.90 -13.11 -2.15
CA ASP E 225 -26.26 -13.12 -0.73
C ASP E 225 -27.71 -12.61 -0.71
N THR E 226 -28.64 -13.30 -0.09
CA THR E 226 -30.01 -12.83 -0.04
C THR E 226 -30.31 -12.03 1.23
N GLY E 227 -29.29 -11.42 1.81
CA GLY E 227 -29.41 -10.69 3.07
C GLY E 227 -30.15 -9.38 3.12
N THR E 228 -30.40 -8.75 1.97
CA THR E 228 -31.07 -7.46 1.97
C THR E 228 -32.30 -7.52 1.10
N HIS E 229 -33.16 -6.51 1.20
CA HIS E 229 -34.35 -6.46 0.34
C HIS E 229 -33.95 -6.42 -1.16
N ASP E 230 -32.98 -5.58 -1.45
CA ASP E 230 -32.48 -5.46 -2.80
C ASP E 230 -31.78 -6.75 -3.31
N SER E 231 -30.92 -7.37 -2.50
CA SER E 231 -30.22 -8.57 -2.98
C SER E 231 -31.18 -9.73 -3.19
N LEU E 232 -32.24 -9.80 -2.36
CA LEU E 232 -33.22 -10.85 -2.52
C LEU E 232 -33.93 -10.68 -3.85
N LEU E 233 -34.30 -9.45 -4.18
CA LEU E 233 -35.02 -9.20 -5.39
C LEU E 233 -34.15 -9.53 -6.62
N GLU E 234 -32.87 -9.18 -6.54
CA GLU E 234 -31.92 -9.44 -7.66
C GLU E 234 -31.67 -10.96 -7.82
N ALA E 235 -31.62 -11.69 -6.68
CA ALA E 235 -31.43 -13.12 -6.72
C ALA E 235 -32.64 -13.80 -7.40
N GLY E 236 -33.84 -13.31 -7.05
CA GLY E 236 -35.05 -13.80 -7.62
C GLY E 236 -35.03 -13.67 -9.12
N GLN E 237 -34.63 -12.49 -9.57
N GLN E 237 -34.64 -12.49 -9.58
CA GLN E 237 -34.57 -12.19 -11.01
CA GLN E 237 -34.55 -12.16 -10.99
C GLN E 237 -33.54 -13.06 -11.69
C GLN E 237 -33.55 -13.07 -11.68
N PHE E 238 -32.42 -13.30 -11.02
CA PHE E 238 -31.34 -14.09 -11.58
C PHE E 238 -31.80 -15.54 -11.84
N ILE E 239 -32.38 -16.15 -10.83
CA ILE E 239 -32.96 -17.47 -10.98
C ILE E 239 -34.05 -17.51 -12.04
N ALA E 240 -34.97 -16.54 -12.06
CA ALA E 240 -36.09 -16.58 -13.01
C ALA E 240 -35.57 -16.61 -14.43
N THR E 241 -34.54 -15.82 -14.68
CA THR E 241 -33.92 -15.68 -16.02
C THR E 241 -33.32 -16.99 -16.47
N LEU E 242 -32.57 -17.62 -15.60
CA LEU E 242 -32.06 -18.96 -15.91
C LEU E 242 -33.16 -19.98 -16.12
N GLU E 243 -34.12 -20.06 -15.20
CA GLU E 243 -35.15 -21.10 -15.29
C GLU E 243 -36.02 -20.96 -16.52
N ASN E 244 -36.38 -19.73 -16.82
CA ASN E 244 -37.29 -19.52 -17.92
C ASN E 244 -36.55 -19.69 -19.24
N ARG E 245 -35.25 -19.40 -19.29
CA ARG E 245 -34.47 -19.58 -20.51
C ARG E 245 -34.22 -21.08 -20.78
N GLN E 246 -33.85 -21.82 -19.74
CA GLN E 246 -33.47 -23.24 -19.88
C GLN E 246 -34.61 -24.30 -19.82
N GLY E 247 -35.70 -24.00 -19.15
CA GLY E 247 -36.73 -24.98 -18.89
C GLY E 247 -36.21 -26.02 -17.88
N LEU E 248 -35.26 -25.61 -17.08
CA LEU E 248 -34.68 -26.46 -16.01
C LEU E 248 -34.72 -25.59 -14.74
N LYS E 249 -34.85 -26.19 -13.56
CA LYS E 249 -34.97 -25.40 -12.34
C LYS E 249 -33.69 -25.47 -11.52
N VAL E 250 -33.36 -24.40 -10.82
CA VAL E 250 -32.19 -24.40 -9.97
C VAL E 250 -32.52 -24.92 -8.57
N ALA E 251 -31.69 -25.81 -8.05
CA ALA E 251 -31.81 -26.23 -6.64
C ALA E 251 -33.15 -26.86 -6.27
N CYS E 252 -33.63 -27.75 -7.13
N CYS E 252 -33.65 -27.75 -7.15
CA CYS E 252 -34.72 -28.63 -6.85
CA CYS E 252 -34.74 -28.67 -6.83
C CYS E 252 -34.13 -29.90 -6.15
C CYS E 252 -34.12 -29.90 -6.14
N PRO E 253 -34.33 -30.03 -4.84
CA PRO E 253 -33.73 -31.18 -4.15
C PRO E 253 -34.21 -32.47 -4.73
N GLU E 254 -35.48 -32.54 -5.09
CA GLU E 254 -35.99 -33.79 -5.63
C GLU E 254 -35.18 -34.21 -6.85
N GLU E 255 -34.92 -33.22 -7.72
CA GLU E 255 -34.16 -33.51 -8.92
C GLU E 255 -32.75 -34.05 -8.56
N ILE E 256 -32.09 -33.36 -7.66
CA ILE E 256 -30.71 -33.69 -7.31
C ILE E 256 -30.62 -35.05 -6.69
N ALA E 257 -31.62 -35.35 -5.82
CA ALA E 257 -31.68 -36.64 -5.16
C ALA E 257 -31.81 -37.77 -6.21
N TYR E 258 -32.66 -37.56 -7.22
CA TYR E 258 -32.85 -38.53 -8.29
C TYR E 258 -31.56 -38.73 -9.11
N ARG E 259 -30.96 -37.61 -9.49
CA ARG E 259 -29.74 -37.63 -10.32
C ARG E 259 -28.59 -38.29 -9.62
N GLN E 260 -28.56 -38.21 -8.29
CA GLN E 260 -27.49 -38.84 -7.49
C GLN E 260 -27.89 -40.26 -7.09
N LYS E 261 -29.06 -40.67 -7.54
CA LYS E 261 -29.58 -41.98 -7.24
C LYS E 261 -29.84 -42.19 -5.75
N TRP E 262 -30.20 -41.13 -5.03
CA TRP E 262 -30.59 -41.24 -3.63
C TRP E 262 -32.06 -41.64 -3.51
N ILE E 263 -32.82 -41.41 -4.57
CA ILE E 263 -34.20 -41.86 -4.64
C ILE E 263 -34.33 -42.44 -6.06
N ASP E 264 -35.28 -43.37 -6.32
CA ASP E 264 -35.48 -43.91 -7.69
C ASP E 264 -36.69 -43.27 -8.35
N ALA E 265 -36.97 -43.74 -9.56
CA ALA E 265 -38.03 -43.21 -10.38
C ALA E 265 -39.38 -43.26 -9.71
N ALA E 266 -39.63 -44.39 -9.04
CA ALA E 266 -40.90 -44.63 -8.39
C ALA E 266 -41.08 -43.62 -7.25
N GLN E 267 -39.98 -43.36 -6.53
CA GLN E 267 -40.00 -42.43 -5.42
C GLN E 267 -40.19 -41.00 -5.99
N LEU E 268 -39.54 -40.62 -7.10
CA LEU E 268 -39.72 -39.26 -7.62
C LEU E 268 -41.17 -39.03 -8.09
N GLU E 269 -41.76 -40.05 -8.69
CA GLU E 269 -43.10 -39.90 -9.27
C GLU E 269 -44.07 -39.60 -8.10
N LYS E 270 -43.85 -40.28 -6.98
CA LYS E 270 -44.63 -40.06 -5.77
C LYS E 270 -44.45 -38.67 -5.15
N LEU E 271 -43.28 -38.08 -5.33
CA LEU E 271 -43.08 -36.71 -4.88
C LEU E 271 -43.83 -35.73 -5.75
N ALA E 272 -43.80 -35.99 -7.05
CA ALA E 272 -44.43 -35.09 -8.04
C ALA E 272 -45.96 -34.99 -7.91
N ALA E 273 -46.60 -36.07 -7.48
CA ALA E 273 -48.05 -36.14 -7.41
C ALA E 273 -48.78 -34.98 -6.68
N PRO E 274 -48.37 -34.61 -5.48
CA PRO E 274 -49.11 -33.56 -4.80
C PRO E 274 -48.84 -32.22 -5.40
N LEU E 275 -47.83 -32.12 -6.26
CA LEU E 275 -47.45 -30.84 -6.82
C LEU E 275 -47.82 -30.76 -8.28
N ALA E 276 -48.52 -31.77 -8.74
CA ALA E 276 -48.81 -31.90 -10.14
C ALA E 276 -49.65 -30.75 -10.68
N LYS E 277 -50.38 -30.05 -9.81
CA LYS E 277 -51.27 -28.98 -10.29
C LYS E 277 -50.51 -27.66 -10.58
N ASN E 278 -49.17 -27.67 -10.42
CA ASN E 278 -48.36 -26.51 -10.80
C ASN E 278 -47.10 -26.89 -11.56
N GLY E 279 -46.38 -25.86 -12.01
CA GLY E 279 -45.16 -25.99 -12.78
C GLY E 279 -44.08 -26.85 -12.13
N TYR E 280 -44.04 -26.88 -10.80
CA TYR E 280 -42.95 -27.52 -10.08
C TYR E 280 -43.15 -29.03 -10.16
N GLY E 281 -44.37 -29.46 -9.85
CA GLY E 281 -44.73 -30.86 -9.97
C GLY E 281 -44.66 -31.37 -11.37
N GLN E 282 -45.11 -30.53 -12.31
CA GLN E 282 -45.06 -30.88 -13.74
C GLN E 282 -43.60 -31.10 -14.16
N TYR E 283 -42.69 -30.29 -13.62
CA TYR E 283 -41.26 -30.41 -13.94
C TYR E 283 -40.68 -31.70 -13.43
N LEU E 284 -41.03 -32.04 -12.22
CA LEU E 284 -40.53 -33.29 -11.68
C LEU E 284 -40.99 -34.51 -12.49
N LYS E 285 -42.22 -34.49 -12.99
CA LYS E 285 -42.65 -35.57 -13.84
C LYS E 285 -41.87 -35.66 -15.12
N ARG E 286 -41.63 -34.53 -15.74
CA ARG E 286 -40.88 -34.50 -16.98
C ARG E 286 -39.47 -35.09 -16.89
N LEU E 287 -38.86 -34.92 -15.73
CA LEU E 287 -37.54 -35.42 -15.49
C LEU E 287 -37.44 -36.91 -15.63
N LEU E 288 -38.55 -37.61 -15.41
CA LEU E 288 -38.58 -39.05 -15.53
C LEU E 288 -38.49 -39.53 -16.97
N THR E 289 -38.87 -38.69 -17.90
CA THR E 289 -38.82 -39.11 -19.28
C THR E 289 -37.73 -38.45 -20.12
N GLU E 290 -37.29 -37.27 -19.74
CA GLU E 290 -36.28 -36.57 -20.53
C GLU E 290 -34.87 -36.81 -20.08
N THR E 291 -33.97 -37.04 -21.03
CA THR E 291 -32.57 -37.12 -20.73
C THR E 291 -31.97 -35.69 -20.66
N VAL E 292 -31.47 -35.32 -19.51
CA VAL E 292 -30.82 -34.00 -19.36
C VAL E 292 -29.32 -34.21 -19.15
N TYR E 293 -28.51 -33.69 -20.05
CA TYR E 293 -27.06 -33.84 -19.94
C TYR E 293 -26.43 -32.89 -18.94
N MET F 1 -73.45 6.96 6.85
CA MET F 1 -73.23 5.65 7.52
C MET F 1 -71.74 5.27 7.46
N LYS F 2 -71.29 4.56 8.49
CA LYS F 2 -69.99 3.91 8.56
C LYS F 2 -69.80 2.73 7.56
N ARG F 3 -68.60 2.62 7.01
CA ARG F 3 -68.29 1.51 6.13
C ARG F 3 -67.20 0.65 6.78
N LYS F 4 -67.47 -0.65 6.93
CA LYS F 4 -66.53 -1.62 7.48
C LYS F 4 -65.75 -2.28 6.31
N GLY F 5 -64.53 -2.70 6.54
CA GLY F 5 -63.70 -3.28 5.49
C GLY F 5 -63.40 -4.74 5.75
N ILE F 6 -63.12 -5.48 4.70
CA ILE F 6 -62.76 -6.92 4.80
C ILE F 6 -61.60 -7.14 3.88
N ILE F 7 -60.56 -7.83 4.36
CA ILE F 7 -59.47 -8.29 3.51
C ILE F 7 -59.60 -9.80 3.42
N LEU F 8 -59.68 -10.27 2.18
CA LEU F 8 -59.81 -11.70 2.01
C LEU F 8 -58.43 -12.23 1.71
N ALA F 9 -57.86 -12.90 2.72
CA ALA F 9 -56.48 -13.31 2.66
C ALA F 9 -56.28 -14.81 2.89
N GLY F 10 -57.21 -15.59 2.35
CA GLY F 10 -57.12 -17.04 2.46
C GLY F 10 -56.56 -17.59 1.19
N GLY F 11 -57.07 -18.72 0.80
CA GLY F 11 -56.81 -19.11 -0.59
C GLY F 11 -55.79 -20.20 -0.59
N SER F 12 -55.90 -21.04 -1.62
CA SER F 12 -55.01 -22.14 -1.84
C SER F 12 -53.65 -21.53 -2.04
N GLY F 13 -52.64 -22.37 -1.93
CA GLY F 13 -51.27 -21.97 -2.22
C GLY F 13 -50.73 -22.87 -3.34
N THR F 14 -51.45 -23.98 -3.60
CA THR F 14 -51.00 -25.04 -4.53
C THR F 14 -50.23 -24.48 -5.70
N ARG F 15 -50.79 -23.49 -6.37
CA ARG F 15 -50.10 -22.91 -7.50
C ARG F 15 -48.66 -22.55 -7.19
N LEU F 16 -48.49 -21.73 -6.14
CA LEU F 16 -47.19 -21.13 -5.79
C LEU F 16 -46.26 -22.02 -5.02
N HIS F 17 -46.66 -23.26 -4.81
CA HIS F 17 -45.77 -24.20 -4.18
C HIS F 17 -44.56 -24.43 -5.05
N PRO F 18 -43.45 -24.85 -4.43
CA PRO F 18 -43.35 -25.07 -2.98
C PRO F 18 -42.97 -23.81 -2.23
N ALA F 19 -42.88 -22.70 -2.95
CA ALA F 19 -42.57 -21.40 -2.41
C ALA F 19 -43.41 -21.13 -1.19
N THR F 20 -44.71 -21.37 -1.29
CA THR F 20 -45.63 -21.09 -0.18
C THR F 20 -45.79 -22.25 0.79
N LEU F 21 -44.89 -23.23 0.72
CA LEU F 21 -45.03 -24.34 1.68
C LEU F 21 -44.70 -23.88 3.06
N ALA F 22 -43.90 -22.83 3.17
CA ALA F 22 -43.46 -22.41 4.49
C ALA F 22 -44.19 -21.15 4.92
N ILE F 23 -44.50 -20.30 3.95
CA ILE F 23 -45.28 -19.11 4.24
C ILE F 23 -46.38 -18.88 3.28
N SER F 24 -47.51 -18.45 3.82
N SER F 24 -47.51 -18.45 3.82
CA SER F 24 -48.64 -18.11 2.99
CA SER F 24 -48.67 -18.13 3.01
C SER F 24 -48.39 -16.93 2.09
C SER F 24 -48.41 -16.93 2.10
N LYS F 25 -49.05 -16.94 0.94
CA LYS F 25 -48.92 -15.91 -0.02
C LYS F 25 -49.08 -14.51 0.60
N GLN F 26 -50.10 -14.27 1.43
CA GLN F 26 -50.36 -12.92 1.93
C GLN F 26 -49.42 -12.47 3.04
N LEU F 27 -48.51 -13.34 3.45
CA LEU F 27 -47.45 -13.01 4.38
C LEU F 27 -46.11 -12.85 3.72
N LEU F 28 -46.00 -13.20 2.44
CA LEU F 28 -44.73 -12.97 1.74
C LEU F 28 -44.47 -11.48 1.55
N PRO F 29 -43.23 -11.06 1.63
CA PRO F 29 -42.90 -9.67 1.35
C PRO F 29 -43.03 -9.27 -0.09
N VAL F 30 -43.54 -8.08 -0.32
CA VAL F 30 -43.47 -7.50 -1.64
C VAL F 30 -42.42 -6.38 -1.49
N TYR F 31 -41.20 -6.69 -1.92
CA TYR F 31 -40.00 -5.84 -1.71
C TYR F 31 -39.56 -5.77 -0.26
N ASP F 32 -40.17 -4.89 0.55
CA ASP F 32 -39.66 -4.56 1.87
C ASP F 32 -40.69 -4.63 2.99
N LYS F 33 -41.90 -5.10 2.70
CA LYS F 33 -42.94 -5.24 3.73
C LYS F 33 -43.98 -6.34 3.38
N PRO F 34 -44.70 -6.86 4.35
CA PRO F 34 -45.63 -7.97 4.06
C PRO F 34 -46.70 -7.62 3.05
N MET F 35 -47.02 -8.58 2.19
N MET F 35 -47.04 -8.58 2.20
CA MET F 35 -48.09 -8.40 1.19
CA MET F 35 -48.08 -8.41 1.20
C MET F 35 -49.35 -7.77 1.78
C MET F 35 -49.35 -7.77 1.78
N ILE F 36 -49.79 -8.25 2.94
CA ILE F 36 -51.05 -7.75 3.49
C ILE F 36 -51.08 -6.25 3.76
N TYR F 37 -49.94 -5.65 4.01
CA TYR F 37 -49.90 -4.21 4.21
C TYR F 37 -50.49 -3.46 2.99
N TYR F 38 -50.35 -4.02 1.77
CA TYR F 38 -50.75 -3.28 0.59
C TYR F 38 -52.30 -3.12 0.53
N PRO F 39 -53.03 -4.21 0.53
CA PRO F 39 -54.49 -4.07 0.58
C PRO F 39 -54.98 -3.42 1.89
N LEU F 40 -54.26 -3.61 2.98
CA LEU F 40 -54.64 -2.91 4.21
C LEU F 40 -54.58 -1.39 3.99
N SER F 41 -53.48 -0.93 3.42
N SER F 41 -53.47 -0.93 3.41
CA SER F 41 -53.31 0.47 3.10
CA SER F 41 -53.29 0.47 3.11
C SER F 41 -54.45 0.97 2.24
C SER F 41 -54.43 0.97 2.23
N THR F 42 -54.94 0.12 1.36
CA THR F 42 -56.05 0.53 0.46
C THR F 42 -57.33 0.92 1.26
N LEU F 43 -57.68 0.06 2.19
CA LEU F 43 -58.86 0.26 3.01
C LEU F 43 -58.63 1.52 3.84
N MET F 44 -57.44 1.69 4.39
CA MET F 44 -57.11 2.85 5.22
C MET F 44 -57.26 4.11 4.43
N LEU F 45 -56.77 4.11 3.18
CA LEU F 45 -56.88 5.27 2.30
C LEU F 45 -58.28 5.56 1.90
N ALA F 46 -59.14 4.58 1.96
CA ALA F 46 -60.57 4.76 1.76
C ALA F 46 -61.29 5.31 3.02
N GLY F 47 -60.57 5.50 4.11
CA GLY F 47 -61.14 6.06 5.32
C GLY F 47 -61.74 5.04 6.24
N ILE F 48 -61.41 3.78 6.01
CA ILE F 48 -61.94 2.66 6.76
C ILE F 48 -61.00 2.25 7.89
N ARG F 49 -61.54 2.20 9.11
CA ARG F 49 -60.73 1.95 10.30
C ARG F 49 -61.14 0.61 10.95
N GLU F 50 -62.35 0.15 10.64
CA GLU F 50 -62.79 -1.13 11.20
C GLU F 50 -62.68 -2.22 10.11
N ILE F 51 -61.75 -3.14 10.30
CA ILE F 51 -61.41 -4.10 9.30
C ILE F 51 -61.34 -5.55 9.77
N LEU F 52 -61.93 -6.44 8.97
CA LEU F 52 -61.91 -7.91 9.18
C LEU F 52 -60.91 -8.60 8.27
N ILE F 53 -60.03 -9.37 8.88
CA ILE F 53 -59.05 -10.14 8.15
C ILE F 53 -59.53 -11.59 8.12
N ILE F 54 -59.82 -12.06 6.92
CA ILE F 54 -60.20 -13.43 6.68
C ILE F 54 -58.99 -14.24 6.20
N SER F 55 -58.69 -15.34 6.87
CA SER F 55 -57.62 -16.22 6.46
C SER F 55 -57.93 -17.71 6.80
N THR F 56 -57.04 -18.62 6.42
CA THR F 56 -57.18 -20.02 6.86
C THR F 56 -57.03 -20.08 8.40
N PRO F 57 -57.59 -21.07 9.08
CA PRO F 57 -57.42 -21.08 10.55
C PRO F 57 -55.97 -21.10 11.00
N GLN F 58 -55.12 -21.80 10.25
CA GLN F 58 -53.73 -21.88 10.59
C GLN F 58 -53.00 -20.53 10.45
N ASP F 59 -53.46 -19.62 9.59
CA ASP F 59 -52.92 -18.29 9.45
C ASP F 59 -53.41 -17.25 10.43
N THR F 60 -54.54 -17.49 11.08
CA THR F 60 -55.05 -16.53 12.02
C THR F 60 -54.04 -16.05 13.02
N PRO F 61 -53.37 -16.96 13.71
CA PRO F 61 -52.39 -16.52 14.68
C PRO F 61 -51.24 -15.79 14.02
N ARG F 62 -50.89 -16.18 12.83
CA ARG F 62 -49.78 -15.50 12.16
C ARG F 62 -50.17 -14.07 11.77
N PHE F 63 -51.35 -13.88 11.24
CA PHE F 63 -51.75 -12.51 10.95
C PHE F 63 -51.94 -11.70 12.23
N GLN F 64 -52.45 -12.36 13.28
CA GLN F 64 -52.67 -11.66 14.54
C GLN F 64 -51.35 -11.24 15.16
N GLN F 65 -50.29 -12.00 14.96
CA GLN F 65 -48.97 -11.66 15.44
C GLN F 65 -48.40 -10.49 14.73
N LEU F 66 -48.69 -10.39 13.44
CA LEU F 66 -48.22 -9.28 12.67
C LEU F 66 -48.97 -7.97 12.93
N LEU F 67 -50.28 -8.04 12.97
CA LEU F 67 -51.13 -6.86 12.95
C LEU F 67 -51.82 -6.53 14.29
N GLY F 68 -51.95 -7.51 15.20
CA GLY F 68 -52.66 -7.30 16.46
C GLY F 68 -54.11 -6.87 16.34
N ASP F 69 -54.57 -6.01 17.23
CA ASP F 69 -55.96 -5.55 17.13
C ASP F 69 -56.06 -4.20 16.36
N GLY F 70 -54.94 -3.71 15.86
CA GLY F 70 -54.96 -2.52 15.09
C GLY F 70 -54.83 -1.24 15.87
N SER F 71 -55.00 -1.35 17.21
CA SER F 71 -54.99 -0.16 18.09
C SER F 71 -53.71 0.68 18.00
N ASN F 72 -52.56 0.03 17.87
CA ASN F 72 -51.33 0.79 17.63
C ASN F 72 -51.41 1.70 16.40
N TRP F 73 -52.30 1.37 15.44
CA TRP F 73 -52.39 2.11 14.20
C TRP F 73 -53.67 2.92 14.01
N GLY F 74 -54.41 3.11 15.10
CA GLY F 74 -55.67 3.83 15.04
C GLY F 74 -56.80 3.01 14.41
N LEU F 75 -56.61 1.68 14.32
CA LEU F 75 -57.53 0.79 13.68
C LEU F 75 -58.18 -0.15 14.66
N ASP F 76 -59.28 -0.76 14.25
CA ASP F 76 -59.98 -1.84 14.98
C ASP F 76 -60.00 -3.09 14.04
N LEU F 77 -59.05 -4.00 14.27
CA LEU F 77 -58.89 -5.22 13.45
C LEU F 77 -59.48 -6.42 14.11
N GLN F 78 -60.28 -7.17 13.36
CA GLN F 78 -60.89 -8.44 13.82
C GLN F 78 -60.51 -9.57 12.82
N TYR F 79 -60.71 -10.84 13.23
CA TYR F 79 -60.27 -11.96 12.46
C TYR F 79 -61.39 -12.95 12.26
N ALA F 80 -61.37 -13.58 11.11
CA ALA F 80 -62.27 -14.62 10.67
C ALA F 80 -61.56 -15.67 9.86
N VAL F 81 -62.20 -16.84 9.75
N VAL F 81 -62.20 -16.84 9.73
CA VAL F 81 -61.59 -17.99 9.06
CA VAL F 81 -61.60 -18.01 9.07
C VAL F 81 -62.40 -18.58 7.90
C VAL F 81 -62.39 -18.58 7.90
N GLN F 82 -61.68 -18.99 6.85
CA GLN F 82 -62.21 -19.63 5.69
C GLN F 82 -61.27 -20.86 5.47
N PRO F 83 -61.68 -22.07 5.87
CA PRO F 83 -60.80 -23.27 5.76
C PRO F 83 -60.38 -23.61 4.30
N SER F 84 -61.34 -23.46 3.39
CA SER F 84 -61.24 -23.81 1.96
C SER F 84 -61.59 -22.59 1.11
N PRO F 85 -60.85 -22.32 0.03
CA PRO F 85 -61.13 -21.21 -0.84
C PRO F 85 -62.36 -21.48 -1.69
N ASP F 86 -63.51 -21.47 -1.05
CA ASP F 86 -64.78 -21.79 -1.70
C ASP F 86 -65.53 -20.58 -2.29
N GLY F 87 -64.84 -19.46 -2.39
CA GLY F 87 -65.36 -18.31 -3.14
C GLY F 87 -65.32 -17.01 -2.43
N LEU F 88 -64.96 -15.99 -3.19
CA LEU F 88 -64.92 -14.63 -2.66
C LEU F 88 -66.21 -14.20 -2.04
N ALA F 89 -67.35 -14.56 -2.63
CA ALA F 89 -68.61 -14.15 -2.02
C ALA F 89 -68.86 -14.72 -0.59
N GLN F 90 -68.13 -15.75 -0.20
CA GLN F 90 -68.22 -16.28 1.14
C GLN F 90 -67.77 -15.25 2.16
N ALA F 91 -67.04 -14.24 1.71
CA ALA F 91 -66.63 -13.21 2.66
C ALA F 91 -67.80 -12.54 3.36
N PHE F 92 -68.93 -12.44 2.68
CA PHE F 92 -70.08 -11.77 3.25
C PHE F 92 -70.85 -12.73 4.17
N LEU F 93 -70.69 -14.02 3.95
CA LEU F 93 -71.26 -14.97 4.88
C LEU F 93 -70.39 -15.06 6.16
N ILE F 94 -69.10 -15.22 5.92
CA ILE F 94 -68.13 -15.32 7.00
C ILE F 94 -68.15 -14.05 7.79
N GLY F 95 -68.33 -12.93 7.10
CA GLY F 95 -68.26 -11.64 7.75
C GLY F 95 -69.62 -11.07 8.18
N GLU F 96 -70.66 -11.85 8.04
CA GLU F 96 -72.03 -11.38 8.35
C GLU F 96 -72.15 -10.65 9.71
N SER F 97 -71.68 -11.34 10.75
CA SER F 97 -71.68 -10.77 12.10
C SER F 97 -70.80 -9.51 12.27
N PHE F 98 -69.73 -9.40 11.51
CA PHE F 98 -68.86 -8.28 11.60
C PHE F 98 -69.52 -7.01 10.90
N ILE F 99 -70.19 -7.24 9.79
CA ILE F 99 -70.75 -6.14 9.00
C ILE F 99 -71.96 -5.50 9.71
N GLY F 100 -72.77 -6.33 10.38
CA GLY F 100 -74.01 -5.87 10.95
C GLY F 100 -74.88 -5.24 9.89
N ASN F 101 -75.31 -4.03 10.19
CA ASN F 101 -76.21 -3.28 9.35
C ASN F 101 -75.46 -2.17 8.61
N ASP F 102 -74.13 -2.27 8.53
CA ASP F 102 -73.33 -1.23 7.87
C ASP F 102 -73.02 -1.51 6.36
N LEU F 103 -72.59 -0.44 5.76
CA LEU F 103 -71.96 -0.52 4.46
C LEU F 103 -70.63 -1.28 4.62
N SER F 104 -70.09 -1.78 3.50
CA SER F 104 -68.87 -2.52 3.50
C SER F 104 -68.01 -2.36 2.24
N ALA F 105 -66.80 -2.89 2.36
CA ALA F 105 -65.84 -2.92 1.25
C ALA F 105 -64.98 -4.15 1.43
N LEU F 106 -64.67 -4.78 0.32
CA LEU F 106 -63.88 -5.96 0.23
C LEU F 106 -62.70 -5.72 -0.62
N VAL F 107 -61.54 -6.11 -0.11
CA VAL F 107 -60.33 -6.10 -0.94
C VAL F 107 -59.64 -7.43 -0.90
N LEU F 108 -59.06 -7.87 -2.01
CA LEU F 108 -58.39 -9.12 -2.01
C LEU F 108 -56.97 -9.00 -1.45
N GLY F 109 -56.55 -10.04 -0.74
CA GLY F 109 -55.26 -10.01 -0.06
C GLY F 109 -54.06 -9.86 -0.92
N ASP F 110 -54.16 -10.25 -2.17
CA ASP F 110 -53.04 -10.24 -3.10
C ASP F 110 -53.10 -9.18 -4.17
N ASN F 111 -53.95 -8.17 -3.97
CA ASN F 111 -54.16 -7.10 -4.97
C ASN F 111 -53.37 -5.89 -4.48
N LEU F 112 -52.54 -5.31 -5.35
CA LEU F 112 -51.79 -4.15 -5.04
C LEU F 112 -52.15 -2.99 -6.02
N TYR F 113 -52.69 -1.90 -5.50
CA TYR F 113 -53.09 -0.77 -6.31
C TYR F 113 -52.09 0.36 -6.01
N TYR F 114 -51.79 1.17 -7.03
CA TYR F 114 -50.96 2.37 -6.86
C TYR F 114 -51.19 3.44 -7.88
N GLY F 115 -51.33 4.67 -7.42
CA GLY F 115 -51.18 5.76 -8.36
C GLY F 115 -51.71 7.08 -7.84
N HIS F 116 -51.64 8.11 -8.70
CA HIS F 116 -51.93 9.45 -8.31
C HIS F 116 -53.45 9.66 -8.09
N ASP F 117 -53.79 10.30 -6.98
CA ASP F 117 -55.17 10.51 -6.58
C ASP F 117 -56.01 9.23 -6.35
N PHE F 118 -55.37 8.15 -5.99
CA PHE F 118 -56.06 6.94 -5.62
C PHE F 118 -56.90 7.23 -4.38
N HIS F 119 -56.37 8.01 -3.45
CA HIS F 119 -57.16 8.38 -2.29
C HIS F 119 -58.50 9.00 -2.65
N GLU F 120 -58.53 9.85 -3.67
CA GLU F 120 -59.74 10.53 -4.08
C GLU F 120 -60.68 9.52 -4.77
N LEU F 121 -60.11 8.63 -5.59
CA LEU F 121 -60.88 7.59 -6.28
C LEU F 121 -61.61 6.72 -5.25
N LEU F 122 -60.88 6.35 -4.22
CA LEU F 122 -61.50 5.55 -3.14
C LEU F 122 -62.60 6.33 -2.38
N GLY F 123 -62.30 7.58 -2.07
CA GLY F 123 -63.24 8.38 -1.31
C GLY F 123 -64.54 8.54 -2.04
N SER F 124 -64.45 8.67 -3.33
CA SER F 124 -65.66 8.78 -4.13
C SER F 124 -66.53 7.56 -4.03
N ALA F 125 -65.93 6.39 -4.13
CA ALA F 125 -66.69 5.16 -4.00
C ALA F 125 -67.29 4.99 -2.59
N SER F 126 -66.50 5.27 -1.57
CA SER F 126 -66.93 5.08 -0.20
C SER F 126 -68.17 5.96 0.06
N GLN F 127 -68.23 7.12 -0.57
CA GLN F 127 -69.25 8.10 -0.33
C GLN F 127 -70.59 7.68 -0.88
N ARG F 128 -70.59 6.79 -1.87
CA ARG F 128 -71.84 6.28 -2.42
C ARG F 128 -72.52 5.35 -1.46
N GLN F 129 -73.68 5.73 -0.95
CA GLN F 129 -74.36 4.97 0.08
C GLN F 129 -75.37 3.91 -0.39
N THR F 130 -75.69 3.91 -1.65
CA THR F 130 -76.62 2.93 -2.17
C THR F 130 -75.99 2.24 -3.38
N GLY F 131 -76.39 1.01 -3.54
CA GLY F 131 -75.82 0.12 -4.51
C GLY F 131 -74.39 -0.30 -4.23
N ALA F 132 -73.69 -0.65 -5.30
CA ALA F 132 -72.35 -1.11 -5.23
C ALA F 132 -71.47 -0.36 -6.25
N SER F 133 -70.17 -0.33 -5.95
CA SER F 133 -69.16 0.23 -6.83
C SER F 133 -68.02 -0.73 -6.99
N VAL F 134 -67.52 -0.81 -8.22
CA VAL F 134 -66.41 -1.68 -8.61
C VAL F 134 -65.59 -0.92 -9.66
N PHE F 135 -64.39 -1.43 -9.95
CA PHE F 135 -63.46 -0.81 -10.82
C PHE F 135 -63.04 -1.73 -11.97
N ALA F 136 -62.95 -1.15 -13.13
CA ALA F 136 -62.61 -1.89 -14.33
C ALA F 136 -61.25 -1.39 -14.81
N TYR F 137 -60.42 -2.32 -15.21
CA TYR F 137 -59.05 -2.01 -15.61
C TYR F 137 -58.65 -2.80 -16.84
N HIS F 138 -58.16 -2.07 -17.85
CA HIS F 138 -57.67 -2.67 -19.08
C HIS F 138 -56.47 -3.60 -18.77
N VAL F 139 -56.61 -4.84 -19.20
CA VAL F 139 -55.61 -5.90 -19.03
C VAL F 139 -55.30 -6.63 -20.34
N LEU F 140 -54.12 -7.26 -20.38
CA LEU F 140 -53.73 -8.12 -21.50
C LEU F 140 -54.48 -9.45 -21.58
N ASP F 141 -54.78 -10.05 -20.44
CA ASP F 141 -55.43 -11.39 -20.43
C ASP F 141 -56.74 -11.42 -19.64
N PRO F 142 -57.80 -10.81 -20.20
CA PRO F 142 -59.08 -10.67 -19.47
C PRO F 142 -59.67 -12.02 -19.09
N GLU F 143 -59.33 -13.05 -19.84
CA GLU F 143 -59.92 -14.37 -19.59
C GLU F 143 -59.54 -14.89 -18.18
N ARG F 144 -58.54 -14.33 -17.58
CA ARG F 144 -58.18 -14.73 -16.24
C ARG F 144 -58.97 -14.09 -15.10
N TYR F 145 -59.86 -13.17 -15.43
N TYR F 145 -59.84 -13.15 -15.43
CA TYR F 145 -60.51 -12.33 -14.44
CA TYR F 145 -60.51 -12.35 -14.41
C TYR F 145 -62.00 -12.24 -14.62
C TYR F 145 -61.98 -12.13 -14.68
N GLY F 146 -62.65 -11.51 -13.72
CA GLY F 146 -64.05 -11.16 -13.93
C GLY F 146 -63.97 -10.05 -15.05
N VAL F 147 -64.81 -10.12 -16.07
CA VAL F 147 -64.73 -9.26 -17.24
C VAL F 147 -66.06 -8.49 -17.36
N VAL F 148 -65.90 -7.20 -17.52
CA VAL F 148 -67.01 -6.25 -17.71
C VAL F 148 -67.09 -5.75 -19.11
N GLU F 149 -68.28 -5.86 -19.68
CA GLU F 149 -68.61 -5.41 -21.03
C GLU F 149 -69.38 -4.06 -20.97
N PHE F 150 -69.02 -3.16 -21.87
CA PHE F 150 -69.61 -1.84 -21.99
C PHE F 150 -70.35 -1.68 -23.35
N ASP F 151 -71.43 -0.91 -23.40
CA ASP F 151 -72.11 -0.56 -24.66
C ASP F 151 -71.35 0.60 -25.29
N GLN F 152 -71.81 1.02 -26.47
CA GLN F 152 -71.13 2.08 -27.17
C GLN F 152 -71.06 3.39 -26.40
N GLY F 153 -72.00 3.63 -25.50
CA GLY F 153 -71.97 4.80 -24.65
C GLY F 153 -71.15 4.69 -23.39
N GLY F 154 -70.42 3.59 -23.23
CA GLY F 154 -69.55 3.39 -22.07
C GLY F 154 -70.25 2.87 -20.84
N LYS F 155 -71.48 2.44 -20.94
CA LYS F 155 -72.15 1.95 -19.75
C LYS F 155 -71.95 0.45 -19.66
N ALA F 156 -71.72 -0.02 -18.43
CA ALA F 156 -71.49 -1.44 -18.17
C ALA F 156 -72.82 -2.25 -18.48
N ILE F 157 -72.72 -3.33 -19.28
CA ILE F 157 -73.89 -4.11 -19.64
C ILE F 157 -73.83 -5.61 -19.32
N SER F 158 -72.66 -6.12 -19.00
CA SER F 158 -72.56 -7.52 -18.66
C SER F 158 -71.31 -7.80 -17.89
N LEU F 159 -71.40 -8.82 -17.04
CA LEU F 159 -70.28 -9.42 -16.33
C LEU F 159 -70.20 -10.96 -16.58
N GLU F 160 -68.98 -11.46 -16.65
N GLU F 160 -68.98 -11.46 -16.65
CA GLU F 160 -68.71 -12.88 -16.81
CA GLU F 160 -68.71 -12.88 -16.80
C GLU F 160 -67.43 -13.19 -16.10
C GLU F 160 -67.43 -13.20 -16.10
N GLU F 161 -67.42 -14.28 -15.32
CA GLU F 161 -66.23 -14.70 -14.61
C GLU F 161 -65.41 -15.64 -15.50
N LYS F 162 -64.19 -15.25 -15.78
CA LYS F 162 -63.25 -16.04 -16.61
C LYS F 162 -63.81 -16.63 -17.93
N PRO F 163 -64.37 -15.75 -18.74
CA PRO F 163 -65.00 -16.15 -19.98
C PRO F 163 -63.98 -16.74 -20.94
N LEU F 164 -64.35 -17.76 -21.63
CA LEU F 164 -63.55 -18.33 -22.66
C LEU F 164 -63.40 -17.35 -23.80
N GLU F 165 -64.45 -16.59 -24.12
CA GLU F 165 -64.39 -15.59 -25.17
C GLU F 165 -64.77 -14.22 -24.60
N PRO F 166 -63.80 -13.56 -23.97
CA PRO F 166 -64.07 -12.30 -23.29
C PRO F 166 -64.63 -11.25 -24.21
N LYS F 167 -65.61 -10.52 -23.67
CA LYS F 167 -66.33 -9.52 -24.48
C LYS F 167 -65.63 -8.15 -24.48
N SER F 168 -64.57 -8.02 -23.68
CA SER F 168 -63.73 -6.80 -23.58
C SER F 168 -62.43 -7.14 -22.96
N ASN F 169 -61.52 -6.14 -22.88
CA ASN F 169 -60.28 -6.31 -22.23
C ASN F 169 -60.30 -5.65 -20.84
N TYR F 170 -61.49 -5.46 -20.25
CA TYR F 170 -61.61 -4.81 -18.94
C TYR F 170 -61.98 -5.81 -17.85
N ALA F 171 -61.01 -6.01 -16.97
CA ALA F 171 -61.11 -6.81 -15.79
C ALA F 171 -61.80 -6.09 -14.63
N VAL F 172 -62.63 -6.80 -13.87
CA VAL F 172 -63.13 -6.19 -12.66
C VAL F 172 -62.12 -6.50 -11.56
N THR F 173 -61.51 -5.46 -11.01
CA THR F 173 -60.42 -5.63 -10.02
C THR F 173 -60.91 -6.10 -8.69
N GLY F 174 -59.98 -6.46 -7.83
CA GLY F 174 -60.34 -7.05 -6.55
C GLY F 174 -60.57 -6.09 -5.40
N LEU F 175 -61.45 -5.13 -5.66
CA LEU F 175 -61.79 -4.05 -4.77
C LEU F 175 -63.27 -3.71 -5.01
N TYR F 176 -64.07 -3.84 -3.98
CA TYR F 176 -65.50 -3.75 -4.09
C TYR F 176 -66.13 -3.00 -2.93
N PHE F 177 -67.07 -2.13 -3.24
CA PHE F 177 -67.80 -1.34 -2.25
C PHE F 177 -69.32 -1.72 -2.30
N TYR F 178 -69.90 -2.08 -1.18
CA TYR F 178 -71.32 -2.49 -1.07
C TYR F 178 -72.16 -1.81 -0.04
N ASP F 179 -73.46 -1.76 -0.33
CA ASP F 179 -74.42 -1.23 0.59
C ASP F 179 -74.91 -2.38 1.42
N GLN F 180 -76.07 -2.18 2.06
CA GLN F 180 -76.56 -3.18 2.95
C GLN F 180 -77.18 -4.45 2.32
N GLN F 181 -77.34 -4.46 1.02
CA GLN F 181 -77.94 -5.58 0.32
C GLN F 181 -77.02 -6.79 0.15
N VAL F 182 -75.72 -6.59 0.35
CA VAL F 182 -74.77 -7.60 -0.02
C VAL F 182 -74.88 -8.93 0.72
N VAL F 183 -75.11 -8.92 2.04
CA VAL F 183 -75.26 -10.17 2.79
C VAL F 183 -76.39 -11.06 2.27
N ASP F 184 -77.58 -10.51 2.08
CA ASP F 184 -78.69 -11.26 1.54
C ASP F 184 -78.47 -11.74 0.12
N ILE F 185 -77.79 -10.94 -0.71
CA ILE F 185 -77.45 -11.42 -2.03
C ILE F 185 -76.54 -12.63 -1.93
N ALA F 186 -75.47 -12.52 -1.14
CA ALA F 186 -74.56 -13.63 -0.95
C ALA F 186 -75.23 -14.91 -0.37
N ARG F 187 -76.18 -14.73 0.53
CA ARG F 187 -76.84 -15.85 1.17
C ARG F 187 -77.73 -16.59 0.15
N ASP F 188 -78.14 -15.93 -0.92
CA ASP F 188 -78.99 -16.58 -1.91
C ASP F 188 -78.22 -17.28 -3.02
N LEU F 189 -76.91 -17.14 -3.02
CA LEU F 189 -76.11 -17.68 -4.12
C LEU F 189 -75.86 -19.13 -3.95
N LYS F 190 -75.69 -19.77 -5.09
CA LYS F 190 -75.23 -21.16 -5.15
C LYS F 190 -73.88 -21.13 -5.86
N PRO F 191 -73.09 -22.14 -5.58
CA PRO F 191 -71.83 -22.40 -6.20
C PRO F 191 -72.00 -22.63 -7.67
N SER F 192 -71.11 -22.00 -8.37
CA SER F 192 -70.99 -22.01 -9.81
C SER F 192 -70.49 -23.37 -10.21
N PRO F 193 -70.52 -23.66 -11.50
CA PRO F 193 -69.94 -24.91 -12.02
C PRO F 193 -68.53 -25.15 -11.51
N ARG F 194 -67.67 -24.14 -11.39
CA ARG F 194 -66.32 -24.43 -10.91
C ARG F 194 -66.23 -24.61 -9.40
N GLY F 195 -67.36 -24.47 -8.72
CA GLY F 195 -67.49 -24.81 -7.31
C GLY F 195 -67.24 -23.64 -6.37
N GLU F 196 -67.44 -22.44 -6.85
N GLU F 196 -67.43 -22.44 -6.87
CA GLU F 196 -67.13 -21.26 -6.06
CA GLU F 196 -67.14 -21.26 -6.07
C GLU F 196 -68.34 -20.36 -5.90
C GLU F 196 -68.36 -20.39 -5.89
N LEU F 197 -68.43 -19.73 -4.74
CA LEU F 197 -69.45 -18.73 -4.48
C LEU F 197 -68.89 -17.46 -5.07
N GLU F 198 -69.40 -16.98 -6.19
CA GLU F 198 -68.66 -15.97 -7.00
C GLU F 198 -68.93 -14.51 -6.68
N ILE F 199 -67.88 -13.70 -6.67
CA ILE F 199 -68.09 -12.27 -6.47
C ILE F 199 -68.80 -11.73 -7.66
N THR F 200 -68.54 -12.30 -8.81
CA THR F 200 -69.12 -11.74 -10.02
C THR F 200 -70.65 -11.94 -10.04
N ASP F 201 -71.11 -12.97 -9.36
CA ASP F 201 -72.53 -13.22 -9.25
C ASP F 201 -73.12 -12.16 -8.28
N VAL F 202 -72.44 -11.82 -7.19
CA VAL F 202 -72.89 -10.68 -6.34
C VAL F 202 -72.97 -9.40 -7.18
N ASN F 203 -71.94 -9.10 -7.93
CA ASN F 203 -71.91 -7.86 -8.73
C ASN F 203 -73.01 -7.86 -9.76
N ARG F 204 -73.26 -9.02 -10.37
CA ARG F 204 -74.34 -9.16 -11.33
C ARG F 204 -75.70 -8.91 -10.67
N ALA F 205 -75.92 -9.39 -9.47
CA ALA F 205 -77.18 -9.09 -8.79
C ALA F 205 -77.44 -7.55 -8.73
N TYR F 206 -76.43 -6.75 -8.39
CA TYR F 206 -76.50 -5.31 -8.44
C TYR F 206 -76.71 -4.75 -9.83
N LEU F 207 -75.94 -5.21 -10.81
CA LEU F 207 -76.09 -4.78 -12.19
C LEU F 207 -77.55 -4.97 -12.70
N GLU F 208 -78.15 -6.09 -12.34
CA GLU F 208 -79.51 -6.47 -12.75
C GLU F 208 -80.59 -5.64 -12.13
N ARG F 209 -80.23 -4.96 -11.05
CA ARG F 209 -81.14 -4.06 -10.39
C ARG F 209 -80.81 -2.62 -10.77
N GLY F 210 -79.86 -2.38 -11.69
CA GLY F 210 -79.50 -0.99 -12.06
C GLY F 210 -78.72 -0.24 -10.96
N GLN F 211 -78.10 -0.98 -10.02
CA GLN F 211 -77.45 -0.36 -8.88
C GLN F 211 -75.94 -0.67 -8.80
N LEU F 212 -75.32 -1.11 -9.90
CA LEU F 212 -73.86 -1.29 -10.01
C LEU F 212 -73.18 -0.11 -10.70
N SER F 213 -72.35 0.61 -9.95
N SER F 213 -72.35 0.61 -9.95
CA SER F 213 -71.51 1.65 -10.56
CA SER F 213 -71.51 1.65 -10.56
C SER F 213 -70.17 1.00 -10.93
C SER F 213 -70.17 1.01 -10.92
N VAL F 214 -69.82 1.12 -12.19
CA VAL F 214 -68.57 0.60 -12.68
C VAL F 214 -67.69 1.75 -13.07
N GLU F 215 -66.67 1.98 -12.28
CA GLU F 215 -65.75 3.06 -12.53
C GLU F 215 -64.50 2.56 -13.25
N ILE F 216 -64.12 3.23 -14.34
CA ILE F 216 -62.85 2.90 -15.01
C ILE F 216 -61.67 3.38 -14.17
N MET F 217 -60.80 2.45 -13.81
CA MET F 217 -59.51 2.75 -13.18
C MET F 217 -58.51 2.94 -14.41
N GLY F 218 -58.14 4.17 -14.64
CA GLY F 218 -57.36 4.48 -15.81
C GLY F 218 -55.97 3.85 -15.84
N ARG F 219 -55.41 3.81 -17.05
CA ARG F 219 -54.12 3.23 -17.30
C ARG F 219 -52.99 3.88 -16.50
N GLY F 220 -53.21 5.10 -16.01
CA GLY F 220 -52.24 5.72 -15.09
C GLY F 220 -52.02 5.04 -13.74
N TYR F 221 -52.99 4.25 -13.32
CA TYR F 221 -52.85 3.45 -12.13
C TYR F 221 -52.17 2.18 -12.43
N ALA F 222 -51.41 1.67 -11.46
CA ALA F 222 -50.92 0.30 -11.55
C ALA F 222 -51.87 -0.56 -10.72
N TRP F 223 -52.38 -1.65 -11.29
CA TRP F 223 -53.13 -2.63 -10.51
C TRP F 223 -52.42 -3.93 -10.81
N LEU F 224 -51.79 -4.48 -9.78
CA LEU F 224 -51.00 -5.71 -9.91
C LEU F 224 -51.54 -6.76 -8.94
N ASP F 225 -51.30 -8.02 -9.27
CA ASP F 225 -51.50 -9.04 -8.28
C ASP F 225 -50.28 -9.89 -8.19
N THR F 226 -50.15 -10.55 -7.04
CA THR F 226 -49.02 -11.35 -6.73
C THR F 226 -49.31 -12.85 -6.80
N GLY F 227 -50.29 -13.27 -7.58
CA GLY F 227 -50.66 -14.69 -7.65
C GLY F 227 -49.73 -15.65 -8.33
N THR F 228 -48.68 -15.18 -9.06
CA THR F 228 -47.70 -16.04 -9.75
C THR F 228 -46.29 -15.70 -9.29
N HIS F 229 -45.37 -16.63 -9.46
CA HIS F 229 -43.97 -16.33 -9.14
C HIS F 229 -43.49 -15.08 -9.89
N ASP F 230 -43.81 -15.01 -11.18
CA ASP F 230 -43.42 -13.94 -12.01
C ASP F 230 -44.00 -12.64 -11.58
N SER F 231 -45.29 -12.61 -11.21
CA SER F 231 -45.94 -11.37 -10.85
C SER F 231 -45.51 -10.82 -9.51
N LEU F 232 -45.21 -11.71 -8.59
CA LEU F 232 -44.72 -11.32 -7.30
C LEU F 232 -43.37 -10.63 -7.48
N LEU F 233 -42.53 -11.18 -8.37
CA LEU F 233 -41.21 -10.62 -8.59
C LEU F 233 -41.35 -9.22 -9.22
N GLU F 234 -42.25 -9.12 -10.19
CA GLU F 234 -42.51 -7.86 -10.88
C GLU F 234 -43.06 -6.79 -9.95
N ALA F 235 -43.91 -7.22 -9.03
CA ALA F 235 -44.52 -6.28 -8.08
C ALA F 235 -43.40 -5.75 -7.15
N GLY F 236 -42.50 -6.63 -6.69
CA GLY F 236 -41.41 -6.18 -5.83
C GLY F 236 -40.49 -5.14 -6.50
N GLN F 237 -40.15 -5.46 -7.76
CA GLN F 237 -39.37 -4.55 -8.59
C GLN F 237 -40.01 -3.17 -8.75
N PHE F 238 -41.32 -3.16 -8.89
CA PHE F 238 -42.11 -2.00 -9.13
C PHE F 238 -42.05 -1.12 -7.87
N ILE F 239 -42.36 -1.68 -6.71
CA ILE F 239 -42.26 -0.97 -5.49
C ILE F 239 -40.83 -0.46 -5.24
N ALA F 240 -39.83 -1.32 -5.49
CA ALA F 240 -38.44 -0.92 -5.24
C ALA F 240 -38.07 0.34 -6.04
N THR F 241 -38.42 0.34 -7.30
CA THR F 241 -38.11 1.45 -8.20
C THR F 241 -38.70 2.76 -7.67
N LEU F 242 -39.96 2.73 -7.29
CA LEU F 242 -40.66 3.93 -6.78
C LEU F 242 -39.96 4.44 -5.49
N GLU F 243 -39.76 3.51 -4.55
CA GLU F 243 -39.32 3.90 -3.22
C GLU F 243 -37.89 4.44 -3.25
N ASN F 244 -37.05 3.79 -4.05
CA ASN F 244 -35.66 4.19 -4.12
C ASN F 244 -35.50 5.52 -4.93
N ARG F 245 -36.48 5.82 -5.79
CA ARG F 245 -36.43 7.05 -6.57
C ARG F 245 -36.93 8.17 -5.65
N GLN F 246 -38.02 7.90 -4.95
CA GLN F 246 -38.72 8.96 -4.15
C GLN F 246 -38.15 9.21 -2.73
N GLY F 247 -37.54 8.19 -2.19
CA GLY F 247 -37.18 8.22 -0.79
C GLY F 247 -38.45 8.25 0.08
N LEU F 248 -39.51 7.69 -0.46
CA LEU F 248 -40.83 7.54 0.23
C LEU F 248 -41.28 6.09 0.11
N LYS F 249 -41.96 5.55 1.12
CA LYS F 249 -42.42 4.19 1.10
C LYS F 249 -43.90 4.05 0.71
N VAL F 250 -44.18 3.00 -0.03
CA VAL F 250 -45.54 2.63 -0.41
C VAL F 250 -46.23 1.79 0.62
N ALA F 251 -47.44 2.13 0.95
CA ALA F 251 -48.21 1.25 1.89
C ALA F 251 -47.60 1.00 3.27
N CYS F 252 -47.06 2.04 3.88
N CYS F 252 -47.05 2.04 3.88
CA CYS F 252 -46.66 2.00 5.26
CA CYS F 252 -46.66 2.00 5.29
C CYS F 252 -47.87 2.41 6.13
C CYS F 252 -47.88 2.41 6.13
N PRO F 253 -48.49 1.45 6.84
CA PRO F 253 -49.68 1.74 7.66
C PRO F 253 -49.43 2.82 8.70
N GLU F 254 -48.24 2.83 9.27
CA GLU F 254 -47.89 3.82 10.23
C GLU F 254 -47.98 5.22 9.65
N GLU F 255 -47.41 5.38 8.44
CA GLU F 255 -47.41 6.68 7.79
C GLU F 255 -48.86 7.11 7.49
N ILE F 256 -49.63 6.21 6.90
CA ILE F 256 -51.00 6.54 6.56
C ILE F 256 -51.83 6.91 7.81
N ALA F 257 -51.73 6.13 8.89
CA ALA F 257 -52.48 6.42 10.12
C ALA F 257 -52.13 7.84 10.62
N TYR F 258 -50.84 8.13 10.61
CA TYR F 258 -50.36 9.45 10.98
C TYR F 258 -50.88 10.58 10.08
N ARG F 259 -50.78 10.43 8.77
CA ARG F 259 -51.29 11.45 7.86
C ARG F 259 -52.78 11.72 7.99
N GLN F 260 -53.56 10.67 8.28
CA GLN F 260 -55.01 10.74 8.50
C GLN F 260 -55.38 11.19 9.88
N LYS F 261 -54.39 11.31 10.76
CA LYS F 261 -54.59 11.82 12.10
C LYS F 261 -55.26 10.79 12.98
N TRP F 262 -55.02 9.55 12.64
CA TRP F 262 -55.51 8.43 13.43
C TRP F 262 -54.61 8.15 14.61
N ILE F 263 -53.31 8.39 14.44
CA ILE F 263 -52.34 8.34 15.52
C ILE F 263 -51.68 9.74 15.50
N ASP F 264 -51.13 10.20 16.63
CA ASP F 264 -50.41 11.50 16.67
C ASP F 264 -48.91 11.29 16.65
N ALA F 265 -48.15 12.40 16.62
CA ALA F 265 -46.70 12.40 16.51
C ALA F 265 -46.04 11.54 17.55
N ALA F 266 -46.56 11.56 18.76
CA ALA F 266 -45.93 10.84 19.84
C ALA F 266 -46.14 9.34 19.70
N GLN F 267 -47.32 8.95 19.20
CA GLN F 267 -47.57 7.55 18.89
C GLN F 267 -46.66 7.09 17.78
N LEU F 268 -46.50 7.89 16.73
CA LEU F 268 -45.61 7.46 15.65
C LEU F 268 -44.20 7.28 16.17
N GLU F 269 -43.79 8.14 17.09
CA GLU F 269 -42.41 8.07 17.60
C GLU F 269 -42.20 6.74 18.35
N LYS F 270 -43.20 6.36 19.11
CA LYS F 270 -43.21 5.08 19.81
C LYS F 270 -43.23 3.84 18.89
N LEU F 271 -43.86 3.97 17.73
CA LEU F 271 -43.83 2.89 16.77
C LEU F 271 -42.45 2.76 16.15
N ALA F 272 -41.82 3.89 15.92
CA ALA F 272 -40.52 3.91 15.27
C ALA F 272 -39.36 3.35 16.09
N ALA F 273 -39.35 3.57 17.38
CA ALA F 273 -38.23 3.13 18.22
C ALA F 273 -37.78 1.69 17.92
N PRO F 274 -38.68 0.73 18.11
CA PRO F 274 -38.32 -0.68 17.92
C PRO F 274 -37.79 -0.96 16.56
N LEU F 275 -38.13 -0.14 15.56
CA LEU F 275 -37.70 -0.38 14.21
C LEU F 275 -36.51 0.48 13.90
N ALA F 276 -36.04 1.20 14.91
CA ALA F 276 -35.03 2.20 14.69
C ALA F 276 -33.76 1.72 14.02
N LYS F 277 -33.49 0.42 14.07
CA LYS F 277 -32.22 -0.08 13.58
C LYS F 277 -32.16 -0.37 12.09
N ASN F 278 -33.30 -0.32 11.40
CA ASN F 278 -33.29 -0.47 9.94
C ASN F 278 -33.97 0.74 9.34
N GLY F 279 -33.91 0.86 8.03
CA GLY F 279 -34.50 1.97 7.32
C GLY F 279 -35.98 2.24 7.60
N TYR F 280 -36.77 1.20 7.82
CA TYR F 280 -38.23 1.38 8.03
C TYR F 280 -38.46 2.27 9.26
N GLY F 281 -37.80 1.94 10.35
CA GLY F 281 -37.84 2.77 11.54
C GLY F 281 -37.27 4.13 11.30
N GLN F 282 -36.17 4.19 10.56
CA GLN F 282 -35.53 5.48 10.30
C GLN F 282 -36.49 6.31 9.46
N TYR F 283 -37.27 5.62 8.63
CA TYR F 283 -38.19 6.30 7.77
C TYR F 283 -39.32 6.93 8.57
N LEU F 284 -39.89 6.16 9.47
CA LEU F 284 -40.92 6.69 10.33
C LEU F 284 -40.43 7.94 11.05
N LYS F 285 -39.17 7.89 11.54
CA LYS F 285 -38.61 9.02 12.25
C LYS F 285 -38.58 10.22 11.38
N ARG F 286 -38.07 10.06 10.17
CA ARG F 286 -37.97 11.20 9.25
C ARG F 286 -39.35 11.82 8.99
N LEU F 287 -40.42 11.02 9.00
CA LEU F 287 -41.74 11.56 8.72
C LEU F 287 -42.24 12.56 9.78
N LEU F 288 -41.63 12.55 10.94
CA LEU F 288 -41.96 13.56 11.94
C LEU F 288 -41.28 14.89 11.69
N THR F 289 -40.20 14.90 10.90
CA THR F 289 -39.41 16.11 10.71
C THR F 289 -39.71 16.84 9.41
N GLU F 290 -40.12 16.07 8.42
CA GLU F 290 -40.27 16.57 7.08
C GLU F 290 -41.67 16.82 6.67
N THR F 291 -41.89 17.89 5.93
CA THR F 291 -43.19 18.10 5.30
C THR F 291 -43.24 17.34 3.94
N VAL F 292 -44.19 16.42 3.79
CA VAL F 292 -44.36 15.71 2.52
C VAL F 292 -45.70 16.12 1.93
N TYR F 293 -45.67 16.74 0.77
CA TYR F 293 -46.89 17.20 0.09
C TYR F 293 -47.60 16.11 -0.65
N LYS G 2 -51.66 28.67 -28.52
CA LYS G 2 -50.54 27.83 -29.10
C LYS G 2 -49.25 27.91 -28.31
N ARG G 3 -48.76 26.79 -27.83
CA ARG G 3 -47.45 26.76 -27.22
C ARG G 3 -46.56 25.87 -28.06
N LYS G 4 -45.32 26.27 -28.25
CA LYS G 4 -44.34 25.52 -28.97
C LYS G 4 -43.42 24.78 -28.06
N GLY G 5 -42.96 23.62 -28.53
CA GLY G 5 -42.15 22.77 -27.67
C GLY G 5 -40.74 22.56 -28.14
N ILE G 6 -39.88 22.23 -27.19
CA ILE G 6 -38.49 21.90 -27.43
C ILE G 6 -38.16 20.67 -26.63
N ILE G 7 -37.45 19.75 -27.30
CA ILE G 7 -36.88 18.58 -26.66
C ILE G 7 -35.39 18.77 -26.71
N LEU G 8 -34.77 18.82 -25.52
CA LEU G 8 -33.30 18.89 -25.48
C LEU G 8 -32.75 17.46 -25.42
N ALA G 9 -32.16 16.98 -26.52
CA ALA G 9 -31.83 15.57 -26.66
C ALA G 9 -30.37 15.36 -27.08
N GLY G 10 -29.49 16.21 -26.57
CA GLY G 10 -28.09 16.16 -26.86
C GLY G 10 -27.34 15.69 -25.62
N GLY G 11 -26.24 16.33 -25.32
CA GLY G 11 -25.40 15.95 -24.19
C GLY G 11 -24.45 14.83 -24.62
N SER G 12 -23.43 14.55 -23.80
CA SER G 12 -22.38 13.58 -24.11
C SER G 12 -22.66 12.15 -23.63
N GLY G 13 -23.58 11.99 -22.70
CA GLY G 13 -23.87 10.68 -22.18
C GLY G 13 -22.67 9.98 -21.52
N THR G 14 -21.72 10.74 -20.99
CA THR G 14 -20.53 10.15 -20.33
C THR G 14 -20.86 9.11 -19.27
N ARG G 15 -21.79 9.40 -18.41
CA ARG G 15 -22.15 8.42 -17.39
C ARG G 15 -22.51 7.02 -17.98
N LEU G 16 -23.06 7.03 -19.22
CA LEU G 16 -23.47 5.78 -19.88
C LEU G 16 -22.39 5.16 -20.78
N HIS G 17 -21.22 5.75 -20.79
CA HIS G 17 -20.13 5.10 -21.50
C HIS G 17 -19.91 3.66 -20.99
N PRO G 18 -19.52 2.77 -21.90
CA PRO G 18 -19.31 3.02 -23.34
C PRO G 18 -20.58 2.76 -24.20
N ALA G 19 -21.70 2.46 -23.59
CA ALA G 19 -22.91 2.26 -24.38
C ALA G 19 -23.17 3.48 -25.38
N THR G 20 -23.07 4.70 -24.86
CA THR G 20 -23.28 5.91 -25.62
C THR G 20 -22.16 6.31 -26.53
N LEU G 21 -21.12 5.49 -26.65
CA LEU G 21 -20.13 5.78 -27.69
C LEU G 21 -20.80 5.42 -29.04
N ALA G 22 -21.70 4.43 -28.98
CA ALA G 22 -22.49 3.90 -30.12
C ALA G 22 -23.81 4.62 -30.46
N ILE G 23 -24.44 5.23 -29.48
CA ILE G 23 -25.75 5.79 -29.67
C ILE G 23 -25.99 6.94 -28.67
N SER G 24 -26.72 8.01 -29.08
CA SER G 24 -27.16 9.10 -28.16
C SER G 24 -27.91 8.40 -27.03
N LYS G 25 -27.83 8.94 -25.82
CA LYS G 25 -28.66 8.40 -24.72
C LYS G 25 -30.13 8.40 -25.12
N GLN G 26 -30.54 9.37 -25.95
CA GLN G 26 -31.97 9.48 -26.22
C GLN G 26 -32.46 8.62 -27.42
N LEU G 27 -31.56 7.87 -28.06
CA LEU G 27 -31.89 6.88 -29.06
C LEU G 27 -31.94 5.49 -28.47
N LEU G 28 -31.38 5.31 -27.29
CA LEU G 28 -31.39 3.96 -26.65
C LEU G 28 -32.81 3.62 -26.24
N PRO G 29 -33.19 2.36 -26.27
CA PRO G 29 -34.55 1.98 -25.89
C PRO G 29 -34.85 1.96 -24.37
N VAL G 30 -36.06 2.36 -24.03
CA VAL G 30 -36.56 2.12 -22.68
C VAL G 30 -37.57 1.00 -22.94
N TYR G 31 -37.11 -0.19 -22.70
CA TYR G 31 -37.88 -1.43 -22.91
C TYR G 31 -38.12 -1.73 -24.41
N ASP G 32 -39.13 -1.09 -24.98
CA ASP G 32 -39.55 -1.41 -26.33
C ASP G 32 -39.54 -0.30 -27.37
N LYS G 33 -39.16 0.90 -26.99
CA LYS G 33 -39.15 2.01 -27.96
C LYS G 33 -38.10 3.04 -27.53
N PRO G 34 -37.67 3.87 -28.46
CA PRO G 34 -36.58 4.81 -28.19
C PRO G 34 -36.91 5.77 -27.12
N MET G 35 -35.90 6.13 -26.35
N MET G 35 -35.90 6.13 -26.35
CA MET G 35 -36.08 7.00 -25.22
CA MET G 35 -36.06 7.00 -25.20
C MET G 35 -36.83 8.27 -25.56
C MET G 35 -36.82 8.26 -25.56
N ILE G 36 -36.48 8.86 -26.69
CA ILE G 36 -37.08 10.13 -27.07
C ILE G 36 -38.60 10.07 -27.25
N TYR G 37 -39.15 8.87 -27.52
CA TYR G 37 -40.62 8.75 -27.57
C TYR G 37 -41.33 9.22 -26.31
N TYR G 38 -40.69 9.00 -25.18
CA TYR G 38 -41.26 9.37 -23.88
C TYR G 38 -41.47 10.92 -23.70
N PRO G 39 -40.41 11.75 -23.76
CA PRO G 39 -40.56 13.20 -23.67
C PRO G 39 -41.35 13.77 -24.86
N LEU G 40 -41.30 13.12 -26.02
CA LEU G 40 -42.12 13.61 -27.15
C LEU G 40 -43.59 13.41 -26.76
N SER G 41 -43.92 12.23 -26.26
CA SER G 41 -45.29 11.94 -25.81
C SER G 41 -45.77 12.94 -24.76
N THR G 42 -44.89 13.40 -23.90
CA THR G 42 -45.23 14.38 -22.87
C THR G 42 -45.68 15.69 -23.51
N LEU G 43 -44.89 16.16 -24.42
CA LEU G 43 -45.30 17.35 -25.11
C LEU G 43 -46.60 17.20 -25.84
N MET G 44 -46.75 16.06 -26.53
CA MET G 44 -48.00 15.76 -27.25
C MET G 44 -49.23 15.80 -26.33
N LEU G 45 -49.01 15.21 -25.15
CA LEU G 45 -50.07 15.17 -24.13
C LEU G 45 -50.41 16.54 -23.54
N ALA G 46 -49.51 17.49 -23.64
CA ALA G 46 -49.68 18.90 -23.29
C ALA G 46 -50.35 19.70 -24.43
N GLY G 47 -50.75 19.03 -25.50
CA GLY G 47 -51.41 19.69 -26.60
C GLY G 47 -50.47 20.35 -27.60
N ILE G 48 -49.16 20.03 -27.57
CA ILE G 48 -48.13 20.67 -28.40
C ILE G 48 -47.82 19.84 -29.57
N ARG G 49 -47.93 20.46 -30.73
CA ARG G 49 -47.71 19.75 -31.98
C ARG G 49 -46.50 20.27 -32.79
N GLU G 50 -46.04 21.46 -32.53
CA GLU G 50 -44.91 22.07 -33.22
C GLU G 50 -43.73 22.00 -32.22
N ILE G 51 -42.75 21.17 -32.54
CA ILE G 51 -41.68 20.78 -31.60
C ILE G 51 -40.32 20.84 -32.28
N LEU G 52 -39.38 21.49 -31.64
CA LEU G 52 -38.00 21.52 -32.09
C LEU G 52 -37.16 20.57 -31.23
N ILE G 53 -36.45 19.68 -31.91
CA ILE G 53 -35.59 18.72 -31.29
C ILE G 53 -34.13 19.13 -31.47
N ILE G 54 -33.48 19.35 -30.34
CA ILE G 54 -32.14 19.83 -30.29
C ILE G 54 -31.22 18.69 -29.94
N SER G 55 -30.17 18.50 -30.73
CA SER G 55 -29.19 17.46 -30.41
C SER G 55 -27.79 17.84 -30.89
N THR G 56 -26.87 16.88 -30.73
CA THR G 56 -25.49 17.06 -31.01
C THR G 56 -25.32 17.02 -32.53
N PRO G 57 -24.21 17.48 -33.06
CA PRO G 57 -24.02 17.40 -34.51
C PRO G 57 -24.13 15.95 -35.07
N GLN G 58 -23.55 14.97 -34.39
CA GLN G 58 -23.65 13.57 -34.80
C GLN G 58 -25.03 12.93 -34.62
N ASP G 59 -25.81 13.30 -33.61
CA ASP G 59 -27.04 12.58 -33.33
C ASP G 59 -28.25 13.20 -34.00
N THR G 60 -28.12 14.46 -34.33
CA THR G 60 -29.29 15.17 -34.91
C THR G 60 -29.81 14.44 -36.15
N PRO G 61 -28.95 13.98 -37.05
CA PRO G 61 -29.42 13.21 -38.21
C PRO G 61 -30.10 11.87 -37.88
N ARG G 62 -29.72 11.26 -36.77
CA ARG G 62 -30.34 10.03 -36.34
C ARG G 62 -31.78 10.28 -35.83
N PHE G 63 -31.99 11.36 -35.10
CA PHE G 63 -33.34 11.72 -34.73
C PHE G 63 -34.24 12.00 -35.92
N GLN G 64 -33.68 12.70 -36.90
CA GLN G 64 -34.47 13.01 -38.09
C GLN G 64 -34.83 11.76 -38.88
N GLN G 65 -33.91 10.81 -38.91
CA GLN G 65 -34.11 9.55 -39.58
C GLN G 65 -35.20 8.76 -38.88
N LEU G 66 -35.19 8.77 -37.56
CA LEU G 66 -36.20 8.08 -36.80
C LEU G 66 -37.58 8.76 -36.90
N LEU G 67 -37.63 10.07 -36.72
CA LEU G 67 -38.93 10.79 -36.58
C LEU G 67 -39.46 11.55 -37.76
N GLY G 68 -38.57 11.96 -38.62
CA GLY G 68 -38.96 12.62 -39.86
C GLY G 68 -39.49 14.00 -39.53
N ASP G 69 -40.30 14.58 -40.39
CA ASP G 69 -40.80 15.92 -40.09
C ASP G 69 -42.08 15.85 -39.24
N GLY G 70 -42.45 14.66 -38.83
CA GLY G 70 -43.62 14.44 -37.97
C GLY G 70 -45.03 14.45 -38.60
N SER G 71 -45.10 14.80 -39.86
CA SER G 71 -46.37 14.89 -40.60
C SER G 71 -47.22 13.63 -40.52
N ASN G 72 -46.59 12.45 -40.54
CA ASN G 72 -47.26 11.17 -40.53
C ASN G 72 -47.95 10.97 -39.15
N TRP G 73 -47.55 11.73 -38.15
CA TRP G 73 -48.18 11.68 -36.81
C TRP G 73 -48.98 12.96 -36.47
N GLY G 74 -49.28 13.77 -37.48
CA GLY G 74 -49.94 15.05 -37.26
C GLY G 74 -49.14 16.12 -36.52
N LEU G 75 -47.82 15.98 -36.55
CA LEU G 75 -46.91 16.93 -35.89
C LEU G 75 -46.09 17.77 -36.92
N ASP G 76 -45.47 18.79 -36.37
CA ASP G 76 -44.50 19.62 -37.11
C ASP G 76 -43.20 19.56 -36.32
N LEU G 77 -42.33 18.62 -36.74
CA LEU G 77 -41.05 18.46 -36.10
C LEU G 77 -39.99 19.17 -36.88
N GLN G 78 -39.12 19.87 -36.14
CA GLN G 78 -37.96 20.59 -36.68
C GLN G 78 -36.73 20.28 -35.75
N TYR G 79 -35.56 20.39 -36.35
CA TYR G 79 -34.31 20.00 -35.74
C TYR G 79 -33.27 21.13 -35.76
N ALA G 80 -32.46 21.16 -34.68
CA ALA G 80 -31.34 22.07 -34.61
C ALA G 80 -30.21 21.41 -33.83
N VAL G 81 -29.02 21.90 -34.03
CA VAL G 81 -27.83 21.36 -33.46
C VAL G 81 -27.28 22.29 -32.39
N GLN G 82 -26.91 21.67 -31.27
CA GLN G 82 -26.14 22.31 -30.18
C GLN G 82 -24.76 21.76 -30.32
N PRO G 83 -23.82 22.58 -30.79
CA PRO G 83 -22.44 22.08 -31.03
C PRO G 83 -21.71 21.60 -29.81
N SER G 84 -22.01 22.17 -28.64
CA SER G 84 -21.42 21.77 -27.37
C SER G 84 -22.46 21.84 -26.24
N PRO G 85 -22.45 20.89 -25.32
CA PRO G 85 -23.43 20.85 -24.25
C PRO G 85 -23.19 21.84 -23.16
N ASP G 86 -23.40 23.10 -23.48
CA ASP G 86 -23.07 24.16 -22.62
C ASP G 86 -24.20 24.72 -21.80
N GLY G 87 -25.27 23.96 -21.70
CA GLY G 87 -26.34 24.25 -20.75
C GLY G 87 -27.76 24.18 -21.30
N LEU G 88 -28.68 23.78 -20.43
CA LEU G 88 -30.12 23.66 -20.85
C LEU G 88 -30.64 24.98 -21.40
N ALA G 89 -30.20 26.11 -20.86
CA ALA G 89 -30.77 27.41 -21.24
C ALA G 89 -30.38 27.80 -22.64
N GLN G 90 -29.39 27.12 -23.24
CA GLN G 90 -29.01 27.45 -24.62
C GLN G 90 -30.16 27.03 -25.53
N ALA G 91 -31.05 26.16 -25.05
CA ALA G 91 -32.22 25.77 -25.84
C ALA G 91 -32.99 27.02 -26.34
N PHE G 92 -33.07 28.03 -25.50
CA PHE G 92 -33.81 29.22 -25.84
C PHE G 92 -33.05 30.15 -26.78
N LEU G 93 -31.74 29.98 -26.89
CA LEU G 93 -30.95 30.78 -27.77
C LEU G 93 -30.93 30.11 -29.12
N ILE G 94 -30.66 28.83 -29.14
CA ILE G 94 -30.77 28.06 -30.37
C ILE G 94 -32.17 28.15 -30.95
N GLY G 95 -33.17 28.08 -30.08
CA GLY G 95 -34.55 28.03 -30.50
C GLY G 95 -35.24 29.40 -30.53
N GLU G 96 -34.48 30.49 -30.44
CA GLU G 96 -35.05 31.85 -30.36
C GLU G 96 -36.00 32.18 -31.50
N SER G 97 -35.57 31.94 -32.73
N SER G 97 -35.57 31.94 -32.73
CA SER G 97 -36.38 32.27 -33.88
CA SER G 97 -36.40 32.25 -33.89
C SER G 97 -37.58 31.25 -33.98
C SER G 97 -37.58 31.25 -33.97
N PHE G 98 -37.33 29.99 -33.64
CA PHE G 98 -38.39 28.96 -33.61
C PHE G 98 -39.54 29.39 -32.73
N ILE G 99 -39.22 29.81 -31.52
CA ILE G 99 -40.22 30.25 -30.57
C ILE G 99 -40.96 31.49 -31.03
N GLY G 100 -40.24 32.41 -31.59
CA GLY G 100 -40.85 33.68 -31.96
C GLY G 100 -41.45 34.38 -30.74
N ASN G 101 -42.67 34.86 -30.91
N ASN G 101 -42.67 34.86 -30.91
CA ASN G 101 -43.36 35.58 -29.85
CA ASN G 101 -43.38 35.57 -29.85
C ASN G 101 -44.43 34.69 -29.17
C ASN G 101 -44.42 34.68 -29.17
N ASP G 102 -44.18 33.38 -29.18
CA ASP G 102 -45.09 32.44 -28.58
C ASP G 102 -44.64 31.92 -27.21
N LEU G 103 -45.60 31.39 -26.49
CA LEU G 103 -45.35 30.60 -25.29
C LEU G 103 -44.52 29.42 -25.70
N SER G 104 -43.82 28.80 -24.75
CA SER G 104 -43.01 27.64 -25.06
C SER G 104 -42.96 26.66 -23.88
N ALA G 105 -42.40 25.49 -24.18
CA ALA G 105 -42.24 24.39 -23.20
C ALA G 105 -40.95 23.68 -23.56
N LEU G 106 -40.21 23.30 -22.54
CA LEU G 106 -38.96 22.58 -22.76
C LEU G 106 -39.07 21.30 -21.95
N VAL G 107 -38.80 20.17 -22.58
CA VAL G 107 -38.70 18.92 -21.84
C VAL G 107 -37.29 18.31 -22.12
N LEU G 108 -36.71 17.71 -21.09
CA LEU G 108 -35.42 17.06 -21.20
C LEU G 108 -35.55 15.61 -21.78
N GLY G 109 -34.63 15.29 -22.68
CA GLY G 109 -34.64 14.08 -23.48
C GLY G 109 -34.62 12.79 -22.67
N ASP G 110 -34.01 12.79 -21.50
CA ASP G 110 -33.86 11.62 -20.67
C ASP G 110 -34.88 11.53 -19.49
N ASN G 111 -35.87 12.39 -19.46
CA ASN G 111 -36.87 12.32 -18.42
C ASN G 111 -38.11 11.54 -18.88
N LEU G 112 -38.61 10.68 -17.98
CA LEU G 112 -39.70 9.83 -18.26
C LEU G 112 -40.75 10.07 -17.14
N TYR G 113 -41.92 10.55 -17.53
CA TYR G 113 -43.03 10.80 -16.60
C TYR G 113 -44.15 9.78 -16.84
N TYR G 114 -44.87 9.38 -15.78
CA TYR G 114 -46.03 8.53 -15.98
C TYR G 114 -46.98 8.56 -14.77
N GLY G 115 -48.27 8.67 -15.00
CA GLY G 115 -49.20 8.43 -13.90
C GLY G 115 -50.60 8.91 -14.31
N HIS G 116 -51.54 8.72 -13.41
CA HIS G 116 -52.97 8.95 -13.61
C HIS G 116 -53.24 10.42 -13.62
N ASP G 117 -53.90 10.89 -14.70
CA ASP G 117 -54.21 12.32 -14.92
C ASP G 117 -52.98 13.24 -15.16
N PHE G 118 -51.89 12.68 -15.63
CA PHE G 118 -50.74 13.47 -16.08
C PHE G 118 -51.21 14.34 -17.22
N HIS G 119 -52.12 13.82 -18.06
CA HIS G 119 -52.65 14.65 -19.15
C HIS G 119 -53.27 15.97 -18.65
N GLU G 120 -54.10 15.92 -17.62
CA GLU G 120 -54.73 17.10 -17.03
C GLU G 120 -53.72 18.03 -16.37
N LEU G 121 -52.71 17.44 -15.72
CA LEU G 121 -51.58 18.13 -15.08
C LEU G 121 -50.83 18.95 -16.15
N LEU G 122 -50.51 18.29 -17.25
CA LEU G 122 -49.94 18.99 -18.47
C LEU G 122 -50.81 20.10 -19.04
N GLY G 123 -52.10 19.77 -19.26
CA GLY G 123 -53.07 20.69 -19.82
C GLY G 123 -53.17 21.96 -18.99
N SER G 124 -53.23 21.80 -17.66
CA SER G 124 -53.24 22.95 -16.76
C SER G 124 -52.08 23.91 -16.85
N ALA G 125 -50.88 23.35 -16.99
CA ALA G 125 -49.71 24.22 -17.10
C ALA G 125 -49.61 24.82 -18.50
N SER G 126 -49.88 24.00 -19.52
CA SER G 126 -49.70 24.42 -20.89
C SER G 126 -50.69 25.50 -21.28
N GLN G 127 -51.86 25.50 -20.64
CA GLN G 127 -52.94 26.45 -20.93
C GLN G 127 -52.82 27.76 -20.19
N ARG G 128 -51.86 27.85 -19.28
CA ARG G 128 -51.61 29.11 -18.63
C ARG G 128 -51.01 30.03 -19.71
N GLN G 129 -51.17 31.37 -19.59
CA GLN G 129 -50.62 32.28 -20.60
C GLN G 129 -49.67 33.36 -20.03
N THR G 130 -49.07 33.01 -18.90
CA THR G 130 -48.16 33.85 -18.16
C THR G 130 -47.21 33.11 -17.23
N GLY G 131 -46.10 33.75 -17.01
CA GLY G 131 -45.08 33.32 -16.09
C GLY G 131 -44.46 32.03 -16.57
N ALA G 132 -43.91 31.33 -15.59
CA ALA G 132 -43.27 30.03 -15.83
C ALA G 132 -43.91 28.98 -14.91
N SER G 133 -43.97 27.73 -15.36
CA SER G 133 -44.46 26.58 -14.54
C SER G 133 -43.47 25.43 -14.56
N VAL G 134 -43.18 24.88 -13.37
CA VAL G 134 -42.22 23.81 -13.13
C VAL G 134 -42.86 22.91 -12.10
N PHE G 135 -42.34 21.69 -11.97
CA PHE G 135 -42.85 20.67 -11.15
C PHE G 135 -41.81 20.20 -10.18
N ALA G 136 -42.25 20.06 -8.94
CA ALA G 136 -41.39 19.59 -7.85
C ALA G 136 -41.78 18.16 -7.47
N TYR G 137 -40.80 17.30 -7.25
CA TYR G 137 -41.08 15.89 -6.98
C TYR G 137 -40.15 15.40 -5.84
N HIS G 138 -40.74 14.79 -4.82
CA HIS G 138 -39.95 14.26 -3.70
C HIS G 138 -39.02 13.19 -4.15
N VAL G 139 -37.75 13.33 -3.86
CA VAL G 139 -36.72 12.38 -4.27
C VAL G 139 -35.75 11.99 -3.11
N LEU G 140 -35.15 10.85 -3.26
CA LEU G 140 -34.16 10.38 -2.29
C LEU G 140 -32.86 11.13 -2.42
N ASP G 141 -32.47 11.54 -3.61
CA ASP G 141 -31.13 12.10 -3.73
C ASP G 141 -31.17 13.51 -4.34
N PRO G 142 -31.71 14.49 -3.65
CA PRO G 142 -31.92 15.82 -4.26
C PRO G 142 -30.64 16.49 -4.75
N GLU G 143 -29.50 16.09 -4.19
CA GLU G 143 -28.25 16.73 -4.58
C GLU G 143 -27.96 16.62 -6.11
N ARG G 144 -28.59 15.65 -6.75
CA ARG G 144 -28.36 15.39 -8.19
C ARG G 144 -29.15 16.31 -9.09
N TYR G 145 -30.07 17.07 -8.48
N TYR G 145 -30.06 17.08 -8.50
CA TYR G 145 -31.02 17.88 -9.24
CA TYR G 145 -30.95 17.90 -9.31
C TYR G 145 -31.06 19.37 -8.88
C TYR G 145 -31.13 19.35 -8.83
N GLY G 146 -31.84 20.12 -9.65
CA GLY G 146 -32.25 21.44 -9.22
C GLY G 146 -33.19 21.17 -7.99
N VAL G 147 -33.01 21.95 -6.94
CA VAL G 147 -33.76 21.76 -5.70
C VAL G 147 -34.51 23.03 -5.35
N VAL G 148 -35.79 22.86 -5.06
CA VAL G 148 -36.64 23.95 -4.64
C VAL G 148 -36.96 23.80 -3.14
N GLU G 149 -36.88 24.94 -2.48
CA GLU G 149 -37.23 25.07 -1.06
C GLU G 149 -38.52 25.84 -0.91
N PHE G 150 -39.29 25.40 0.07
CA PHE G 150 -40.55 26.01 0.41
C PHE G 150 -40.56 26.57 1.80
N ASP G 151 -41.33 27.63 2.00
CA ASP G 151 -41.55 28.15 3.36
C ASP G 151 -42.64 27.30 4.07
N GLN G 152 -42.97 27.68 5.31
CA GLN G 152 -43.93 26.92 6.12
C GLN G 152 -45.28 26.93 5.48
N GLY G 153 -45.59 27.99 4.74
CA GLY G 153 -46.88 28.07 4.05
C GLY G 153 -46.96 27.35 2.72
N GLY G 154 -45.87 26.78 2.23
CA GLY G 154 -45.95 26.02 0.99
C GLY G 154 -45.49 26.79 -0.22
N LYS G 155 -45.03 28.02 0.02
CA LYS G 155 -44.49 28.88 -1.06
C LYS G 155 -43.00 28.68 -1.37
N ALA G 156 -42.69 28.55 -2.66
CA ALA G 156 -41.30 28.33 -3.09
C ALA G 156 -40.54 29.60 -2.75
N ILE G 157 -39.39 29.46 -2.11
CA ILE G 157 -38.55 30.59 -1.73
C ILE G 157 -37.13 30.58 -2.26
N SER G 158 -36.59 29.41 -2.66
CA SER G 158 -35.21 29.37 -3.21
C SER G 158 -35.04 28.21 -4.18
N LEU G 159 -34.07 28.36 -5.08
CA LEU G 159 -33.71 27.36 -6.06
C LEU G 159 -32.17 27.23 -6.08
N GLU G 160 -31.68 26.02 -6.08
CA GLU G 160 -30.27 25.78 -6.12
C GLU G 160 -30.02 24.62 -7.06
N GLU G 161 -28.97 24.74 -7.87
CA GLU G 161 -28.65 23.67 -8.77
C GLU G 161 -27.67 22.67 -8.13
N LYS G 162 -28.10 21.43 -8.02
CA LYS G 162 -27.24 20.40 -7.46
C LYS G 162 -26.50 20.86 -6.24
N PRO G 163 -27.19 21.33 -5.21
CA PRO G 163 -26.52 21.75 -3.99
C PRO G 163 -25.92 20.58 -3.22
N LEU G 164 -24.70 20.75 -2.71
CA LEU G 164 -24.09 19.72 -1.86
C LEU G 164 -24.90 19.46 -0.57
N GLU G 165 -25.59 20.49 -0.09
CA GLU G 165 -26.44 20.44 1.11
C GLU G 165 -27.82 20.94 0.72
N PRO G 166 -28.63 20.05 0.14
CA PRO G 166 -29.97 20.47 -0.29
C PRO G 166 -30.83 20.95 0.84
N LYS G 167 -31.59 22.00 0.56
CA LYS G 167 -32.51 22.56 1.54
C LYS G 167 -33.83 21.80 1.67
N SER G 168 -34.09 20.87 0.74
CA SER G 168 -35.33 20.09 0.80
C SER G 168 -35.11 18.80 0.01
N ASN G 169 -36.12 17.93 0.01
CA ASN G 169 -36.02 16.76 -0.83
C ASN G 169 -36.81 16.87 -2.15
N TYR G 170 -37.13 18.09 -2.56
CA TYR G 170 -37.92 18.35 -3.76
C TYR G 170 -37.04 18.79 -4.91
N ALA G 171 -36.98 17.94 -5.89
CA ALA G 171 -36.30 18.22 -7.13
C ALA G 171 -37.23 18.94 -8.11
N VAL G 172 -36.68 19.86 -8.88
CA VAL G 172 -37.34 20.45 -10.00
C VAL G 172 -37.06 19.58 -11.25
N THR G 173 -38.11 18.98 -11.78
CA THR G 173 -38.02 17.97 -12.83
C THR G 173 -37.66 18.64 -14.15
N GLY G 174 -37.35 17.83 -15.15
CA GLY G 174 -36.99 18.30 -16.47
C GLY G 174 -38.14 18.64 -17.41
N LEU G 175 -39.07 19.39 -16.90
CA LEU G 175 -40.20 19.92 -17.73
C LEU G 175 -40.55 21.33 -17.29
N TYR G 176 -40.53 22.26 -18.28
CA TYR G 176 -40.64 23.63 -17.97
C TYR G 176 -41.58 24.34 -19.01
N PHE G 177 -42.53 25.11 -18.50
CA PHE G 177 -43.42 25.90 -19.30
C PHE G 177 -43.10 27.43 -19.15
N TYR G 178 -42.93 28.19 -20.25
CA TYR G 178 -42.62 29.62 -20.24
C TYR G 178 -43.46 30.54 -21.14
N ASP G 179 -43.66 31.76 -20.63
CA ASP G 179 -44.25 32.81 -21.39
C ASP G 179 -43.18 33.46 -22.23
N GLN G 180 -43.46 34.66 -22.74
CA GLN G 180 -42.58 35.34 -23.67
C GLN G 180 -41.35 35.96 -23.08
N GLN G 181 -41.16 35.84 -21.78
CA GLN G 181 -40.06 36.48 -21.11
C GLN G 181 -38.76 35.66 -21.18
N VAL G 182 -38.88 34.39 -21.54
CA VAL G 182 -37.76 33.45 -21.35
C VAL G 182 -36.59 33.72 -22.29
N VAL G 183 -36.85 34.07 -23.53
CA VAL G 183 -35.73 34.30 -24.45
C VAL G 183 -34.75 35.40 -23.91
N ASP G 184 -35.29 36.55 -23.55
CA ASP G 184 -34.52 37.66 -22.98
C ASP G 184 -33.82 37.33 -21.69
N ILE G 185 -34.48 36.53 -20.84
CA ILE G 185 -33.85 36.04 -19.63
C ILE G 185 -32.63 35.20 -20.02
N ALA G 186 -32.80 34.21 -20.91
CA ALA G 186 -31.67 33.32 -21.28
C ALA G 186 -30.52 34.09 -21.92
N ARG G 187 -30.85 35.13 -22.68
CA ARG G 187 -29.90 35.97 -23.37
C ARG G 187 -28.95 36.69 -22.43
N ASP G 188 -29.45 37.11 -21.27
CA ASP G 188 -28.61 37.78 -20.29
C ASP G 188 -27.88 36.84 -19.32
N LEU G 189 -28.04 35.52 -19.42
CA LEU G 189 -27.31 34.64 -18.50
C LEU G 189 -25.86 34.56 -18.85
N LYS G 190 -25.05 34.33 -17.82
CA LYS G 190 -23.61 33.99 -17.93
C LYS G 190 -23.43 32.55 -17.43
N PRO G 191 -22.42 31.84 -17.90
CA PRO G 191 -22.22 30.46 -17.45
C PRO G 191 -21.97 30.39 -15.99
N SER G 192 -22.45 29.32 -15.36
CA SER G 192 -22.30 29.20 -13.93
C SER G 192 -20.89 28.69 -13.61
N PRO G 193 -20.58 28.43 -12.36
CA PRO G 193 -19.30 27.79 -12.05
C PRO G 193 -19.35 26.33 -12.48
N ARG G 194 -20.53 25.78 -12.72
CA ARG G 194 -20.50 24.47 -13.35
C ARG G 194 -19.99 24.63 -14.80
N GLY G 195 -19.87 25.86 -15.29
CA GLY G 195 -19.60 26.06 -16.73
C GLY G 195 -20.83 25.92 -17.65
N GLU G 196 -22.01 26.05 -17.12
CA GLU G 196 -23.22 25.94 -17.97
C GLU G 196 -24.14 27.17 -17.93
N LEU G 197 -24.94 27.34 -18.99
CA LEU G 197 -26.06 28.28 -18.97
C LEU G 197 -27.25 27.52 -18.35
N GLU G 198 -27.60 27.87 -17.12
CA GLU G 198 -28.47 27.01 -16.29
C GLU G 198 -29.98 27.30 -16.40
N ILE G 199 -30.80 26.23 -16.50
CA ILE G 199 -32.26 26.41 -16.46
C ILE G 199 -32.65 26.94 -15.06
N THR G 200 -31.93 26.50 -14.01
CA THR G 200 -32.28 26.93 -12.67
C THR G 200 -32.09 28.47 -12.56
N ASP G 201 -31.17 29.07 -13.33
CA ASP G 201 -30.99 30.51 -13.27
C ASP G 201 -32.20 31.16 -13.93
N VAL G 202 -32.67 30.57 -15.05
CA VAL G 202 -33.89 31.02 -15.75
C VAL G 202 -35.06 31.04 -14.74
N ASN G 203 -35.23 29.90 -14.11
CA ASN G 203 -36.31 29.73 -13.12
C ASN G 203 -36.23 30.75 -11.96
N ARG G 204 -35.06 31.01 -11.41
CA ARG G 204 -34.92 31.99 -10.36
C ARG G 204 -35.22 33.44 -10.84
N ALA G 205 -34.98 33.72 -12.11
CA ALA G 205 -35.32 35.03 -12.65
C ALA G 205 -36.87 35.19 -12.55
N TYR G 206 -37.61 34.14 -12.92
CA TYR G 206 -39.08 34.13 -12.71
C TYR G 206 -39.47 34.22 -11.22
N LEU G 207 -38.77 33.49 -10.38
CA LEU G 207 -39.14 33.44 -8.98
C LEU G 207 -38.97 34.85 -8.35
N GLU G 208 -37.90 35.53 -8.76
CA GLU G 208 -37.57 36.87 -8.29
C GLU G 208 -38.61 37.90 -8.67
N ARG G 209 -39.29 37.72 -9.80
CA ARG G 209 -40.39 38.60 -10.17
C ARG G 209 -41.73 38.12 -9.70
N GLY G 210 -41.78 37.08 -8.88
CA GLY G 210 -43.04 36.58 -8.40
C GLY G 210 -43.86 35.90 -9.46
N GLN G 211 -43.19 35.39 -10.48
CA GLN G 211 -43.90 34.77 -11.59
C GLN G 211 -43.50 33.33 -11.91
N LEU G 212 -43.07 32.57 -10.89
CA LEU G 212 -42.78 31.16 -11.06
C LEU G 212 -43.84 30.34 -10.30
N SER G 213 -44.58 29.51 -11.01
CA SER G 213 -45.50 28.60 -10.46
C SER G 213 -44.81 27.28 -10.24
N VAL G 214 -44.74 26.84 -8.99
CA VAL G 214 -44.13 25.56 -8.69
C VAL G 214 -45.26 24.61 -8.29
N GLU G 215 -45.59 23.64 -9.13
CA GLU G 215 -46.64 22.69 -8.81
C GLU G 215 -45.97 21.40 -8.26
N ILE G 216 -46.57 20.89 -7.17
CA ILE G 216 -46.16 19.57 -6.64
C ILE G 216 -46.68 18.46 -7.51
N MET G 217 -45.75 17.63 -7.98
CA MET G 217 -46.06 16.40 -8.66
C MET G 217 -45.98 15.28 -7.61
N GLY G 218 -47.15 14.74 -7.27
CA GLY G 218 -47.30 13.85 -6.14
C GLY G 218 -46.65 12.51 -6.34
N ARG G 219 -46.50 11.82 -5.20
CA ARG G 219 -45.88 10.54 -5.12
C ARG G 219 -46.57 9.43 -5.94
N GLY G 220 -47.83 9.63 -6.32
CA GLY G 220 -48.51 8.66 -7.16
C GLY G 220 -48.00 8.69 -8.61
N TYR G 221 -47.36 9.78 -9.05
CA TYR G 221 -46.67 9.79 -10.33
C TYR G 221 -45.32 9.17 -10.26
N ALA G 222 -44.90 8.48 -11.32
CA ALA G 222 -43.49 8.11 -11.53
C ALA G 222 -42.76 9.22 -12.35
N TRP G 223 -41.62 9.75 -11.82
CA TRP G 223 -40.69 10.61 -12.57
C TRP G 223 -39.34 9.94 -12.51
N LEU G 224 -38.86 9.44 -13.63
CA LEU G 224 -37.59 8.74 -13.64
C LEU G 224 -36.67 9.40 -14.65
N ASP G 225 -35.37 9.22 -14.45
CA ASP G 225 -34.49 9.59 -15.56
C ASP G 225 -33.49 8.49 -15.90
N THR G 226 -33.19 8.45 -17.15
CA THR G 226 -32.32 7.40 -17.65
C THR G 226 -30.86 7.80 -17.78
N GLY G 227 -30.39 8.66 -16.95
CA GLY G 227 -28.98 9.07 -17.02
C GLY G 227 -27.90 8.12 -16.62
N THR G 228 -28.20 7.07 -15.82
CA THR G 228 -27.20 6.09 -15.47
C THR G 228 -27.56 4.74 -16.04
N HIS G 229 -26.62 3.81 -15.98
CA HIS G 229 -26.89 2.47 -16.52
C HIS G 229 -28.01 1.84 -15.69
N ASP G 230 -27.88 2.01 -14.37
CA ASP G 230 -28.84 1.39 -13.45
C ASP G 230 -30.19 1.99 -13.59
N SER G 231 -30.27 3.31 -13.75
CA SER G 231 -31.59 3.94 -13.84
C SER G 231 -32.27 3.62 -15.16
N LEU G 232 -31.49 3.56 -16.25
CA LEU G 232 -32.07 3.14 -17.50
C LEU G 232 -32.65 1.75 -17.43
N LEU G 233 -31.96 0.84 -16.77
CA LEU G 233 -32.48 -0.52 -16.66
C LEU G 233 -33.80 -0.55 -15.87
N GLU G 234 -33.85 0.16 -14.76
CA GLU G 234 -35.05 0.15 -13.88
C GLU G 234 -36.20 0.80 -14.62
N ALA G 235 -35.93 1.84 -15.44
CA ALA G 235 -36.98 2.45 -16.21
C ALA G 235 -37.56 1.42 -17.21
N GLY G 236 -36.73 0.59 -17.82
CA GLY G 236 -37.23 -0.39 -18.78
C GLY G 236 -38.12 -1.42 -18.06
N GLN G 237 -37.68 -1.87 -16.89
N GLN G 237 -37.68 -1.87 -16.89
CA GLN G 237 -38.49 -2.84 -16.14
CA GLN G 237 -38.46 -2.84 -16.11
C GLN G 237 -39.84 -2.27 -15.73
C GLN G 237 -39.83 -2.26 -15.74
N PHE G 238 -39.86 -0.98 -15.41
CA PHE G 238 -41.09 -0.33 -14.98
C PHE G 238 -42.09 -0.29 -16.13
N ILE G 239 -41.65 0.12 -17.30
CA ILE G 239 -42.50 0.15 -18.46
C ILE G 239 -42.98 -1.24 -18.82
N ALA G 240 -42.09 -2.21 -18.75
CA ALA G 240 -42.39 -3.56 -19.11
C ALA G 240 -43.54 -4.13 -18.21
N THR G 241 -43.47 -3.85 -16.90
CA THR G 241 -44.47 -4.29 -15.93
C THR G 241 -45.84 -3.72 -16.24
N LEU G 242 -45.91 -2.42 -16.51
CA LEU G 242 -47.16 -1.81 -16.87
C LEU G 242 -47.71 -2.39 -18.18
N GLU G 243 -46.90 -2.35 -19.23
CA GLU G 243 -47.37 -2.75 -20.54
C GLU G 243 -47.83 -4.21 -20.58
N ASN G 244 -47.03 -5.10 -19.97
CA ASN G 244 -47.36 -6.51 -19.94
C ASN G 244 -48.63 -6.87 -19.09
N ARG G 245 -48.91 -6.05 -18.11
CA ARG G 245 -50.12 -6.19 -17.30
C ARG G 245 -51.37 -5.69 -18.03
N GLN G 246 -51.23 -4.51 -18.61
CA GLN G 246 -52.33 -3.78 -19.23
C GLN G 246 -52.72 -4.17 -20.66
N GLY G 247 -51.73 -4.58 -21.44
CA GLY G 247 -51.98 -4.75 -22.84
C GLY G 247 -52.14 -3.40 -23.52
N LEU G 248 -51.59 -2.36 -22.89
CA LEU G 248 -51.52 -0.98 -23.47
C LEU G 248 -50.05 -0.59 -23.47
N LYS G 249 -49.61 0.30 -24.38
CA LYS G 249 -48.25 0.74 -24.40
C LYS G 249 -48.14 2.19 -23.90
N VAL G 250 -47.02 2.53 -23.25
CA VAL G 250 -46.81 3.87 -22.80
C VAL G 250 -46.07 4.63 -23.88
N ALA G 251 -46.48 5.87 -24.12
CA ALA G 251 -45.73 6.76 -25.04
C ALA G 251 -45.60 6.27 -26.45
N CYS G 252 -46.69 5.75 -27.00
N CYS G 252 -46.69 5.70 -27.00
CA CYS G 252 -46.77 5.38 -28.40
CA CYS G 252 -46.78 5.42 -28.42
C CYS G 252 -47.30 6.66 -29.11
C CYS G 252 -47.30 6.67 -29.10
N PRO G 253 -46.44 7.35 -29.83
CA PRO G 253 -46.91 8.58 -30.46
C PRO G 253 -48.11 8.39 -31.38
N GLU G 254 -48.13 7.31 -32.13
CA GLU G 254 -49.20 7.04 -33.07
C GLU G 254 -50.52 7.00 -32.31
N GLU G 255 -50.55 6.34 -31.14
CA GLU G 255 -51.73 6.26 -30.35
C GLU G 255 -52.20 7.61 -29.89
N ILE G 256 -51.26 8.36 -29.35
CA ILE G 256 -51.62 9.65 -28.80
C ILE G 256 -52.16 10.59 -29.89
N ALA G 257 -51.54 10.60 -31.05
CA ALA G 257 -52.02 11.45 -32.15
C ALA G 257 -53.43 11.00 -32.52
N TYR G 258 -53.66 9.70 -32.60
CA TYR G 258 -55.02 9.23 -32.90
C TYR G 258 -56.02 9.72 -31.82
N ARG G 259 -55.65 9.55 -30.56
CA ARG G 259 -56.54 9.91 -29.46
C ARG G 259 -56.87 11.42 -29.44
N GLN G 260 -55.92 12.26 -29.87
CA GLN G 260 -56.09 13.72 -29.91
C GLN G 260 -56.70 14.22 -31.20
N LYS G 261 -56.96 13.28 -32.10
CA LYS G 261 -57.57 13.52 -33.35
C LYS G 261 -56.70 14.23 -34.32
N TRP G 262 -55.40 14.13 -34.09
CA TRP G 262 -54.39 14.70 -34.97
C TRP G 262 -54.18 13.85 -36.24
N ILE G 263 -54.51 12.58 -36.16
CA ILE G 263 -54.52 11.71 -37.32
C ILE G 263 -55.86 10.95 -37.20
N ASP G 264 -56.40 10.48 -38.32
CA ASP G 264 -57.66 9.73 -38.33
C ASP G 264 -57.46 8.19 -38.36
N ALA G 265 -58.52 7.41 -38.28
CA ALA G 265 -58.33 5.94 -38.34
C ALA G 265 -57.60 5.46 -39.63
N ALA G 266 -57.82 6.10 -40.76
CA ALA G 266 -57.18 5.65 -41.98
C ALA G 266 -55.69 5.81 -41.89
N GLN G 267 -55.30 6.97 -41.37
CA GLN G 267 -53.88 7.36 -41.19
C GLN G 267 -53.24 6.37 -40.25
N LEU G 268 -53.92 6.07 -39.17
CA LEU G 268 -53.39 5.13 -38.20
C LEU G 268 -53.23 3.76 -38.79
N GLU G 269 -54.18 3.34 -39.62
CA GLU G 269 -54.04 2.04 -40.30
C GLU G 269 -52.79 2.01 -41.21
N LYS G 270 -52.54 3.10 -41.94
CA LYS G 270 -51.32 3.21 -42.78
C LYS G 270 -50.02 3.13 -41.97
N LEU G 271 -50.01 3.72 -40.78
CA LEU G 271 -48.83 3.65 -39.91
C LEU G 271 -48.57 2.24 -39.41
N ALA G 272 -49.64 1.51 -39.13
CA ALA G 272 -49.54 0.16 -38.60
C ALA G 272 -48.99 -0.88 -39.60
N ALA G 273 -49.37 -0.73 -40.86
CA ALA G 273 -49.05 -1.67 -41.94
C ALA G 273 -47.56 -2.00 -42.01
N PRO G 274 -46.69 -1.02 -42.11
CA PRO G 274 -45.27 -1.36 -42.19
C PRO G 274 -44.72 -1.99 -40.90
N LEU G 275 -45.46 -1.88 -39.81
CA LEU G 275 -45.01 -2.37 -38.53
C LEU G 275 -45.76 -3.65 -38.10
N ALA G 276 -46.60 -4.18 -38.97
CA ALA G 276 -47.48 -5.27 -38.56
C ALA G 276 -46.81 -6.63 -38.34
N LYS G 277 -45.52 -6.75 -38.63
CA LYS G 277 -44.84 -8.02 -38.45
C LYS G 277 -44.33 -8.16 -37.02
N ASN G 278 -44.53 -7.12 -36.22
CA ASN G 278 -44.21 -7.20 -34.80
C ASN G 278 -45.35 -6.70 -33.90
N GLY G 279 -45.16 -6.93 -32.60
CA GLY G 279 -46.17 -6.62 -31.61
C GLY G 279 -46.61 -5.15 -31.57
N TYR G 280 -45.70 -4.26 -31.99
CA TYR G 280 -45.97 -2.80 -31.97
C TYR G 280 -46.96 -2.43 -33.08
N GLY G 281 -46.77 -2.93 -34.27
CA GLY G 281 -47.79 -2.69 -35.30
C GLY G 281 -49.13 -3.41 -35.02
N GLN G 282 -49.11 -4.61 -34.44
CA GLN G 282 -50.33 -5.36 -34.07
C GLN G 282 -51.09 -4.55 -33.04
N TYR G 283 -50.32 -3.92 -32.16
CA TYR G 283 -50.94 -3.04 -31.17
C TYR G 283 -51.67 -1.84 -31.84
N LEU G 284 -51.00 -1.17 -32.76
CA LEU G 284 -51.65 -0.10 -33.48
C LEU G 284 -52.93 -0.54 -34.19
N LYS G 285 -52.92 -1.71 -34.80
CA LYS G 285 -54.14 -2.24 -35.45
C LYS G 285 -55.27 -2.44 -34.46
N ARG G 286 -54.94 -3.01 -33.34
CA ARG G 286 -55.92 -3.30 -32.34
C ARG G 286 -56.62 -2.02 -31.88
N LEU G 287 -55.88 -0.91 -31.81
CA LEU G 287 -56.47 0.37 -31.32
C LEU G 287 -57.61 0.82 -32.23
N LEU G 288 -57.61 0.30 -33.45
CA LEU G 288 -58.63 0.69 -34.42
C LEU G 288 -60.02 0.12 -34.17
N THR G 289 -60.11 -1.01 -33.47
CA THR G 289 -61.41 -1.63 -33.26
C THR G 289 -61.73 -1.91 -31.78
N GLU G 290 -60.94 -1.28 -30.91
CA GLU G 290 -61.12 -1.38 -29.49
C GLU G 290 -61.36 0.01 -28.91
N THR G 291 -62.31 0.14 -28.02
CA THR G 291 -62.45 1.40 -27.35
C THR G 291 -61.61 1.33 -26.06
N VAL G 292 -60.68 2.26 -25.87
CA VAL G 292 -59.81 2.28 -24.68
C VAL G 292 -60.19 3.53 -23.87
N TYR G 293 -60.74 3.32 -22.67
CA TYR G 293 -61.19 4.45 -21.85
C TYR G 293 -60.05 5.21 -21.17
N LYS H 2 -3.79 -20.41 -36.61
CA LYS H 2 -4.70 -19.31 -36.31
C LYS H 2 -6.05 -19.60 -36.91
N ARG H 3 -7.05 -19.10 -36.28
CA ARG H 3 -8.36 -19.15 -36.83
C ARG H 3 -8.86 -17.76 -37.02
N LYS H 4 -9.64 -17.55 -38.05
CA LYS H 4 -10.23 -16.24 -38.26
C LYS H 4 -11.65 -16.22 -37.79
N GLY H 5 -12.15 -15.06 -37.42
CA GLY H 5 -13.50 -14.96 -36.87
C GLY H 5 -14.36 -14.03 -37.64
N ILE H 6 -15.66 -14.26 -37.50
CA ILE H 6 -16.66 -13.43 -38.18
C ILE H 6 -17.78 -13.18 -37.19
N ILE H 7 -18.19 -11.92 -37.13
CA ILE H 7 -19.38 -11.54 -36.39
C ILE H 7 -20.43 -11.10 -37.38
N LEU H 8 -21.55 -11.83 -37.37
CA LEU H 8 -22.71 -11.49 -38.21
C LEU H 8 -23.60 -10.54 -37.40
N ALA H 9 -23.56 -9.25 -37.77
CA ALA H 9 -24.11 -8.19 -36.96
C ALA H 9 -25.06 -7.33 -37.78
N GLY H 10 -25.72 -7.98 -38.71
CA GLY H 10 -26.73 -7.35 -39.56
C GLY H 10 -28.15 -7.72 -39.14
N GLY H 11 -29.02 -7.89 -40.13
CA GLY H 11 -30.46 -8.21 -39.91
C GLY H 11 -31.38 -6.98 -39.71
N SER H 12 -32.71 -7.23 -39.74
CA SER H 12 -33.76 -6.19 -39.57
C SER H 12 -34.06 -5.79 -38.14
N GLY H 13 -33.93 -6.73 -37.23
CA GLY H 13 -34.31 -6.45 -35.86
C GLY H 13 -35.80 -6.11 -35.79
N THR H 14 -36.64 -6.62 -36.71
CA THR H 14 -38.11 -6.36 -36.67
C THR H 14 -38.76 -6.60 -35.32
N ARG H 15 -38.53 -7.76 -34.74
CA ARG H 15 -39.06 -8.00 -33.39
C ARG H 15 -38.81 -6.83 -32.43
N LEU H 16 -37.73 -6.06 -32.62
CA LEU H 16 -37.44 -4.94 -31.70
C LEU H 16 -37.97 -3.56 -32.13
N HIS H 17 -38.68 -3.53 -33.24
CA HIS H 17 -39.30 -2.27 -33.59
C HIS H 17 -40.20 -1.80 -32.48
N PRO H 18 -40.28 -0.48 -32.30
CA PRO H 18 -39.56 0.54 -33.06
C PRO H 18 -38.16 0.88 -32.47
N ALA H 19 -37.68 0.17 -31.45
CA ALA H 19 -36.35 0.50 -30.88
C ALA H 19 -35.28 0.48 -31.96
N THR H 20 -35.42 -0.46 -32.91
CA THR H 20 -34.42 -0.61 -33.98
C THR H 20 -34.73 0.13 -35.27
N LEU H 21 -35.73 0.99 -35.29
CA LEU H 21 -36.03 1.69 -36.54
C LEU H 21 -34.85 2.47 -37.11
N ALA H 22 -34.15 3.19 -36.26
CA ALA H 22 -33.05 4.03 -36.74
C ALA H 22 -31.62 3.43 -36.49
N ILE H 23 -31.52 2.23 -35.87
CA ILE H 23 -30.22 1.64 -35.51
C ILE H 23 -30.18 0.12 -35.26
N SER H 24 -29.06 -0.52 -35.61
CA SER H 24 -28.93 -1.95 -35.45
C SER H 24 -29.17 -2.42 -34.03
N LYS H 25 -29.86 -3.54 -33.91
CA LYS H 25 -29.94 -4.27 -32.70
C LYS H 25 -28.56 -4.37 -32.04
N GLN H 26 -27.49 -4.62 -32.81
CA GLN H 26 -26.20 -4.89 -32.24
C GLN H 26 -25.42 -3.68 -31.77
N LEU H 27 -25.95 -2.47 -32.04
CA LEU H 27 -25.49 -1.26 -31.45
C LEU H 27 -26.26 -0.89 -30.18
N LEU H 28 -27.31 -1.60 -29.84
CA LEU H 28 -28.09 -1.24 -28.63
C LEU H 28 -27.35 -1.75 -27.38
N PRO H 29 -27.50 -1.12 -26.23
CA PRO H 29 -26.81 -1.53 -25.01
C PRO H 29 -27.28 -2.78 -24.42
N VAL H 30 -26.35 -3.59 -23.94
CA VAL H 30 -26.73 -4.57 -22.97
C VAL H 30 -26.14 -4.09 -21.62
N TYR H 31 -26.99 -3.40 -20.85
CA TYR H 31 -26.70 -2.79 -19.56
C TYR H 31 -25.82 -1.59 -19.70
N ASP H 32 -24.53 -1.80 -19.91
CA ASP H 32 -23.56 -0.76 -19.88
C ASP H 32 -22.65 -0.65 -21.06
N LYS H 33 -22.81 -1.50 -22.07
CA LYS H 33 -21.89 -1.47 -23.21
C LYS H 33 -22.56 -1.96 -24.49
N PRO H 34 -22.07 -1.61 -25.69
CA PRO H 34 -22.82 -2.02 -26.88
C PRO H 34 -22.91 -3.54 -27.07
N MET H 35 -24.06 -4.00 -27.57
N MET H 35 -24.06 -4.01 -27.56
CA MET H 35 -24.28 -5.45 -27.74
CA MET H 35 -24.29 -5.45 -27.75
C MET H 35 -23.12 -6.18 -28.40
C MET H 35 -23.09 -6.15 -28.38
N ILE H 36 -22.62 -5.61 -29.48
CA ILE H 36 -21.49 -6.24 -30.20
C ILE H 36 -20.21 -6.56 -29.38
N TYR H 37 -19.97 -5.83 -28.28
CA TYR H 37 -18.89 -6.13 -27.40
C TYR H 37 -18.93 -7.61 -26.87
N TYR H 38 -20.15 -8.13 -26.66
CA TYR H 38 -20.31 -9.47 -26.06
C TYR H 38 -19.76 -10.59 -27.05
N PRO H 39 -20.34 -10.67 -28.28
CA PRO H 39 -19.79 -11.61 -29.24
C PRO H 39 -18.33 -11.35 -29.62
N LEU H 40 -17.91 -10.11 -29.69
CA LEU H 40 -16.54 -9.78 -29.98
C LEU H 40 -15.69 -10.37 -28.90
N SER H 41 -16.15 -10.22 -27.65
N SER H 41 -16.13 -10.20 -27.66
CA SER H 41 -15.38 -10.74 -26.53
CA SER H 41 -15.38 -10.74 -26.53
C SER H 41 -15.24 -12.25 -26.66
C SER H 41 -15.25 -12.26 -26.64
N THR H 42 -16.32 -12.94 -27.05
CA THR H 42 -16.33 -14.37 -27.24
C THR H 42 -15.24 -14.80 -28.23
N LEU H 43 -15.13 -14.11 -29.34
CA LEU H 43 -14.11 -14.49 -30.29
C LEU H 43 -12.72 -14.30 -29.66
N MET H 44 -12.57 -13.15 -28.99
CA MET H 44 -11.28 -12.79 -28.36
C MET H 44 -10.91 -13.89 -27.31
N LEU H 45 -11.89 -14.33 -26.51
CA LEU H 45 -11.64 -15.40 -25.53
C LEU H 45 -11.27 -16.72 -26.17
N ALA H 46 -11.63 -16.92 -27.43
CA ALA H 46 -11.27 -18.10 -28.20
C ALA H 46 -9.88 -17.99 -28.83
N GLY H 47 -9.21 -16.87 -28.58
CA GLY H 47 -7.85 -16.63 -29.11
C GLY H 47 -7.81 -15.97 -30.46
N ILE H 48 -8.95 -15.46 -30.94
CA ILE H 48 -9.07 -14.94 -32.31
C ILE H 48 -8.91 -13.45 -32.28
N ARG H 49 -7.96 -12.98 -33.11
CA ARG H 49 -7.59 -11.55 -33.16
C ARG H 49 -7.92 -10.91 -34.50
N GLU H 50 -8.13 -11.69 -35.56
CA GLU H 50 -8.40 -11.14 -36.92
C GLU H 50 -9.87 -11.49 -37.16
N ILE H 51 -10.70 -10.43 -37.26
CA ILE H 51 -12.12 -10.61 -37.26
C ILE H 51 -12.81 -9.74 -38.25
N LEU H 52 -13.77 -10.31 -38.93
CA LEU H 52 -14.54 -9.61 -39.97
C LEU H 52 -15.93 -9.41 -39.38
N ILE H 53 -16.38 -8.16 -39.40
CA ILE H 53 -17.70 -7.82 -38.90
C ILE H 53 -18.59 -7.50 -40.08
N ILE H 54 -19.67 -8.27 -40.20
CA ILE H 54 -20.66 -8.13 -41.26
C ILE H 54 -21.93 -7.48 -40.81
N SER H 55 -22.36 -6.41 -41.49
CA SER H 55 -23.58 -5.77 -41.14
C SER H 55 -24.30 -5.23 -42.39
N THR H 56 -25.40 -4.56 -42.15
CA THR H 56 -26.19 -3.97 -43.23
C THR H 56 -25.44 -2.82 -43.84
N PRO H 57 -25.91 -2.40 -44.99
CA PRO H 57 -25.29 -1.23 -45.64
C PRO H 57 -25.25 0.00 -44.81
N GLN H 58 -26.32 0.29 -44.10
CA GLN H 58 -26.35 1.48 -43.31
C GLN H 58 -25.58 1.36 -41.97
N ASP H 59 -25.47 0.16 -41.38
CA ASP H 59 -24.83 0.06 -40.06
C ASP H 59 -23.34 -0.23 -40.03
N THR H 60 -22.86 -0.86 -41.09
CA THR H 60 -21.46 -1.29 -41.17
C THR H 60 -20.50 -0.12 -40.91
N PRO H 61 -20.77 1.02 -41.50
CA PRO H 61 -19.96 2.21 -41.18
C PRO H 61 -20.11 2.66 -39.74
N ARG H 62 -21.25 2.39 -39.12
CA ARG H 62 -21.38 2.79 -37.73
C ARG H 62 -20.52 1.85 -36.85
N PHE H 63 -20.44 0.59 -37.23
CA PHE H 63 -19.55 -0.30 -36.48
C PHE H 63 -18.11 0.13 -36.67
N GLN H 64 -17.80 0.56 -37.86
CA GLN H 64 -16.46 1.02 -38.22
C GLN H 64 -16.09 2.22 -37.39
N GLN H 65 -17.02 3.14 -37.27
CA GLN H 65 -16.81 4.33 -36.46
C GLN H 65 -16.57 4.00 -34.99
N LEU H 66 -17.34 3.05 -34.45
CA LEU H 66 -17.22 2.66 -33.04
C LEU H 66 -15.97 1.82 -32.74
N LEU H 67 -15.64 0.91 -33.62
CA LEU H 67 -14.53 0.01 -33.34
C LEU H 67 -13.28 0.25 -34.06
N GLY H 68 -13.37 0.90 -35.20
CA GLY H 68 -12.16 1.16 -35.94
C GLY H 68 -11.43 -0.07 -36.46
N ASP H 69 -10.11 -0.02 -36.59
CA ASP H 69 -9.38 -1.14 -37.16
C ASP H 69 -9.00 -2.16 -36.08
N GLY H 70 -9.30 -1.81 -34.84
CA GLY H 70 -9.05 -2.71 -33.72
C GLY H 70 -7.68 -2.67 -33.15
N SER H 71 -6.76 -1.91 -33.76
CA SER H 71 -5.36 -1.88 -33.37
C SER H 71 -5.18 -1.42 -31.93
N ASN H 72 -6.07 -0.56 -31.45
CA ASN H 72 -6.02 -0.04 -30.10
C ASN H 72 -6.29 -1.16 -29.09
N TRP H 73 -6.84 -2.26 -29.54
CA TRP H 73 -7.20 -3.41 -28.63
C TRP H 73 -6.44 -4.66 -29.03
N GLY H 74 -5.42 -4.46 -29.82
CA GLY H 74 -4.62 -5.56 -30.33
C GLY H 74 -5.22 -6.48 -31.36
N LEU H 75 -6.25 -6.02 -32.03
CA LEU H 75 -6.97 -6.82 -32.99
C LEU H 75 -6.77 -6.31 -34.40
N ASP H 76 -7.23 -7.09 -35.35
CA ASP H 76 -7.18 -6.68 -36.75
C ASP H 76 -8.60 -6.84 -37.24
N LEU H 77 -9.39 -5.75 -37.23
CA LEU H 77 -10.80 -5.79 -37.59
C LEU H 77 -10.99 -5.27 -38.99
N GLN H 78 -11.82 -5.98 -39.74
CA GLN H 78 -12.20 -5.70 -41.11
C GLN H 78 -13.71 -5.71 -41.17
N TYR H 79 -14.25 -5.12 -42.24
CA TYR H 79 -15.69 -4.97 -42.33
C TYR H 79 -16.19 -5.32 -43.71
N ALA H 80 -17.35 -5.90 -43.75
CA ALA H 80 -18.06 -6.12 -45.03
C ALA H 80 -19.57 -5.98 -44.90
N VAL H 81 -20.17 -5.57 -46.02
CA VAL H 81 -21.60 -5.40 -46.10
C VAL H 81 -22.33 -6.65 -46.61
N GLN H 82 -23.46 -6.90 -45.97
CA GLN H 82 -24.42 -7.90 -46.43
C GLN H 82 -25.63 -7.14 -46.95
N PRO H 83 -25.85 -7.07 -48.27
CA PRO H 83 -26.95 -6.27 -48.80
C PRO H 83 -28.34 -6.61 -48.27
N SER H 84 -28.61 -7.89 -48.06
CA SER H 84 -29.90 -8.36 -47.57
C SER H 84 -29.73 -9.54 -46.61
N PRO H 85 -30.56 -9.65 -45.59
CA PRO H 85 -30.45 -10.68 -44.55
C PRO H 85 -30.94 -12.04 -45.00
N ASP H 86 -30.20 -12.55 -45.96
CA ASP H 86 -30.62 -13.73 -46.67
C ASP H 86 -30.03 -15.05 -46.13
N GLY H 87 -29.53 -14.98 -44.89
CA GLY H 87 -29.12 -16.19 -44.18
C GLY H 87 -27.72 -16.22 -43.57
N LEU H 88 -27.61 -16.85 -42.41
CA LEU H 88 -26.31 -16.92 -41.71
C LEU H 88 -25.21 -17.50 -42.63
N ALA H 89 -25.51 -18.44 -43.50
CA ALA H 89 -24.44 -19.07 -44.28
C ALA H 89 -23.86 -18.12 -45.30
N GLN H 90 -24.56 -17.01 -45.58
CA GLN H 90 -24.00 -16.00 -46.48
C GLN H 90 -22.71 -15.45 -45.92
N ALA H 91 -22.54 -15.55 -44.61
CA ALA H 91 -21.31 -15.05 -43.96
C ALA H 91 -20.03 -15.65 -44.59
N PHE H 92 -20.13 -16.90 -45.00
CA PHE H 92 -19.02 -17.61 -45.63
C PHE H 92 -18.83 -17.27 -47.07
N LEU H 93 -19.82 -16.64 -47.69
CA LEU H 93 -19.70 -16.21 -49.08
C LEU H 93 -19.12 -14.77 -49.06
N ILE H 94 -19.76 -13.91 -48.29
CA ILE H 94 -19.30 -12.58 -48.13
C ILE H 94 -17.91 -12.61 -47.59
N GLY H 95 -17.64 -13.56 -46.70
CA GLY H 95 -16.36 -13.68 -46.04
C GLY H 95 -15.34 -14.56 -46.71
N GLU H 96 -15.62 -15.03 -47.94
CA GLU H 96 -14.71 -15.92 -48.66
C GLU H 96 -13.24 -15.46 -48.74
N SER H 97 -13.00 -14.28 -49.28
CA SER H 97 -11.61 -13.85 -49.39
C SER H 97 -11.00 -13.63 -48.04
N PHE H 98 -11.77 -13.05 -47.12
CA PHE H 98 -11.26 -12.81 -45.80
C PHE H 98 -10.71 -14.12 -45.17
N ILE H 99 -11.47 -15.17 -45.29
CA ILE H 99 -11.10 -16.46 -44.66
C ILE H 99 -9.91 -17.10 -45.29
N GLY H 100 -9.88 -16.98 -46.61
CA GLY H 100 -8.87 -17.64 -47.40
C GLY H 100 -8.82 -19.11 -47.11
N ASN H 101 -7.63 -19.63 -46.88
N ASN H 101 -7.62 -19.63 -46.87
CA ASN H 101 -7.48 -21.05 -46.54
CA ASN H 101 -7.46 -21.05 -46.57
C ASN H 101 -7.29 -21.30 -45.06
C ASN H 101 -7.29 -21.31 -45.07
N ASP H 102 -7.92 -20.48 -44.26
CA ASP H 102 -7.84 -20.65 -42.83
C ASP H 102 -9.06 -21.31 -42.14
N LEU H 103 -8.80 -21.84 -40.95
CA LEU H 103 -9.87 -22.20 -40.01
C LEU H 103 -10.73 -20.95 -39.72
N SER H 104 -12.00 -21.13 -39.39
CA SER H 104 -12.87 -20.00 -39.10
C SER H 104 -13.85 -20.26 -37.98
N ALA H 105 -14.44 -19.16 -37.54
CA ALA H 105 -15.43 -19.17 -36.46
C ALA H 105 -16.40 -18.05 -36.73
N LEU H 106 -17.67 -18.37 -36.54
CA LEU H 106 -18.75 -17.45 -36.71
C LEU H 106 -19.52 -17.35 -35.39
N VAL H 107 -19.75 -16.12 -34.95
CA VAL H 107 -20.58 -15.86 -33.76
C VAL H 107 -21.70 -14.85 -34.21
N LEU H 108 -22.90 -15.07 -33.68
CA LEU H 108 -24.04 -14.27 -34.00
C LEU H 108 -23.99 -13.01 -33.12
N GLY H 109 -24.22 -11.87 -33.75
CA GLY H 109 -24.16 -10.58 -33.08
C GLY H 109 -25.07 -10.40 -31.89
N ASP H 110 -26.17 -11.16 -31.78
CA ASP H 110 -27.12 -10.98 -30.69
C ASP H 110 -27.05 -12.10 -29.67
N ASN H 111 -26.01 -12.91 -29.70
CA ASN H 111 -25.83 -14.02 -28.77
C ASN H 111 -24.84 -13.62 -27.66
N LEU H 112 -25.26 -13.83 -26.43
CA LEU H 112 -24.50 -13.52 -25.25
C LEU H 112 -24.24 -14.82 -24.47
N TYR H 113 -22.98 -15.12 -24.25
CA TYR H 113 -22.60 -16.31 -23.44
C TYR H 113 -21.91 -15.86 -22.16
N TYR H 114 -22.08 -16.62 -21.10
CA TYR H 114 -21.36 -16.38 -19.88
C TYR H 114 -21.25 -17.60 -18.98
N GLY H 115 -20.07 -17.81 -18.43
CA GLY H 115 -19.95 -18.80 -17.41
C GLY H 115 -18.54 -19.26 -17.05
N HIS H 116 -18.42 -20.04 -16.00
CA HIS H 116 -17.17 -20.54 -15.51
C HIS H 116 -16.51 -21.48 -16.50
N ASP H 117 -15.25 -21.19 -16.84
CA ASP H 117 -14.48 -21.99 -17.79
C ASP H 117 -14.98 -21.92 -19.26
N PHE H 118 -15.75 -20.88 -19.56
CA PHE H 118 -16.08 -20.59 -20.97
C PHE H 118 -14.80 -20.42 -21.75
N HIS H 119 -13.77 -19.77 -21.17
CA HIS H 119 -12.56 -19.59 -21.99
C HIS H 119 -11.94 -20.92 -22.44
N GLU H 120 -11.96 -21.90 -21.56
CA GLU H 120 -11.40 -23.23 -21.85
C GLU H 120 -12.30 -24.00 -22.87
N LEU H 121 -13.62 -23.82 -22.74
CA LEU H 121 -14.59 -24.40 -23.68
C LEU H 121 -14.31 -23.87 -25.11
N LEU H 122 -14.14 -22.57 -25.22
CA LEU H 122 -13.75 -21.89 -26.49
C LEU H 122 -12.43 -22.37 -27.04
N GLY H 123 -11.45 -22.43 -26.15
CA GLY H 123 -10.12 -22.83 -26.52
C GLY H 123 -10.09 -24.25 -27.07
N SER H 124 -10.79 -25.18 -26.42
CA SER H 124 -10.88 -26.55 -26.91
C SER H 124 -11.39 -26.68 -28.32
N ALA H 125 -12.46 -25.95 -28.61
CA ALA H 125 -13.02 -25.95 -29.96
C ALA H 125 -12.16 -25.21 -30.93
N SER H 126 -11.65 -24.05 -30.51
CA SER H 126 -10.87 -23.24 -31.42
C SER H 126 -9.60 -23.90 -31.85
N GLN H 127 -9.01 -24.68 -30.94
CA GLN H 127 -7.75 -25.36 -31.19
C GLN H 127 -7.87 -26.63 -31.99
N ARG H 128 -9.10 -27.08 -32.26
CA ARG H 128 -9.22 -28.24 -33.11
C ARG H 128 -8.84 -27.74 -34.51
N GLN H 129 -8.42 -28.67 -35.35
CA GLN H 129 -7.98 -28.35 -36.70
C GLN H 129 -8.76 -29.12 -37.74
N THR H 130 -9.90 -29.67 -37.39
CA THR H 130 -10.73 -30.46 -38.28
C THR H 130 -12.21 -30.40 -37.92
N GLY H 131 -13.04 -30.64 -38.92
CA GLY H 131 -14.49 -30.66 -38.77
C GLY H 131 -15.10 -29.34 -38.35
N ALA H 132 -16.33 -29.47 -37.85
CA ALA H 132 -17.10 -28.38 -37.29
C ALA H 132 -17.41 -28.67 -35.80
N SER H 133 -17.50 -27.60 -35.00
CA SER H 133 -17.88 -27.68 -33.60
C SER H 133 -18.99 -26.70 -33.34
N VAL H 134 -20.05 -27.20 -32.70
CA VAL H 134 -21.21 -26.44 -32.30
C VAL H 134 -21.55 -26.83 -30.86
N PHE H 135 -22.42 -26.02 -30.24
CA PHE H 135 -22.79 -26.21 -28.85
C PHE H 135 -24.29 -26.36 -28.74
N ALA H 136 -24.70 -27.34 -27.96
CA ALA H 136 -26.09 -27.61 -27.68
C ALA H 136 -26.42 -27.20 -26.25
N TYR H 137 -27.57 -26.58 -26.08
CA TYR H 137 -27.91 -26.04 -24.76
C TYR H 137 -29.38 -26.30 -24.53
N HIS H 138 -29.70 -26.80 -23.36
CA HIS H 138 -31.10 -27.06 -23.06
C HIS H 138 -31.90 -25.77 -22.88
N VAL H 139 -33.01 -25.68 -23.58
CA VAL H 139 -33.89 -24.51 -23.49
C VAL H 139 -35.37 -24.88 -23.33
N LEU H 140 -36.15 -23.90 -22.87
CA LEU H 140 -37.58 -24.02 -22.79
C LEU H 140 -38.33 -24.06 -24.10
N ASP H 141 -37.90 -23.28 -25.08
CA ASP H 141 -38.69 -23.15 -26.34
C ASP H 141 -37.80 -23.49 -27.52
N PRO H 142 -37.50 -24.78 -27.69
CA PRO H 142 -36.59 -25.20 -28.75
C PRO H 142 -37.07 -24.85 -30.14
N GLU H 143 -38.37 -24.68 -30.28
CA GLU H 143 -38.89 -24.37 -31.60
C GLU H 143 -38.37 -23.08 -32.25
N ARG H 144 -37.75 -22.21 -31.45
CA ARG H 144 -37.26 -20.92 -31.97
C ARG H 144 -35.86 -21.05 -32.51
N TYR H 145 -35.27 -22.22 -32.40
CA TYR H 145 -33.83 -22.40 -32.74
C TYR H 145 -33.55 -23.58 -33.62
N GLY H 146 -32.29 -23.67 -34.03
CA GLY H 146 -31.76 -24.91 -34.58
C GLY H 146 -31.84 -25.94 -33.46
N VAL H 147 -32.33 -27.14 -33.74
CA VAL H 147 -32.52 -28.18 -32.69
C VAL H 147 -31.77 -29.44 -33.04
N VAL H 148 -31.05 -30.00 -32.09
CA VAL H 148 -30.26 -31.20 -32.29
C VAL H 148 -30.82 -32.36 -31.50
N GLU H 149 -30.97 -33.47 -32.18
CA GLU H 149 -31.39 -34.74 -31.57
C GLU H 149 -30.26 -35.72 -31.34
N PHE H 150 -30.32 -36.37 -30.16
CA PHE H 150 -29.36 -37.34 -29.82
C PHE H 150 -30.01 -38.73 -29.71
N ASP H 151 -29.22 -39.75 -30.02
CA ASP H 151 -29.62 -41.13 -29.74
C ASP H 151 -29.39 -41.47 -28.24
N GLN H 152 -29.82 -42.68 -27.82
CA GLN H 152 -29.63 -43.18 -26.44
C GLN H 152 -28.18 -43.16 -25.97
N GLY H 153 -27.24 -43.13 -26.92
CA GLY H 153 -25.81 -43.03 -26.60
C GLY H 153 -25.27 -41.65 -26.36
N GLY H 154 -26.02 -40.60 -26.74
CA GLY H 154 -25.62 -39.21 -26.58
C GLY H 154 -25.01 -38.66 -27.87
N LYS H 155 -25.13 -39.44 -28.93
CA LYS H 155 -24.69 -39.11 -30.27
C LYS H 155 -25.71 -38.33 -31.11
N ALA H 156 -25.28 -37.21 -31.61
CA ALA H 156 -26.18 -36.41 -32.43
C ALA H 156 -26.58 -37.16 -33.66
N ILE H 157 -27.88 -37.21 -33.93
CA ILE H 157 -28.35 -37.91 -35.10
C ILE H 157 -29.14 -37.04 -36.09
N SER H 158 -29.67 -35.89 -35.65
CA SER H 158 -30.47 -35.02 -36.57
C SER H 158 -30.42 -33.56 -36.14
N LEU H 159 -30.66 -32.68 -37.13
CA LEU H 159 -30.71 -31.27 -36.95
C LEU H 159 -31.92 -30.78 -37.71
N GLU H 160 -32.68 -29.90 -37.08
CA GLU H 160 -33.81 -29.29 -37.71
C GLU H 160 -33.78 -27.80 -37.36
N GLU H 161 -34.07 -26.96 -38.33
CA GLU H 161 -34.15 -25.55 -38.03
C GLU H 161 -35.59 -25.13 -37.69
N LYS H 162 -35.75 -24.64 -36.47
CA LYS H 162 -37.03 -24.16 -35.97
C LYS H 162 -38.17 -25.08 -36.24
N PRO H 163 -38.02 -26.33 -35.82
CA PRO H 163 -39.09 -27.32 -36.01
C PRO H 163 -40.35 -27.01 -35.23
N LEU H 164 -41.53 -27.20 -35.84
CA LEU H 164 -42.80 -27.02 -35.12
C LEU H 164 -42.93 -28.05 -34.01
N GLU H 165 -42.37 -29.24 -34.20
CA GLU H 165 -42.42 -30.33 -33.21
C GLU H 165 -41.00 -30.79 -32.94
N PRO H 166 -40.30 -30.02 -32.13
CA PRO H 166 -38.90 -30.31 -31.80
C PRO H 166 -38.70 -31.71 -31.28
N LYS H 167 -37.65 -32.32 -31.78
CA LYS H 167 -37.29 -33.66 -31.40
C LYS H 167 -36.58 -33.74 -30.03
N SER H 168 -36.18 -32.61 -29.48
CA SER H 168 -35.53 -32.54 -28.17
C SER H 168 -35.62 -31.11 -27.67
N ASN H 169 -35.08 -30.85 -26.48
CA ASN H 169 -35.04 -29.50 -25.88
C ASN H 169 -33.63 -28.86 -26.03
N TYR H 170 -32.85 -29.39 -26.93
CA TYR H 170 -31.46 -28.95 -27.10
C TYR H 170 -31.34 -28.06 -28.32
N ALA H 171 -31.15 -26.80 -28.10
CA ALA H 171 -30.88 -25.87 -29.21
C ALA H 171 -29.41 -25.80 -29.58
N VAL H 172 -29.10 -25.58 -30.86
CA VAL H 172 -27.75 -25.29 -31.29
C VAL H 172 -27.54 -23.78 -31.25
N THR H 173 -26.61 -23.34 -30.43
CA THR H 173 -26.40 -21.89 -30.21
C THR H 173 -25.74 -21.19 -31.37
N GLY H 174 -25.69 -19.85 -31.29
CA GLY H 174 -25.08 -19.01 -32.31
C GLY H 174 -23.54 -18.88 -32.30
N LEU H 175 -22.85 -19.99 -32.19
CA LEU H 175 -21.37 -20.04 -32.19
C LEU H 175 -20.93 -21.29 -32.92
N TYR H 176 -20.13 -21.11 -33.97
CA TYR H 176 -19.76 -22.17 -34.85
C TYR H 176 -18.30 -22.10 -35.21
N PHE H 177 -17.62 -23.25 -35.13
CA PHE H 177 -16.22 -23.33 -35.49
C PHE H 177 -16.09 -24.24 -36.72
N TYR H 178 -15.31 -23.83 -37.73
CA TYR H 178 -15.22 -24.61 -38.96
C TYR H 178 -13.76 -24.75 -39.47
N ASP H 179 -13.56 -25.89 -40.16
CA ASP H 179 -12.34 -26.17 -40.88
C ASP H 179 -12.48 -25.58 -42.28
N GLN H 180 -11.60 -25.99 -43.22
CA GLN H 180 -11.60 -25.46 -44.54
C GLN H 180 -12.69 -25.89 -45.45
N GLN H 181 -13.54 -26.77 -44.97
CA GLN H 181 -14.63 -27.28 -45.79
C GLN H 181 -15.83 -26.34 -45.92
N VAL H 182 -15.89 -25.30 -45.09
CA VAL H 182 -17.19 -24.61 -44.95
C VAL H 182 -17.54 -23.80 -46.13
N VAL H 183 -16.53 -23.14 -46.69
CA VAL H 183 -16.82 -22.24 -47.82
C VAL H 183 -17.54 -22.97 -48.97
N ASP H 184 -16.99 -24.11 -49.39
CA ASP H 184 -17.56 -24.95 -50.44
C ASP H 184 -18.91 -25.54 -50.09
N ILE H 185 -19.14 -25.86 -48.82
CA ILE H 185 -20.46 -26.32 -48.38
C ILE H 185 -21.47 -25.16 -48.54
N ALA H 186 -21.11 -23.96 -48.07
CA ALA H 186 -21.97 -22.81 -48.18
C ALA H 186 -22.26 -22.48 -49.65
N ARG H 187 -21.24 -22.57 -50.49
CA ARG H 187 -21.38 -22.24 -51.92
C ARG H 187 -22.44 -23.12 -52.60
N ASP H 188 -22.56 -24.39 -52.20
CA ASP H 188 -23.55 -25.27 -52.79
C ASP H 188 -24.96 -25.18 -52.18
N LEU H 189 -25.12 -24.42 -51.10
CA LEU H 189 -26.44 -24.29 -50.50
C LEU H 189 -27.45 -23.53 -51.37
N LYS H 190 -28.71 -23.91 -51.23
CA LYS H 190 -29.82 -23.24 -51.86
C LYS H 190 -30.76 -22.76 -50.75
N PRO H 191 -31.44 -21.68 -50.97
CA PRO H 191 -32.27 -21.10 -49.91
C PRO H 191 -33.33 -22.09 -49.45
N SER H 192 -33.62 -22.05 -48.16
CA SER H 192 -34.58 -22.97 -47.58
C SER H 192 -36.00 -22.47 -47.85
N PRO H 193 -36.99 -23.22 -47.40
CA PRO H 193 -38.37 -22.80 -47.60
C PRO H 193 -38.56 -21.51 -46.86
N ARG H 194 -37.85 -21.38 -45.75
CA ARG H 194 -37.84 -20.16 -44.98
C ARG H 194 -37.31 -18.99 -45.78
N GLY H 195 -36.73 -19.25 -46.94
CA GLY H 195 -36.12 -18.21 -47.75
C GLY H 195 -34.69 -17.80 -47.34
N GLU H 196 -34.00 -18.65 -46.62
CA GLU H 196 -32.63 -18.29 -46.16
C GLU H 196 -31.60 -19.36 -46.45
N LEU H 197 -30.33 -18.95 -46.51
CA LEU H 197 -29.16 -19.84 -46.63
C LEU H 197 -28.78 -20.19 -45.19
N GLU H 198 -29.12 -21.42 -44.80
CA GLU H 198 -29.16 -21.87 -43.37
C GLU H 198 -27.87 -22.44 -42.77
N ILE H 199 -27.49 -21.95 -41.58
CA ILE H 199 -26.31 -22.50 -40.86
C ILE H 199 -26.60 -23.94 -40.54
N THR H 200 -27.89 -24.24 -40.28
CA THR H 200 -28.22 -25.59 -39.91
C THR H 200 -27.94 -26.56 -41.07
N ASP H 201 -28.06 -26.08 -42.30
CA ASP H 201 -27.76 -26.89 -43.48
C ASP H 201 -26.25 -27.15 -43.60
N VAL H 202 -25.47 -26.15 -43.21
CA VAL H 202 -24.01 -26.31 -43.17
C VAL H 202 -23.67 -27.39 -42.17
N ASN H 203 -24.26 -27.24 -41.00
CA ASN H 203 -24.05 -28.21 -39.88
C ASN H 203 -24.45 -29.63 -40.21
N ARG H 204 -25.57 -29.78 -40.92
CA ARG H 204 -26.00 -31.08 -41.36
C ARG H 204 -25.06 -31.70 -42.39
N ALA H 205 -24.47 -30.88 -43.24
CA ALA H 205 -23.48 -31.41 -44.17
C ALA H 205 -22.27 -32.01 -43.40
N TYR H 206 -21.82 -31.34 -42.35
CA TYR H 206 -20.71 -31.91 -41.54
C TYR H 206 -21.18 -33.21 -40.85
N LEU H 207 -22.41 -33.16 -40.36
CA LEU H 207 -22.93 -34.29 -39.63
C LEU H 207 -23.03 -35.55 -40.50
N GLU H 208 -23.52 -35.36 -41.72
CA GLU H 208 -23.60 -36.46 -42.71
C GLU H 208 -22.24 -37.08 -42.99
N ARG H 209 -21.18 -36.30 -42.89
CA ARG H 209 -19.81 -36.77 -43.06
C ARG H 209 -19.16 -37.27 -41.83
N GLY H 210 -19.87 -37.29 -40.71
CA GLY H 210 -19.34 -37.80 -39.48
C GLY H 210 -18.30 -36.84 -38.91
N GLN H 211 -18.43 -35.58 -39.25
CA GLN H 211 -17.42 -34.57 -38.88
C GLN H 211 -17.94 -33.34 -38.16
N LEU H 212 -19.10 -33.46 -37.53
CA LEU H 212 -19.66 -32.43 -36.67
C LEU H 212 -19.52 -32.85 -35.21
N SER H 213 -18.85 -32.06 -34.40
CA SER H 213 -18.73 -32.25 -32.98
C SER H 213 -19.81 -31.42 -32.32
N VAL H 214 -20.67 -32.05 -31.57
CA VAL H 214 -21.73 -31.37 -30.83
C VAL H 214 -21.38 -31.45 -29.37
N GLU H 215 -20.97 -30.32 -28.81
CA GLU H 215 -20.54 -30.28 -27.44
C GLU H 215 -21.72 -29.79 -26.63
N ILE H 216 -21.98 -30.43 -25.51
CA ILE H 216 -23.03 -29.96 -24.64
C ILE H 216 -22.50 -28.77 -23.83
N MET H 217 -23.16 -27.61 -23.91
CA MET H 217 -22.95 -26.48 -23.02
C MET H 217 -23.95 -26.67 -21.85
N GLY H 218 -23.39 -26.91 -20.68
CA GLY H 218 -24.17 -27.30 -19.51
C GLY H 218 -25.01 -26.19 -18.93
N ARG H 219 -26.01 -26.58 -18.09
CA ARG H 219 -26.94 -25.68 -17.46
C ARG H 219 -26.24 -24.65 -16.55
N GLY H 220 -24.99 -24.91 -16.16
CA GLY H 220 -24.24 -23.91 -15.46
C GLY H 220 -23.86 -22.67 -16.21
N TYR H 221 -23.77 -22.73 -17.53
CA TYR H 221 -23.58 -21.55 -18.32
C TYR H 221 -24.89 -20.83 -18.62
N ALA H 222 -24.77 -19.52 -18.86
CA ALA H 222 -25.87 -18.69 -19.35
C ALA H 222 -25.64 -18.50 -20.87
N TRP H 223 -26.64 -18.78 -21.68
CA TRP H 223 -26.68 -18.54 -23.10
C TRP H 223 -28.02 -17.80 -23.31
N LEU H 224 -27.94 -16.54 -23.68
CA LEU H 224 -29.08 -15.70 -23.84
C LEU H 224 -29.02 -15.07 -25.21
N ASP H 225 -30.19 -14.70 -25.74
CA ASP H 225 -30.27 -14.02 -27.02
C ASP H 225 -31.07 -12.70 -26.78
N THR H 226 -30.64 -11.63 -27.41
CA THR H 226 -31.26 -10.32 -27.26
C THR H 226 -32.30 -10.02 -28.36
N GLY H 227 -32.87 -11.04 -28.95
CA GLY H 227 -33.86 -10.83 -30.02
C GLY H 227 -35.22 -10.22 -29.71
N THR H 228 -35.72 -10.29 -28.45
CA THR H 228 -37.02 -9.72 -28.14
C THR H 228 -36.86 -8.64 -27.09
N HIS H 229 -37.84 -7.77 -26.96
CA HIS H 229 -37.67 -6.69 -25.99
C HIS H 229 -37.51 -7.32 -24.60
N ASP H 230 -38.30 -8.36 -24.35
CA ASP H 230 -38.21 -8.99 -23.04
C ASP H 230 -36.83 -9.58 -22.77
N SER H 231 -36.29 -10.28 -23.75
CA SER H 231 -35.03 -10.99 -23.60
C SER H 231 -33.87 -10.05 -23.48
N LEU H 232 -33.91 -8.92 -24.19
CA LEU H 232 -32.91 -7.92 -24.06
C LEU H 232 -32.88 -7.29 -22.65
N LEU H 233 -34.06 -6.98 -22.09
CA LEU H 233 -34.16 -6.44 -20.74
C LEU H 233 -33.58 -7.42 -19.72
N GLU H 234 -34.03 -8.70 -19.80
CA GLU H 234 -33.48 -9.74 -18.92
C GLU H 234 -31.97 -9.93 -19.03
N ALA H 235 -31.40 -9.90 -20.24
CA ALA H 235 -29.96 -9.96 -20.38
C ALA H 235 -29.31 -8.76 -19.70
N GLY H 236 -29.83 -7.57 -19.90
CA GLY H 236 -29.33 -6.41 -19.21
C GLY H 236 -29.27 -6.56 -17.69
N GLN H 237 -30.36 -7.07 -17.16
CA GLN H 237 -30.48 -7.29 -15.71
C GLN H 237 -29.48 -8.32 -15.22
N PHE H 238 -29.29 -9.37 -16.03
CA PHE H 238 -28.33 -10.43 -15.74
C PHE H 238 -26.90 -9.86 -15.63
N ILE H 239 -26.46 -9.13 -16.64
CA ILE H 239 -25.14 -8.54 -16.60
C ILE H 239 -24.98 -7.63 -15.42
N ALA H 240 -26.01 -6.83 -15.14
CA ALA H 240 -25.97 -5.85 -14.07
C ALA H 240 -25.76 -6.49 -12.69
N THR H 241 -26.44 -7.61 -12.48
CA THR H 241 -26.35 -8.35 -11.24
C THR H 241 -24.93 -8.84 -11.01
N LEU H 242 -24.40 -9.48 -12.02
CA LEU H 242 -23.04 -9.99 -11.89
C LEU H 242 -22.05 -8.83 -11.65
N GLU H 243 -22.12 -7.80 -12.51
CA GLU H 243 -21.16 -6.71 -12.45
C GLU H 243 -21.15 -5.93 -11.12
N ASN H 244 -22.35 -5.60 -10.65
CA ASN H 244 -22.56 -4.95 -9.40
C ASN H 244 -22.14 -5.80 -8.21
N ARG H 245 -22.31 -7.11 -8.28
CA ARG H 245 -21.86 -7.98 -7.21
C ARG H 245 -20.32 -8.12 -7.22
N GLN H 246 -19.76 -8.28 -8.39
CA GLN H 246 -18.35 -8.58 -8.49
C GLN H 246 -17.34 -7.43 -8.50
N GLY H 247 -17.74 -6.28 -9.02
CA GLY H 247 -16.82 -5.17 -9.25
C GLY H 247 -15.95 -5.48 -10.46
N LEU H 248 -16.42 -6.42 -11.28
CA LEU H 248 -15.74 -6.79 -12.52
C LEU H 248 -16.74 -6.60 -13.61
N LYS H 249 -16.27 -6.39 -14.83
CA LYS H 249 -17.16 -6.14 -15.93
C LYS H 249 -17.12 -7.33 -16.91
N VAL H 250 -18.28 -7.67 -17.50
CA VAL H 250 -18.39 -8.68 -18.56
C VAL H 250 -18.10 -8.16 -19.91
N ALA H 251 -17.24 -8.83 -20.65
CA ALA H 251 -17.03 -8.47 -22.07
C ALA H 251 -16.50 -7.08 -22.31
N CYS H 252 -15.46 -6.69 -21.56
N CYS H 252 -15.49 -6.68 -21.53
CA CYS H 252 -14.73 -5.44 -21.75
CA CYS H 252 -14.72 -5.43 -21.77
C CYS H 252 -13.53 -5.81 -22.64
C CYS H 252 -13.54 -5.82 -22.64
N PRO H 253 -13.57 -5.39 -23.89
CA PRO H 253 -12.52 -5.78 -24.83
C PRO H 253 -11.16 -5.31 -24.41
N GLU H 254 -11.09 -4.14 -23.79
CA GLU H 254 -9.81 -3.63 -23.36
C GLU H 254 -9.19 -4.59 -22.30
N GLU H 255 -9.99 -5.05 -21.36
CA GLU H 255 -9.52 -5.98 -20.36
C GLU H 255 -9.03 -7.28 -20.97
N ILE H 256 -9.83 -7.84 -21.83
CA ILE H 256 -9.49 -9.15 -22.39
C ILE H 256 -8.18 -9.04 -23.20
N ALA H 257 -8.05 -8.00 -23.97
CA ALA H 257 -6.79 -7.81 -24.70
C ALA H 257 -5.56 -7.70 -23.77
N TYR H 258 -5.69 -6.96 -22.67
CA TYR H 258 -4.64 -6.85 -21.70
C TYR H 258 -4.32 -8.25 -21.12
N ARG H 259 -5.35 -8.94 -20.72
CA ARG H 259 -5.16 -10.28 -20.10
C ARG H 259 -4.46 -11.25 -21.05
N GLN H 260 -4.77 -11.13 -22.33
CA GLN H 260 -4.20 -11.99 -23.38
C GLN H 260 -2.80 -11.49 -23.83
N LYS H 261 -2.33 -10.37 -23.27
CA LYS H 261 -1.02 -9.77 -23.66
C LYS H 261 -1.02 -9.24 -25.09
N TRP H 262 -2.20 -8.91 -25.60
CA TRP H 262 -2.34 -8.32 -26.94
C TRP H 262 -2.09 -6.81 -26.87
N ILE H 263 -2.23 -6.22 -25.70
CA ILE H 263 -1.84 -4.81 -25.52
C ILE H 263 -1.12 -4.84 -24.20
N ASP H 264 -0.24 -3.85 -23.97
CA ASP H 264 0.49 -3.79 -22.71
C ASP H 264 -0.11 -2.78 -21.71
N ALA H 265 0.48 -2.73 -20.52
CA ALA H 265 0.10 -1.74 -19.51
C ALA H 265 0.03 -0.31 -19.97
N ALA H 266 0.97 0.17 -20.77
CA ALA H 266 0.98 1.56 -21.19
C ALA H 266 -0.18 1.81 -22.13
N GLN H 267 -0.43 0.83 -22.98
CA GLN H 267 -1.54 0.92 -23.97
C GLN H 267 -2.87 1.03 -23.29
N LEU H 268 -3.03 0.23 -22.24
CA LEU H 268 -4.27 0.19 -21.49
C LEU H 268 -4.51 1.50 -20.81
N GLU H 269 -3.46 2.06 -20.21
CA GLU H 269 -3.56 3.34 -19.53
C GLU H 269 -4.08 4.40 -20.52
N LYS H 270 -3.58 4.35 -21.76
CA LYS H 270 -4.00 5.27 -22.83
C LYS H 270 -5.47 5.08 -23.20
N LEU H 271 -5.96 3.85 -23.13
CA LEU H 271 -7.36 3.62 -23.44
C LEU H 271 -8.22 4.08 -22.28
N ALA H 272 -7.74 3.96 -21.05
CA ALA H 272 -8.54 4.40 -19.89
C ALA H 272 -8.77 5.91 -19.84
N ALA H 273 -7.77 6.69 -20.25
CA ALA H 273 -7.80 8.17 -20.11
C ALA H 273 -9.07 8.89 -20.60
N PRO H 274 -9.36 8.72 -21.86
CA PRO H 274 -10.57 9.31 -22.44
C PRO H 274 -11.84 8.87 -21.71
N LEU H 275 -11.81 7.72 -21.03
CA LEU H 275 -12.99 7.16 -20.35
C LEU H 275 -13.02 7.34 -18.83
N ALA H 276 -12.01 8.02 -18.31
CA ALA H 276 -11.78 8.18 -16.88
C ALA H 276 -12.84 8.96 -16.10
N LYS H 277 -13.68 9.72 -16.80
CA LYS H 277 -14.69 10.54 -16.16
C LYS H 277 -15.89 9.70 -15.79
N ASN H 278 -15.85 8.42 -16.15
CA ASN H 278 -16.93 7.52 -15.85
C ASN H 278 -16.38 6.22 -15.30
N GLY H 279 -17.30 5.38 -14.87
CA GLY H 279 -16.94 4.19 -14.13
C GLY H 279 -16.18 3.15 -14.97
N TYR H 280 -16.42 3.16 -16.27
CA TYR H 280 -15.81 2.21 -17.18
C TYR H 280 -14.31 2.52 -17.38
N GLY H 281 -13.96 3.79 -17.54
CA GLY H 281 -12.57 4.18 -17.57
C GLY H 281 -11.92 3.98 -16.19
N GLN H 282 -12.65 4.26 -15.11
CA GLN H 282 -12.08 4.06 -13.76
C GLN H 282 -11.77 2.56 -13.60
N TYR H 283 -12.64 1.71 -14.16
CA TYR H 283 -12.46 0.28 -14.07
C TYR H 283 -11.18 -0.15 -14.76
N LEU H 284 -11.01 0.27 -16.00
CA LEU H 284 -9.82 -0.04 -16.75
C LEU H 284 -8.54 0.41 -16.00
N LYS H 285 -8.58 1.55 -15.33
CA LYS H 285 -7.42 2.02 -14.58
C LYS H 285 -7.13 1.10 -13.41
N ARG H 286 -8.18 0.69 -12.72
CA ARG H 286 -8.07 -0.17 -11.58
C ARG H 286 -7.46 -1.52 -12.01
N LEU H 287 -7.75 -2.00 -13.21
CA LEU H 287 -7.18 -3.29 -13.64
C LEU H 287 -5.65 -3.20 -13.67
N LEU H 288 -5.12 -1.99 -13.77
CA LEU H 288 -3.66 -1.80 -13.84
C LEU H 288 -2.97 -2.08 -12.49
N THR H 289 -3.68 -1.91 -11.38
CA THR H 289 -3.04 -2.03 -10.10
C THR H 289 -3.64 -3.11 -9.23
N GLU H 290 -4.36 -4.01 -9.86
CA GLU H 290 -5.01 -5.09 -9.16
C GLU H 290 -4.84 -6.43 -9.85
N THR H 291 -4.40 -7.48 -9.16
CA THR H 291 -4.39 -8.75 -9.79
C THR H 291 -5.79 -9.36 -9.66
N VAL H 292 -6.36 -9.78 -10.78
CA VAL H 292 -7.68 -10.45 -10.80
C VAL H 292 -7.42 -11.89 -11.25
N TYR H 293 -7.75 -12.88 -10.41
CA TYR H 293 -7.49 -14.27 -10.71
C TYR H 293 -8.59 -14.87 -11.59
S SO4 I . 28.93 12.16 34.99
O1 SO4 I . 27.74 11.82 35.75
O2 SO4 I . 29.20 13.58 35.19
O3 SO4 I . 30.05 11.34 35.46
O4 SO4 I . 28.71 11.95 33.56
S SO4 J . 25.64 -8.21 38.47
O1 SO4 J . 24.17 -8.21 38.56
O2 SO4 J . 26.24 -8.92 39.60
O3 SO4 J . 26.09 -8.85 37.25
O4 SO4 J . 26.06 -6.82 38.47
S SO4 K . 61.72 18.72 37.61
O1 SO4 K . 60.96 17.69 36.93
O2 SO4 K . 61.06 19.23 38.82
O3 SO4 K . 63.04 18.20 37.89
O4 SO4 K . 61.89 19.77 36.63
S SO4 L . 38.25 27.08 42.04
O1 SO4 L . 36.84 26.90 42.38
O2 SO4 L . 38.89 27.91 43.10
O3 SO4 L . 38.90 25.78 41.96
O4 SO4 L . 38.47 27.81 40.77
S SO4 M . 63.77 6.30 22.09
O1 SO4 M . 62.99 5.11 22.38
O2 SO4 M . 63.98 7.01 23.37
O3 SO4 M . 65.06 5.88 21.54
O4 SO4 M . 63.07 7.13 21.06
O6 DAU N . 39.41 14.01 33.94
C6 DAU N . 40.16 15.09 34.51
C5 DAU N . 39.30 16.00 35.37
O5 DAU N . 38.71 15.12 36.29
C4 DAU N . 40.19 17.10 36.02
O4 DAU N . 40.83 17.90 35.04
C3 DAU N . 39.41 17.87 37.11
O3 DAU N . 40.32 18.72 37.87
C2 DAU N . 38.75 16.86 38.09
O2 DAU N . 37.96 17.51 39.11
C1 DAU N . 37.99 15.76 37.34
O1 DAU N . 36.90 16.40 36.73
P2 DAU N . 35.48 15.67 36.50
O3P DAU N . 35.02 15.14 37.96
O4P DAU N . 34.59 16.61 35.74
OPP DAU N . 35.71 14.23 35.98
P DAU N . 34.46 13.23 36.19
O1P DAU N . 33.24 13.87 37.01
O2P DAU N . 34.53 12.79 34.69
O5' DAU N . 35.00 12.11 37.20
C5' DAU N . 36.29 11.63 36.97
C4' DAU N . 36.34 10.16 37.36
O4' DAU N . 36.01 10.02 38.74
C3' DAU N . 35.31 9.37 36.59
O3' DAU N . 35.86 8.10 36.27
C2' DAU N . 34.20 9.31 37.63
C1' DAU N . 34.91 9.13 38.97
N11 DAU N . 34.29 9.69 40.19
C61 DAU N . 34.06 11.01 40.19
C51 DAU N . 33.55 11.59 41.35
C5A DAU N . 33.22 13.04 41.45
C21 DAU N . 34.09 8.97 41.30
O21 DAU N . 34.40 7.69 41.26
N31 DAU N . 33.64 9.49 42.45
C41 DAU N . 33.37 10.79 42.48
O41 DAU N . 32.96 11.34 43.57
O6 DAU O . 62.72 -0.11 22.35
C6 DAU O . 62.07 1.08 21.90
C5 DAU O . 61.67 2.01 23.03
O5 DAU O . 60.75 1.29 23.86
C4 DAU O . 62.92 2.54 23.79
O4 DAU O . 63.83 3.26 22.94
C3 DAU O . 62.41 3.41 24.97
O3 DAU O . 63.48 3.74 25.85
C2 DAU O . 61.32 2.69 25.79
O2 DAU O . 60.75 3.59 26.75
C1 DAU O . 60.21 2.13 24.89
O1 DAU O . 59.50 3.24 24.25
P2 DAU O . 57.88 3.04 24.11
O3P DAU O . 57.54 4.05 22.98
O4P DAU O . 57.48 1.54 24.05
OPP DAU O . 57.38 3.65 25.49
P DAU O . 56.57 3.05 26.72
O1P DAU O . 57.29 1.84 27.39
O2P DAU O . 56.22 4.27 27.60
O5' DAU O . 55.24 2.41 26.07
C5' DAU O . 54.59 3.17 25.08
C4' DAU O . 53.09 3.23 25.40
O4' DAU O . 52.57 1.90 25.38
C3' DAU O . 52.73 3.83 26.75
O3' DAU O . 51.48 4.58 26.67
C2' DAU O . 52.52 2.55 27.57
C1' DAU O . 51.97 1.55 26.62
N11 DAU O . 52.23 0.14 26.90
C61 DAU O . 53.52 -0.24 27.05
C51 DAU O . 53.83 -1.58 27.30
C5A DAU O . 55.29 -2.05 27.44
C21 DAU O . 51.22 -0.81 26.96
O21 DAU O . 49.94 -0.48 26.82
N31 DAU O . 51.53 -2.14 27.21
C41 DAU O . 52.82 -2.51 27.31
O41 DAU O . 53.13 -3.74 27.53
C1 CIT P . 43.00 -9.80 17.15
O1 CIT P . 43.20 -9.34 18.29
O2 CIT P . 44.01 -10.04 16.46
C2 CIT P . 41.62 -10.09 16.59
C3 CIT P . 40.43 -9.83 17.51
O7 CIT P . 40.75 -9.97 18.91
C4 CIT P . 39.78 -8.46 17.20
C5 CIT P . 40.50 -7.22 17.69
O3 CIT P . 40.17 -6.80 18.81
O4 CIT P . 41.38 -6.55 17.04
C6 CIT P . 39.44 -10.98 17.30
O5 CIT P . 39.16 -11.84 18.20
O6 CIT P . 38.88 -11.08 16.18
C1 CIT Q . 23.09 15.05 22.76
O1 CIT Q . 22.16 14.30 23.10
O2 CIT Q . 22.86 15.75 21.78
C2 CIT Q . 24.43 15.17 23.48
C3 CIT Q . 24.95 13.91 24.14
O7 CIT Q . 23.84 13.23 24.76
C4 CIT Q . 25.79 13.06 23.17
C5 CIT Q . 25.04 12.09 22.28
O3 CIT Q . 24.70 10.98 22.75
O4 CIT Q . 24.78 12.37 21.07
C6 CIT Q . 25.81 14.36 25.30
O5 CIT Q . 25.27 14.93 26.29
O6 CIT Q . 27.06 14.14 25.31
S SO4 R . 30.90 -15.54 20.13
O1 SO4 R . 31.27 -15.99 21.47
O2 SO4 R . 31.00 -16.67 19.21
O3 SO4 R . 29.52 -15.06 20.19
O4 SO4 R . 31.77 -14.48 19.59
S SO4 S . 23.66 -26.73 6.64
O1 SO4 S . 23.00 -27.78 5.84
O2 SO4 S . 24.52 -25.92 5.77
O3 SO4 S . 22.69 -25.78 7.18
O4 SO4 S . 24.44 -27.39 7.69
O6 DAU T . 23.37 -12.54 12.65
C6 DAU T . 22.75 -13.41 11.68
C5 DAU T . 23.24 -14.84 11.78
O5 DAU T . 22.92 -15.24 13.09
C4 DAU T . 22.55 -15.72 10.73
O4 DAU T . 22.94 -15.29 9.43
C3 DAU T . 22.75 -17.21 10.93
O3 DAU T . 21.90 -18.00 10.11
C2 DAU T . 22.47 -17.56 12.39
O2 DAU T . 22.81 -18.90 12.67
C1 DAU T . 23.19 -16.62 13.34
O1 DAU T . 24.56 -16.88 13.20
P2 DAU T . 25.52 -16.91 14.51
O3P DAU T . 24.82 -17.93 15.51
O4P DAU T . 26.99 -17.01 13.99
OPP DAU T . 25.32 -15.53 15.22
P DAU T . 25.99 -15.12 16.60
O1P DAU T . 26.90 -16.32 17.11
O2P DAU T . 26.28 -13.66 16.09
O5' DAU T . 24.70 -15.16 17.56
C5' DAU T . 23.62 -14.37 17.18
C4' DAU T . 22.96 -13.76 18.38
O4' DAU T . 22.30 -14.82 19.06
C3' DAU T . 23.92 -13.10 19.36
O3' DAU T . 23.14 -12.02 19.86
C2' DAU T . 24.15 -14.26 20.35
C1' DAU T . 22.81 -14.95 20.38
N11 DAU T . 22.78 -16.40 20.65
C61 DAU T . 23.31 -17.23 19.77
C51 DAU T . 23.24 -18.61 20.01
C5A DAU T . 23.85 -19.60 19.06
C21 DAU T . 22.14 -16.88 21.72
O21 DAU T . 21.56 -16.05 22.55
N31 DAU T . 22.01 -18.20 21.96
C41 DAU T . 22.54 -19.06 21.14
O41 DAU T . 22.34 -20.35 21.39
O6 DAU U . 7.48 11.71 6.47
C6 DAU U . 8.66 11.08 5.93
C5 DAU U . 8.56 9.57 5.80
O5 DAU U . 8.72 9.02 7.09
C4 DAU U . 7.27 9.04 5.11
O4 DAU U . 7.20 9.50 3.72
C3 DAU U . 7.30 7.52 5.07
O3 DAU U . 6.12 7.00 4.45
C2 DAU U . 7.57 6.89 6.44
O2 DAU U . 7.75 5.45 6.31
C1 DAU U . 8.73 7.58 7.13
O1 DAU U . 9.96 7.18 6.50
P2 DAU U . 11.23 6.96 7.45
O3P DAU U . 12.46 7.18 6.49
O4P DAU U . 11.17 7.82 8.75
OPP DAU U . 11.04 5.38 7.70
P DAU U . 10.83 4.58 9.10
O1P DAU U . 9.52 5.03 9.75
O2P DAU U . 10.91 3.12 8.66
O5' DAU U . 12.08 5.06 10.01
C5' DAU U . 13.36 5.11 9.43
C4' DAU U . 14.31 4.42 10.36
O4' DAU U . 14.24 5.04 11.63
C3' DAU U . 14.01 2.95 10.63
O3' DAU U . 15.23 2.21 10.67
C2' DAU U . 13.45 2.92 12.02
C1' DAU U . 14.06 4.12 12.68
N11 DAU U . 13.20 4.76 13.68
C61 DAU U . 12.02 5.29 13.30
C51 DAU U . 11.21 5.94 14.22
C5A DAU U . 9.83 6.47 13.85
C21 DAU U . 13.68 4.98 14.91
O21 DAU U . 14.88 4.50 15.26
N31 DAU U . 12.91 5.63 15.83
C41 DAU U . 11.70 6.09 15.49
O41 DAU U . 11.04 6.74 16.36
S SO4 V . 46.26 21.08 -12.34
O1 SO4 V . 46.55 20.42 -13.60
O2 SO4 V . 45.96 22.48 -12.42
O3 SO4 V . 45.18 20.35 -11.73
O4 SO4 V . 47.47 20.90 -11.55
S SO4 W . 79.57 9.93 13.88
O1 SO4 W . 80.71 9.92 12.97
O2 SO4 W . 78.97 11.26 13.85
O3 SO4 W . 78.61 8.86 13.53
O4 SO4 W . 80.10 9.70 15.21
O6 DAU X . 56.41 3.02 3.57
C6 DAU X . 57.30 2.07 4.11
C5 DAU X . 57.78 1.13 2.99
O5 DAU X . 57.97 1.87 1.83
C4 DAU X . 59.08 0.41 3.33
O4 DAU X . 58.92 -0.39 4.46
C3 DAU X . 59.59 -0.44 2.17
O3 DAU X . 60.87 -0.92 2.57
C2 DAU X . 59.79 0.43 0.95
O2 DAU X . 60.19 -0.36 -0.17
C1 DAU X . 58.48 1.17 0.70
O1 DAU X . 57.54 0.18 0.35
P2 DAU X . 56.30 0.48 -0.63
O3P DAU X . 57.04 1.21 -1.83
O4P DAU X . 55.47 -0.81 -0.86
OPP DAU X . 55.41 1.64 -0.18
P DAU X . 54.81 2.51 -1.40
O1P DAU X . 54.81 1.76 -2.78
O2P DAU X . 53.66 3.09 -0.46
O5' DAU X . 55.72 3.74 -1.80
C5' DAU X . 56.04 4.63 -0.77
C4' DAU X . 55.98 6.10 -1.10
O4' DAU X . 56.96 6.23 -2.10
C3' DAU X . 54.69 6.66 -1.65
O3' DAU X . 54.59 8.00 -1.07
C2' DAU X . 54.96 6.57 -3.16
C1' DAU X . 56.43 6.89 -3.28
N11 DAU X . 57.23 6.37 -4.43
C61 DAU X . 57.36 5.02 -4.53
C51 DAU X . 58.12 4.49 -5.54
C5A DAU X . 58.28 2.98 -5.62
C21 DAU X . 57.85 7.18 -5.29
O21 DAU X . 57.70 8.46 -5.12
N31 DAU X . 58.61 6.70 -6.29
C41 DAU X . 58.78 5.35 -6.42
O41 DAU X . 59.54 4.87 -7.37
O6 DAU Y . 57.28 20.79 27.29
C6 DAU Y . 56.73 19.48 27.19
C5 DAU Y . 57.58 18.54 26.39
O5 DAU Y . 57.57 19.12 25.11
C4 DAU Y . 59.02 18.46 26.88
O4 DAU Y . 59.04 17.98 28.19
C3 DAU Y . 59.81 17.56 25.96
O3 DAU Y . 61.19 17.49 26.31
C2 DAU Y . 59.71 18.12 24.56
O2 DAU Y . 60.44 17.24 23.68
C1 DAU Y . 58.24 18.27 24.15
O1 DAU Y . 57.61 17.00 23.99
P2 DAU Y . 56.57 16.82 22.76
O3P DAU Y . 55.61 15.70 23.28
O4P DAU Y . 56.09 18.27 22.36
OPP DAU Y . 57.54 16.16 21.68
P DAU Y . 57.88 16.76 20.21
O1P DAU Y . 58.42 18.24 20.26
O2P DAU Y . 58.82 15.64 19.56
O5' DAU Y . 56.47 16.92 19.52
C5' DAU Y . 55.48 15.97 19.70
C4' DAU Y . 54.86 15.64 18.33
O4' DAU Y . 54.23 16.79 17.78
C3' DAU Y . 55.84 15.21 17.23
O3' DAU Y . 55.18 14.16 16.56
C2' DAU Y . 55.98 16.46 16.37
C1' DAU Y . 54.68 17.14 16.49
N11 DAU Y . 54.80 18.62 16.41
C61 DAU Y . 55.57 19.29 17.28
C51 DAU Y . 55.66 20.67 17.26
C5A DAU Y . 56.59 21.38 18.28
C21 DAU Y . 54.06 19.30 15.52
O21 DAU Y . 53.25 18.69 14.68
N31 DAU Y . 54.11 20.63 15.52
C41 DAU Y . 54.91 21.35 16.32
O41 DAU Y . 54.90 22.68 16.18
S SO4 Z . 2.16 17.34 -13.06
O1 SO4 Z . 3.05 16.54 -13.89
O2 SO4 Z . 1.39 18.23 -13.94
O3 SO4 Z . 1.32 16.39 -12.35
O4 SO4 Z . 2.92 18.15 -12.09
S SO4 AA . 10.72 -2.75 0.26
O1 SO4 AA . 9.90 -3.92 0.15
O2 SO4 AA . 9.94 -1.51 0.56
O3 SO4 AA . 11.68 -3.02 1.34
O4 SO4 AA . 11.42 -2.59 -1.03
O6 DAU BA . 23.73 22.09 1.01
C6 DAU BA . 22.39 22.50 0.96
C5 DAU BA . 22.36 24.01 1.23
O5 DAU BA . 23.12 24.61 0.22
C4 DAU BA . 20.93 24.64 1.20
O4 DAU BA . 20.26 24.21 2.37
C3 DAU BA . 20.88 26.14 1.21
O3 DAU BA . 19.51 26.57 1.06
C2 DAU BA . 21.65 26.63 0.01
O2 DAU BA . 21.75 28.04 -0.08
C1 DAU BA . 23.05 26.00 0.03
O1 DAU BA . 23.74 26.51 1.13
P2 DAU BA . 25.27 26.99 1.01
O3P DAU BA . 25.61 27.51 -0.44
O4P DAU BA . 25.60 27.76 2.37
OPP DAU BA . 26.02 25.62 0.97
P DAU BA . 27.52 25.59 0.40
O1P DAU BA . 28.25 27.00 0.50
O2P DAU BA . 27.90 24.17 1.07
O5' DAU BA . 27.50 25.47 -1.21
C5' DAU BA . 26.75 24.38 -1.72
C4' DAU BA . 27.48 23.82 -2.92
O4' DAU BA . 27.29 24.75 -4.00
C3' DAU BA . 28.96 23.60 -2.76
O3' DAU BA . 29.24 22.33 -3.41
C2' DAU BA . 29.54 24.84 -3.46
C1' DAU BA . 28.54 25.16 -4.54
N11 DAU BA . 28.44 26.59 -4.90
C61 DAU BA . 28.03 27.50 -4.02
C51 DAU BA . 27.87 28.84 -4.36
C5A DAU BA . 27.37 29.81 -3.31
C21 DAU BA . 28.71 26.96 -6.15
O21 DAU BA . 29.10 26.10 -7.07
N31 DAU BA . 28.55 28.23 -6.51
C41 DAU BA . 28.13 29.18 -5.68
O41 DAU BA . 28.04 30.40 -6.19
O6 DAU CA . 15.33 -5.91 -4.39
C6 DAU CA . 15.46 -5.25 -3.14
C5 DAU CA . 14.98 -3.81 -3.21
O5 DAU CA . 15.84 -3.17 -4.12
C4 DAU CA . 13.53 -3.72 -3.71
O4 DAU CA . 12.63 -4.47 -2.90
C3 DAU CA . 13.12 -2.27 -3.80
O3 DAU CA . 11.80 -2.15 -4.39
C2 DAU CA . 14.12 -1.56 -4.75
O2 DAU CA . 13.80 -0.18 -4.82
C1 DAU CA . 15.54 -1.81 -4.29
O1 DAU CA . 15.74 -1.14 -3.06
P2 DAU CA . 17.20 -0.43 -2.70
O3P DAU CA . 17.22 -0.46 -1.11
O4P DAU CA . 18.25 -1.12 -3.61
OPP DAU CA . 16.85 1.07 -3.13
P DAU CA . 17.58 2.00 -4.28
O1P DAU CA . 17.52 1.29 -5.68
O2P DAU CA . 16.95 3.42 -4.09
O5' DAU CA . 19.13 1.95 -3.90
C5' DAU CA . 19.50 2.14 -2.57
C4' DAU CA . 20.59 3.15 -2.44
O4' DAU CA . 21.77 2.63 -3.11
C3' DAU CA . 20.33 4.53 -3.08
O3' DAU CA . 20.86 5.48 -2.19
C2' DAU CA . 21.12 4.47 -4.38
C1' DAU CA . 22.27 3.55 -4.09
N11 DAU CA . 22.65 2.82 -5.29
C61 DAU CA . 21.77 2.01 -5.93
C51 DAU CA . 22.16 1.30 -7.06
C5A DAU CA . 21.21 0.40 -7.80
C21 DAU CA . 23.93 2.87 -5.72
O21 DAU CA . 24.80 3.63 -5.13
N31 DAU CA . 24.32 2.18 -6.82
C41 DAU CA . 23.46 1.40 -7.48
O41 DAU CA . 23.93 0.73 -8.50
S SO4 DA . -46.00 -20.83 13.10
O1 SO4 DA . -46.18 -22.10 12.41
O2 SO4 DA . -45.17 -20.00 12.26
O3 SO4 DA . -47.26 -20.15 13.28
O4 SO4 DA . -45.41 -21.05 14.39
S SO4 EA . -5.77 -34.91 1.95
O1 SO4 EA . -6.86 -35.76 1.51
O2 SO4 EA . -6.25 -33.53 2.21
O3 SO4 EA . -5.21 -35.46 3.18
O4 SO4 EA . -4.72 -34.83 0.93
S SO4 FA . 5.23 -11.15 -1.70
O1 SO4 FA . 5.81 -11.49 -2.97
O2 SO4 FA . 3.98 -10.42 -2.01
O3 SO4 FA . 5.12 -12.44 -1.02
O4 SO4 FA . 6.12 -10.27 -1.00
S SO4 GA . -17.38 -28.62 -20.33
O1 SO4 GA . -18.67 -29.17 -19.94
O2 SO4 GA . -16.38 -29.25 -19.43
O3 SO4 GA . -17.01 -28.91 -21.72
O4 SO4 GA . -17.43 -27.14 -20.26
O6 DAU HA . -22.04 -14.25 3.32
C6 DAU HA . -20.68 -14.46 3.70
C5 DAU HA . -20.24 -13.76 4.99
O5 DAU HA . -20.98 -14.26 6.09
C4 DAU HA . -18.73 -13.98 5.17
O4 DAU HA . -17.97 -13.27 4.17
C3 DAU HA . -18.30 -13.52 6.54
O3 DAU HA . -16.95 -13.89 6.75
C2 DAU HA . -19.13 -14.13 7.62
O2 DAU HA . -18.76 -13.60 8.87
C1 DAU HA . -20.61 -13.87 7.36
O1 DAU HA . -20.85 -12.48 7.41
P2 DAU HA . -22.29 -11.88 7.82
O3P DAU HA . -22.67 -12.73 9.11
O4P DAU HA . -22.25 -10.32 7.86
OPP DAU HA . -23.45 -12.42 6.92
P DAU HA . -24.91 -12.57 7.68
O1P DAU HA . -24.95 -11.65 8.98
O2P DAU HA . -25.77 -12.45 6.34
O5' DAU HA . -25.04 -14.04 8.38
C5' DAU HA . -24.83 -15.19 7.59
C4' DAU HA . -25.94 -16.17 7.80
O4' DAU HA . -25.87 -16.76 9.09
C3' DAU HA . -27.30 -15.53 7.70
O3' DAU HA . -28.18 -16.52 7.11
C2' DAU HA . -27.53 -15.20 9.16
C1' DAU HA . -27.03 -16.44 9.88
N11 DAU HA . -26.50 -16.34 11.27
C61 DAU HA . -25.64 -15.37 11.61
C51 DAU HA . -25.13 -15.32 12.88
C5A DAU HA . -24.12 -14.24 13.29
C21 DAU HA . -26.86 -17.27 12.19
O21 DAU HA . -27.70 -18.21 11.91
N31 DAU HA . -26.35 -17.25 13.44
C41 DAU HA . -25.49 -16.30 13.79
O41 DAU HA . -24.98 -16.28 14.99
O6 DAU IA . -23.04 -32.39 -20.01
C6 DAU IA . -22.66 -31.01 -20.03
C5 DAU IA . -21.86 -30.67 -18.79
O5 DAU IA . -22.69 -30.98 -17.68
C4 DAU IA . -20.61 -31.53 -18.67
O4 DAU IA . -19.89 -31.33 -19.86
C3 DAU IA . -19.83 -31.14 -17.39
O3 DAU IA . -18.71 -31.97 -17.13
C2 DAU IA . -20.74 -31.35 -16.19
O2 DAU IA . -20.03 -30.94 -14.98
C1 DAU IA . -22.06 -30.62 -16.43
O1 DAU IA . -21.89 -29.19 -16.33
P2 DAU IA . -23.01 -28.25 -15.56
O3P DAU IA . -22.90 -26.88 -16.25
O4P DAU IA . -24.43 -28.97 -15.47
OPP DAU IA . -22.32 -28.19 -14.11
P DAU IA . -23.01 -28.61 -12.70
O1P DAU IA . -23.47 -30.10 -12.75
O2P DAU IA . -22.04 -28.14 -11.59
O5' DAU IA . -24.37 -27.76 -12.62
C5' DAU IA . -24.40 -26.42 -13.04
C4' DAU IA . -25.18 -25.66 -11.98
O4' DAU IA . -26.51 -26.18 -11.93
C3' DAU IA . -24.64 -25.76 -10.55
O3' DAU IA . -24.70 -24.44 -10.01
C2' DAU IA . -25.62 -26.68 -9.80
C1' DAU IA . -26.92 -26.53 -10.58
N11 DAU IA . -27.72 -27.78 -10.59
C61 DAU IA . -27.26 -28.88 -11.24
C51 DAU IA . -28.02 -30.05 -11.25
C5A DAU IA . -27.49 -31.29 -11.91
C21 DAU IA . -28.98 -27.80 -10.06
O21 DAU IA . -29.47 -26.73 -9.53
N31 DAU IA . -29.76 -28.88 -10.14
C41 DAU IA . -29.31 -30.01 -10.69
O41 DAU IA . -30.11 -31.05 -10.71
S SO4 JA . -76.07 7.61 -2.83
O1 SO4 JA . -75.57 6.50 -3.64
O2 SO4 JA . -76.16 8.75 -3.75
O3 SO4 JA . -77.38 7.27 -2.29
O4 SO4 JA . -75.16 7.96 -1.75
O6 DAU KA . -57.80 -10.28 -8.71
C6 DAU KA . -59.10 -10.02 -9.23
C5 DAU KA . -59.85 -11.32 -9.53
O5 DAU KA . -59.94 -12.11 -8.38
C4 DAU KA . -61.24 -10.94 -10.11
O4 DAU KA . -61.05 -10.30 -11.37
C3 DAU KA . -62.17 -12.10 -10.28
O3 DAU KA . -63.47 -11.65 -10.67
C2 DAU KA . -62.27 -12.85 -8.95
O2 DAU KA . -63.08 -13.97 -9.14
C1 DAU KA . -60.88 -13.17 -8.44
O1 DAU KA . -60.27 -14.00 -9.40
P2 DAU KA . -59.57 -15.34 -8.90
O3P DAU KA . -60.80 -16.26 -8.37
O4P DAU KA . -58.53 -15.79 -10.00
OPP DAU KA . -59.06 -15.20 -7.45
P DAU KA . -57.80 -15.98 -6.94
O1P DAU KA . -58.16 -17.50 -6.85
O2P DAU KA . -56.57 -15.34 -7.70
O5' DAU KA . -57.78 -15.36 -5.52
C5' DAU KA . -57.61 -13.98 -5.43
C4' DAU KA . -57.23 -13.67 -4.02
O4' DAU KA . -58.36 -14.00 -3.25
C3' DAU KA . -56.08 -14.45 -3.46
O3' DAU KA . -55.46 -13.43 -2.66
C2' DAU KA . -56.76 -15.55 -2.63
C1' DAU KA . -58.07 -15.00 -2.24
N11 DAU KA . -59.14 -15.99 -2.12
C61 DAU KA . -59.76 -16.47 -3.18
C51 DAU KA . -60.78 -17.35 -3.06
C5A DAU KA . -61.46 -17.91 -4.30
C21 DAU KA . -59.61 -16.31 -0.90
O21 DAU KA . -59.00 -15.82 0.15
N31 DAU KA . -60.61 -17.16 -0.73
C41 DAU KA . -61.24 -17.68 -1.79
O41 DAU KA . -62.25 -18.46 -1.64
O6 DAU LA . -49.42 17.57 -3.13
C6 DAU LA . -49.33 16.89 -4.39
C5 DAU LA . -50.52 15.97 -4.66
O5 DAU LA . -50.61 15.04 -3.58
C4 DAU LA . -51.84 16.76 -4.69
O4 DAU LA . -51.80 17.76 -5.70
C3 DAU LA . -52.98 15.78 -4.91
O3 DAU LA . -54.19 16.45 -4.91
C2 DAU LA . -53.04 14.75 -3.75
O2 DAU LA . -54.10 13.85 -4.03
C1 DAU LA . -51.66 14.10 -3.70
O1 DAU LA . -51.44 13.26 -4.86
P2 DAU LA . -50.76 11.77 -4.68
O3P DAU LA . -50.09 11.60 -6.11
O4P DAU LA . -49.92 11.82 -3.39
OPP DAU LA . -52.11 10.91 -4.59
P DAU LA . -52.49 9.93 -3.32
O1P DAU LA . -52.63 10.77 -2.02
O2P DAU LA . -53.73 9.13 -3.87
O5' DAU LA . -51.24 8.95 -3.08
C5' DAU LA . -50.59 8.42 -4.21
C4' DAU LA . -50.26 6.98 -4.00
O4' DAU LA . -49.40 6.77 -2.87
C3' DAU LA . -51.47 6.08 -3.77
O3' DAU LA . -51.28 4.90 -4.52
C2' DAU LA . -51.43 5.77 -2.26
C1' DAU LA . -49.94 5.84 -1.94
N11 DAU LA . -49.71 6.35 -0.61
C61 DAU LA . -50.05 7.61 -0.31
C51 DAU LA . -49.78 8.11 0.95
C5A DAU LA . -50.18 9.51 1.41
C21 DAU LA . -48.97 5.63 0.25
O21 DAU LA . -48.55 4.45 -0.03
N31 DAU LA . -48.67 6.11 1.44
C41 DAU LA . -49.06 7.32 1.81
O41 DAU LA . -48.75 7.74 2.98
S SO4 MA . -23.69 12.96 -18.90
O1 SO4 MA . -22.44 13.24 -19.62
O2 SO4 MA . -23.97 13.94 -17.85
O3 SO4 MA . -24.80 13.06 -19.84
O4 SO4 MA . -23.67 11.63 -18.27
S SO4 NA . -52.42 27.09 -8.83
O1 SO4 NA . -52.06 25.74 -9.19
O2 SO4 NA . -51.41 28.07 -9.27
O3 SO4 NA . -53.76 27.39 -9.31
O4 SO4 NA . -52.47 27.15 -7.40
S SO4 OA . -27.08 27.52 -7.77
O1 SO4 OA . -27.16 28.94 -7.41
O2 SO4 OA . -25.72 27.33 -8.33
O3 SO4 OA . -27.37 26.67 -6.61
O4 SO4 OA . -28.10 27.23 -8.75
O6 DAU PA . -33.40 15.76 -15.13
C6 DAU PA . -33.70 16.88 -14.30
C5 DAU PA . -32.48 17.76 -14.06
O5 DAU PA . -31.91 18.03 -15.31
C4 DAU PA . -32.86 19.05 -13.30
O4 DAU PA . -33.29 18.70 -11.96
C3 DAU PA . -31.70 20.03 -13.21
O3 DAU PA . -32.11 21.22 -12.61
C2 DAU PA . -31.18 20.32 -14.61
O2 DAU PA . -30.08 21.20 -14.55
C1 DAU PA . -30.85 18.97 -15.29
O1 DAU PA . -29.76 18.39 -14.57
P2 DAU PA . -28.71 17.58 -15.47
O3P DAU PA . -28.23 18.58 -16.66
O4P DAU PA . -27.55 17.03 -14.54
OPP DAU PA . -29.35 16.53 -16.34
P DAU PA . -28.49 15.90 -17.52
O1P DAU PA . -26.94 16.25 -17.52
O2P DAU PA . -29.31 14.61 -17.15
O5' DAU PA . -29.09 16.60 -18.85
C5' DAU PA . -30.48 16.66 -19.01
C4' DAU PA . -30.87 16.38 -20.44
O4' DAU PA . -30.45 17.49 -21.28
C3' DAU PA . -30.29 15.13 -21.06
O3' DAU PA . -31.35 14.58 -21.86
C2' DAU PA . -29.11 15.66 -21.87
C1' DAU PA . -29.54 17.02 -22.32
N11 DAU PA . -28.52 18.07 -22.43
C61 DAU PA . -27.95 18.52 -21.33
C51 DAU PA . -27.07 19.60 -21.44
C5A DAU PA . -26.42 20.11 -20.20
C21 DAU PA . -28.33 18.70 -23.61
O21 DAU PA . -28.97 18.26 -24.64
N31 DAU PA . -27.52 19.77 -23.78
C41 DAU PA . -26.92 20.23 -22.70
O41 DAU PA . -26.18 21.28 -22.83
O6 DAU QA . -61.47 6.70 -18.17
C6 DAU QA . -60.47 6.42 -17.17
C5 DAU QA . -59.70 7.70 -16.84
O5 DAU QA . -58.88 7.87 -17.97
C4 DAU QA . -60.50 8.98 -16.61
O4 DAU QA . -61.33 8.82 -15.47
C3 DAU QA . -59.60 10.19 -16.36
O3 DAU QA . -60.41 11.38 -16.16
C2 DAU QA . -58.62 10.32 -17.55
O2 DAU QA . -57.62 11.31 -17.33
C1 DAU QA . -57.95 8.98 -17.82
O1 DAU QA . -57.02 8.64 -16.78
P2 DAU QA . -55.56 8.03 -17.10
O3P DAU QA . -55.16 7.27 -15.75
O4P DAU QA . -55.61 7.23 -18.44
OPP DAU QA . -54.66 9.38 -17.19
P DAU QA . -53.85 9.99 -18.44
O1P DAU QA . -54.84 10.27 -19.61
O2P DAU QA . -53.10 11.18 -17.80
O5' DAU QA . -52.91 8.80 -18.95
C5' DAU QA . -52.21 8.04 -17.99
C4' DAU QA . -50.74 7.94 -18.33
O4' DAU QA . -50.59 7.22 -19.55
C3' DAU QA . -49.97 9.22 -18.52
O3' DAU QA . -48.66 9.10 -17.93
C2' DAU QA . -49.97 9.41 -20.05
C1' DAU QA . -49.93 7.99 -20.57
N11 DAU QA . -50.59 7.80 -21.84
C61 DAU QA . -51.87 8.15 -22.02
C51 DAU QA . -52.47 7.95 -23.24
C5A DAU QA . -53.92 8.37 -23.42
C21 DAU QA . -49.89 7.14 -22.83
O21 DAU QA . -48.65 6.75 -22.63
N31 DAU QA . -50.45 6.95 -24.04
C41 DAU QA . -51.75 7.31 -24.23
O41 DAU QA . -52.33 7.06 -25.34
S SO4 RA . -35.65 -9.85 -36.51
O1 SO4 RA . -36.14 -9.05 -37.62
O2 SO4 RA . -35.77 -11.27 -36.82
O3 SO4 RA . -34.23 -9.57 -36.25
O4 SO4 RA . -36.46 -9.55 -35.33
S SO4 SA . -24.94 7.57 -38.74
O1 SO4 SA . -26.16 8.09 -38.15
O2 SO4 SA . -23.79 7.75 -37.84
O3 SO4 SA . -25.09 6.16 -39.01
O4 SO4 SA . -24.76 8.22 -40.05
S SO4 TA . -14.72 -34.68 -27.59
O1 SO4 TA . -15.11 -33.39 -27.06
O2 SO4 TA . -13.39 -35.04 -27.08
O3 SO4 TA . -15.65 -35.65 -27.10
O4 SO4 TA . -14.79 -34.64 -29.07
S SO4 UA . -34.76 -28.24 -41.65
O1 SO4 UA . -35.68 -27.25 -42.20
O2 SO4 UA . -33.63 -27.61 -40.95
O3 SO4 UA . -35.46 -29.16 -40.77
O4 SO4 UA . -34.18 -28.95 -42.80
O6 DAU VA . -29.35 -17.56 -32.01
C6 DAU VA . -29.27 -18.90 -32.43
C5 DAU VA . -30.14 -19.17 -33.63
O5 DAU VA . -29.69 -18.28 -34.63
C4 DAU VA . -29.86 -20.64 -34.07
O4 DAU VA . -30.31 -21.49 -33.06
C3 DAU VA . -30.50 -21.00 -35.42
O3 DAU VA . -30.12 -22.32 -35.84
C2 DAU VA . -30.01 -19.97 -36.44
O2 DAU VA . -30.57 -20.16 -37.75
C1 DAU VA . -30.26 -18.54 -35.89
O1 DAU VA . -31.67 -18.38 -35.78
P2 DAU VA . -32.24 -16.93 -36.09
O3P DAU VA . -31.67 -16.59 -37.53
O4P DAU VA . -33.80 -16.89 -35.81
OPP DAU VA . -31.50 -15.80 -35.38
P DAU VA . -31.77 -14.27 -35.79
O1P DAU VA . -32.69 -14.00 -37.08
O2P DAU VA . -31.90 -13.82 -34.31
O5' DAU VA . -30.32 -13.85 -36.26
C5' DAU VA . -29.19 -14.20 -35.54
C4' DAU VA . -28.22 -13.08 -35.75
O4' DAU VA . -27.82 -12.95 -37.13
C3' DAU VA . -28.81 -11.74 -35.38
O3' DAU VA . -27.74 -11.05 -34.68
C2' DAU VA . -29.12 -11.08 -36.75
C1' DAU VA . -28.05 -11.65 -37.65
N11 DAU VA . -28.33 -11.95 -39.06
C61 DAU VA . -29.27 -12.85 -39.36
C51 DAU VA . -29.50 -13.18 -40.70
C5A DAU VA . -30.53 -14.20 -41.07
C21 DAU VA . -27.62 -11.38 -40.06
O21 DAU VA . -26.71 -10.51 -39.74
N31 DAU VA . -27.77 -11.70 -41.33
C41 DAU VA . -28.71 -12.59 -41.68
O41 DAU VA . -28.86 -12.95 -42.93
O6 DAU WA . -8.58 -18.20 -10.97
C6 DAU WA . -9.91 -18.76 -10.78
C5 DAU WA . -10.47 -19.42 -12.05
O5 DAU WA . -10.50 -18.42 -13.08
C4 DAU WA . -9.62 -20.66 -12.43
O4 DAU WA . -9.66 -21.68 -11.44
C3 DAU WA . -10.05 -21.24 -13.79
O3 DAU WA . -9.17 -22.28 -14.21
C2 DAU WA . -10.08 -20.10 -14.82
O2 DAU WA . -10.66 -20.61 -16.01
C1 DAU WA . -10.91 -18.89 -14.35
O1 DAU WA . -12.31 -19.21 -14.21
P2 DAU WA . -13.48 -18.17 -14.65
O3P DAU WA . -14.79 -18.63 -13.82
O4P DAU WA . -13.00 -16.68 -14.56
OPP DAU WA . -13.68 -18.66 -16.19
P DAU WA . -13.38 -17.80 -17.56
O1P DAU WA . -11.92 -17.46 -17.62
O2P DAU WA . -13.97 -18.71 -18.68
O5' DAU WA . -14.18 -16.45 -17.38
C5' DAU WA . -15.49 -16.49 -16.83
C4' DAU WA . -16.47 -15.69 -17.66
O4' DAU WA . -16.13 -14.32 -17.70
C3' DAU WA . -16.55 -16.06 -19.13
O3' DAU WA . -17.93 -16.06 -19.56
C2' DAU WA . -15.70 -15.03 -19.85
C1' DAU WA . -15.89 -13.82 -19.03
N11 DAU WA . -14.73 -12.97 -19.01
C61 DAU WA . -13.55 -13.45 -18.62
C51 DAU WA . -12.46 -12.60 -18.61
C5A DAU WA . -11.10 -13.14 -18.17
C21 DAU WA . -14.87 -11.65 -19.32
O21 DAU WA . -16.04 -11.22 -19.72
N31 DAU WA . -13.82 -10.83 -19.33
C41 DAU WA . -12.62 -11.27 -18.92
O41 DAU WA . -11.60 -10.45 -18.88
#